data_1Z87
#
_entry.id   1Z87
#
_entity_poly.entity_id   1
_entity_poly.type   'polypeptide(L)'
_entity_poly.pdbx_seq_one_letter_code
;ASGRRAPRTGLLELRCGAGSGAGGERWQRVLLSLAEDALTVSPADGEPGPEPEPAQLNGAAEPGAAPPQLPEALLLQRRR
VTVRKADAGGLGISIKGGRENKMPILISKIFKGLAADQTEALFVGDAILSVNGEDLSSATHDEAVQALKKTGKEVVLEVK
YMKEVSPYFKNSAGGTSVGWDSPPASPLQRQPSSPGPQPRNLSEAKHVSLKMAYVSRRCTPTDPEPRYLEICAADGQDAV
FLRAKDEASARSWAGAIQAQIGT
;
_entity_poly.pdbx_strand_id   A
#
# COMPACT_ATOMS: atom_id res chain seq x y z
N ALA A 1 8.18 17.01 -14.19
CA ALA A 1 9.18 15.89 -14.21
C ALA A 1 8.48 14.54 -14.14
N SER A 2 8.56 13.78 -15.23
CA SER A 2 7.93 12.47 -15.30
C SER A 2 8.48 11.66 -16.46
N GLY A 3 9.24 10.62 -16.15
CA GLY A 3 9.82 9.79 -17.20
C GLY A 3 9.51 8.32 -17.00
N ARG A 4 8.22 7.98 -17.03
CA ARG A 4 7.78 6.60 -16.85
C ARG A 4 8.08 6.11 -15.45
N ARG A 5 9.35 5.81 -15.19
CA ARG A 5 9.77 5.33 -13.87
C ARG A 5 9.43 6.34 -12.79
N ALA A 6 9.25 5.85 -11.57
CA ALA A 6 8.91 6.71 -10.44
C ALA A 6 9.36 6.08 -9.12
N PRO A 7 10.09 6.83 -8.28
CA PRO A 7 10.57 6.33 -6.99
C PRO A 7 9.43 6.09 -6.00
N ARG A 8 9.50 4.97 -5.28
CA ARG A 8 8.48 4.63 -4.31
C ARG A 8 8.55 5.55 -3.10
N THR A 9 7.51 6.35 -2.92
CA THR A 9 7.46 7.29 -1.80
C THR A 9 6.42 6.87 -0.77
N GLY A 10 6.80 6.93 0.50
CA GLY A 10 5.87 6.55 1.57
C GLY A 10 6.25 7.18 2.89
N LEU A 11 5.30 7.18 3.83
CA LEU A 11 5.54 7.76 5.15
C LEU A 11 6.09 6.72 6.11
N LEU A 12 7.03 7.14 6.95
CA LEU A 12 7.65 6.25 7.93
C LEU A 12 7.87 6.97 9.26
N GLU A 13 8.02 6.21 10.33
CA GLU A 13 8.24 6.79 11.66
C GLU A 13 9.73 6.86 11.99
N LEU A 14 10.25 8.08 12.05
CA LEU A 14 11.66 8.30 12.36
C LEU A 14 11.83 8.91 13.75
N ARG A 15 12.90 8.53 14.43
CA ARG A 15 13.17 9.06 15.77
C ARG A 15 13.97 10.35 15.71
N CYS A 16 13.92 11.12 16.79
CA CYS A 16 14.65 12.39 16.85
C CYS A 16 15.16 12.65 18.26
N GLY A 17 16.42 13.07 18.36
CA GLY A 17 17.01 13.36 19.66
C GLY A 17 17.77 12.16 20.22
N ALA A 18 17.16 10.98 20.11
CA ALA A 18 17.77 9.76 20.62
C ALA A 18 18.86 9.27 19.68
N GLY A 19 20.03 9.91 19.74
CA GLY A 19 21.13 9.51 18.88
C GLY A 19 22.29 8.93 19.66
N SER A 20 22.52 9.45 20.86
CA SER A 20 23.61 8.97 21.71
C SER A 20 23.43 9.45 23.15
N GLY A 21 22.18 9.60 23.56
CA GLY A 21 21.89 10.05 24.91
C GLY A 21 20.84 9.21 25.60
N ALA A 22 19.78 8.87 24.87
CA ALA A 22 18.70 8.06 25.41
C ALA A 22 18.01 8.78 26.57
N GLY A 23 17.75 10.07 26.39
CA GLY A 23 17.10 10.85 27.43
C GLY A 23 15.96 11.69 26.89
N GLY A 24 15.08 11.06 26.10
CA GLY A 24 13.95 11.77 25.54
C GLY A 24 13.76 11.47 24.07
N GLU A 25 13.20 10.30 23.77
CA GLU A 25 12.96 9.89 22.39
C GLU A 25 11.94 10.82 21.72
N ARG A 26 11.63 10.52 20.46
CA ARG A 26 10.68 11.32 19.71
C ARG A 26 10.51 10.76 18.30
N TRP A 27 9.41 10.06 18.07
CA TRP A 27 9.12 9.47 16.77
C TRP A 27 8.12 10.32 15.99
N GLN A 28 8.51 10.73 14.79
CA GLN A 28 7.64 11.55 13.94
C GLN A 28 7.50 10.92 12.55
N ARG A 29 6.49 11.38 11.81
CA ARG A 29 6.25 10.86 10.47
C ARG A 29 7.14 11.55 9.44
N VAL A 30 7.77 10.77 8.57
CA VAL A 30 8.64 11.31 7.54
C VAL A 30 8.50 10.54 6.23
N LEU A 31 8.54 11.26 5.12
CA LEU A 31 8.41 10.64 3.80
C LEU A 31 9.77 10.11 3.32
N LEU A 32 9.74 8.94 2.69
CA LEU A 32 10.95 8.31 2.17
C LEU A 32 10.79 7.99 0.69
N SER A 33 11.66 8.53 -0.14
CA SER A 33 11.61 8.30 -1.58
C SER A 33 12.76 7.40 -2.04
N LEU A 34 12.43 6.16 -2.37
CA LEU A 34 13.43 5.20 -2.82
C LEU A 34 13.31 4.98 -4.33
N ALA A 35 14.28 5.50 -5.07
CA ALA A 35 14.28 5.37 -6.52
C ALA A 35 14.88 4.03 -6.95
N GLU A 36 16.21 3.98 -6.99
CA GLU A 36 16.92 2.77 -7.38
C GLU A 36 18.22 2.63 -6.59
N ASP A 37 19.19 3.47 -6.93
CA ASP A 37 20.47 3.47 -6.25
C ASP A 37 20.62 4.72 -5.39
N ALA A 38 19.50 5.22 -4.88
CA ALA A 38 19.50 6.41 -4.04
C ALA A 38 18.15 6.60 -3.35
N LEU A 39 18.20 7.05 -2.10
CA LEU A 39 17.00 7.29 -1.32
C LEU A 39 16.93 8.74 -0.85
N THR A 40 15.88 9.44 -1.26
CA THR A 40 15.71 10.84 -0.88
C THR A 40 14.60 11.00 0.15
N VAL A 41 14.97 11.32 1.37
CA VAL A 41 14.00 11.51 2.45
C VAL A 41 13.49 12.94 2.47
N SER A 42 12.29 13.13 3.01
CA SER A 42 11.68 14.45 3.07
C SER A 42 10.42 14.42 3.93
N PRO A 43 10.07 15.57 4.56
CA PRO A 43 8.88 15.66 5.41
C PRO A 43 7.60 15.47 4.61
N ALA A 44 6.51 15.13 5.31
CA ALA A 44 5.22 14.90 4.67
C ALA A 44 4.23 15.99 5.05
N ASP A 45 3.12 16.06 4.31
CA ASP A 45 2.08 17.05 4.57
C ASP A 45 1.16 16.58 5.68
N GLY A 46 0.11 17.35 5.94
CA GLY A 46 -0.84 17.00 6.98
C GLY A 46 -2.27 17.30 6.60
N GLU A 47 -2.51 18.52 6.11
CA GLU A 47 -3.84 18.95 5.71
C GLU A 47 -4.31 18.15 4.49
N PRO A 48 -5.60 17.76 4.46
CA PRO A 48 -6.16 16.99 3.35
C PRO A 48 -6.40 17.86 2.12
N GLY A 49 -6.05 17.33 0.95
CA GLY A 49 -6.24 18.07 -0.29
C GLY A 49 -7.40 17.55 -1.11
N PRO A 50 -7.21 16.41 -1.82
CA PRO A 50 -8.26 15.81 -2.65
C PRO A 50 -9.38 15.20 -1.80
N GLU A 51 -10.59 15.72 -1.98
CA GLU A 51 -11.74 15.23 -1.23
C GLU A 51 -12.29 13.95 -1.86
N PRO A 52 -12.90 13.06 -1.06
CA PRO A 52 -13.46 11.80 -1.53
C PRO A 52 -14.88 11.98 -2.10
N GLU A 53 -15.35 13.21 -2.17
CA GLU A 53 -16.68 13.49 -2.70
C GLU A 53 -16.66 13.67 -4.22
N PRO A 54 -15.80 14.57 -4.73
CA PRO A 54 -15.68 14.82 -6.16
C PRO A 54 -15.43 13.54 -6.95
N ALA A 55 -15.84 13.54 -8.21
CA ALA A 55 -15.65 12.38 -9.08
C ALA A 55 -15.51 12.80 -10.54
N GLN A 56 -14.55 13.67 -10.81
CA GLN A 56 -14.31 14.16 -12.17
C GLN A 56 -15.55 14.86 -12.72
N LEU A 57 -15.40 15.49 -13.87
CA LEU A 57 -16.50 16.20 -14.51
C LEU A 57 -16.84 15.58 -15.85
N ASN A 58 -16.65 14.27 -15.96
CA ASN A 58 -16.94 13.55 -17.19
C ASN A 58 -16.09 14.09 -18.35
N GLY A 59 -14.98 13.41 -18.61
CA GLY A 59 -14.10 13.84 -19.69
C GLY A 59 -12.90 12.91 -19.86
N ALA A 60 -11.71 13.47 -19.88
CA ALA A 60 -10.48 12.70 -20.04
C ALA A 60 -10.45 12.00 -21.39
N ALA A 61 -11.16 10.88 -21.49
CA ALA A 61 -11.20 10.12 -22.74
C ALA A 61 -12.54 10.31 -23.46
N GLU A 62 -12.49 10.45 -24.78
CA GLU A 62 -13.69 10.64 -25.57
C GLU A 62 -14.47 9.33 -25.72
N PRO A 63 -13.84 8.30 -26.32
CA PRO A 63 -14.48 7.01 -26.52
C PRO A 63 -14.55 6.19 -25.23
N GLY A 64 -14.90 4.92 -25.36
CA GLY A 64 -14.99 4.05 -24.20
C GLY A 64 -16.03 4.54 -23.20
N ALA A 65 -15.86 4.16 -21.93
CA ALA A 65 -16.78 4.56 -20.88
C ALA A 65 -16.07 4.63 -19.53
N ALA A 66 -14.82 5.08 -19.54
CA ALA A 66 -14.04 5.20 -18.32
C ALA A 66 -12.63 5.71 -18.61
N PRO A 67 -12.13 6.63 -17.78
CA PRO A 67 -10.78 7.21 -17.96
C PRO A 67 -9.69 6.14 -17.93
N PRO A 68 -9.08 5.83 -19.08
CA PRO A 68 -8.02 4.82 -19.17
C PRO A 68 -6.80 5.20 -18.33
N GLN A 69 -5.73 4.41 -18.46
CA GLN A 69 -4.50 4.67 -17.71
C GLN A 69 -4.77 4.62 -16.20
N LEU A 70 -5.35 3.51 -15.74
CA LEU A 70 -5.65 3.35 -14.33
C LEU A 70 -4.55 2.58 -13.62
N PRO A 71 -3.68 3.28 -12.86
CA PRO A 71 -2.57 2.65 -12.13
C PRO A 71 -3.05 1.78 -10.98
N GLU A 72 -2.23 0.81 -10.60
CA GLU A 72 -2.57 -0.09 -9.50
C GLU A 72 -1.90 0.34 -8.21
N ALA A 73 -0.65 -0.06 -8.02
CA ALA A 73 0.11 0.30 -6.82
C ALA A 73 -0.66 -0.01 -5.54
N LEU A 74 -1.47 0.95 -5.08
CA LEU A 74 -2.25 0.76 -3.86
C LEU A 74 -3.74 0.66 -4.14
N LEU A 75 -4.07 0.50 -5.41
CA LEU A 75 -5.46 0.38 -5.84
C LEU A 75 -5.73 -1.00 -6.43
N LEU A 76 -4.68 -1.80 -6.59
CA LEU A 76 -4.80 -3.14 -7.16
C LEU A 76 -5.64 -4.05 -6.26
N GLN A 77 -5.91 -3.62 -5.04
CA GLN A 77 -6.70 -4.40 -4.10
C GLN A 77 -8.17 -4.40 -4.51
N ARG A 78 -8.84 -5.55 -4.32
CA ARG A 78 -10.25 -5.69 -4.68
C ARG A 78 -10.55 -5.05 -6.03
N ARG A 79 -11.84 -4.85 -6.32
CA ARG A 79 -12.25 -4.25 -7.58
C ARG A 79 -13.35 -3.21 -7.36
N ARG A 80 -13.26 -2.10 -8.09
CA ARG A 80 -14.24 -1.03 -7.98
C ARG A 80 -14.97 -0.82 -9.30
N VAL A 81 -15.81 -1.79 -9.66
CA VAL A 81 -16.56 -1.71 -10.91
C VAL A 81 -17.64 -0.63 -10.84
N THR A 82 -18.12 -0.21 -12.01
CA THR A 82 -19.15 0.81 -12.09
C THR A 82 -20.16 0.49 -13.19
N VAL A 83 -21.37 1.00 -13.03
CA VAL A 83 -22.42 0.77 -14.02
C VAL A 83 -23.14 2.06 -14.37
N ARG A 84 -22.69 2.72 -15.43
CA ARG A 84 -23.29 3.97 -15.87
C ARG A 84 -24.44 3.71 -16.85
N LYS A 85 -25.65 4.09 -16.45
CA LYS A 85 -26.82 3.90 -17.29
C LYS A 85 -26.91 4.98 -18.36
N ALA A 86 -26.36 6.16 -18.06
CA ALA A 86 -26.37 7.28 -19.01
C ALA A 86 -25.07 7.36 -19.78
N ASP A 87 -24.45 6.20 -20.01
CA ASP A 87 -23.18 6.14 -20.75
C ASP A 87 -22.97 4.76 -21.34
N ALA A 88 -22.99 3.74 -20.48
CA ALA A 88 -22.79 2.36 -20.92
C ALA A 88 -24.12 1.72 -21.31
N GLY A 89 -25.02 1.63 -20.34
CA GLY A 89 -26.32 1.04 -20.60
C GLY A 89 -26.92 0.39 -19.36
N GLY A 90 -27.93 -0.45 -19.56
CA GLY A 90 -28.57 -1.12 -18.44
C GLY A 90 -27.76 -2.29 -17.93
N LEU A 91 -28.21 -2.86 -16.81
CA LEU A 91 -27.53 -4.01 -16.21
C LEU A 91 -28.40 -5.26 -16.28
N GLY A 92 -27.77 -6.41 -16.45
CA GLY A 92 -28.50 -7.66 -16.53
C GLY A 92 -27.68 -8.85 -16.10
N ILE A 93 -27.46 -8.98 -14.79
CA ILE A 93 -26.68 -10.08 -14.25
C ILE A 93 -27.51 -10.94 -13.29
N SER A 94 -27.02 -12.13 -13.01
CA SER A 94 -27.71 -13.04 -12.10
C SER A 94 -26.84 -13.37 -10.90
N ILE A 95 -27.04 -12.63 -9.81
CA ILE A 95 -26.26 -12.82 -8.60
C ILE A 95 -26.90 -13.86 -7.68
N LYS A 96 -26.17 -14.24 -6.64
CA LYS A 96 -26.67 -15.22 -5.68
C LYS A 96 -25.90 -15.12 -4.37
N GLY A 97 -26.63 -15.15 -3.26
CA GLY A 97 -26.00 -15.06 -1.95
C GLY A 97 -26.93 -15.46 -0.82
N GLY A 98 -26.39 -15.52 0.39
CA GLY A 98 -27.19 -15.90 1.54
C GLY A 98 -26.45 -15.67 2.85
N ARG A 99 -26.26 -14.40 3.21
CA ARG A 99 -25.57 -14.05 4.45
C ARG A 99 -26.36 -14.48 5.68
N GLU A 100 -27.63 -14.87 5.48
CA GLU A 100 -28.47 -15.32 6.57
C GLU A 100 -27.70 -16.28 7.48
N ASN A 101 -26.80 -17.03 6.87
CA ASN A 101 -25.96 -17.97 7.59
C ASN A 101 -24.50 -17.57 7.49
N LYS A 102 -23.96 -17.62 6.27
CA LYS A 102 -22.58 -17.25 6.03
C LYS A 102 -22.24 -17.32 4.54
N MET A 103 -23.23 -17.08 3.70
CA MET A 103 -23.03 -17.12 2.26
C MET A 103 -22.98 -15.70 1.69
N PRO A 104 -21.77 -15.21 1.35
CA PRO A 104 -21.60 -13.86 0.78
C PRO A 104 -22.17 -13.75 -0.62
N ILE A 105 -22.58 -12.53 -0.99
CA ILE A 105 -23.15 -12.28 -2.31
C ILE A 105 -22.06 -12.23 -3.37
N LEU A 106 -22.27 -12.96 -4.46
CA LEU A 106 -21.29 -12.99 -5.54
C LEU A 106 -21.97 -13.07 -6.91
N ILE A 107 -21.19 -12.81 -7.96
CA ILE A 107 -21.70 -12.85 -9.33
C ILE A 107 -21.97 -14.29 -9.75
N SER A 108 -23.23 -14.59 -10.01
CA SER A 108 -23.62 -15.93 -10.42
C SER A 108 -23.79 -16.00 -11.95
N LYS A 109 -24.03 -14.86 -12.58
CA LYS A 109 -24.21 -14.85 -14.03
C LYS A 109 -24.23 -13.43 -14.60
N ILE A 110 -24.00 -13.34 -15.90
CA ILE A 110 -24.00 -12.06 -16.60
C ILE A 110 -24.90 -12.14 -17.83
N PHE A 111 -26.20 -12.21 -17.60
CA PHE A 111 -27.19 -12.32 -18.67
C PHE A 111 -26.89 -11.34 -19.82
N LYS A 112 -26.95 -11.86 -21.05
CA LYS A 112 -26.70 -11.06 -22.24
C LYS A 112 -25.45 -10.20 -22.08
N GLY A 113 -25.24 -9.30 -23.05
CA GLY A 113 -24.09 -8.42 -23.01
C GLY A 113 -24.44 -7.01 -22.60
N LEU A 114 -24.99 -6.86 -21.39
CA LEU A 114 -25.37 -5.55 -20.88
C LEU A 114 -24.17 -4.81 -20.29
N ALA A 115 -24.44 -3.71 -19.59
CA ALA A 115 -23.38 -2.92 -18.98
C ALA A 115 -22.44 -3.80 -18.17
N ALA A 116 -22.99 -4.82 -17.52
CA ALA A 116 -22.19 -5.73 -16.72
C ALA A 116 -21.21 -6.50 -17.59
N ASP A 117 -21.56 -6.66 -18.87
CA ASP A 117 -20.70 -7.38 -19.81
C ASP A 117 -19.57 -6.48 -20.29
N GLN A 118 -19.91 -5.33 -20.86
CA GLN A 118 -18.91 -4.40 -21.35
C GLN A 118 -17.96 -3.98 -20.23
N THR A 119 -18.42 -4.10 -18.99
CA THR A 119 -17.61 -3.75 -17.83
C THR A 119 -16.74 -4.93 -17.40
N GLU A 120 -15.67 -5.16 -18.15
CA GLU A 120 -14.75 -6.26 -17.84
C GLU A 120 -14.39 -6.24 -16.35
N ALA A 121 -14.44 -5.04 -15.77
CA ALA A 121 -14.14 -4.85 -14.35
C ALA A 121 -14.84 -5.91 -13.50
N LEU A 122 -16.00 -6.36 -13.96
CA LEU A 122 -16.77 -7.38 -13.25
C LEU A 122 -16.80 -8.68 -14.02
N PHE A 123 -17.02 -9.78 -13.30
CA PHE A 123 -17.07 -11.10 -13.92
C PHE A 123 -17.68 -12.13 -12.97
N VAL A 124 -18.14 -13.25 -13.53
CA VAL A 124 -18.75 -14.30 -12.73
C VAL A 124 -17.74 -14.92 -11.77
N GLY A 125 -17.49 -14.23 -10.67
CA GLY A 125 -16.54 -14.72 -9.69
C GLY A 125 -16.04 -13.63 -8.76
N ASP A 126 -16.96 -12.77 -8.32
CA ASP A 126 -16.61 -11.67 -7.43
C ASP A 126 -17.71 -11.45 -6.39
N ALA A 127 -17.31 -11.05 -5.19
CA ALA A 127 -18.27 -10.80 -4.11
C ALA A 127 -18.45 -9.32 -3.86
N ILE A 128 -19.68 -8.83 -4.02
CA ILE A 128 -19.99 -7.42 -3.79
C ILE A 128 -20.00 -7.11 -2.30
N LEU A 129 -19.87 -5.82 -1.98
CA LEU A 129 -19.86 -5.38 -0.59
C LEU A 129 -20.02 -3.87 -0.49
N SER A 130 -19.29 -3.14 -1.32
CA SER A 130 -19.36 -1.68 -1.31
C SER A 130 -19.87 -1.15 -2.65
N VAL A 131 -21.14 -0.79 -2.70
CA VAL A 131 -21.74 -0.27 -3.92
C VAL A 131 -22.06 1.21 -3.79
N ASN A 132 -22.03 1.91 -4.93
CA ASN A 132 -22.31 3.35 -4.97
C ASN A 132 -21.76 4.07 -3.74
N GLY A 133 -20.62 3.60 -3.25
CA GLY A 133 -20.02 4.21 -2.09
C GLY A 133 -20.82 3.92 -0.83
N GLU A 134 -21.05 2.64 -0.56
CA GLU A 134 -21.81 2.23 0.61
C GLU A 134 -21.68 0.74 0.83
N ASP A 135 -20.94 0.41 1.87
CA ASP A 135 -20.70 -0.98 2.25
C ASP A 135 -21.97 -1.63 2.79
N LEU A 136 -22.50 -2.59 2.05
CA LEU A 136 -23.70 -3.28 2.47
C LEU A 136 -23.38 -4.74 2.81
N SER A 137 -22.16 -4.97 3.26
CA SER A 137 -21.71 -6.31 3.64
C SER A 137 -22.72 -6.98 4.57
N SER A 138 -23.49 -6.17 5.29
CA SER A 138 -24.49 -6.67 6.21
C SER A 138 -25.88 -6.60 5.55
N ALA A 139 -25.90 -6.92 4.27
CA ALA A 139 -27.12 -6.89 3.48
C ALA A 139 -27.21 -8.12 2.59
N THR A 140 -27.78 -9.18 3.13
CA THR A 140 -27.95 -10.45 2.43
C THR A 140 -28.35 -10.25 0.96
N HIS A 141 -28.33 -11.36 0.22
CA HIS A 141 -28.68 -11.38 -1.21
C HIS A 141 -29.73 -10.34 -1.58
N ASP A 142 -30.92 -10.50 -1.04
CA ASP A 142 -32.04 -9.58 -1.32
C ASP A 142 -31.58 -8.13 -1.27
N GLU A 143 -30.90 -7.76 -0.20
CA GLU A 143 -30.42 -6.40 -0.04
C GLU A 143 -29.41 -6.05 -1.12
N ALA A 144 -28.73 -7.06 -1.66
CA ALA A 144 -27.75 -6.85 -2.71
C ALA A 144 -28.43 -6.41 -3.99
N VAL A 145 -29.57 -7.03 -4.28
CA VAL A 145 -30.34 -6.70 -5.47
C VAL A 145 -30.86 -5.26 -5.38
N GLN A 146 -31.53 -4.96 -4.28
CA GLN A 146 -32.08 -3.63 -4.06
C GLN A 146 -30.98 -2.58 -4.01
N ALA A 147 -29.80 -2.99 -3.53
CA ALA A 147 -28.67 -2.07 -3.43
C ALA A 147 -28.22 -1.59 -4.81
N LEU A 148 -28.05 -2.52 -5.73
CA LEU A 148 -27.62 -2.20 -7.08
C LEU A 148 -28.80 -1.92 -8.01
N LYS A 149 -29.99 -2.34 -7.59
CA LYS A 149 -31.19 -2.14 -8.40
C LYS A 149 -31.74 -0.73 -8.20
N LYS A 150 -31.72 -0.25 -6.97
CA LYS A 150 -32.23 1.08 -6.65
C LYS A 150 -31.31 2.16 -7.23
N THR A 151 -30.02 1.83 -7.36
CA THR A 151 -29.05 2.78 -7.90
C THR A 151 -29.43 3.22 -9.32
N GLY A 152 -28.63 4.13 -9.87
CA GLY A 152 -28.90 4.62 -11.21
C GLY A 152 -27.91 5.70 -11.63
N LYS A 153 -27.70 5.83 -12.94
CA LYS A 153 -26.77 6.83 -13.47
C LYS A 153 -25.32 6.36 -13.38
N GLU A 154 -24.94 5.87 -12.20
CA GLU A 154 -23.60 5.39 -11.96
C GLU A 154 -23.57 4.50 -10.72
N VAL A 155 -23.53 3.21 -10.96
CA VAL A 155 -23.51 2.22 -9.90
C VAL A 155 -22.10 1.70 -9.67
N VAL A 156 -21.36 2.35 -8.79
CA VAL A 156 -19.99 1.94 -8.46
C VAL A 156 -20.00 0.73 -7.54
N LEU A 157 -19.92 -0.46 -8.13
CA LEU A 157 -19.92 -1.69 -7.35
C LEU A 157 -18.49 -2.10 -6.98
N GLU A 158 -18.27 -2.32 -5.69
CA GLU A 158 -16.96 -2.71 -5.18
C GLU A 158 -17.00 -4.15 -4.71
N VAL A 159 -16.40 -5.05 -5.50
CA VAL A 159 -16.37 -6.46 -5.17
C VAL A 159 -14.96 -6.92 -4.84
N LYS A 160 -14.86 -8.15 -4.31
CA LYS A 160 -13.57 -8.71 -3.94
C LYS A 160 -13.39 -10.09 -4.59
N TYR A 161 -12.29 -10.26 -5.30
CA TYR A 161 -11.99 -11.52 -5.97
C TYR A 161 -11.69 -12.62 -4.94
N MET A 162 -12.73 -13.32 -4.51
CA MET A 162 -12.57 -14.39 -3.53
C MET A 162 -12.21 -15.70 -4.21
N LYS A 163 -11.14 -16.33 -3.74
CA LYS A 163 -10.67 -17.59 -4.30
C LYS A 163 -9.94 -18.42 -3.24
N GLU A 164 -8.68 -18.07 -3.01
CA GLU A 164 -7.87 -18.76 -2.03
C GLU A 164 -7.63 -17.90 -0.79
N VAL A 165 -8.70 -17.27 -0.31
CA VAL A 165 -8.61 -16.40 0.86
C VAL A 165 -8.26 -17.20 2.11
N SER A 166 -8.65 -18.47 2.14
CA SER A 166 -8.39 -19.34 3.28
C SER A 166 -7.41 -20.46 2.90
N PRO A 167 -6.10 -20.23 3.09
CA PRO A 167 -5.07 -21.21 2.77
C PRO A 167 -5.31 -22.54 3.48
N TYR A 168 -4.64 -23.59 3.02
CA TYR A 168 -4.77 -24.91 3.61
C TYR A 168 -3.49 -25.31 4.34
N PHE A 169 -3.65 -25.81 5.56
CA PHE A 169 -2.51 -26.22 6.37
C PHE A 169 -1.57 -25.05 6.64
N LYS A 170 -0.81 -25.14 7.73
CA LYS A 170 0.13 -24.09 8.09
C LYS A 170 1.44 -24.23 7.33
N ASN A 171 1.71 -23.29 6.43
CA ASN A 171 2.93 -23.31 5.63
C ASN A 171 3.28 -21.91 5.14
N SER A 172 2.96 -20.91 5.95
CA SER A 172 3.24 -19.52 5.59
C SER A 172 3.18 -18.63 6.82
N ALA A 173 3.81 -17.46 6.72
CA ALA A 173 3.83 -16.51 7.83
C ALA A 173 4.49 -17.12 9.07
N GLY A 174 5.70 -16.66 9.38
CA GLY A 174 6.40 -17.18 10.53
C GLY A 174 7.74 -17.79 10.16
N GLY A 175 8.78 -17.41 10.89
CA GLY A 175 10.11 -17.94 10.62
C GLY A 175 11.15 -17.46 11.62
N THR A 176 12.17 -18.27 11.84
CA THR A 176 13.23 -17.92 12.79
C THR A 176 14.60 -18.06 12.13
N SER A 177 15.17 -16.93 11.72
CA SER A 177 16.49 -16.93 11.08
C SER A 177 17.58 -17.24 12.10
N VAL A 178 17.66 -16.43 13.15
CA VAL A 178 18.65 -16.60 14.22
C VAL A 178 20.04 -16.87 13.65
N GLY A 179 20.95 -15.93 13.88
CA GLY A 179 22.32 -16.08 13.41
C GLY A 179 22.82 -14.84 12.68
N TRP A 180 21.90 -13.93 12.36
CA TRP A 180 22.25 -12.70 11.67
C TRP A 180 22.29 -11.52 12.64
N ASP A 181 22.73 -11.79 13.86
CA ASP A 181 22.81 -10.75 14.89
C ASP A 181 24.07 -10.90 15.73
N SER A 182 25.05 -11.58 15.16
CA SER A 182 26.32 -11.81 15.85
C SER A 182 27.50 -11.62 14.88
N PRO A 183 27.95 -10.38 14.70
CA PRO A 183 29.07 -10.07 13.80
C PRO A 183 30.41 -10.54 14.36
N PRO A 184 31.36 -10.89 13.48
CA PRO A 184 32.70 -11.36 13.90
C PRO A 184 33.56 -10.22 14.44
N ALA A 185 33.55 -9.09 13.74
CA ALA A 185 34.34 -7.93 14.15
C ALA A 185 33.65 -6.64 13.75
N SER A 186 33.49 -5.73 14.70
CA SER A 186 32.86 -4.44 14.44
C SER A 186 33.54 -3.33 15.23
N PRO A 187 34.47 -2.60 14.60
CA PRO A 187 35.19 -1.50 15.25
C PRO A 187 34.26 -0.51 15.94
N LEU A 188 34.52 -0.22 17.20
CA LEU A 188 33.71 0.70 17.97
C LEU A 188 34.56 1.83 18.55
N GLN A 189 35.62 2.19 17.84
CA GLN A 189 36.51 3.25 18.29
C GLN A 189 36.92 4.17 17.12
N ARG A 190 37.22 3.56 15.98
CA ARG A 190 37.61 4.32 14.80
C ARG A 190 36.42 4.58 13.88
N GLN A 191 35.22 4.60 14.46
CA GLN A 191 34.00 4.83 13.70
C GLN A 191 33.69 6.32 13.61
N PRO A 192 33.64 7.02 14.77
CA PRO A 192 33.35 8.45 14.82
C PRO A 192 34.26 9.25 13.89
N SER A 193 35.54 8.90 13.87
CA SER A 193 36.51 9.58 13.03
C SER A 193 36.66 11.05 13.45
N SER A 194 37.66 11.72 12.89
CA SER A 194 37.91 13.12 13.21
C SER A 194 36.71 13.98 12.86
N PRO A 195 36.54 15.12 13.57
CA PRO A 195 35.41 16.03 13.34
C PRO A 195 35.55 16.79 12.03
N GLY A 196 34.56 16.63 11.15
CA GLY A 196 34.59 17.30 9.86
C GLY A 196 33.32 17.08 9.06
N PRO A 197 33.39 17.23 7.73
CA PRO A 197 32.23 17.03 6.86
C PRO A 197 31.53 15.70 7.10
N GLN A 198 30.30 15.75 7.60
CA GLN A 198 29.55 14.54 7.88
C GLN A 198 28.05 14.79 7.71
N PRO A 199 27.49 14.42 6.54
CA PRO A 199 26.05 14.60 6.25
C PRO A 199 25.17 13.80 7.20
N ARG A 200 25.06 14.27 8.44
CA ARG A 200 24.24 13.59 9.44
C ARG A 200 23.29 14.59 10.11
N ASN A 201 22.87 15.59 9.36
CA ASN A 201 21.96 16.60 9.87
C ASN A 201 20.58 16.47 9.22
N LEU A 202 19.54 16.73 10.01
CA LEU A 202 18.18 16.65 9.52
C LEU A 202 17.58 18.03 9.29
N SER A 203 17.54 18.45 8.02
CA SER A 203 17.00 19.76 7.67
C SER A 203 15.65 19.63 6.96
N GLU A 204 15.69 19.30 5.68
CA GLU A 204 14.48 19.14 4.89
C GLU A 204 14.51 17.85 4.08
N ALA A 205 15.68 17.50 3.56
CA ALA A 205 15.84 16.29 2.76
C ALA A 205 17.09 15.51 3.19
N LYS A 206 16.98 14.19 3.17
CA LYS A 206 18.10 13.33 3.54
C LYS A 206 18.42 12.34 2.43
N HIS A 207 19.23 12.78 1.48
CA HIS A 207 19.62 11.94 0.35
C HIS A 207 20.78 11.02 0.72
N VAL A 208 20.60 9.72 0.48
CA VAL A 208 21.63 8.74 0.80
C VAL A 208 21.82 7.76 -0.36
N SER A 209 23.07 7.40 -0.63
CA SER A 209 23.38 6.48 -1.71
C SER A 209 23.10 5.04 -1.30
N LEU A 210 22.57 4.25 -2.23
CA LEU A 210 22.25 2.85 -1.96
C LEU A 210 23.37 1.94 -2.48
N LYS A 211 24.60 2.43 -2.44
CA LYS A 211 25.75 1.66 -2.90
C LYS A 211 26.18 0.65 -1.84
N MET A 212 26.51 1.17 -0.66
CA MET A 212 26.95 0.33 0.45
C MET A 212 26.03 0.47 1.65
N ALA A 213 24.76 0.75 1.39
CA ALA A 213 23.78 0.91 2.45
C ALA A 213 23.39 -0.44 3.05
N TYR A 214 23.02 -0.43 4.32
CA TYR A 214 22.64 -1.66 5.01
C TYR A 214 21.25 -1.53 5.62
N VAL A 215 20.46 -2.60 5.55
CA VAL A 215 19.11 -2.60 6.10
C VAL A 215 19.02 -3.52 7.32
N SER A 216 18.54 -2.98 8.43
CA SER A 216 18.40 -3.74 9.66
C SER A 216 16.95 -3.77 10.11
N ARG A 217 16.65 -4.68 11.03
CA ARG A 217 15.29 -4.82 11.55
C ARG A 217 15.31 -5.11 13.05
N ARG A 218 14.95 -4.10 13.85
CA ARG A 218 14.93 -4.24 15.29
C ARG A 218 13.57 -3.89 15.86
N CYS A 219 13.14 -4.62 16.89
CA CYS A 219 11.85 -4.38 17.52
C CYS A 219 12.03 -3.75 18.90
N THR A 220 10.99 -3.07 19.37
CA THR A 220 11.03 -2.43 20.68
C THR A 220 9.65 -1.86 21.04
N PRO A 221 9.14 -0.89 20.26
CA PRO A 221 7.82 -0.29 20.51
C PRO A 221 6.68 -1.22 20.17
N THR A 222 6.47 -2.23 21.02
CA THR A 222 5.41 -3.21 20.83
C THR A 222 5.35 -3.68 19.38
N ASP A 223 6.52 -4.01 18.84
CA ASP A 223 6.61 -4.48 17.46
C ASP A 223 7.03 -5.94 17.40
N PRO A 224 6.07 -6.88 17.56
CA PRO A 224 6.34 -8.31 17.52
C PRO A 224 6.29 -8.89 16.11
N GLU A 225 6.54 -8.04 15.11
CA GLU A 225 6.53 -8.48 13.72
C GLU A 225 7.07 -7.40 12.79
N PRO A 226 6.37 -6.24 12.71
CA PRO A 226 6.81 -5.12 11.85
C PRO A 226 8.22 -4.65 12.17
N ARG A 227 8.39 -4.08 13.35
CA ARG A 227 9.69 -3.59 13.78
C ARG A 227 10.13 -2.39 12.94
N TYR A 228 11.14 -1.68 13.41
CA TYR A 228 11.65 -0.51 12.70
C TYR A 228 12.88 -0.87 11.87
N LEU A 229 12.97 -0.29 10.68
CA LEU A 229 14.10 -0.55 9.78
C LEU A 229 15.24 0.42 10.04
N GLU A 230 16.45 0.01 9.68
CA GLU A 230 17.64 0.84 9.86
C GLU A 230 18.46 0.91 8.58
N ILE A 231 18.68 2.12 8.08
CA ILE A 231 19.44 2.32 6.85
C ILE A 231 20.79 2.97 7.15
N CYS A 232 21.82 2.15 7.29
CA CYS A 232 23.16 2.65 7.57
C CYS A 232 23.96 2.79 6.28
N ALA A 233 24.21 4.03 5.87
CA ALA A 233 24.96 4.30 4.65
C ALA A 233 26.43 3.93 4.82
N ALA A 234 26.76 2.67 4.51
CA ALA A 234 28.12 2.18 4.63
C ALA A 234 28.69 2.43 6.02
N ASP A 235 27.80 2.54 7.00
CA ASP A 235 28.19 2.78 8.39
C ASP A 235 29.32 3.81 8.49
N GLY A 236 29.32 4.76 7.57
CA GLY A 236 30.34 5.79 7.57
C GLY A 236 29.94 7.04 6.81
N GLN A 237 28.63 7.26 6.68
CA GLN A 237 28.12 8.43 5.97
C GLN A 237 26.81 8.91 6.59
N ASP A 238 25.91 7.97 6.80
CA ASP A 238 24.61 8.29 7.39
C ASP A 238 23.93 7.03 7.96
N ALA A 239 22.84 7.24 8.69
CA ALA A 239 22.12 6.14 9.29
C ALA A 239 20.68 6.55 9.62
N VAL A 240 19.77 6.31 8.69
CA VAL A 240 18.37 6.66 8.89
C VAL A 240 17.52 5.44 9.14
N PHE A 241 16.93 5.36 10.33
CA PHE A 241 16.08 4.24 10.69
C PHE A 241 14.65 4.70 10.90
N LEU A 242 13.68 3.91 10.42
CA LEU A 242 12.27 4.27 10.57
C LEU A 242 11.38 3.03 10.43
N ARG A 243 10.14 3.15 10.89
CA ARG A 243 9.19 2.06 10.83
C ARG A 243 8.00 2.43 9.95
N ALA A 244 7.46 1.45 9.23
CA ALA A 244 6.32 1.68 8.36
C ALA A 244 5.00 1.56 9.13
N LYS A 245 3.90 1.65 8.40
CA LYS A 245 2.57 1.55 9.01
C LYS A 245 2.30 0.13 9.48
N ASP A 246 2.39 -0.81 8.56
CA ASP A 246 2.14 -2.22 8.87
C ASP A 246 3.43 -3.03 8.71
N GLU A 247 3.39 -4.29 9.13
CA GLU A 247 4.55 -5.16 9.04
C GLU A 247 4.92 -5.41 7.58
N ALA A 248 3.91 -5.52 6.73
CA ALA A 248 4.15 -5.75 5.30
C ALA A 248 4.81 -4.54 4.66
N SER A 249 4.35 -3.35 5.05
CA SER A 249 4.92 -2.12 4.52
C SER A 249 6.42 -2.08 4.77
N ALA A 250 6.82 -2.63 5.92
CA ALA A 250 8.23 -2.69 6.28
C ALA A 250 8.90 -3.84 5.53
N ARG A 251 8.14 -4.91 5.29
CA ARG A 251 8.67 -6.05 4.56
C ARG A 251 9.02 -5.62 3.15
N SER A 252 8.19 -4.73 2.60
CA SER A 252 8.41 -4.22 1.25
C SER A 252 9.50 -3.15 1.27
N TRP A 253 9.60 -2.42 2.38
CA TRP A 253 10.61 -1.38 2.51
C TRP A 253 11.98 -2.01 2.59
N ALA A 254 12.19 -2.78 3.65
CA ALA A 254 13.46 -3.48 3.85
C ALA A 254 13.73 -4.40 2.67
N GLY A 255 12.65 -4.93 2.08
CA GLY A 255 12.79 -5.81 0.94
C GLY A 255 13.13 -5.04 -0.32
N ALA A 256 12.70 -3.79 -0.38
CA ALA A 256 12.98 -2.95 -1.55
C ALA A 256 14.39 -2.39 -1.48
N ILE A 257 14.79 -1.93 -0.30
CA ILE A 257 16.12 -1.37 -0.11
C ILE A 257 17.18 -2.46 -0.23
N GLN A 258 16.85 -3.64 0.31
CA GLN A 258 17.76 -4.77 0.27
C GLN A 258 17.89 -5.30 -1.16
N ALA A 259 16.77 -5.36 -1.86
CA ALA A 259 16.76 -5.84 -3.24
C ALA A 259 17.41 -4.84 -4.18
N GLN A 260 17.37 -3.56 -3.79
CA GLN A 260 17.96 -2.50 -4.60
C GLN A 260 19.47 -2.40 -4.37
N ILE A 261 19.85 -2.21 -3.11
CA ILE A 261 21.26 -2.10 -2.75
C ILE A 261 22.01 -3.37 -3.11
N GLY A 262 21.61 -4.49 -2.51
CA GLY A 262 22.26 -5.76 -2.78
C GLY A 262 23.74 -5.72 -2.48
N THR A 263 24.14 -4.90 -1.51
CA THR A 263 25.54 -4.77 -1.12
C THR A 263 26.06 -6.09 -0.54
N ALA A 1 2.45 31.02 -14.56
CA ALA A 1 1.71 30.82 -15.83
C ALA A 1 0.34 30.21 -15.58
N SER A 2 -0.69 31.05 -15.60
CA SER A 2 -2.06 30.60 -15.37
C SER A 2 -2.25 30.16 -13.93
N GLY A 3 -1.65 29.03 -13.57
CA GLY A 3 -1.77 28.51 -12.23
C GLY A 3 -0.43 28.46 -11.50
N ARG A 4 -0.34 27.61 -10.49
CA ARG A 4 0.89 27.47 -9.71
C ARG A 4 1.18 26.00 -9.41
N ARG A 5 2.44 25.69 -9.15
CA ARG A 5 2.84 24.32 -8.85
C ARG A 5 2.89 24.09 -7.34
N ALA A 6 3.04 22.83 -6.94
CA ALA A 6 3.10 22.48 -5.53
C ALA A 6 3.72 21.09 -5.34
N PRO A 7 4.72 20.98 -4.45
CA PRO A 7 5.38 19.70 -4.18
C PRO A 7 4.53 18.76 -3.31
N ARG A 8 4.62 17.47 -3.58
CA ARG A 8 3.86 16.48 -2.82
C ARG A 8 4.59 16.13 -1.52
N THR A 9 4.02 16.56 -0.41
CA THR A 9 4.61 16.30 0.90
C THR A 9 3.69 15.46 1.77
N GLY A 10 4.27 14.50 2.49
CA GLY A 10 3.48 13.64 3.35
C GLY A 10 4.28 13.12 4.52
N LEU A 11 3.60 12.50 5.48
CA LEU A 11 4.25 11.95 6.66
C LEU A 11 4.41 10.44 6.56
N LEU A 12 5.65 9.97 6.56
CA LEU A 12 5.94 8.55 6.46
C LEU A 12 6.64 8.05 7.72
N GLU A 13 7.10 6.79 7.68
CA GLU A 13 7.79 6.21 8.82
C GLU A 13 9.14 5.63 8.39
N LEU A 14 10.20 6.10 9.04
CA LEU A 14 11.55 5.63 8.74
C LEU A 14 12.10 4.77 9.88
N ARG A 15 13.17 4.03 9.60
CA ARG A 15 13.78 3.16 10.60
C ARG A 15 15.09 3.75 11.11
N CYS A 16 15.37 3.56 12.39
CA CYS A 16 16.58 4.07 13.01
C CYS A 16 17.77 3.15 12.71
N GLY A 17 18.93 3.75 12.47
CA GLY A 17 20.12 2.97 12.18
C GLY A 17 21.04 2.83 13.38
N ALA A 18 21.92 3.82 13.57
CA ALA A 18 22.86 3.81 14.68
C ALA A 18 23.77 2.58 14.62
N GLY A 19 24.11 2.17 13.40
CA GLY A 19 24.98 1.02 13.23
C GLY A 19 24.28 -0.28 13.54
N SER A 20 24.55 -0.83 14.73
CA SER A 20 23.94 -2.08 15.16
C SER A 20 22.44 -1.91 15.37
N GLY A 21 21.75 -3.02 15.60
CA GLY A 21 20.32 -2.98 15.81
C GLY A 21 19.69 -4.36 15.85
N ALA A 22 20.30 -5.27 16.60
CA ALA A 22 19.81 -6.63 16.71
C ALA A 22 18.82 -6.77 17.86
N GLY A 23 17.67 -7.37 17.60
CA GLY A 23 16.67 -7.55 18.63
C GLY A 23 16.19 -6.24 19.19
N GLY A 24 15.07 -5.74 18.68
CA GLY A 24 14.52 -4.48 19.16
C GLY A 24 14.58 -3.39 18.11
N GLU A 25 13.64 -3.41 17.17
CA GLU A 25 13.59 -2.42 16.11
C GLU A 25 13.42 -1.02 16.68
N ARG A 26 13.22 -0.04 15.82
CA ARG A 26 13.04 1.34 16.24
C ARG A 26 12.73 2.24 15.06
N TRP A 27 11.45 2.59 14.91
CA TRP A 27 11.01 3.44 13.82
C TRP A 27 10.67 4.84 14.32
N GLN A 28 10.57 5.79 13.39
CA GLN A 28 10.24 7.17 13.73
C GLN A 28 9.47 7.85 12.60
N ARG A 29 8.75 8.90 12.94
CA ARG A 29 7.98 9.65 11.95
C ARG A 29 8.86 10.57 11.13
N VAL A 30 8.74 10.48 9.81
CA VAL A 30 9.54 11.31 8.92
C VAL A 30 8.69 11.86 7.77
N LEU A 31 8.91 13.12 7.43
CA LEU A 31 8.17 13.76 6.35
C LEU A 31 8.95 13.73 5.04
N LEU A 32 8.25 13.49 3.94
CA LEU A 32 8.87 13.45 2.62
C LEU A 32 8.37 14.58 1.74
N SER A 33 9.17 14.96 0.76
CA SER A 33 8.81 16.05 -0.14
C SER A 33 9.19 15.72 -1.59
N LEU A 34 8.30 16.06 -2.52
CA LEU A 34 8.54 15.81 -3.94
C LEU A 34 8.14 17.04 -4.76
N ALA A 35 9.13 17.68 -5.38
CA ALA A 35 8.87 18.86 -6.19
C ALA A 35 8.68 18.51 -7.66
N GLU A 36 9.78 18.29 -8.36
CA GLU A 36 9.74 17.95 -9.78
C GLU A 36 10.99 17.20 -10.19
N ASP A 37 12.11 17.91 -10.18
CA ASP A 37 13.38 17.32 -10.54
C ASP A 37 14.24 17.09 -9.30
N ALA A 38 13.57 16.90 -8.17
CA ALA A 38 14.26 16.68 -6.91
C ALA A 38 13.27 16.35 -5.78
N LEU A 39 13.70 15.45 -4.89
CA LEU A 39 12.87 15.05 -3.76
C LEU A 39 13.65 15.22 -2.45
N THR A 40 13.03 15.88 -1.48
CA THR A 40 13.67 16.13 -0.20
C THR A 40 13.05 15.30 0.92
N VAL A 41 13.83 15.01 1.95
CA VAL A 41 13.35 14.25 3.09
C VAL A 41 13.71 14.94 4.40
N SER A 42 12.97 14.62 5.45
CA SER A 42 13.22 15.21 6.76
C SER A 42 12.42 14.50 7.85
N PRO A 43 12.94 14.46 9.08
CA PRO A 43 12.28 13.81 10.21
C PRO A 43 11.24 14.70 10.88
N ALA A 44 10.38 15.32 10.07
CA ALA A 44 9.33 16.19 10.60
C ALA A 44 9.90 17.22 11.58
N ASP A 45 10.20 18.42 11.08
CA ASP A 45 10.75 19.48 11.92
C ASP A 45 9.79 19.84 13.04
N GLY A 46 10.22 20.74 13.92
CA GLY A 46 9.39 21.15 15.03
C GLY A 46 8.34 22.18 14.63
N GLU A 47 7.19 22.14 15.29
CA GLU A 47 6.12 23.08 15.00
C GLU A 47 5.66 22.95 13.55
N PRO A 48 4.96 21.85 13.21
CA PRO A 48 4.47 21.61 11.86
C PRO A 48 3.25 22.47 11.52
N GLY A 49 3.20 22.98 10.29
CA GLY A 49 2.10 23.81 9.88
C GLY A 49 2.25 24.33 8.45
N PRO A 50 1.96 23.49 7.45
CA PRO A 50 2.08 23.89 6.04
C PRO A 50 0.99 24.87 5.62
N GLU A 51 1.29 25.69 4.62
CA GLU A 51 0.32 26.67 4.12
C GLU A 51 -0.33 26.18 2.83
N PRO A 52 -1.65 26.39 2.68
CA PRO A 52 -2.39 25.97 1.48
C PRO A 52 -1.90 26.68 0.22
N GLU A 53 -1.66 25.91 -0.84
CA GLU A 53 -1.20 26.47 -2.10
C GLU A 53 -1.97 25.86 -3.27
N PRO A 54 -2.53 26.70 -4.16
CA PRO A 54 -3.29 26.22 -5.32
C PRO A 54 -2.40 25.57 -6.36
N ALA A 55 -2.59 24.27 -6.58
CA ALA A 55 -1.79 23.53 -7.55
C ALA A 55 -2.62 23.21 -8.80
N GLN A 56 -1.94 22.80 -9.86
CA GLN A 56 -2.60 22.46 -11.11
C GLN A 56 -3.36 21.14 -10.98
N LEU A 57 -4.33 20.94 -11.86
CA LEU A 57 -5.14 19.72 -11.84
C LEU A 57 -4.38 18.57 -12.51
N ASN A 58 -5.05 17.42 -12.62
CA ASN A 58 -4.45 16.25 -13.23
C ASN A 58 -5.52 15.25 -13.66
N GLY A 59 -6.69 15.77 -14.05
CA GLY A 59 -7.76 14.91 -14.48
C GLY A 59 -7.61 14.44 -15.91
N ALA A 60 -7.74 13.13 -16.12
CA ALA A 60 -7.61 12.55 -17.44
C ALA A 60 -8.65 11.47 -17.68
N ALA A 61 -8.74 11.00 -18.92
CA ALA A 61 -9.69 9.96 -19.28
C ALA A 61 -9.28 9.25 -20.56
N GLU A 62 -9.22 7.91 -20.50
CA GLU A 62 -8.84 7.11 -21.66
C GLU A 62 -9.60 5.79 -21.67
N PRO A 63 -10.93 5.84 -21.80
CA PRO A 63 -11.77 4.64 -21.84
C PRO A 63 -11.57 3.83 -23.12
N GLY A 64 -11.78 2.52 -23.02
CA GLY A 64 -11.62 1.66 -24.19
C GLY A 64 -11.51 0.19 -23.81
N ALA A 65 -12.22 -0.65 -24.54
CA ALA A 65 -12.20 -2.08 -24.28
C ALA A 65 -12.70 -2.40 -22.87
N ALA A 66 -14.01 -2.29 -22.68
CA ALA A 66 -14.63 -2.56 -21.40
C ALA A 66 -16.13 -2.32 -21.44
N PRO A 67 -16.94 -3.36 -21.26
CA PRO A 67 -18.41 -3.26 -21.28
C PRO A 67 -18.95 -2.38 -20.16
N PRO A 68 -19.48 -1.18 -20.49
CA PRO A 68 -20.02 -0.25 -19.49
C PRO A 68 -21.41 -0.66 -19.04
N GLN A 69 -21.51 -1.21 -17.84
CA GLN A 69 -22.79 -1.64 -17.30
C GLN A 69 -22.82 -1.48 -15.78
N LEU A 70 -22.64 -0.24 -15.32
CA LEU A 70 -22.64 0.05 -13.89
C LEU A 70 -23.86 0.89 -13.51
N PRO A 71 -24.35 0.75 -12.27
CA PRO A 71 -25.52 1.50 -11.78
C PRO A 71 -25.21 2.99 -11.63
N GLU A 72 -26.12 3.70 -10.96
CA GLU A 72 -25.95 5.13 -10.74
C GLU A 72 -27.09 5.69 -9.89
N ALA A 73 -28.32 5.36 -10.26
CA ALA A 73 -29.49 5.82 -9.52
C ALA A 73 -29.54 5.22 -8.13
N LEU A 74 -28.70 5.74 -7.24
CA LEU A 74 -28.64 5.25 -5.87
C LEU A 74 -28.36 3.76 -5.82
N LEU A 75 -27.78 3.26 -6.90
CA LEU A 75 -27.43 1.86 -7.02
C LEU A 75 -28.57 0.95 -6.57
N LEU A 76 -29.39 0.53 -7.53
CA LEU A 76 -30.52 -0.34 -7.25
C LEU A 76 -30.07 -1.79 -7.10
N GLN A 77 -29.86 -2.45 -8.23
CA GLN A 77 -29.42 -3.84 -8.22
C GLN A 77 -27.92 -3.94 -7.97
N ARG A 78 -27.47 -5.13 -7.60
CA ARG A 78 -26.05 -5.37 -7.33
C ARG A 78 -25.20 -5.03 -8.55
N ARG A 79 -23.89 -5.21 -8.43
CA ARG A 79 -22.98 -4.92 -9.52
C ARG A 79 -22.81 -6.13 -10.42
N ARG A 80 -22.90 -5.93 -11.73
CA ARG A 80 -22.76 -7.00 -12.69
C ARG A 80 -21.65 -6.69 -13.69
N VAL A 81 -20.41 -6.83 -13.25
CA VAL A 81 -19.26 -6.55 -14.09
C VAL A 81 -19.04 -7.65 -15.13
N THR A 82 -18.36 -7.31 -16.22
CA THR A 82 -18.09 -8.26 -17.28
C THR A 82 -16.64 -8.15 -17.73
N VAL A 83 -16.08 -9.25 -18.21
CA VAL A 83 -14.70 -9.27 -18.67
C VAL A 83 -14.56 -10.05 -19.97
N ARG A 84 -13.45 -9.86 -20.66
CA ARG A 84 -13.19 -10.56 -21.91
C ARG A 84 -11.77 -11.13 -21.94
N LYS A 85 -11.67 -12.45 -22.08
CA LYS A 85 -10.38 -13.10 -22.12
C LYS A 85 -9.60 -12.71 -23.37
N ALA A 86 -10.28 -12.74 -24.52
CA ALA A 86 -9.66 -12.39 -25.79
C ALA A 86 -9.46 -10.88 -25.89
N ASP A 87 -8.20 -10.46 -26.05
CA ASP A 87 -7.87 -9.05 -26.17
C ASP A 87 -8.29 -8.28 -24.92
N ALA A 88 -7.73 -7.09 -24.73
CA ALA A 88 -8.05 -6.27 -23.58
C ALA A 88 -7.65 -6.97 -22.28
N GLY A 89 -6.62 -7.80 -22.35
CA GLY A 89 -6.16 -8.52 -21.17
C GLY A 89 -7.14 -9.58 -20.73
N GLY A 90 -6.74 -10.39 -19.75
CA GLY A 90 -7.60 -11.45 -19.26
C GLY A 90 -7.97 -11.26 -17.80
N LEU A 91 -7.11 -11.78 -16.91
CA LEU A 91 -7.34 -11.68 -15.48
C LEU A 91 -6.05 -11.92 -14.70
N GLY A 92 -5.98 -11.38 -13.49
CA GLY A 92 -4.80 -11.54 -12.66
C GLY A 92 -4.99 -11.00 -11.26
N ILE A 93 -6.11 -11.35 -10.65
CA ILE A 93 -6.41 -10.89 -9.29
C ILE A 93 -6.25 -12.01 -8.27
N SER A 94 -6.17 -11.64 -7.00
CA SER A 94 -6.01 -12.62 -5.92
C SER A 94 -7.20 -12.55 -4.97
N ILE A 95 -8.21 -13.37 -5.23
CA ILE A 95 -9.42 -13.39 -4.41
C ILE A 95 -9.21 -14.21 -3.14
N LYS A 96 -10.18 -14.13 -2.24
CA LYS A 96 -10.13 -14.86 -0.98
C LYS A 96 -11.53 -14.98 -0.37
N GLY A 97 -11.82 -16.14 0.20
CA GLY A 97 -13.12 -16.35 0.81
C GLY A 97 -13.22 -17.65 1.58
N GLY A 98 -14.38 -17.91 2.16
CA GLY A 98 -14.59 -19.12 2.92
C GLY A 98 -16.05 -19.33 3.30
N ARG A 99 -16.87 -19.65 2.31
CA ARG A 99 -18.30 -19.86 2.53
C ARG A 99 -18.56 -21.15 3.33
N GLU A 100 -17.51 -21.93 3.59
CA GLU A 100 -17.65 -23.17 4.35
C GLU A 100 -18.50 -22.92 5.60
N ASN A 101 -18.39 -21.71 6.11
CA ASN A 101 -19.15 -21.30 7.30
C ASN A 101 -20.06 -20.13 6.94
N LYS A 102 -19.44 -19.00 6.60
CA LYS A 102 -20.18 -17.80 6.24
C LYS A 102 -19.25 -16.70 5.74
N MET A 103 -18.14 -17.10 5.14
CA MET A 103 -17.17 -16.16 4.61
C MET A 103 -17.30 -16.02 3.10
N PRO A 104 -17.92 -14.93 2.61
CA PRO A 104 -18.10 -14.71 1.18
C PRO A 104 -16.79 -14.39 0.46
N ILE A 105 -16.73 -14.76 -0.81
CA ILE A 105 -15.52 -14.52 -1.62
C ILE A 105 -15.49 -13.08 -2.11
N LEU A 106 -14.38 -12.39 -1.82
CA LEU A 106 -14.22 -11.00 -2.23
C LEU A 106 -12.88 -10.78 -2.92
N ILE A 107 -12.75 -9.64 -3.59
CA ILE A 107 -11.51 -9.28 -4.29
C ILE A 107 -10.44 -8.90 -3.27
N SER A 108 -9.56 -9.85 -2.99
CA SER A 108 -8.49 -9.63 -2.04
C SER A 108 -7.31 -8.90 -2.67
N LYS A 109 -7.12 -9.08 -3.98
CA LYS A 109 -6.02 -8.43 -4.67
C LYS A 109 -6.36 -8.09 -6.11
N ILE A 110 -5.99 -6.89 -6.53
CA ILE A 110 -6.23 -6.43 -7.89
C ILE A 110 -4.93 -5.99 -8.54
N PHE A 111 -4.57 -6.63 -9.65
CA PHE A 111 -3.35 -6.31 -10.36
C PHE A 111 -3.55 -5.09 -11.28
N LYS A 112 -2.73 -4.08 -11.08
CA LYS A 112 -2.81 -2.86 -11.88
C LYS A 112 -2.27 -3.09 -13.28
N GLY A 113 -2.94 -2.53 -14.28
CA GLY A 113 -2.51 -2.70 -15.65
C GLY A 113 -3.23 -3.84 -16.35
N LEU A 114 -3.68 -4.82 -15.57
CA LEU A 114 -4.38 -5.96 -16.12
C LEU A 114 -5.88 -5.68 -16.26
N ALA A 115 -6.63 -6.68 -16.69
CA ALA A 115 -8.07 -6.54 -16.86
C ALA A 115 -8.74 -6.11 -15.56
N ALA A 116 -8.18 -6.56 -14.45
CA ALA A 116 -8.73 -6.23 -13.13
C ALA A 116 -8.75 -4.72 -12.92
N ASP A 117 -7.69 -4.05 -13.36
CA ASP A 117 -7.59 -2.61 -13.22
C ASP A 117 -8.52 -1.89 -14.20
N GLN A 118 -8.56 -2.40 -15.44
CA GLN A 118 -9.41 -1.81 -16.47
C GLN A 118 -10.87 -1.83 -16.05
N THR A 119 -11.24 -2.83 -15.24
CA THR A 119 -12.61 -2.96 -14.76
C THR A 119 -12.78 -2.32 -13.40
N GLU A 120 -12.79 -0.99 -13.37
CA GLU A 120 -12.95 -0.25 -12.12
C GLU A 120 -14.26 -0.64 -11.43
N ALA A 121 -15.19 -1.21 -12.20
CA ALA A 121 -16.49 -1.63 -11.67
C ALA A 121 -16.33 -2.41 -10.37
N LEU A 122 -15.20 -3.11 -10.25
CA LEU A 122 -14.93 -3.90 -9.05
C LEU A 122 -13.75 -3.32 -8.28
N PHE A 123 -13.77 -3.50 -6.97
CA PHE A 123 -12.69 -2.99 -6.11
C PHE A 123 -12.27 -4.05 -5.09
N VAL A 124 -11.07 -3.87 -4.54
CA VAL A 124 -10.55 -4.80 -3.55
C VAL A 124 -11.43 -4.84 -2.30
N GLY A 125 -12.52 -5.58 -2.38
CA GLY A 125 -13.44 -5.67 -1.26
C GLY A 125 -14.89 -5.83 -1.69
N ASP A 126 -15.11 -6.62 -2.74
CA ASP A 126 -16.45 -6.84 -3.26
C ASP A 126 -16.81 -8.32 -3.22
N ALA A 127 -17.81 -8.67 -2.42
CA ALA A 127 -18.24 -10.05 -2.29
C ALA A 127 -19.02 -10.50 -3.51
N ILE A 128 -18.52 -11.56 -4.16
CA ILE A 128 -19.17 -12.10 -5.35
C ILE A 128 -20.45 -12.85 -4.98
N LEU A 129 -21.33 -13.03 -5.95
CA LEU A 129 -22.59 -13.71 -5.71
C LEU A 129 -23.07 -14.46 -6.95
N SER A 130 -22.86 -13.87 -8.12
CA SER A 130 -23.29 -14.50 -9.38
C SER A 130 -22.29 -14.27 -10.50
N VAL A 131 -21.81 -15.35 -11.11
CA VAL A 131 -20.85 -15.26 -12.20
C VAL A 131 -21.45 -15.83 -13.49
N ASN A 132 -21.12 -15.21 -14.62
CA ASN A 132 -21.61 -15.65 -15.94
C ASN A 132 -23.02 -16.21 -15.84
N GLY A 133 -23.84 -15.59 -15.00
CA GLY A 133 -25.21 -16.05 -14.82
C GLY A 133 -25.27 -17.33 -14.00
N GLU A 134 -24.67 -17.29 -12.82
CA GLU A 134 -24.65 -18.43 -11.92
C GLU A 134 -24.31 -17.97 -10.52
N ASP A 135 -25.31 -18.03 -9.68
CA ASP A 135 -25.19 -17.63 -8.29
C ASP A 135 -24.31 -18.60 -7.51
N LEU A 136 -23.19 -18.07 -7.00
CA LEU A 136 -22.26 -18.88 -6.22
C LEU A 136 -22.55 -18.77 -4.73
N SER A 137 -23.81 -18.43 -4.41
CA SER A 137 -24.23 -18.30 -3.03
C SER A 137 -23.79 -19.50 -2.20
N SER A 138 -23.67 -20.65 -2.87
CA SER A 138 -23.25 -21.88 -2.23
C SER A 138 -22.03 -22.46 -2.94
N ALA A 139 -21.03 -21.60 -3.12
CA ALA A 139 -19.81 -22.00 -3.79
C ALA A 139 -18.60 -21.39 -3.09
N THR A 140 -18.08 -22.11 -2.10
CA THR A 140 -16.92 -21.67 -1.32
C THR A 140 -15.81 -21.13 -2.22
N HIS A 141 -14.75 -20.63 -1.59
CA HIS A 141 -13.60 -20.07 -2.31
C HIS A 141 -13.19 -20.94 -3.50
N ASP A 142 -12.86 -22.19 -3.21
CA ASP A 142 -12.44 -23.12 -4.27
C ASP A 142 -13.41 -23.10 -5.44
N GLU A 143 -14.68 -22.84 -5.15
CA GLU A 143 -15.70 -22.79 -6.19
C GLU A 143 -15.56 -21.50 -6.98
N ALA A 144 -15.15 -20.43 -6.31
CA ALA A 144 -14.97 -19.14 -6.96
C ALA A 144 -13.77 -19.16 -7.88
N VAL A 145 -12.70 -19.81 -7.42
CA VAL A 145 -11.47 -19.92 -8.20
C VAL A 145 -11.70 -20.80 -9.43
N GLN A 146 -12.51 -21.84 -9.25
CA GLN A 146 -12.82 -22.76 -10.34
C GLN A 146 -13.79 -22.11 -11.33
N ALA A 147 -14.81 -21.45 -10.81
CA ALA A 147 -15.81 -20.80 -11.63
C ALA A 147 -15.21 -19.67 -12.47
N LEU A 148 -14.17 -19.03 -11.95
CA LEU A 148 -13.53 -17.93 -12.66
C LEU A 148 -12.51 -18.42 -13.69
N LYS A 149 -11.81 -19.50 -13.37
CA LYS A 149 -10.82 -20.05 -14.29
C LYS A 149 -11.46 -20.56 -15.57
N LYS A 150 -12.52 -21.35 -15.42
CA LYS A 150 -13.23 -21.90 -16.57
C LYS A 150 -13.77 -20.78 -17.46
N THR A 151 -14.04 -19.63 -16.85
CA THR A 151 -14.55 -18.48 -17.59
C THR A 151 -13.59 -18.06 -18.69
N GLY A 152 -14.00 -17.10 -19.51
CA GLY A 152 -13.16 -16.64 -20.59
C GLY A 152 -13.90 -15.83 -21.63
N LYS A 153 -14.74 -16.51 -22.43
CA LYS A 153 -15.51 -15.85 -23.48
C LYS A 153 -16.12 -14.54 -22.99
N GLU A 154 -16.59 -14.54 -21.75
CA GLU A 154 -17.18 -13.36 -21.14
C GLU A 154 -17.40 -13.59 -19.66
N VAL A 155 -16.54 -12.99 -18.86
CA VAL A 155 -16.62 -13.12 -17.42
C VAL A 155 -17.56 -12.10 -16.80
N VAL A 156 -18.85 -12.43 -16.78
CA VAL A 156 -19.85 -11.55 -16.19
C VAL A 156 -19.94 -11.78 -14.69
N LEU A 157 -19.04 -11.14 -13.95
CA LEU A 157 -19.01 -11.29 -12.50
C LEU A 157 -19.99 -10.35 -11.81
N GLU A 158 -20.71 -10.89 -10.83
CA GLU A 158 -21.68 -10.11 -10.06
C GLU A 158 -21.27 -10.09 -8.59
N VAL A 159 -20.97 -8.89 -8.09
CA VAL A 159 -20.55 -8.74 -6.71
C VAL A 159 -21.36 -7.68 -5.98
N LYS A 160 -21.19 -7.61 -4.66
CA LYS A 160 -21.89 -6.64 -3.84
C LYS A 160 -20.96 -6.05 -2.79
N TYR A 161 -21.21 -4.80 -2.41
CA TYR A 161 -20.39 -4.12 -1.41
C TYR A 161 -20.67 -4.66 -0.01
N MET A 162 -19.64 -5.18 0.64
CA MET A 162 -19.77 -5.71 1.99
C MET A 162 -19.21 -4.76 3.02
N LYS A 163 -17.91 -4.53 2.95
CA LYS A 163 -17.21 -3.64 3.87
C LYS A 163 -17.19 -4.22 5.27
N GLU A 164 -16.00 -4.63 5.68
CA GLU A 164 -15.79 -5.20 6.99
C GLU A 164 -16.64 -6.45 7.19
N VAL A 165 -16.01 -7.61 6.99
CA VAL A 165 -16.70 -8.89 7.13
C VAL A 165 -16.04 -9.74 8.21
N SER A 166 -14.71 -9.76 8.21
CA SER A 166 -13.96 -10.54 9.18
C SER A 166 -13.63 -9.70 10.42
N PRO A 167 -12.99 -8.53 10.23
CA PRO A 167 -12.62 -7.65 11.34
C PRO A 167 -13.81 -7.30 12.22
N TYR A 168 -13.72 -7.66 13.49
CA TYR A 168 -14.78 -7.39 14.45
C TYR A 168 -14.36 -7.75 15.87
N PHE A 169 -14.59 -6.84 16.80
CA PHE A 169 -14.23 -7.05 18.20
C PHE A 169 -12.74 -7.33 18.35
N LYS A 170 -12.00 -6.36 18.87
CA LYS A 170 -10.57 -6.51 19.06
C LYS A 170 -10.26 -7.15 20.41
N ASN A 171 -9.59 -8.30 20.37
CA ASN A 171 -9.23 -9.00 21.60
C ASN A 171 -7.77 -8.80 21.94
N SER A 172 -7.51 -7.93 22.92
CA SER A 172 -6.14 -7.65 23.35
C SER A 172 -6.12 -7.15 24.79
N ALA A 173 -6.34 -8.06 25.73
CA ALA A 173 -6.35 -7.72 27.15
C ALA A 173 -5.85 -8.88 28.00
N GLY A 174 -5.34 -8.56 29.18
CA GLY A 174 -4.83 -9.59 30.07
C GLY A 174 -3.32 -9.61 30.13
N GLY A 175 -2.78 -10.21 31.19
CA GLY A 175 -1.34 -10.29 31.35
C GLY A 175 -0.92 -11.28 32.42
N THR A 176 0.31 -11.14 32.91
CA THR A 176 0.82 -12.04 33.94
C THR A 176 1.45 -11.24 35.08
N SER A 177 1.13 -11.63 36.31
CA SER A 177 1.65 -10.95 37.49
C SER A 177 3.14 -11.25 37.65
N VAL A 178 3.98 -10.26 37.34
CA VAL A 178 5.42 -10.42 37.46
C VAL A 178 6.05 -9.22 38.16
N GLY A 179 6.63 -9.46 39.32
CA GLY A 179 7.27 -8.38 40.08
C GLY A 179 8.50 -8.85 40.83
N TRP A 180 9.04 -10.01 40.43
CA TRP A 180 10.22 -10.55 41.07
C TRP A 180 11.43 -10.46 40.16
N ASP A 181 11.47 -9.41 39.33
CA ASP A 181 12.58 -9.20 38.41
C ASP A 181 12.99 -7.74 38.38
N SER A 182 14.26 -7.47 38.66
CA SER A 182 14.78 -6.11 38.66
C SER A 182 14.72 -5.50 37.26
N PRO A 183 14.77 -4.16 37.16
CA PRO A 183 14.73 -3.46 35.88
C PRO A 183 15.78 -3.98 34.90
N PRO A 184 15.58 -3.73 33.59
CA PRO A 184 16.52 -4.17 32.56
C PRO A 184 17.81 -3.36 32.56
N ALA A 185 18.54 -3.44 33.67
CA ALA A 185 19.79 -2.70 33.80
C ALA A 185 20.84 -3.54 34.54
N SER A 186 22.10 -3.14 34.42
CA SER A 186 23.20 -3.85 35.07
C SER A 186 24.42 -2.95 35.23
N PRO A 187 24.74 -2.53 36.47
CA PRO A 187 25.89 -1.66 36.73
C PRO A 187 27.17 -2.18 36.07
N LEU A 188 27.60 -1.49 35.02
CA LEU A 188 28.81 -1.88 34.30
C LEU A 188 30.02 -1.85 35.22
N GLN A 189 30.85 -2.88 35.13
CA GLN A 189 32.05 -2.99 35.95
C GLN A 189 33.25 -2.37 35.23
N ARG A 190 33.36 -2.65 33.95
CA ARG A 190 34.47 -2.12 33.15
C ARG A 190 34.03 -1.85 31.72
N GLN A 191 34.47 -0.72 31.18
CA GLN A 191 34.12 -0.34 29.81
C GLN A 191 35.29 0.35 29.12
N PRO A 192 36.35 -0.40 28.79
CA PRO A 192 37.54 0.15 28.11
C PRO A 192 37.27 0.49 26.65
N SER A 193 37.40 1.76 26.31
CA SER A 193 37.18 2.21 24.94
C SER A 193 38.38 1.88 24.06
N SER A 194 38.25 2.18 22.77
CA SER A 194 39.33 1.91 21.82
C SER A 194 38.96 2.38 20.41
N PRO A 195 37.89 1.80 19.83
CA PRO A 195 37.43 2.17 18.48
C PRO A 195 36.92 3.60 18.40
N GLY A 196 36.02 3.94 19.33
CA GLY A 196 35.46 5.29 19.34
C GLY A 196 34.73 5.62 18.06
N PRO A 197 33.60 4.95 17.78
CA PRO A 197 32.81 5.20 16.57
C PRO A 197 32.45 6.67 16.41
N GLN A 198 31.92 7.03 15.24
CA GLN A 198 31.53 8.39 14.96
C GLN A 198 30.04 8.61 15.24
N PRO A 199 29.71 9.48 16.21
CA PRO A 199 28.31 9.77 16.56
C PRO A 199 27.58 10.55 15.48
N ARG A 200 26.29 10.75 15.67
CA ARG A 200 25.47 11.47 14.70
C ARG A 200 25.50 10.78 13.34
N ASN A 201 24.38 10.16 12.99
CA ASN A 201 24.27 9.46 11.72
C ASN A 201 22.93 9.77 11.03
N LEU A 202 22.91 10.85 10.26
CA LEU A 202 21.71 11.26 9.55
C LEU A 202 20.59 11.60 10.54
N SER A 203 20.15 12.85 10.53
CA SER A 203 19.09 13.31 11.41
C SER A 203 18.70 14.75 11.11
N GLU A 204 18.62 15.07 9.83
CA GLU A 204 18.26 16.42 9.40
C GLU A 204 17.34 16.38 8.18
N ALA A 205 17.89 15.94 7.07
CA ALA A 205 17.13 15.85 5.83
C ALA A 205 17.88 15.04 4.78
N LYS A 206 17.18 14.62 3.74
CA LYS A 206 17.78 13.84 2.67
C LYS A 206 17.30 14.32 1.30
N HIS A 207 18.21 14.87 0.51
CA HIS A 207 17.88 15.37 -0.82
C HIS A 207 18.41 14.42 -1.90
N VAL A 208 17.49 13.71 -2.56
CA VAL A 208 17.86 12.78 -3.61
C VAL A 208 17.54 13.36 -4.99
N SER A 209 18.44 13.10 -5.94
CA SER A 209 18.25 13.59 -7.30
C SER A 209 17.16 12.81 -8.02
N LEU A 210 17.08 12.98 -9.34
CA LEU A 210 16.08 12.30 -10.14
C LEU A 210 16.56 12.08 -11.57
N LYS A 211 17.75 11.50 -11.69
CA LYS A 211 18.33 11.23 -13.00
C LYS A 211 18.44 9.73 -13.27
N MET A 212 18.62 8.96 -12.20
CA MET A 212 18.73 7.51 -12.31
C MET A 212 18.47 6.84 -10.96
N ALA A 213 17.35 7.18 -10.33
CA ALA A 213 16.99 6.62 -9.04
C ALA A 213 15.98 5.49 -9.21
N TYR A 214 15.81 4.69 -8.15
CA TYR A 214 14.87 3.58 -8.17
C TYR A 214 14.09 3.49 -6.87
N VAL A 215 13.07 2.64 -6.85
CA VAL A 215 12.24 2.47 -5.66
C VAL A 215 12.06 0.99 -5.32
N SER A 216 12.13 0.67 -4.04
CA SER A 216 11.99 -0.71 -3.58
C SER A 216 10.76 -0.86 -2.69
N ARG A 217 9.98 -1.91 -2.93
CA ARG A 217 8.78 -2.18 -2.15
C ARG A 217 8.85 -3.57 -1.51
N ARG A 218 8.95 -3.60 -0.19
CA ARG A 218 9.03 -4.88 0.54
C ARG A 218 8.17 -4.86 1.80
N CYS A 219 8.03 -6.02 2.43
CA CYS A 219 7.24 -6.14 3.65
C CYS A 219 8.02 -6.94 4.70
N THR A 220 7.58 -6.89 5.96
CA THR A 220 8.28 -7.62 7.03
C THR A 220 7.61 -7.49 8.40
N PRO A 221 7.44 -6.25 8.92
CA PRO A 221 6.83 -6.02 10.25
C PRO A 221 5.46 -6.66 10.40
N THR A 222 5.44 -7.95 10.73
CA THR A 222 4.20 -8.69 10.93
C THR A 222 3.20 -8.42 9.80
N ASP A 223 3.72 -8.27 8.59
CA ASP A 223 2.89 -8.01 7.41
C ASP A 223 1.80 -6.96 7.69
N PRO A 224 2.20 -5.67 7.83
CA PRO A 224 1.29 -4.58 8.08
C PRO A 224 0.85 -3.92 6.77
N GLU A 225 1.82 -3.30 6.10
CA GLU A 225 1.59 -2.65 4.82
C GLU A 225 2.48 -3.30 3.77
N PRO A 226 1.91 -4.18 2.94
CA PRO A 226 2.67 -4.92 1.91
C PRO A 226 3.31 -4.01 0.87
N ARG A 227 4.19 -3.11 1.33
CA ARG A 227 4.89 -2.20 0.41
C ARG A 227 5.70 -1.15 1.16
N TYR A 228 6.95 -1.49 1.47
CA TYR A 228 7.84 -0.55 2.15
C TYR A 228 8.75 0.10 1.12
N LEU A 229 8.61 1.40 0.95
CA LEU A 229 9.39 2.14 -0.03
C LEU A 229 10.87 2.23 0.35
N GLU A 230 11.72 2.12 -0.68
CA GLU A 230 13.16 2.20 -0.50
C GLU A 230 13.78 2.94 -1.68
N ILE A 231 13.85 4.26 -1.56
CA ILE A 231 14.40 5.09 -2.62
C ILE A 231 15.92 4.97 -2.71
N CYS A 232 16.39 4.16 -3.64
CA CYS A 232 17.83 3.96 -3.84
C CYS A 232 18.32 4.72 -5.05
N ALA A 233 18.95 5.86 -4.82
CA ALA A 233 19.47 6.68 -5.91
C ALA A 233 20.66 6.02 -6.59
N ALA A 234 20.36 5.08 -7.49
CA ALA A 234 21.39 4.35 -8.21
C ALA A 234 22.38 3.69 -7.26
N ASP A 235 21.91 3.39 -6.05
CA ASP A 235 22.75 2.75 -5.04
C ASP A 235 24.15 3.36 -4.99
N GLY A 236 24.23 4.66 -5.25
CA GLY A 236 25.52 5.33 -5.22
C GLY A 236 25.42 6.80 -4.87
N GLN A 237 24.37 7.17 -4.14
CA GLN A 237 24.17 8.56 -3.74
C GLN A 237 23.38 8.64 -2.44
N ASP A 238 22.11 8.24 -2.51
CA ASP A 238 21.24 8.28 -1.35
C ASP A 238 20.43 6.98 -1.24
N ALA A 239 19.76 6.81 -0.10
CA ALA A 239 18.94 5.63 0.14
C ALA A 239 18.02 5.84 1.33
N VAL A 240 16.77 6.24 1.05
CA VAL A 240 15.80 6.47 2.10
C VAL A 240 14.64 5.49 2.01
N PHE A 241 14.34 4.84 3.12
CA PHE A 241 13.25 3.87 3.17
C PHE A 241 12.15 4.37 4.11
N LEU A 242 10.91 4.38 3.61
CA LEU A 242 9.78 4.85 4.40
C LEU A 242 8.49 4.18 3.94
N ARG A 243 7.43 4.37 4.72
CA ARG A 243 6.12 3.79 4.41
C ARG A 243 5.01 4.81 4.61
N ALA A 244 3.88 4.60 3.94
CA ALA A 244 2.74 5.50 4.05
C ALA A 244 1.79 5.07 5.15
N LYS A 245 0.81 5.92 5.46
CA LYS A 245 -0.17 5.62 6.49
C LYS A 245 -1.01 4.41 6.11
N ASP A 246 -1.27 4.27 4.81
CA ASP A 246 -2.06 3.16 4.31
C ASP A 246 -1.36 2.50 3.11
N GLU A 247 -1.77 1.29 2.79
CA GLU A 247 -1.18 0.56 1.68
C GLU A 247 -1.37 1.33 0.37
N ALA A 248 -2.46 2.06 0.27
CA ALA A 248 -2.74 2.84 -0.92
C ALA A 248 -1.82 4.05 -1.00
N SER A 249 -1.68 4.76 0.12
CA SER A 249 -0.81 5.92 0.18
C SER A 249 0.60 5.52 -0.26
N ALA A 250 0.96 4.28 0.03
CA ALA A 250 2.26 3.76 -0.35
C ALA A 250 2.27 3.39 -1.83
N ARG A 251 1.12 2.91 -2.32
CA ARG A 251 1.00 2.55 -3.72
C ARG A 251 1.19 3.78 -4.57
N SER A 252 0.64 4.90 -4.09
CA SER A 252 0.75 6.16 -4.80
C SER A 252 2.13 6.78 -4.58
N TRP A 253 2.74 6.48 -3.43
CA TRP A 253 4.06 7.00 -3.13
C TRP A 253 5.09 6.38 -4.05
N ALA A 254 5.14 5.06 -4.04
CA ALA A 254 6.07 4.33 -4.89
C ALA A 254 5.83 4.68 -6.35
N GLY A 255 4.56 4.75 -6.74
CA GLY A 255 4.22 5.10 -8.10
C GLY A 255 4.55 6.56 -8.39
N ALA A 256 4.47 7.39 -7.34
CA ALA A 256 4.75 8.81 -7.46
C ALA A 256 6.24 9.04 -7.66
N ILE A 257 7.07 8.38 -6.85
CA ILE A 257 8.51 8.52 -6.96
C ILE A 257 8.98 8.04 -8.32
N GLN A 258 8.43 6.90 -8.76
CA GLN A 258 8.78 6.33 -10.04
C GLN A 258 8.51 7.33 -11.16
N ALA A 259 7.34 7.98 -11.10
CA ALA A 259 6.97 8.96 -12.09
C ALA A 259 7.67 10.31 -11.82
N GLN A 260 8.16 10.48 -10.60
CA GLN A 260 8.85 11.70 -10.22
C GLN A 260 10.32 11.64 -10.64
N ILE A 261 10.93 10.45 -10.51
CA ILE A 261 12.32 10.26 -10.88
C ILE A 261 12.50 10.31 -12.39
N GLY A 262 11.97 9.28 -13.06
CA GLY A 262 12.09 9.21 -14.51
C GLY A 262 13.32 8.47 -14.97
N THR A 263 13.28 7.15 -14.87
CA THR A 263 14.41 6.31 -15.26
C THR A 263 14.51 6.22 -16.78
N ALA A 1 4.15 17.45 -24.51
CA ALA A 1 4.83 16.23 -24.03
C ALA A 1 5.01 16.27 -22.51
N SER A 2 4.36 15.35 -21.81
CA SER A 2 4.45 15.28 -20.35
C SER A 2 4.87 13.89 -19.90
N GLY A 3 6.12 13.76 -19.47
CA GLY A 3 6.63 12.48 -19.02
C GLY A 3 6.75 12.41 -17.51
N ARG A 4 5.66 12.06 -16.83
CA ARG A 4 5.65 11.96 -15.38
C ARG A 4 6.43 10.73 -14.93
N ARG A 5 6.89 10.77 -13.68
CA ARG A 5 7.66 9.65 -13.12
C ARG A 5 7.03 9.18 -11.81
N ALA A 6 7.79 8.40 -11.05
CA ALA A 6 7.31 7.87 -9.77
C ALA A 6 8.33 8.11 -8.67
N PRO A 7 7.95 8.86 -7.62
CA PRO A 7 8.85 9.15 -6.50
C PRO A 7 9.26 7.89 -5.75
N ARG A 8 10.58 7.68 -5.64
CA ARG A 8 11.11 6.52 -4.93
C ARG A 8 11.13 6.75 -3.43
N THR A 9 10.15 6.18 -2.73
CA THR A 9 10.07 6.32 -1.28
C THR A 9 10.46 5.02 -0.58
N GLY A 10 11.15 5.15 0.55
CA GLY A 10 11.57 3.99 1.30
C GLY A 10 12.09 4.33 2.67
N LEU A 11 12.07 3.36 3.58
CA LEU A 11 12.54 3.56 4.94
C LEU A 11 14.06 3.73 4.97
N LEU A 12 14.52 4.82 5.58
CA LEU A 12 15.94 5.10 5.68
C LEU A 12 16.28 5.78 7.01
N GLU A 13 16.79 4.99 7.95
CA GLU A 13 17.17 5.52 9.26
C GLU A 13 18.47 6.30 9.19
N LEU A 14 18.61 7.28 10.08
CA LEU A 14 19.82 8.10 10.12
C LEU A 14 20.47 8.04 11.50
N ARG A 15 21.69 8.56 11.59
CA ARG A 15 22.42 8.56 12.86
C ARG A 15 22.70 10.00 13.31
N CYS A 16 22.42 10.29 14.57
CA CYS A 16 22.65 11.61 15.13
C CYS A 16 24.06 11.73 15.70
N GLY A 17 24.75 12.80 15.33
CA GLY A 17 26.10 13.00 15.82
C GLY A 17 26.96 13.79 14.84
N ALA A 18 27.16 13.23 13.66
CA ALA A 18 27.96 13.88 12.63
C ALA A 18 29.39 14.10 13.10
N GLY A 19 30.21 13.05 13.02
CA GLY A 19 31.59 13.15 13.45
C GLY A 19 32.03 11.95 14.26
N SER A 20 33.28 11.56 14.10
CA SER A 20 33.83 10.41 14.83
C SER A 20 34.10 10.78 16.29
N GLY A 21 34.25 9.77 17.13
CA GLY A 21 34.51 9.99 18.53
C GLY A 21 34.23 8.77 19.39
N ALA A 22 33.30 7.94 18.94
CA ALA A 22 32.94 6.73 19.66
C ALA A 22 32.39 7.07 21.05
N GLY A 23 31.06 7.12 21.17
CA GLY A 23 30.45 7.43 22.44
C GLY A 23 29.28 8.39 22.31
N GLY A 24 28.11 7.85 21.98
CA GLY A 24 26.93 8.67 21.83
C GLY A 24 26.15 8.34 20.58
N GLU A 25 25.60 7.13 20.53
CA GLU A 25 24.82 6.69 19.38
C GLU A 25 23.34 7.01 19.56
N ARG A 26 22.64 7.25 18.45
CA ARG A 26 21.22 7.57 18.48
C ARG A 26 20.68 7.77 17.07
N TRP A 27 19.97 6.77 16.57
CA TRP A 27 19.40 6.83 15.23
C TRP A 27 17.91 7.13 15.28
N GLN A 28 17.36 7.53 14.15
CA GLN A 28 15.94 7.85 14.05
C GLN A 28 15.34 7.30 12.76
N ARG A 29 14.21 6.62 12.88
CA ARG A 29 13.54 6.04 11.71
C ARG A 29 12.88 7.13 10.88
N VAL A 30 13.33 7.29 9.64
CA VAL A 30 12.78 8.29 8.74
C VAL A 30 12.69 7.76 7.31
N LEU A 31 11.60 8.07 6.63
CA LEU A 31 11.40 7.62 5.26
C LEU A 31 11.83 8.69 4.25
N LEU A 32 12.62 8.30 3.26
CA LEU A 32 13.09 9.22 2.24
C LEU A 32 12.15 9.24 1.05
N SER A 33 12.12 10.35 0.33
CA SER A 33 11.26 10.49 -0.84
C SER A 33 11.99 11.20 -1.97
N LEU A 34 12.39 10.44 -2.99
CA LEU A 34 13.09 11.00 -4.13
C LEU A 34 12.19 11.04 -5.36
N ALA A 35 11.80 12.24 -5.77
CA ALA A 35 10.93 12.41 -6.93
C ALA A 35 11.74 12.41 -8.22
N GLU A 36 12.38 13.55 -8.51
CA GLU A 36 13.19 13.69 -9.71
C GLU A 36 14.38 14.60 -9.45
N ASP A 37 14.11 15.89 -9.32
CA ASP A 37 15.15 16.87 -9.06
C ASP A 37 15.03 17.41 -7.63
N ALA A 38 14.52 16.57 -6.74
CA ALA A 38 14.35 16.95 -5.35
C ALA A 38 13.99 15.75 -4.48
N LEU A 39 14.64 15.63 -3.34
CA LEU A 39 14.39 14.53 -2.42
C LEU A 39 14.00 15.06 -1.04
N THR A 40 12.80 14.70 -0.60
CA THR A 40 12.31 15.13 0.70
C THR A 40 12.36 14.00 1.72
N VAL A 41 12.75 14.33 2.95
CA VAL A 41 12.84 13.34 4.02
C VAL A 41 11.81 13.63 5.11
N SER A 42 11.29 12.56 5.71
CA SER A 42 10.30 12.70 6.77
C SER A 42 10.04 11.36 7.46
N PRO A 43 9.54 11.39 8.70
CA PRO A 43 9.25 10.16 9.46
C PRO A 43 8.34 9.22 8.70
N ALA A 44 8.60 7.92 8.80
CA ALA A 44 7.81 6.91 8.13
C ALA A 44 6.35 6.98 8.57
N ASP A 45 5.43 6.72 7.64
CA ASP A 45 4.00 6.76 7.93
C ASP A 45 3.58 8.14 8.40
N GLY A 46 2.27 8.34 8.52
CA GLY A 46 1.75 9.63 8.96
C GLY A 46 1.82 10.68 7.87
N GLU A 47 0.70 10.92 7.21
CA GLU A 47 0.63 11.91 6.14
C GLU A 47 -0.36 13.01 6.48
N PRO A 48 0.07 14.02 7.27
CA PRO A 48 -0.78 15.13 7.67
C PRO A 48 -1.39 15.85 6.47
N GLY A 49 -2.69 16.12 6.55
CA GLY A 49 -3.38 16.81 5.46
C GLY A 49 -3.78 15.87 4.34
N PRO A 50 -4.62 14.85 4.65
CA PRO A 50 -5.07 13.89 3.64
C PRO A 50 -6.08 14.49 2.67
N GLU A 51 -5.74 14.50 1.39
CA GLU A 51 -6.62 15.05 0.36
C GLU A 51 -6.66 14.14 -0.87
N PRO A 52 -7.81 14.11 -1.57
CA PRO A 52 -7.97 13.28 -2.77
C PRO A 52 -7.21 13.84 -3.97
N GLU A 53 -6.99 12.99 -4.97
CA GLU A 53 -6.28 13.39 -6.17
C GLU A 53 -7.17 14.21 -7.11
N PRO A 54 -8.40 13.73 -7.40
CA PRO A 54 -9.33 14.43 -8.26
C PRO A 54 -10.04 15.59 -7.57
N ALA A 55 -10.92 16.27 -8.29
CA ALA A 55 -11.67 17.39 -7.74
C ALA A 55 -13.02 17.54 -8.41
N GLN A 56 -14.09 17.43 -7.63
CA GLN A 56 -15.44 17.54 -8.16
C GLN A 56 -15.90 18.99 -8.14
N LEU A 57 -17.02 19.26 -8.83
CA LEU A 57 -17.56 20.61 -8.90
C LEU A 57 -18.72 20.78 -7.92
N ASN A 58 -18.96 22.01 -7.50
CA ASN A 58 -20.05 22.29 -6.56
C ASN A 58 -21.38 22.40 -7.28
N GLY A 59 -22.46 22.06 -6.58
CA GLY A 59 -23.78 22.12 -7.18
C GLY A 59 -24.77 21.21 -6.49
N ALA A 60 -25.37 20.29 -7.24
CA ALA A 60 -26.34 19.35 -6.69
C ALA A 60 -26.36 18.05 -7.49
N ALA A 61 -26.42 16.93 -6.77
CA ALA A 61 -26.46 15.62 -7.41
C ALA A 61 -26.83 14.53 -6.41
N GLU A 62 -28.12 14.27 -6.29
CA GLU A 62 -28.61 13.25 -5.37
C GLU A 62 -28.05 11.87 -5.74
N PRO A 63 -27.23 11.27 -4.85
CA PRO A 63 -26.64 9.95 -5.10
C PRO A 63 -27.67 8.84 -5.06
N GLY A 64 -27.71 8.03 -6.12
CA GLY A 64 -28.65 6.94 -6.19
C GLY A 64 -28.26 5.89 -7.21
N ALA A 65 -26.97 5.55 -7.25
CA ALA A 65 -26.47 4.56 -8.19
C ALA A 65 -25.20 3.90 -7.66
N ALA A 66 -25.17 3.64 -6.36
CA ALA A 66 -24.02 3.01 -5.73
C ALA A 66 -24.21 2.90 -4.22
N PRO A 67 -24.26 1.68 -3.68
CA PRO A 67 -24.43 1.44 -2.24
C PRO A 67 -23.22 1.90 -1.43
N PRO A 68 -23.42 2.81 -0.46
CA PRO A 68 -22.33 3.31 0.38
C PRO A 68 -21.93 2.32 1.47
N GLN A 69 -21.57 1.11 1.05
CA GLN A 69 -21.16 0.07 2.00
C GLN A 69 -22.24 -0.18 3.05
N LEU A 70 -23.50 -0.12 2.62
CA LEU A 70 -24.63 -0.33 3.52
C LEU A 70 -24.56 -1.71 4.16
N PRO A 71 -24.57 -2.77 3.34
CA PRO A 71 -24.51 -4.15 3.80
C PRO A 71 -23.11 -4.55 4.26
N GLU A 72 -22.94 -4.72 5.57
CA GLU A 72 -21.64 -5.09 6.11
C GLU A 72 -21.81 -5.99 7.35
N ALA A 73 -22.23 -5.39 8.45
CA ALA A 73 -22.41 -6.12 9.69
C ALA A 73 -21.10 -6.74 10.14
N LEU A 74 -20.07 -5.90 10.26
CA LEU A 74 -18.75 -6.34 10.68
C LEU A 74 -18.20 -7.40 9.72
N LEU A 75 -18.74 -7.39 8.51
CA LEU A 75 -18.33 -8.31 7.47
C LEU A 75 -18.21 -9.74 7.98
N LEU A 76 -19.28 -10.50 7.77
CA LEU A 76 -19.32 -11.89 8.21
C LEU A 76 -18.69 -12.81 7.17
N GLN A 77 -19.48 -13.16 6.15
CA GLN A 77 -19.02 -14.04 5.09
C GLN A 77 -20.00 -14.03 3.91
N ARG A 78 -19.58 -14.63 2.80
CA ARG A 78 -20.42 -14.69 1.60
C ARG A 78 -20.74 -13.29 1.08
N ARG A 79 -20.99 -13.19 -0.21
CA ARG A 79 -21.31 -11.92 -0.83
C ARG A 79 -22.61 -12.01 -1.63
N ARG A 80 -23.41 -10.94 -1.58
CA ARG A 80 -24.68 -10.90 -2.29
C ARG A 80 -24.83 -9.58 -3.05
N VAL A 81 -24.19 -9.49 -4.21
CA VAL A 81 -24.25 -8.29 -5.03
C VAL A 81 -25.58 -8.17 -5.74
N THR A 82 -25.91 -6.96 -6.18
CA THR A 82 -27.16 -6.70 -6.89
C THR A 82 -26.90 -6.01 -8.22
N VAL A 83 -27.79 -6.21 -9.18
CA VAL A 83 -27.65 -5.62 -10.51
C VAL A 83 -28.95 -4.99 -10.97
N ARG A 84 -29.01 -3.67 -10.94
CA ARG A 84 -30.20 -2.96 -11.38
C ARG A 84 -30.03 -2.44 -12.80
N LYS A 85 -30.91 -2.86 -13.69
CA LYS A 85 -30.85 -2.43 -15.09
C LYS A 85 -31.14 -0.94 -15.22
N ALA A 86 -32.08 -0.46 -14.42
CA ALA A 86 -32.45 0.94 -14.44
C ALA A 86 -31.59 1.77 -13.47
N ASP A 87 -31.26 2.99 -13.89
CA ASP A 87 -30.45 3.88 -13.07
C ASP A 87 -29.01 3.37 -12.95
N ALA A 88 -28.85 2.22 -12.29
CA ALA A 88 -27.54 1.62 -12.11
C ALA A 88 -26.79 1.48 -13.43
N GLY A 89 -27.27 0.56 -14.27
CA GLY A 89 -26.63 0.34 -15.56
C GLY A 89 -26.98 -1.00 -16.16
N GLY A 90 -25.97 -1.72 -16.64
CA GLY A 90 -26.20 -3.02 -17.24
C GLY A 90 -25.20 -4.06 -16.75
N LEU A 91 -24.24 -4.40 -17.62
CA LEU A 91 -23.22 -5.39 -17.27
C LEU A 91 -22.21 -5.54 -18.41
N GLY A 92 -20.95 -5.25 -18.12
CA GLY A 92 -19.91 -5.36 -19.13
C GLY A 92 -18.68 -6.09 -18.62
N ILE A 93 -18.84 -6.85 -17.55
CA ILE A 93 -17.73 -7.60 -16.97
C ILE A 93 -17.38 -8.80 -17.83
N SER A 94 -16.22 -9.40 -17.57
CA SER A 94 -15.78 -10.57 -18.33
C SER A 94 -15.38 -11.68 -17.36
N ILE A 95 -16.26 -12.67 -17.22
CA ILE A 95 -16.02 -13.80 -16.33
C ILE A 95 -15.33 -14.95 -17.07
N LYS A 96 -14.91 -15.94 -16.30
CA LYS A 96 -14.24 -17.11 -16.86
C LYS A 96 -14.50 -18.33 -15.99
N GLY A 97 -14.76 -19.46 -16.63
CA GLY A 97 -15.03 -20.69 -15.90
C GLY A 97 -15.06 -21.92 -16.78
N GLY A 98 -15.12 -23.09 -16.17
CA GLY A 98 -15.13 -24.33 -16.92
C GLY A 98 -15.44 -25.53 -16.05
N ARG A 99 -16.68 -25.62 -15.56
CA ARG A 99 -17.08 -26.72 -14.71
C ARG A 99 -17.11 -28.05 -15.47
N GLU A 100 -17.00 -27.97 -16.80
CA GLU A 100 -17.00 -29.18 -17.63
C GLU A 100 -16.09 -30.24 -17.02
N ASN A 101 -15.03 -29.77 -16.34
CA ASN A 101 -14.08 -30.66 -15.71
C ASN A 101 -14.04 -30.37 -14.20
N LYS A 102 -13.62 -29.17 -13.85
CA LYS A 102 -13.54 -28.75 -12.46
C LYS A 102 -13.09 -27.30 -12.33
N MET A 103 -13.43 -26.49 -13.33
CA MET A 103 -13.07 -25.08 -13.33
C MET A 103 -14.26 -24.21 -12.91
N PRO A 104 -14.21 -23.62 -11.70
CA PRO A 104 -15.29 -22.77 -11.19
C PRO A 104 -15.35 -21.43 -11.91
N ILE A 105 -16.53 -20.81 -11.90
CA ILE A 105 -16.73 -19.52 -12.54
C ILE A 105 -16.45 -18.37 -11.57
N LEU A 106 -15.67 -17.40 -12.03
CA LEU A 106 -15.33 -16.25 -11.21
C LEU A 106 -15.17 -14.99 -12.05
N ILE A 107 -15.12 -13.84 -11.38
CA ILE A 107 -14.96 -12.56 -12.05
C ILE A 107 -13.52 -12.38 -12.53
N SER A 108 -13.35 -12.33 -13.85
CA SER A 108 -12.03 -12.17 -14.44
C SER A 108 -11.81 -10.73 -14.87
N LYS A 109 -12.90 -9.99 -15.13
CA LYS A 109 -12.77 -8.61 -15.56
C LYS A 109 -13.99 -7.78 -15.16
N ILE A 110 -13.73 -6.60 -14.62
CA ILE A 110 -14.79 -5.69 -14.21
C ILE A 110 -14.72 -4.38 -15.01
N PHE A 111 -15.31 -4.39 -16.21
CA PHE A 111 -15.31 -3.22 -17.07
C PHE A 111 -15.95 -2.03 -16.38
N LYS A 112 -15.18 -0.95 -16.22
CA LYS A 112 -15.66 0.25 -15.58
C LYS A 112 -16.77 0.91 -16.40
N GLY A 113 -17.32 2.00 -15.87
CA GLY A 113 -18.38 2.70 -16.58
C GLY A 113 -19.58 1.82 -16.85
N LEU A 114 -19.92 0.96 -15.89
CA LEU A 114 -21.05 0.05 -16.04
C LEU A 114 -21.54 -0.43 -14.67
N ALA A 115 -22.50 -1.34 -14.68
CA ALA A 115 -23.06 -1.87 -13.44
C ALA A 115 -21.97 -2.46 -12.55
N ALA A 116 -20.91 -2.97 -13.19
CA ALA A 116 -19.79 -3.55 -12.46
C ALA A 116 -19.08 -2.51 -11.61
N ASP A 117 -19.08 -1.27 -12.09
CA ASP A 117 -18.44 -0.18 -11.37
C ASP A 117 -19.34 0.34 -10.25
N GLN A 118 -20.63 0.45 -10.53
CA GLN A 118 -21.58 0.92 -9.55
C GLN A 118 -21.71 -0.08 -8.39
N THR A 119 -21.54 -1.36 -8.71
CA THR A 119 -21.63 -2.41 -7.70
C THR A 119 -20.56 -2.24 -6.64
N GLU A 120 -19.32 -2.04 -7.08
CA GLU A 120 -18.19 -1.88 -6.17
C GLU A 120 -18.25 -2.91 -5.05
N ALA A 121 -18.80 -4.08 -5.37
CA ALA A 121 -18.93 -5.15 -4.40
C ALA A 121 -17.96 -6.29 -4.70
N LEU A 122 -17.61 -6.44 -5.97
CA LEU A 122 -16.68 -7.48 -6.39
C LEU A 122 -15.28 -6.91 -6.63
N PHE A 123 -14.30 -7.78 -6.76
CA PHE A 123 -12.92 -7.37 -7.00
C PHE A 123 -12.20 -8.34 -7.92
N VAL A 124 -12.82 -8.63 -9.06
CA VAL A 124 -12.25 -9.54 -10.04
C VAL A 124 -11.64 -10.79 -9.39
N GLY A 125 -12.30 -11.28 -8.34
CA GLY A 125 -11.81 -12.45 -7.65
C GLY A 125 -12.89 -13.10 -6.80
N ASP A 126 -14.14 -13.01 -7.26
CA ASP A 126 -15.26 -13.59 -6.54
C ASP A 126 -15.91 -14.71 -7.36
N ALA A 127 -16.16 -15.84 -6.70
CA ALA A 127 -16.77 -16.98 -7.37
C ALA A 127 -18.29 -17.00 -7.15
N ILE A 128 -19.04 -17.02 -8.24
CA ILE A 128 -20.49 -17.05 -8.17
C ILE A 128 -21.00 -18.43 -7.81
N LEU A 129 -22.24 -18.50 -7.31
CA LEU A 129 -22.84 -19.77 -6.93
C LEU A 129 -24.36 -19.67 -6.88
N SER A 130 -24.86 -18.56 -6.37
CA SER A 130 -26.30 -18.34 -6.27
C SER A 130 -26.68 -16.99 -6.88
N VAL A 131 -27.41 -17.04 -7.99
CA VAL A 131 -27.84 -15.82 -8.67
C VAL A 131 -29.35 -15.65 -8.58
N ASN A 132 -29.79 -14.38 -8.48
CA ASN A 132 -31.21 -14.04 -8.39
C ASN A 132 -32.01 -15.13 -7.69
N GLY A 133 -31.44 -15.68 -6.63
CA GLY A 133 -32.11 -16.73 -5.89
C GLY A 133 -32.16 -18.02 -6.67
N GLU A 134 -30.98 -18.51 -7.06
CA GLU A 134 -30.88 -19.74 -7.82
C GLU A 134 -29.43 -20.17 -7.90
N ASP A 135 -29.14 -21.27 -7.25
CA ASP A 135 -27.80 -21.82 -7.20
C ASP A 135 -27.38 -22.37 -8.55
N LEU A 136 -26.35 -21.78 -9.15
CA LEU A 136 -25.85 -22.22 -10.43
C LEU A 136 -24.67 -23.16 -10.26
N SER A 137 -24.62 -23.82 -9.11
CA SER A 137 -23.54 -24.76 -8.81
C SER A 137 -23.38 -25.78 -9.94
N SER A 138 -24.48 -26.04 -10.65
CA SER A 138 -24.46 -26.97 -11.77
C SER A 138 -24.69 -26.22 -13.07
N ALA A 139 -24.00 -25.11 -13.22
CA ALA A 139 -24.12 -24.28 -14.41
C ALA A 139 -22.76 -23.75 -14.84
N THR A 140 -22.07 -24.53 -15.66
CA THR A 140 -20.74 -24.17 -16.16
C THR A 140 -20.71 -22.74 -16.69
N HIS A 141 -19.55 -22.33 -17.19
CA HIS A 141 -19.36 -20.99 -17.73
C HIS A 141 -20.54 -20.55 -18.60
N ASP A 142 -20.78 -21.29 -19.67
CA ASP A 142 -21.87 -20.99 -20.60
C ASP A 142 -23.16 -20.64 -19.85
N GLU A 143 -23.48 -21.43 -18.84
CA GLU A 143 -24.68 -21.19 -18.04
C GLU A 143 -24.60 -19.86 -17.31
N ALA A 144 -23.39 -19.46 -16.91
CA ALA A 144 -23.20 -18.21 -16.20
C ALA A 144 -23.51 -17.02 -17.12
N VAL A 145 -23.09 -17.13 -18.37
CA VAL A 145 -23.32 -16.07 -19.34
C VAL A 145 -24.81 -15.89 -19.63
N GLN A 146 -25.51 -17.00 -19.79
CA GLN A 146 -26.94 -16.97 -20.07
C GLN A 146 -27.74 -16.68 -18.81
N ALA A 147 -27.28 -17.20 -17.68
CA ALA A 147 -27.95 -17.00 -16.40
C ALA A 147 -27.91 -15.54 -15.96
N LEU A 148 -26.85 -14.83 -16.35
CA LEU A 148 -26.70 -13.43 -15.97
C LEU A 148 -27.34 -12.49 -16.98
N LYS A 149 -27.15 -12.76 -18.26
CA LYS A 149 -27.70 -11.91 -19.32
C LYS A 149 -29.21 -11.98 -19.35
N LYS A 150 -29.75 -13.18 -19.51
CA LYS A 150 -31.20 -13.38 -19.57
C LYS A 150 -31.91 -12.63 -18.42
N THR A 151 -31.20 -12.47 -17.31
CA THR A 151 -31.76 -11.78 -16.16
C THR A 151 -32.17 -10.35 -16.51
N GLY A 152 -32.72 -9.63 -15.53
CA GLY A 152 -33.14 -8.27 -15.76
C GLY A 152 -34.06 -7.74 -14.68
N LYS A 153 -34.33 -6.44 -14.73
CA LYS A 153 -35.20 -5.79 -13.74
C LYS A 153 -34.46 -5.53 -12.44
N GLU A 154 -33.96 -6.60 -11.84
CA GLU A 154 -33.21 -6.53 -10.59
C GLU A 154 -32.57 -7.87 -10.29
N VAL A 155 -31.27 -7.93 -10.51
CA VAL A 155 -30.52 -9.16 -10.26
C VAL A 155 -29.85 -9.14 -8.89
N VAL A 156 -29.56 -10.34 -8.38
CA VAL A 156 -28.91 -10.48 -7.08
C VAL A 156 -27.90 -11.61 -7.11
N LEU A 157 -26.68 -11.29 -7.51
CA LEU A 157 -25.61 -12.29 -7.59
C LEU A 157 -25.02 -12.59 -6.22
N GLU A 158 -24.86 -13.87 -5.93
CA GLU A 158 -24.29 -14.31 -4.65
C GLU A 158 -22.98 -15.05 -4.90
N VAL A 159 -21.87 -14.37 -4.59
CA VAL A 159 -20.54 -14.95 -4.79
C VAL A 159 -19.83 -15.17 -3.46
N LYS A 160 -18.72 -15.89 -3.53
CA LYS A 160 -17.93 -16.18 -2.33
C LYS A 160 -16.44 -15.94 -2.60
N TYR A 161 -15.80 -15.20 -1.70
CA TYR A 161 -14.38 -14.91 -1.85
C TYR A 161 -13.53 -16.15 -1.66
N MET A 162 -13.21 -16.82 -2.76
CA MET A 162 -12.40 -18.04 -2.71
C MET A 162 -11.02 -17.74 -2.11
N LYS A 163 -10.32 -18.80 -1.71
CA LYS A 163 -8.99 -18.65 -1.13
C LYS A 163 -8.39 -20.01 -0.79
N GLU A 164 -9.24 -20.96 -0.41
CA GLU A 164 -8.79 -22.29 -0.05
C GLU A 164 -8.54 -23.14 -1.31
N VAL A 165 -7.69 -22.63 -2.19
CA VAL A 165 -7.35 -23.33 -3.43
C VAL A 165 -5.86 -23.23 -3.73
N SER A 166 -5.33 -22.02 -3.60
CA SER A 166 -3.92 -21.77 -3.86
C SER A 166 -3.45 -20.50 -3.15
N PRO A 167 -3.48 -20.49 -1.80
CA PRO A 167 -3.06 -19.34 -1.01
C PRO A 167 -1.58 -19.03 -1.17
N TYR A 168 -1.21 -17.77 -0.94
CA TYR A 168 0.18 -17.35 -1.05
C TYR A 168 0.83 -17.26 0.33
N PHE A 169 2.12 -17.53 0.39
CA PHE A 169 2.86 -17.47 1.64
C PHE A 169 4.34 -17.20 1.40
N LYS A 170 4.80 -16.04 1.85
CA LYS A 170 6.20 -15.66 1.69
C LYS A 170 7.05 -16.16 2.85
N ASN A 171 6.44 -16.93 3.76
CA ASN A 171 7.15 -17.46 4.92
C ASN A 171 7.66 -16.35 5.82
N SER A 172 7.56 -16.55 7.13
CA SER A 172 8.01 -15.57 8.10
C SER A 172 9.39 -15.92 8.63
N ALA A 173 9.82 -15.21 9.67
CA ALA A 173 11.12 -15.46 10.28
C ALA A 173 11.14 -15.02 11.75
N GLY A 174 10.67 -13.80 11.99
CA GLY A 174 10.64 -13.28 13.35
C GLY A 174 10.20 -11.83 13.41
N GLY A 175 10.66 -11.12 14.42
CA GLY A 175 10.29 -9.72 14.58
C GLY A 175 8.86 -9.55 15.05
N THR A 176 8.66 -8.65 16.01
CA THR A 176 7.33 -8.40 16.55
C THR A 176 7.32 -7.13 17.41
N SER A 177 6.20 -6.42 17.40
CA SER A 177 6.07 -5.20 18.18
C SER A 177 6.03 -5.51 19.68
N VAL A 178 7.13 -5.23 20.37
CA VAL A 178 7.21 -5.48 21.80
C VAL A 178 7.10 -4.18 22.59
N GLY A 179 7.10 -4.30 23.91
CA GLY A 179 7.00 -3.12 24.76
C GLY A 179 5.97 -3.28 25.86
N TRP A 180 4.91 -4.03 25.57
CA TRP A 180 3.85 -4.25 26.55
C TRP A 180 4.03 -5.61 27.23
N ASP A 181 5.28 -6.02 27.41
CA ASP A 181 5.59 -7.29 28.06
C ASP A 181 6.01 -7.08 29.51
N SER A 182 5.65 -8.03 30.36
CA SER A 182 5.99 -7.94 31.78
C SER A 182 5.37 -6.69 32.42
N PRO A 183 4.23 -6.85 33.12
CA PRO A 183 3.54 -5.72 33.77
C PRO A 183 4.36 -5.14 34.91
N PRO A 184 4.15 -3.85 35.23
CA PRO A 184 4.87 -3.17 36.31
C PRO A 184 4.79 -3.93 37.62
N ALA A 185 5.67 -3.58 38.56
CA ALA A 185 5.71 -4.23 39.86
C ALA A 185 5.98 -3.22 40.97
N SER A 186 6.25 -3.73 42.16
CA SER A 186 6.52 -2.86 43.31
C SER A 186 7.96 -2.32 43.26
N PRO A 187 8.95 -3.22 43.12
CA PRO A 187 10.36 -2.82 43.06
C PRO A 187 10.65 -1.86 41.91
N LEU A 188 10.48 -0.56 42.16
CA LEU A 188 10.71 0.45 41.14
C LEU A 188 12.20 0.77 41.03
N GLN A 189 12.56 1.52 39.98
CA GLN A 189 13.94 1.89 39.76
C GLN A 189 14.06 3.35 39.34
N ARG A 190 15.17 3.99 39.69
CA ARG A 190 15.40 5.39 39.35
C ARG A 190 15.65 5.54 37.85
N GLN A 191 14.66 6.09 37.14
CA GLN A 191 14.78 6.29 35.70
C GLN A 191 14.57 7.77 35.34
N PRO A 192 15.65 8.56 35.33
CA PRO A 192 15.57 9.99 35.01
C PRO A 192 15.24 10.23 33.54
N SER A 193 14.00 9.95 33.16
CA SER A 193 13.55 10.13 31.78
C SER A 193 14.31 9.20 30.84
N SER A 194 13.59 8.59 29.91
CA SER A 194 14.20 7.68 28.95
C SER A 194 13.15 7.13 27.98
N PRO A 195 12.15 6.40 28.49
CA PRO A 195 11.08 5.83 27.66
C PRO A 195 10.14 6.89 27.10
N GLY A 196 10.39 7.33 25.87
CA GLY A 196 9.56 8.33 25.25
C GLY A 196 10.33 9.61 24.94
N PRO A 197 10.89 9.73 23.73
CA PRO A 197 11.65 10.91 23.32
C PRO A 197 10.76 12.15 23.17
N GLN A 198 11.37 13.32 23.28
CA GLN A 198 10.64 14.58 23.15
C GLN A 198 10.65 15.07 21.70
N PRO A 199 9.59 15.78 21.29
CA PRO A 199 9.48 16.31 19.92
C PRO A 199 10.70 17.13 19.52
N ARG A 200 10.78 17.46 18.24
CA ARG A 200 11.91 18.24 17.72
C ARG A 200 13.23 17.51 17.92
N ASN A 201 13.83 17.08 16.81
CA ASN A 201 15.10 16.36 16.87
C ASN A 201 15.72 16.26 15.48
N LEU A 202 16.91 16.82 15.33
CA LEU A 202 17.63 16.80 14.05
C LEU A 202 16.85 17.55 12.97
N SER A 203 15.83 16.89 12.41
CA SER A 203 15.02 17.49 11.37
C SER A 203 13.91 16.53 10.92
N GLU A 204 12.70 16.76 11.42
CA GLU A 204 11.56 15.92 11.08
C GLU A 204 11.37 15.85 9.57
N ALA A 205 10.89 16.95 8.99
CA ALA A 205 10.67 17.02 7.55
C ALA A 205 11.78 17.81 6.86
N LYS A 206 12.81 17.10 6.42
CA LYS A 206 13.94 17.72 5.74
C LYS A 206 13.74 17.71 4.23
N HIS A 207 14.53 18.53 3.53
CA HIS A 207 14.45 18.61 2.07
C HIS A 207 15.80 18.97 1.47
N VAL A 208 16.22 18.20 0.47
CA VAL A 208 17.50 18.44 -0.19
C VAL A 208 17.34 18.43 -1.71
N SER A 209 17.51 19.58 -2.33
CA SER A 209 17.38 19.69 -3.78
C SER A 209 18.40 18.80 -4.48
N LEU A 210 18.38 18.82 -5.81
CA LEU A 210 19.30 18.02 -6.61
C LEU A 210 20.09 18.89 -7.56
N LYS A 211 21.06 19.63 -7.01
CA LYS A 211 21.89 20.52 -7.81
C LYS A 211 23.35 20.42 -7.37
N MET A 212 24.05 19.41 -7.89
CA MET A 212 25.45 19.19 -7.56
C MET A 212 25.60 18.57 -6.17
N ALA A 213 25.66 17.24 -6.12
CA ALA A 213 25.80 16.53 -4.86
C ALA A 213 26.72 15.31 -5.02
N TYR A 214 27.08 14.71 -3.90
CA TYR A 214 27.96 13.54 -3.90
C TYR A 214 27.36 12.41 -3.07
N VAL A 215 27.62 11.18 -3.49
CA VAL A 215 27.12 10.01 -2.78
C VAL A 215 28.25 9.06 -2.41
N SER A 216 28.20 8.53 -1.20
CA SER A 216 29.24 7.61 -0.72
C SER A 216 28.62 6.34 -0.15
N ARG A 217 29.44 5.31 0.00
CA ARG A 217 28.97 4.03 0.54
C ARG A 217 30.05 3.38 1.39
N ARG A 218 29.96 3.58 2.71
CA ARG A 218 30.92 3.01 3.64
C ARG A 218 30.36 1.76 4.32
N CYS A 219 31.25 0.94 4.87
CA CYS A 219 30.84 -0.28 5.55
C CYS A 219 30.75 -0.06 7.06
N THR A 220 29.94 -0.88 7.73
CA THR A 220 29.77 -0.78 9.17
C THR A 220 29.87 -2.15 9.82
N PRO A 221 30.54 -2.24 10.98
CA PRO A 221 30.70 -3.50 11.71
C PRO A 221 29.36 -4.16 12.05
N THR A 222 28.29 -3.36 12.03
CA THR A 222 26.96 -3.87 12.33
C THR A 222 26.10 -3.91 11.07
N ASP A 223 26.71 -4.33 9.97
CA ASP A 223 26.00 -4.42 8.70
C ASP A 223 26.07 -5.84 8.14
N PRO A 224 25.01 -6.64 8.34
CA PRO A 224 24.97 -8.03 7.85
C PRO A 224 25.28 -8.13 6.36
N GLU A 225 25.06 -7.03 5.63
CA GLU A 225 25.32 -7.00 4.19
C GLU A 225 25.28 -5.57 3.66
N PRO A 226 24.11 -4.91 3.72
CA PRO A 226 23.96 -3.54 3.24
C PRO A 226 24.99 -2.59 3.83
N ARG A 227 25.24 -1.48 3.15
CA ARG A 227 26.21 -0.50 3.61
C ARG A 227 25.53 0.82 3.97
N TYR A 228 26.33 1.80 4.37
CA TYR A 228 25.81 3.11 4.73
C TYR A 228 25.93 4.10 3.59
N LEU A 229 24.80 4.65 3.15
CA LEU A 229 24.78 5.60 2.05
C LEU A 229 24.84 7.04 2.57
N GLU A 230 25.73 7.84 1.99
CA GLU A 230 25.88 9.22 2.39
C GLU A 230 25.46 10.16 1.27
N ILE A 231 24.83 11.28 1.62
CA ILE A 231 24.37 12.25 0.64
C ILE A 231 24.86 13.65 0.98
N CYS A 232 26.07 13.97 0.54
CA CYS A 232 26.65 15.29 0.80
C CYS A 232 26.11 16.32 -0.19
N ALA A 233 25.28 17.23 0.29
CA ALA A 233 24.71 18.27 -0.55
C ALA A 233 25.77 19.28 -0.96
N ALA A 234 26.14 19.24 -2.24
CA ALA A 234 27.16 20.14 -2.77
C ALA A 234 28.42 20.14 -1.91
N ASP A 235 28.61 19.06 -1.16
CA ASP A 235 29.77 18.90 -0.28
C ASP A 235 30.12 20.21 0.42
N GLY A 236 29.09 21.00 0.74
CA GLY A 236 29.34 22.27 1.40
C GLY A 236 28.16 22.75 2.24
N GLN A 237 26.94 22.43 1.82
CA GLN A 237 25.76 22.88 2.55
C GLN A 237 25.20 21.76 3.44
N ASP A 238 24.40 20.88 2.85
CA ASP A 238 23.79 19.79 3.60
C ASP A 238 24.56 18.49 3.42
N ALA A 239 24.21 17.50 4.23
CA ALA A 239 24.85 16.18 4.19
C ALA A 239 24.09 15.19 5.06
N VAL A 240 23.22 14.40 4.43
CA VAL A 240 22.44 13.42 5.17
C VAL A 240 22.95 12.00 4.96
N PHE A 241 22.83 11.18 5.99
CA PHE A 241 23.27 9.79 5.93
C PHE A 241 22.13 8.84 6.27
N LEU A 242 22.02 7.76 5.52
CA LEU A 242 20.95 6.78 5.74
C LEU A 242 21.43 5.37 5.41
N ARG A 243 20.62 4.37 5.78
CA ARG A 243 20.95 2.98 5.52
C ARG A 243 19.78 2.26 4.87
N ALA A 244 19.99 1.77 3.65
CA ALA A 244 18.95 1.06 2.92
C ALA A 244 18.55 -0.23 3.63
N LYS A 245 17.30 -0.65 3.42
CA LYS A 245 16.80 -1.87 4.04
C LYS A 245 17.64 -3.07 3.61
N ASP A 246 17.59 -3.38 2.32
CA ASP A 246 18.34 -4.50 1.78
C ASP A 246 19.54 -3.99 0.97
N GLU A 247 20.45 -4.89 0.65
CA GLU A 247 21.64 -4.53 -0.12
C GLU A 247 21.25 -3.94 -1.47
N ALA A 248 20.24 -4.52 -2.09
CA ALA A 248 19.77 -4.03 -3.38
C ALA A 248 19.07 -2.68 -3.21
N SER A 249 18.37 -2.52 -2.09
CA SER A 249 17.68 -1.27 -1.81
C SER A 249 18.69 -0.13 -1.77
N ALA A 250 19.89 -0.42 -1.30
CA ALA A 250 20.94 0.58 -1.25
C ALA A 250 21.56 0.76 -2.62
N ARG A 251 21.61 -0.32 -3.39
CA ARG A 251 22.16 -0.25 -4.74
C ARG A 251 21.29 0.67 -5.58
N SER A 252 19.98 0.60 -5.34
CA SER A 252 19.04 1.44 -6.06
C SER A 252 19.03 2.84 -5.49
N TRP A 253 19.32 2.96 -4.19
CA TRP A 253 19.36 4.26 -3.54
C TRP A 253 20.55 5.06 -4.04
N ALA A 254 21.73 4.51 -3.82
CA ALA A 254 22.97 5.15 -4.26
C ALA A 254 22.95 5.32 -5.78
N GLY A 255 22.32 4.36 -6.46
CA GLY A 255 22.23 4.43 -7.90
C GLY A 255 21.18 5.42 -8.36
N ALA A 256 20.19 5.67 -7.50
CA ALA A 256 19.12 6.60 -7.83
C ALA A 256 19.56 8.03 -7.55
N ILE A 257 20.31 8.23 -6.47
CA ILE A 257 20.79 9.55 -6.10
C ILE A 257 21.83 10.04 -7.11
N GLN A 258 22.66 9.12 -7.57
CA GLN A 258 23.71 9.45 -8.54
C GLN A 258 23.13 9.63 -9.93
N ALA A 259 22.20 8.75 -10.30
CA ALA A 259 21.56 8.81 -11.60
C ALA A 259 20.66 10.03 -11.72
N GLN A 260 20.01 10.39 -10.61
CA GLN A 260 19.12 11.55 -10.59
C GLN A 260 19.92 12.85 -10.54
N ILE A 261 20.99 12.85 -9.76
CA ILE A 261 21.83 14.03 -9.62
C ILE A 261 22.91 14.06 -10.70
N GLY A 262 23.83 13.11 -10.64
CA GLY A 262 24.90 13.05 -11.61
C GLY A 262 26.21 13.60 -11.09
N THR A 263 26.76 12.94 -10.07
CA THR A 263 28.02 13.38 -9.48
C THR A 263 29.19 13.08 -10.42
N ALA A 1 9.29 -2.34 33.04
CA ALA A 1 9.57 -1.51 31.85
C ALA A 1 8.30 -0.88 31.28
N SER A 2 7.34 -0.62 32.18
CA SER A 2 6.07 -0.02 31.78
C SER A 2 5.33 -0.92 30.78
N GLY A 3 4.21 -0.43 30.29
CA GLY A 3 3.42 -1.20 29.34
C GLY A 3 2.41 -0.36 28.58
N ARG A 4 2.82 0.18 27.45
CA ARG A 4 1.95 1.02 26.63
C ARG A 4 1.86 0.47 25.21
N ARG A 5 0.64 0.19 24.76
CA ARG A 5 0.41 -0.33 23.42
C ARG A 5 0.32 0.80 22.40
N ALA A 6 0.23 0.43 21.13
CA ALA A 6 0.13 1.41 20.06
C ALA A 6 1.39 2.29 19.98
N PRO A 7 1.97 2.45 18.77
CA PRO A 7 3.17 3.26 18.58
C PRO A 7 2.86 4.76 18.50
N ARG A 8 3.89 5.58 18.66
CA ARG A 8 3.73 7.03 18.60
C ARG A 8 4.19 7.55 17.24
N THR A 9 3.26 8.08 16.46
CA THR A 9 3.58 8.60 15.14
C THR A 9 3.32 10.10 15.05
N GLY A 10 4.15 10.79 14.28
CA GLY A 10 4.02 12.22 14.11
C GLY A 10 4.65 12.71 12.82
N LEU A 11 4.40 13.96 12.47
CA LEU A 11 4.95 14.54 11.26
C LEU A 11 6.20 15.38 11.55
N LEU A 12 7.31 15.00 10.94
CA LEU A 12 8.57 15.70 11.13
C LEU A 12 9.20 16.06 9.78
N GLU A 13 10.26 16.86 9.82
CA GLU A 13 10.95 17.28 8.60
C GLU A 13 12.29 16.57 8.45
N LEU A 14 12.44 15.83 7.35
CA LEU A 14 13.68 15.11 7.08
C LEU A 14 14.38 15.70 5.85
N ARG A 15 15.69 15.90 5.97
CA ARG A 15 16.48 16.46 4.87
C ARG A 15 16.60 15.46 3.73
N CYS A 16 16.22 15.90 2.53
CA CYS A 16 16.28 15.06 1.34
C CYS A 16 17.31 15.58 0.36
N GLY A 17 17.45 14.88 -0.77
CA GLY A 17 18.41 15.27 -1.79
C GLY A 17 17.93 16.47 -2.59
N ALA A 18 18.44 16.59 -3.82
CA ALA A 18 18.05 17.70 -4.69
C ALA A 18 16.58 17.60 -5.09
N GLY A 19 15.83 18.65 -4.79
CA GLY A 19 14.41 18.67 -5.11
C GLY A 19 14.09 19.63 -6.24
N SER A 20 12.80 19.80 -6.52
CA SER A 20 12.37 20.70 -7.58
C SER A 20 11.77 21.98 -7.00
N GLY A 21 11.15 21.85 -5.82
CA GLY A 21 10.55 23.01 -5.19
C GLY A 21 11.58 24.04 -4.76
N ALA A 22 11.77 25.06 -5.59
CA ALA A 22 12.73 26.12 -5.29
C ALA A 22 12.22 27.02 -4.18
N GLY A 23 13.08 27.27 -3.19
CA GLY A 23 12.69 28.12 -2.08
C GLY A 23 13.87 28.45 -1.17
N GLY A 24 14.11 27.61 -0.18
CA GLY A 24 15.20 27.84 0.74
C GLY A 24 15.77 26.56 1.30
N GLU A 25 14.89 25.68 1.79
CA GLU A 25 15.30 24.42 2.37
C GLU A 25 15.24 23.29 1.32
N ARG A 26 15.54 22.08 1.76
CA ARG A 26 15.53 20.93 0.87
C ARG A 26 14.96 19.70 1.56
N TRP A 27 14.19 19.93 2.61
CA TRP A 27 13.60 18.86 3.40
C TRP A 27 12.08 18.85 3.28
N GLN A 28 11.49 17.68 3.52
CA GLN A 28 10.04 17.53 3.44
C GLN A 28 9.47 17.01 4.75
N ARG A 29 8.16 17.17 4.93
CA ARG A 29 7.49 16.72 6.14
C ARG A 29 7.17 15.22 6.06
N VAL A 30 8.08 14.40 6.56
CA VAL A 30 7.89 12.95 6.54
C VAL A 30 7.17 12.48 7.80
N LEU A 31 6.76 11.22 7.81
CA LEU A 31 6.07 10.64 8.95
C LEU A 31 6.97 9.67 9.71
N LEU A 32 7.07 9.87 11.03
CA LEU A 32 7.90 9.02 11.87
C LEU A 32 7.02 8.10 12.71
N SER A 33 7.45 6.85 12.87
CA SER A 33 6.70 5.88 13.67
C SER A 33 7.55 5.32 14.79
N LEU A 34 7.50 5.97 15.94
CA LEU A 34 8.27 5.53 17.11
C LEU A 34 7.51 4.45 17.88
N ALA A 35 7.80 3.19 17.55
CA ALA A 35 7.14 2.07 18.21
C ALA A 35 7.73 1.84 19.60
N GLU A 36 7.61 0.60 20.09
CA GLU A 36 8.13 0.26 21.41
C GLU A 36 9.65 0.14 21.40
N ASP A 37 10.14 -0.92 20.80
CA ASP A 37 11.58 -1.16 20.71
C ASP A 37 12.06 -1.02 19.28
N ALA A 38 11.38 -0.17 18.51
CA ALA A 38 11.75 0.05 17.12
C ALA A 38 11.01 1.25 16.54
N LEU A 39 11.66 1.95 15.62
CA LEU A 39 11.05 3.12 14.99
C LEU A 39 11.05 2.96 13.47
N THR A 40 9.87 3.10 12.86
CA THR A 40 9.73 2.97 11.43
C THR A 40 9.52 4.34 10.77
N VAL A 41 10.51 4.78 10.00
CA VAL A 41 10.42 6.06 9.31
C VAL A 41 9.78 5.89 7.93
N SER A 42 9.16 6.95 7.45
CA SER A 42 8.50 6.91 6.15
C SER A 42 8.07 8.31 5.70
N PRO A 43 7.91 8.52 4.39
CA PRO A 43 7.50 9.82 3.84
C PRO A 43 6.05 10.14 4.14
N ALA A 44 5.54 11.21 3.54
CA ALA A 44 4.16 11.63 3.75
C ALA A 44 3.40 11.65 2.43
N ASP A 45 2.36 10.82 2.34
CA ASP A 45 1.55 10.74 1.14
C ASP A 45 0.91 12.09 0.82
N GLY A 46 0.79 12.40 -0.47
CA GLY A 46 0.20 13.65 -0.88
C GLY A 46 0.03 13.75 -2.39
N GLU A 47 0.94 14.44 -3.04
CA GLU A 47 0.88 14.60 -4.50
C GLU A 47 1.32 13.32 -5.20
N PRO A 48 0.59 12.92 -6.27
CA PRO A 48 0.91 11.71 -7.03
C PRO A 48 2.14 11.89 -7.91
N GLY A 49 2.96 10.84 -7.98
CA GLY A 49 4.16 10.89 -8.79
C GLY A 49 4.55 9.54 -9.34
N PRO A 50 3.62 8.82 -9.98
CA PRO A 50 3.89 7.50 -10.55
C PRO A 50 4.73 7.57 -11.82
N GLU A 51 5.99 7.18 -11.70
CA GLU A 51 6.91 7.21 -12.83
C GLU A 51 6.83 5.90 -13.62
N PRO A 52 6.97 4.75 -12.94
CA PRO A 52 6.92 3.43 -13.58
C PRO A 52 5.50 3.07 -14.02
N GLU A 53 4.94 3.87 -14.91
CA GLU A 53 3.58 3.62 -15.41
C GLU A 53 3.23 4.58 -16.54
N PRO A 54 3.77 4.33 -17.75
CA PRO A 54 3.51 5.17 -18.93
C PRO A 54 2.02 5.32 -19.21
N ALA A 55 1.60 6.55 -19.50
CA ALA A 55 0.20 6.83 -19.79
C ALA A 55 -0.21 6.26 -21.14
N GLN A 56 -0.96 5.16 -21.13
CA GLN A 56 -1.42 4.52 -22.35
C GLN A 56 -2.74 5.10 -22.82
N LEU A 57 -3.27 4.56 -23.91
CA LEU A 57 -4.54 5.03 -24.45
C LEU A 57 -5.70 4.16 -23.95
N ASN A 58 -6.91 4.71 -24.02
CA ASN A 58 -8.10 3.99 -23.58
C ASN A 58 -9.34 4.48 -24.31
N GLY A 59 -10.29 3.58 -24.52
CA GLY A 59 -11.51 3.94 -25.21
C GLY A 59 -12.29 2.73 -25.69
N ALA A 60 -13.58 2.70 -25.40
CA ALA A 60 -14.44 1.59 -25.80
C ALA A 60 -15.90 2.03 -25.89
N ALA A 61 -16.72 1.21 -26.56
CA ALA A 61 -18.13 1.50 -26.71
C ALA A 61 -18.86 0.37 -27.40
N GLU A 62 -19.91 -0.14 -26.78
CA GLU A 62 -20.69 -1.24 -27.33
C GLU A 62 -22.16 -1.14 -26.90
N PRO A 63 -22.96 -0.33 -27.62
CA PRO A 63 -24.38 -0.15 -27.31
C PRO A 63 -25.21 -1.38 -27.66
N GLY A 64 -26.52 -1.28 -27.50
CA GLY A 64 -27.40 -2.39 -27.81
C GLY A 64 -28.02 -2.99 -26.56
N ALA A 65 -29.20 -2.50 -26.21
CA ALA A 65 -29.92 -2.99 -25.03
C ALA A 65 -29.11 -2.75 -23.76
N ALA A 66 -29.32 -1.59 -23.13
CA ALA A 66 -28.63 -1.23 -21.90
C ALA A 66 -28.96 0.19 -21.48
N PRO A 67 -29.21 0.41 -20.18
CA PRO A 67 -29.53 1.74 -19.64
C PRO A 67 -28.31 2.68 -19.65
N PRO A 68 -28.52 3.96 -19.99
CA PRO A 68 -27.44 4.95 -20.03
C PRO A 68 -27.10 5.49 -18.64
N GLN A 69 -26.36 4.71 -17.87
CA GLN A 69 -25.97 5.10 -16.53
C GLN A 69 -24.66 4.45 -16.12
N LEU A 70 -23.71 4.39 -17.04
CA LEU A 70 -22.40 3.79 -16.79
C LEU A 70 -21.76 4.40 -15.53
N PRO A 71 -21.76 3.67 -14.40
CA PRO A 71 -21.17 4.14 -13.15
C PRO A 71 -19.66 4.25 -13.23
N GLU A 72 -19.16 5.13 -14.09
CA GLU A 72 -17.73 5.33 -14.27
C GLU A 72 -17.23 6.51 -13.44
N ALA A 73 -17.64 7.71 -13.82
CA ALA A 73 -17.22 8.92 -13.12
C ALA A 73 -15.70 9.05 -13.17
N LEU A 74 -15.16 8.96 -14.38
CA LEU A 74 -13.73 9.07 -14.58
C LEU A 74 -12.97 8.02 -13.79
N LEU A 75 -13.68 6.95 -13.45
CA LEU A 75 -13.11 5.85 -12.70
C LEU A 75 -12.31 6.35 -11.49
N LEU A 76 -12.96 6.35 -10.34
CA LEU A 76 -12.34 6.79 -9.11
C LEU A 76 -11.54 5.67 -8.46
N GLN A 77 -12.25 4.81 -7.73
CA GLN A 77 -11.61 3.69 -7.05
C GLN A 77 -12.41 2.40 -7.24
N ARG A 78 -11.71 1.28 -7.25
CA ARG A 78 -12.33 -0.04 -7.42
C ARG A 78 -13.34 -0.03 -8.57
N ARG A 79 -14.08 -1.12 -8.72
CA ARG A 79 -15.07 -1.24 -9.78
C ARG A 79 -16.37 -1.83 -9.23
N ARG A 80 -17.50 -1.24 -9.64
CA ARG A 80 -18.80 -1.71 -9.20
C ARG A 80 -19.71 -2.00 -10.38
N VAL A 81 -19.46 -3.12 -11.05
CA VAL A 81 -20.25 -3.52 -12.20
C VAL A 81 -21.66 -3.95 -11.79
N THR A 82 -22.59 -3.89 -12.73
CA THR A 82 -23.97 -4.28 -12.46
C THR A 82 -24.51 -5.17 -13.57
N VAL A 83 -25.46 -6.03 -13.22
CA VAL A 83 -26.06 -6.93 -14.20
C VAL A 83 -27.58 -6.91 -14.08
N ARG A 84 -28.26 -7.44 -15.10
CA ARG A 84 -29.71 -7.48 -15.13
C ARG A 84 -30.21 -8.83 -15.64
N LYS A 85 -30.90 -9.57 -14.77
CA LYS A 85 -31.43 -10.87 -15.14
C LYS A 85 -32.43 -10.75 -16.27
N ALA A 86 -33.53 -10.05 -16.00
CA ALA A 86 -34.58 -9.85 -17.00
C ALA A 86 -34.03 -9.18 -18.25
N ASP A 87 -33.62 -7.92 -18.11
CA ASP A 87 -33.07 -7.16 -19.22
C ASP A 87 -31.66 -7.63 -19.57
N ALA A 88 -31.01 -6.93 -20.48
CA ALA A 88 -29.65 -7.27 -20.91
C ALA A 88 -29.65 -8.59 -21.68
N GLY A 89 -29.89 -9.69 -20.98
CA GLY A 89 -29.90 -10.99 -21.61
C GLY A 89 -29.63 -12.12 -20.64
N GLY A 90 -28.43 -12.12 -20.05
CA GLY A 90 -28.08 -13.15 -19.10
C GLY A 90 -26.58 -13.24 -18.88
N LEU A 91 -26.18 -13.89 -17.79
CA LEU A 91 -24.77 -14.04 -17.46
C LEU A 91 -24.12 -15.11 -18.32
N GLY A 92 -23.01 -14.77 -18.96
CA GLY A 92 -22.30 -15.71 -19.81
C GLY A 92 -20.79 -15.62 -19.66
N ILE A 93 -20.30 -15.98 -18.48
CA ILE A 93 -18.87 -15.93 -18.21
C ILE A 93 -18.39 -17.19 -17.48
N SER A 94 -17.10 -17.46 -17.59
CA SER A 94 -16.51 -18.63 -16.93
C SER A 94 -15.42 -18.19 -15.97
N ILE A 95 -15.75 -18.14 -14.68
CA ILE A 95 -14.80 -17.73 -13.66
C ILE A 95 -14.02 -18.91 -13.11
N LYS A 96 -13.00 -18.62 -12.32
CA LYS A 96 -12.16 -19.64 -11.72
C LYS A 96 -11.60 -19.17 -10.38
N GLY A 97 -11.60 -20.05 -9.40
CA GLY A 97 -11.09 -19.70 -8.09
C GLY A 97 -10.66 -20.92 -7.27
N GLY A 98 -9.92 -20.68 -6.21
CA GLY A 98 -9.47 -21.77 -5.36
C GLY A 98 -8.83 -21.27 -4.07
N ARG A 99 -9.65 -20.73 -3.19
CA ARG A 99 -9.17 -20.21 -1.92
C ARG A 99 -8.77 -21.34 -0.97
N GLU A 100 -9.09 -22.58 -1.35
CA GLU A 100 -8.75 -23.73 -0.53
C GLU A 100 -7.29 -23.65 -0.07
N ASN A 101 -6.47 -23.01 -0.91
CA ASN A 101 -5.07 -22.82 -0.60
C ASN A 101 -4.73 -21.34 -0.58
N LYS A 102 -4.87 -20.70 -1.73
CA LYS A 102 -4.58 -19.27 -1.86
C LYS A 102 -4.87 -18.77 -3.27
N MET A 103 -5.85 -19.39 -3.93
CA MET A 103 -6.22 -19.00 -5.28
C MET A 103 -7.49 -18.15 -5.28
N PRO A 104 -7.37 -16.82 -5.51
CA PRO A 104 -8.51 -15.90 -5.53
C PRO A 104 -9.40 -16.13 -6.74
N ILE A 105 -10.65 -15.66 -6.64
CA ILE A 105 -11.61 -15.80 -7.72
C ILE A 105 -11.51 -14.64 -8.71
N LEU A 106 -11.37 -14.96 -9.99
CA LEU A 106 -11.25 -13.94 -11.02
C LEU A 106 -11.92 -14.38 -12.32
N ILE A 107 -12.05 -13.43 -13.26
CA ILE A 107 -12.66 -13.69 -14.55
C ILE A 107 -11.77 -14.59 -15.40
N SER A 108 -12.27 -15.77 -15.73
CA SER A 108 -11.53 -16.71 -16.55
C SER A 108 -12.03 -16.69 -17.99
N LYS A 109 -13.28 -16.27 -18.19
CA LYS A 109 -13.85 -16.22 -19.53
C LYS A 109 -15.07 -15.32 -19.60
N ILE A 110 -15.17 -14.54 -20.67
CA ILE A 110 -16.28 -13.63 -20.87
C ILE A 110 -16.87 -13.81 -22.27
N PHE A 111 -17.90 -14.64 -22.37
CA PHE A 111 -18.56 -14.89 -23.66
C PHE A 111 -19.34 -13.67 -24.11
N LYS A 112 -19.10 -13.25 -25.36
CA LYS A 112 -19.78 -12.09 -25.93
C LYS A 112 -21.22 -12.43 -26.30
N GLY A 113 -22.04 -11.40 -26.49
CA GLY A 113 -23.42 -11.61 -26.85
C GLY A 113 -24.35 -11.67 -25.65
N LEU A 114 -23.79 -11.92 -24.47
CA LEU A 114 -24.58 -12.00 -23.25
C LEU A 114 -24.39 -10.75 -22.38
N ALA A 115 -24.90 -10.80 -21.17
CA ALA A 115 -24.80 -9.69 -20.23
C ALA A 115 -23.34 -9.31 -20.00
N ALA A 116 -22.47 -10.32 -19.93
CA ALA A 116 -21.05 -10.08 -19.72
C ALA A 116 -20.48 -9.16 -20.79
N ASP A 117 -21.00 -9.28 -22.01
CA ASP A 117 -20.55 -8.46 -23.12
C ASP A 117 -21.09 -7.04 -22.99
N GLN A 118 -22.38 -6.93 -22.67
CA GLN A 118 -23.02 -5.64 -22.50
C GLN A 118 -22.37 -4.85 -21.37
N THR A 119 -21.89 -5.56 -20.36
CA THR A 119 -21.24 -4.93 -19.21
C THR A 119 -19.72 -5.05 -19.31
N GLU A 120 -19.13 -4.27 -20.20
CA GLU A 120 -17.69 -4.28 -20.39
C GLU A 120 -16.97 -3.98 -19.07
N ALA A 121 -17.69 -3.35 -18.14
CA ALA A 121 -17.14 -3.00 -16.83
C ALA A 121 -16.36 -4.17 -16.23
N LEU A 122 -16.79 -5.38 -16.55
CA LEU A 122 -16.12 -6.58 -16.04
C LEU A 122 -14.73 -6.73 -16.63
N PHE A 123 -14.66 -7.24 -17.86
CA PHE A 123 -13.39 -7.43 -18.54
C PHE A 123 -12.51 -8.43 -17.80
N VAL A 124 -12.02 -9.44 -18.53
CA VAL A 124 -11.17 -10.47 -17.94
C VAL A 124 -10.04 -9.85 -17.13
N GLY A 125 -9.64 -10.54 -16.06
CA GLY A 125 -8.56 -10.04 -15.23
C GLY A 125 -9.07 -9.18 -14.08
N ASP A 126 -10.23 -9.53 -13.55
CA ASP A 126 -10.82 -8.77 -12.44
C ASP A 126 -11.25 -9.72 -11.32
N ALA A 127 -10.86 -9.38 -10.10
CA ALA A 127 -11.21 -10.20 -8.93
C ALA A 127 -12.36 -9.57 -8.15
N ILE A 128 -13.33 -10.41 -7.77
CA ILE A 128 -14.47 -9.93 -7.02
C ILE A 128 -14.14 -9.81 -5.53
N LEU A 129 -14.89 -8.96 -4.83
CA LEU A 129 -14.67 -8.77 -3.40
C LEU A 129 -15.99 -8.52 -2.68
N SER A 130 -16.90 -7.79 -3.33
CA SER A 130 -18.20 -7.49 -2.75
C SER A 130 -19.30 -7.51 -3.83
N VAL A 131 -20.14 -8.55 -3.78
CA VAL A 131 -21.21 -8.68 -4.76
C VAL A 131 -22.57 -8.38 -4.12
N ASN A 132 -23.48 -7.83 -4.93
CA ASN A 132 -24.84 -7.48 -4.48
C ASN A 132 -24.87 -7.18 -2.99
N GLY A 133 -23.93 -6.38 -2.52
CA GLY A 133 -23.87 -6.04 -1.12
C GLY A 133 -23.51 -7.23 -0.26
N GLU A 134 -22.37 -7.83 -0.54
CA GLU A 134 -21.91 -8.99 0.20
C GLU A 134 -20.46 -9.27 -0.14
N ASP A 135 -19.62 -9.03 0.83
CA ASP A 135 -18.19 -9.23 0.70
C ASP A 135 -17.85 -10.71 0.58
N LEU A 136 -17.27 -11.08 -0.55
CA LEU A 136 -16.88 -12.47 -0.79
C LEU A 136 -15.44 -12.70 -0.35
N SER A 137 -14.97 -11.87 0.56
CA SER A 137 -13.61 -11.99 1.09
C SER A 137 -13.35 -13.40 1.63
N SER A 138 -14.44 -14.08 2.01
CA SER A 138 -14.35 -15.43 2.54
C SER A 138 -15.36 -16.33 1.84
N ALA A 139 -15.30 -16.35 0.50
CA ALA A 139 -16.20 -17.15 -0.30
C ALA A 139 -15.47 -17.72 -1.50
N THR A 140 -14.89 -18.91 -1.31
CA THR A 140 -14.15 -19.59 -2.37
C THR A 140 -14.92 -19.60 -3.69
N HIS A 141 -14.30 -20.21 -4.71
CA HIS A 141 -14.91 -20.29 -6.04
C HIS A 141 -16.38 -20.66 -5.98
N ASP A 142 -16.68 -21.81 -5.42
CA ASP A 142 -18.06 -22.29 -5.31
C ASP A 142 -18.98 -21.20 -4.77
N GLU A 143 -18.49 -20.43 -3.81
CA GLU A 143 -19.28 -19.35 -3.22
C GLU A 143 -19.49 -18.23 -4.23
N ALA A 144 -18.52 -18.07 -5.14
CA ALA A 144 -18.61 -17.02 -6.16
C ALA A 144 -19.66 -17.37 -7.20
N VAL A 145 -19.70 -18.63 -7.59
CA VAL A 145 -20.66 -19.10 -8.59
C VAL A 145 -22.09 -19.00 -8.05
N GLN A 146 -22.24 -19.32 -6.77
CA GLN A 146 -23.55 -19.28 -6.13
C GLN A 146 -23.91 -17.85 -5.73
N ALA A 147 -22.89 -17.06 -5.42
CA ALA A 147 -23.10 -15.67 -5.03
C ALA A 147 -23.71 -14.86 -6.16
N LEU A 148 -23.23 -15.09 -7.37
CA LEU A 148 -23.72 -14.39 -8.55
C LEU A 148 -24.90 -15.12 -9.18
N LYS A 149 -24.96 -16.44 -8.97
CA LYS A 149 -26.04 -17.25 -9.52
C LYS A 149 -27.33 -17.05 -8.75
N LYS A 150 -27.21 -16.81 -7.44
CA LYS A 150 -28.37 -16.60 -6.59
C LYS A 150 -28.97 -15.21 -6.82
N THR A 151 -28.11 -14.26 -7.21
CA THR A 151 -28.56 -12.90 -7.46
C THR A 151 -29.62 -12.86 -8.54
N GLY A 152 -30.15 -11.66 -8.82
CA GLY A 152 -31.17 -11.51 -9.83
C GLY A 152 -31.77 -10.12 -9.84
N LYS A 153 -32.33 -9.72 -10.98
CA LYS A 153 -32.94 -8.40 -11.13
C LYS A 153 -31.87 -7.33 -11.32
N GLU A 154 -30.95 -7.26 -10.37
CA GLU A 154 -29.87 -6.28 -10.41
C GLU A 154 -28.67 -6.80 -9.65
N VAL A 155 -27.73 -7.35 -10.38
CA VAL A 155 -26.52 -7.91 -9.80
C VAL A 155 -25.38 -6.89 -9.81
N VAL A 156 -25.19 -6.21 -8.68
CA VAL A 156 -24.13 -5.22 -8.57
C VAL A 156 -22.85 -5.86 -8.05
N LEU A 157 -21.98 -6.28 -8.97
CA LEU A 157 -20.72 -6.92 -8.60
C LEU A 157 -19.63 -5.88 -8.39
N GLU A 158 -18.84 -6.07 -7.34
CA GLU A 158 -17.75 -5.16 -7.02
C GLU A 158 -16.41 -5.89 -7.11
N VAL A 159 -15.64 -5.59 -8.16
CA VAL A 159 -14.36 -6.23 -8.37
C VAL A 159 -13.23 -5.21 -8.38
N LYS A 160 -11.99 -5.71 -8.37
CA LYS A 160 -10.82 -4.85 -8.38
C LYS A 160 -9.75 -5.41 -9.31
N TYR A 161 -9.12 -4.54 -10.08
CA TYR A 161 -8.08 -4.95 -11.02
C TYR A 161 -6.82 -5.38 -10.28
N MET A 162 -6.55 -6.68 -10.29
CA MET A 162 -5.38 -7.22 -9.61
C MET A 162 -4.34 -7.69 -10.63
N LYS A 163 -3.09 -7.80 -10.20
CA LYS A 163 -2.01 -8.24 -11.07
C LYS A 163 -0.70 -8.37 -10.30
N GLU A 164 -0.46 -7.42 -9.40
CA GLU A 164 0.75 -7.41 -8.60
C GLU A 164 0.52 -8.12 -7.26
N VAL A 165 0.18 -9.40 -7.33
CA VAL A 165 -0.07 -10.18 -6.13
C VAL A 165 1.25 -10.65 -5.50
N SER A 166 2.24 -10.89 -6.35
CA SER A 166 3.56 -11.33 -5.88
C SER A 166 3.44 -12.58 -5.00
N PRO A 167 3.38 -13.77 -5.62
CA PRO A 167 3.26 -15.03 -4.89
C PRO A 167 4.42 -15.24 -3.91
N TYR A 168 4.08 -15.52 -2.66
CA TYR A 168 5.09 -15.74 -1.62
C TYR A 168 4.51 -16.53 -0.45
N PHE A 169 5.27 -16.60 0.64
CA PHE A 169 4.83 -17.32 1.83
C PHE A 169 4.61 -18.79 1.52
N LYS A 170 5.49 -19.65 2.05
CA LYS A 170 5.40 -21.08 1.83
C LYS A 170 4.51 -21.73 2.88
N ASN A 171 4.79 -21.45 4.14
CA ASN A 171 4.01 -22.01 5.25
C ASN A 171 2.58 -21.51 5.21
N SER A 172 1.70 -22.16 5.97
CA SER A 172 0.30 -21.79 6.01
C SER A 172 -0.04 -21.10 7.33
N ALA A 173 0.07 -19.77 7.35
CA ALA A 173 -0.22 -18.99 8.54
C ALA A 173 -1.15 -17.83 8.23
N GLY A 174 -1.48 -17.05 9.25
CA GLY A 174 -2.36 -15.91 9.06
C GLY A 174 -1.60 -14.61 8.88
N GLY A 175 -0.39 -14.71 8.35
CA GLY A 175 0.43 -13.53 8.15
C GLY A 175 1.37 -13.25 9.30
N THR A 176 2.63 -13.67 9.15
CA THR A 176 3.63 -13.47 10.18
C THR A 176 3.99 -12.00 10.31
N SER A 177 4.79 -11.67 11.33
CA SER A 177 5.21 -10.30 11.56
C SER A 177 6.73 -10.20 11.65
N VAL A 178 7.41 -10.86 10.72
CA VAL A 178 8.87 -10.84 10.69
C VAL A 178 9.41 -9.43 10.57
N GLY A 179 10.13 -8.98 11.60
CA GLY A 179 10.69 -7.64 11.59
C GLY A 179 12.07 -7.60 12.20
N TRP A 180 12.72 -8.76 12.30
CA TRP A 180 14.06 -8.83 12.88
C TRP A 180 14.93 -9.82 12.10
N ASP A 181 14.83 -9.76 10.77
CA ASP A 181 15.60 -10.64 9.90
C ASP A 181 15.26 -12.11 10.17
N SER A 182 15.75 -12.99 9.31
CA SER A 182 15.51 -14.42 9.45
C SER A 182 16.21 -15.21 8.35
N PRO A 183 15.98 -14.85 7.08
CA PRO A 183 16.61 -15.53 5.93
C PRO A 183 18.14 -15.45 5.98
N PRO A 184 18.83 -16.59 5.81
CA PRO A 184 20.29 -16.63 5.83
C PRO A 184 20.91 -15.64 4.85
N ALA A 185 22.23 -15.73 4.70
CA ALA A 185 22.94 -14.84 3.78
C ALA A 185 22.79 -15.30 2.33
N SER A 186 21.68 -14.90 1.71
CA SER A 186 21.41 -15.28 0.32
C SER A 186 21.30 -16.79 0.18
N PRO A 187 20.07 -17.34 0.27
CA PRO A 187 19.84 -18.78 0.16
C PRO A 187 20.14 -19.30 -1.24
N LEU A 188 19.62 -18.62 -2.26
CA LEU A 188 19.84 -19.01 -3.65
C LEU A 188 21.16 -18.44 -4.17
N GLN A 189 21.72 -19.09 -5.17
CA GLN A 189 22.98 -18.66 -5.76
C GLN A 189 22.76 -18.11 -7.17
N ARG A 190 22.77 -16.79 -7.30
CA ARG A 190 22.58 -16.14 -8.58
C ARG A 190 22.89 -14.65 -8.51
N GLN A 191 22.01 -13.90 -7.83
CA GLN A 191 22.19 -12.46 -7.67
C GLN A 191 22.35 -11.78 -9.03
N PRO A 192 21.23 -11.38 -9.65
CA PRO A 192 21.25 -10.71 -10.95
C PRO A 192 21.86 -9.32 -10.87
N SER A 193 21.75 -8.68 -9.71
CA SER A 193 22.29 -7.34 -9.50
C SER A 193 23.81 -7.34 -9.65
N SER A 194 24.37 -6.18 -9.97
CA SER A 194 25.81 -6.04 -10.14
C SER A 194 26.40 -5.18 -9.03
N PRO A 195 27.73 -5.26 -8.83
CA PRO A 195 28.43 -4.49 -7.80
C PRO A 195 28.41 -2.99 -8.09
N GLY A 196 27.54 -2.27 -7.41
CA GLY A 196 27.45 -0.83 -7.60
C GLY A 196 27.67 -0.05 -6.32
N PRO A 197 28.20 1.18 -6.42
CA PRO A 197 28.45 2.03 -5.25
C PRO A 197 27.21 2.19 -4.37
N GLN A 198 27.41 2.21 -3.06
CA GLN A 198 26.32 2.37 -2.12
C GLN A 198 26.16 3.83 -1.70
N PRO A 199 24.99 4.43 -1.95
CA PRO A 199 24.73 5.84 -1.59
C PRO A 199 24.60 6.02 -0.08
N ARG A 200 24.47 7.28 0.35
CA ARG A 200 24.33 7.59 1.76
C ARG A 200 23.11 8.47 2.00
N ASN A 201 22.09 8.30 1.18
CA ASN A 201 20.87 9.09 1.30
C ASN A 201 19.70 8.22 1.75
N LEU A 202 18.51 8.80 1.81
CA LEU A 202 17.31 8.08 2.21
C LEU A 202 16.65 7.41 1.02
N SER A 203 15.68 6.54 1.30
CA SER A 203 14.96 5.84 0.23
C SER A 203 13.45 5.99 0.41
N GLU A 204 12.90 5.27 1.38
CA GLU A 204 11.46 5.33 1.65
C GLU A 204 11.17 5.02 3.11
N ALA A 205 11.34 3.76 3.47
CA ALA A 205 11.10 3.32 4.85
C ALA A 205 12.41 3.00 5.57
N LYS A 206 12.53 3.47 6.79
CA LYS A 206 13.73 3.24 7.59
C LYS A 206 13.38 2.71 8.97
N HIS A 207 13.58 1.41 9.17
CA HIS A 207 13.28 0.77 10.45
C HIS A 207 14.53 0.67 11.30
N VAL A 208 14.39 0.96 12.59
CA VAL A 208 15.52 0.90 13.52
C VAL A 208 15.17 0.07 14.75
N SER A 209 16.17 -0.58 15.33
CA SER A 209 15.97 -1.41 16.51
C SER A 209 16.00 -0.56 17.78
N LEU A 210 16.69 0.57 17.71
CA LEU A 210 16.80 1.47 18.87
C LEU A 210 17.50 0.78 20.03
N LYS A 211 18.49 -0.05 19.72
CA LYS A 211 19.24 -0.77 20.74
C LYS A 211 20.37 0.09 21.29
N MET A 212 20.88 0.99 20.46
CA MET A 212 21.97 1.88 20.85
C MET A 212 21.93 3.18 20.06
N ALA A 213 20.73 3.62 19.71
CA ALA A 213 20.56 4.85 18.95
C ALA A 213 20.65 6.06 19.86
N TYR A 214 21.47 7.03 19.47
CA TYR A 214 21.65 8.26 20.25
C TYR A 214 20.89 9.41 19.63
N VAL A 215 20.48 10.37 20.46
CA VAL A 215 19.74 11.52 19.99
C VAL A 215 20.58 12.79 20.09
N SER A 216 20.18 13.83 19.35
CA SER A 216 20.90 15.09 19.35
C SER A 216 19.95 16.26 19.06
N ARG A 217 20.05 17.31 19.88
CA ARG A 217 19.21 18.49 19.71
C ARG A 217 20.05 19.76 19.65
N ARG A 218 19.93 20.50 18.55
CA ARG A 218 20.68 21.73 18.39
C ARG A 218 19.96 22.70 17.45
N CYS A 219 20.46 23.94 17.39
CA CYS A 219 19.86 24.96 16.55
C CYS A 219 20.60 25.06 15.21
N THR A 220 19.97 25.73 14.24
CA THR A 220 20.56 25.90 12.92
C THR A 220 20.84 27.37 12.63
N PRO A 221 21.53 27.67 11.51
CA PRO A 221 21.89 29.04 11.13
C PRO A 221 20.70 29.87 10.64
N THR A 222 19.82 29.27 9.85
CA THR A 222 18.65 29.98 9.32
C THR A 222 17.44 29.86 10.24
N ASP A 223 17.69 29.63 11.52
CA ASP A 223 16.63 29.52 12.52
C ASP A 223 15.43 28.71 12.01
N PRO A 224 15.67 27.54 11.38
CA PRO A 224 14.60 26.69 10.87
C PRO A 224 13.95 25.89 12.00
N GLU A 225 14.77 25.54 12.98
CA GLU A 225 14.31 24.78 14.14
C GLU A 225 15.18 25.10 15.35
N PRO A 226 14.66 25.87 16.31
CA PRO A 226 15.39 26.25 17.52
C PRO A 226 16.15 25.08 18.15
N ARG A 227 15.62 23.87 17.94
CA ARG A 227 16.25 22.67 18.49
C ARG A 227 15.88 21.44 17.66
N TYR A 228 16.51 21.31 16.50
CA TYR A 228 16.25 20.18 15.62
C TYR A 228 16.79 18.89 16.22
N LEU A 229 16.05 17.81 16.06
CA LEU A 229 16.44 16.51 16.60
C LEU A 229 17.29 15.73 15.59
N GLU A 230 18.12 14.84 16.10
CA GLU A 230 18.99 14.02 15.26
C GLU A 230 19.13 12.61 15.83
N ILE A 231 18.88 11.61 15.00
CA ILE A 231 18.97 10.22 15.43
C ILE A 231 20.18 9.53 14.81
N CYS A 232 20.87 8.73 15.61
CA CYS A 232 22.06 8.01 15.13
C CYS A 232 22.11 6.61 15.73
N ALA A 233 21.74 5.61 14.93
CA ALA A 233 21.75 4.22 15.38
C ALA A 233 23.17 3.72 15.55
N ALA A 234 23.61 3.65 16.81
CA ALA A 234 24.96 3.19 17.11
C ALA A 234 26.01 3.96 16.33
N ASP A 235 25.66 5.19 15.94
CA ASP A 235 26.56 6.05 15.19
C ASP A 235 27.22 5.29 14.03
N GLY A 236 26.43 4.48 13.34
CA GLY A 236 26.96 3.71 12.23
C GLY A 236 25.89 2.91 11.50
N GLN A 237 24.94 2.37 12.27
CA GLN A 237 23.86 1.57 11.70
C GLN A 237 22.91 2.45 10.89
N ASP A 238 22.63 3.64 11.42
CA ASP A 238 21.73 4.58 10.76
C ASP A 238 21.94 5.99 11.28
N ALA A 239 21.32 6.97 10.61
CA ALA A 239 21.44 8.36 11.00
C ALA A 239 20.36 9.19 10.33
N VAL A 240 19.26 9.43 11.04
CA VAL A 240 18.15 10.21 10.52
C VAL A 240 17.86 11.42 11.40
N PHE A 241 17.76 12.59 10.77
CA PHE A 241 17.48 13.83 11.49
C PHE A 241 16.05 14.29 11.21
N LEU A 242 15.37 14.76 12.26
CA LEU A 242 14.00 15.23 12.13
C LEU A 242 13.69 16.32 13.15
N ARG A 243 12.72 17.15 12.83
CA ARG A 243 12.32 18.23 13.73
C ARG A 243 10.83 18.14 14.07
N ALA A 244 10.40 18.93 15.05
CA ALA A 244 9.00 18.93 15.46
C ALA A 244 8.32 20.25 15.13
N LYS A 245 7.00 20.22 15.03
CA LYS A 245 6.23 21.42 14.71
C LYS A 245 6.47 22.52 15.74
N ASP A 246 6.63 22.11 17.00
CA ASP A 246 6.88 23.05 18.08
C ASP A 246 8.10 22.64 18.89
N GLU A 247 8.65 23.58 19.65
CA GLU A 247 9.82 23.31 20.48
C GLU A 247 9.54 22.17 21.46
N ALA A 248 8.32 22.16 22.00
CA ALA A 248 7.93 21.13 22.95
C ALA A 248 7.81 19.78 22.25
N SER A 249 7.26 19.80 21.04
CA SER A 249 7.10 18.58 20.25
C SER A 249 8.46 17.93 20.07
N ALA A 250 9.50 18.75 19.92
CA ALA A 250 10.85 18.24 19.76
C ALA A 250 11.42 17.83 21.11
N ARG A 251 11.02 18.55 22.16
CA ARG A 251 11.48 18.23 23.49
C ARG A 251 10.94 16.86 23.88
N SER A 252 9.71 16.59 23.47
CA SER A 252 9.07 15.31 23.75
C SER A 252 9.59 14.24 22.81
N TRP A 253 9.99 14.64 21.60
CA TRP A 253 10.52 13.70 20.63
C TRP A 253 11.86 13.16 21.10
N ALA A 254 12.79 14.07 21.33
CA ALA A 254 14.11 13.69 21.81
C ALA A 254 14.00 12.95 23.13
N GLY A 255 13.10 13.43 23.99
CA GLY A 255 12.89 12.78 25.26
C GLY A 255 12.21 11.44 25.10
N ALA A 256 11.37 11.34 24.07
CA ALA A 256 10.65 10.11 23.79
C ALA A 256 11.60 9.03 23.29
N ILE A 257 12.50 9.41 22.39
CA ILE A 257 13.47 8.46 21.84
C ILE A 257 14.37 7.91 22.94
N GLN A 258 14.93 8.82 23.74
CA GLN A 258 15.79 8.43 24.85
C GLN A 258 15.06 7.49 25.81
N ALA A 259 13.78 7.77 26.02
CA ALA A 259 12.96 6.96 26.92
C ALA A 259 12.55 5.65 26.27
N GLN A 260 12.54 5.62 24.93
CA GLN A 260 12.17 4.42 24.20
C GLN A 260 13.37 3.51 23.97
N ILE A 261 14.49 4.10 23.57
CA ILE A 261 15.70 3.34 23.32
C ILE A 261 16.10 2.51 24.54
N GLY A 262 16.21 3.18 25.68
CA GLY A 262 16.58 2.49 26.90
C GLY A 262 18.07 2.30 27.04
N THR A 263 18.79 3.38 27.34
CA THR A 263 20.23 3.32 27.50
C THR A 263 20.62 2.66 28.82
N ALA A 1 -0.90 10.23 -14.75
CA ALA A 1 -1.36 10.62 -16.11
C ALA A 1 -0.60 11.85 -16.61
N SER A 2 -0.83 12.98 -15.95
CA SER A 2 -0.16 14.22 -16.33
C SER A 2 1.35 14.08 -16.25
N GLY A 3 1.84 13.63 -15.10
CA GLY A 3 3.27 13.46 -14.92
C GLY A 3 3.84 14.39 -13.87
N ARG A 4 3.03 14.74 -12.88
CA ARG A 4 3.47 15.63 -11.81
C ARG A 4 3.31 14.96 -10.44
N ARG A 5 2.27 15.34 -9.69
CA ARG A 5 2.03 14.77 -8.37
C ARG A 5 3.29 14.82 -7.50
N ALA A 6 3.18 14.32 -6.28
CA ALA A 6 4.30 14.30 -5.35
C ALA A 6 3.90 13.71 -4.01
N PRO A 7 4.78 12.89 -3.40
CA PRO A 7 4.50 12.26 -2.10
C PRO A 7 4.57 13.24 -0.96
N ARG A 8 3.92 12.92 0.15
CA ARG A 8 3.91 13.78 1.33
C ARG A 8 5.24 13.70 2.07
N THR A 9 6.08 14.71 1.90
CA THR A 9 7.38 14.74 2.54
C THR A 9 7.43 15.80 3.64
N GLY A 10 8.13 15.49 4.73
CA GLY A 10 8.23 16.42 5.84
C GLY A 10 9.47 16.17 6.68
N LEU A 11 9.76 17.09 7.59
CA LEU A 11 10.92 16.97 8.46
C LEU A 11 10.51 16.46 9.84
N LEU A 12 10.89 15.22 10.15
CA LEU A 12 10.56 14.62 11.43
C LEU A 12 11.83 14.35 12.24
N GLU A 13 11.67 14.19 13.54
CA GLU A 13 12.80 13.93 14.43
C GLU A 13 13.05 12.42 14.56
N LEU A 14 14.28 12.01 14.29
CA LEU A 14 14.66 10.59 14.37
C LEU A 14 15.78 10.39 15.39
N ARG A 15 15.82 9.21 15.99
CA ARG A 15 16.85 8.89 16.98
C ARG A 15 17.93 8.01 16.36
N CYS A 16 19.18 8.43 16.50
CA CYS A 16 20.30 7.67 15.96
C CYS A 16 20.58 6.43 16.79
N GLY A 17 20.66 5.28 16.12
CA GLY A 17 20.93 4.03 16.82
C GLY A 17 22.38 3.61 16.73
N ALA A 18 22.60 2.33 16.45
CA ALA A 18 23.96 1.80 16.34
C ALA A 18 24.72 1.96 17.66
N GLY A 19 24.77 0.88 18.43
CA GLY A 19 25.47 0.91 19.70
C GLY A 19 25.43 -0.42 20.42
N SER A 20 26.61 -0.98 20.67
CA SER A 20 26.71 -2.27 21.35
C SER A 20 27.00 -2.07 22.84
N GLY A 21 26.01 -2.37 23.68
CA GLY A 21 26.19 -2.22 25.11
C GLY A 21 26.24 -0.77 25.54
N ALA A 22 25.46 0.07 24.87
CA ALA A 22 25.41 1.50 25.19
C ALA A 22 24.24 2.18 24.50
N GLY A 23 23.62 3.12 25.20
CA GLY A 23 22.49 3.83 24.64
C GLY A 23 22.86 4.67 23.44
N GLY A 24 23.23 5.92 23.67
CA GLY A 24 23.61 6.81 22.59
C GLY A 24 22.43 7.54 21.99
N GLU A 25 21.52 7.99 22.86
CA GLU A 25 20.34 8.72 22.40
C GLU A 25 20.72 10.07 21.82
N ARG A 26 20.00 10.49 20.78
CA ARG A 26 20.25 11.77 20.13
C ARG A 26 19.30 11.94 18.95
N TRP A 27 18.35 12.85 19.11
CA TRP A 27 17.36 13.12 18.08
C TRP A 27 17.90 14.12 17.06
N GLN A 28 17.85 13.76 15.79
CA GLN A 28 18.34 14.63 14.72
C GLN A 28 17.22 14.96 13.74
N ARG A 29 17.50 15.91 12.84
CA ARG A 29 16.51 16.31 11.84
C ARG A 29 16.66 15.49 10.57
N VAL A 30 15.59 14.79 10.19
CA VAL A 30 15.60 13.97 8.99
C VAL A 30 14.41 14.28 8.10
N LEU A 31 14.42 13.74 6.88
CA LEU A 31 13.34 13.95 5.94
C LEU A 31 12.58 12.66 5.66
N LEU A 32 11.25 12.73 5.75
CA LEU A 32 10.39 11.57 5.51
C LEU A 32 9.60 11.75 4.22
N SER A 33 9.13 10.63 3.67
CA SER A 33 8.35 10.66 2.43
C SER A 33 7.22 9.65 2.48
N LEU A 34 6.06 10.05 1.95
CA LEU A 34 4.90 9.17 1.92
C LEU A 34 4.20 9.25 0.56
N ALA A 35 4.24 8.15 -0.18
CA ALA A 35 3.60 8.10 -1.50
C ALA A 35 2.21 7.49 -1.42
N GLU A 36 2.15 6.16 -1.39
CA GLU A 36 0.88 5.46 -1.31
C GLU A 36 0.98 4.29 -0.33
N ASP A 37 1.61 3.22 -0.78
CA ASP A 37 1.78 2.03 0.05
C ASP A 37 3.25 1.87 0.45
N ALA A 38 3.95 2.99 0.59
CA ALA A 38 5.35 2.96 0.97
C ALA A 38 5.82 4.33 1.45
N LEU A 39 6.72 4.34 2.43
CA LEU A 39 7.25 5.57 2.98
C LEU A 39 8.77 5.61 2.83
N THR A 40 9.27 6.61 2.11
CA THR A 40 10.70 6.74 1.88
C THR A 40 11.31 7.76 2.84
N VAL A 41 12.27 7.31 3.65
CA VAL A 41 12.93 8.17 4.61
C VAL A 41 14.39 8.41 4.22
N SER A 42 14.93 9.54 4.65
CA SER A 42 16.32 9.89 4.35
C SER A 42 16.76 11.11 5.16
N PRO A 43 18.08 11.40 5.17
CA PRO A 43 18.61 12.55 5.91
C PRO A 43 17.93 13.86 5.52
N ALA A 44 18.51 14.97 5.95
CA ALA A 44 17.98 16.29 5.64
C ALA A 44 18.61 16.87 4.38
N ASP A 45 18.76 16.04 3.35
CA ASP A 45 19.36 16.47 2.10
C ASP A 45 19.36 15.33 1.07
N GLY A 46 19.53 15.68 -0.19
CA GLY A 46 19.56 14.68 -1.24
C GLY A 46 18.48 14.91 -2.29
N GLU A 47 18.63 14.26 -3.44
CA GLU A 47 17.68 14.40 -4.52
C GLU A 47 17.45 13.05 -5.22
N PRO A 48 16.48 12.26 -4.73
CA PRO A 48 16.17 10.95 -5.31
C PRO A 48 15.92 11.02 -6.81
N GLY A 49 16.26 9.95 -7.52
CA GLY A 49 16.05 9.90 -8.96
C GLY A 49 16.31 8.53 -9.53
N PRO A 50 15.64 7.49 -9.01
CA PRO A 50 15.81 6.11 -9.49
C PRO A 50 15.08 5.87 -10.80
N GLU A 51 15.54 4.87 -11.56
CA GLU A 51 14.93 4.52 -12.84
C GLU A 51 15.23 3.07 -13.21
N PRO A 52 14.71 2.11 -12.43
CA PRO A 52 14.93 0.69 -12.67
C PRO A 52 14.25 0.21 -13.96
N GLU A 53 14.78 0.67 -15.10
CA GLU A 53 14.24 0.30 -16.41
C GLU A 53 12.72 0.19 -16.39
N PRO A 54 12.01 1.32 -16.63
CA PRO A 54 10.55 1.35 -16.64
C PRO A 54 9.97 0.53 -17.79
N ALA A 55 8.99 -0.31 -17.48
CA ALA A 55 8.35 -1.15 -18.47
C ALA A 55 7.07 -1.77 -17.93
N GLN A 56 6.08 -1.95 -18.80
CA GLN A 56 4.81 -2.55 -18.41
C GLN A 56 4.25 -3.43 -19.51
N LEU A 57 3.42 -4.39 -19.13
CA LEU A 57 2.81 -5.31 -20.09
C LEU A 57 1.56 -4.69 -20.72
N ASN A 58 1.22 -5.17 -21.91
CA ASN A 58 0.05 -4.67 -22.62
C ASN A 58 -1.23 -5.26 -22.05
N GLY A 59 -2.14 -4.37 -21.62
CA GLY A 59 -3.40 -4.82 -21.05
C GLY A 59 -4.23 -5.62 -22.04
N ALA A 60 -4.38 -5.08 -23.25
CA ALA A 60 -5.15 -5.74 -24.29
C ALA A 60 -6.60 -5.95 -23.85
N ALA A 61 -7.43 -4.94 -24.08
CA ALA A 61 -8.84 -5.01 -23.70
C ALA A 61 -9.72 -5.24 -24.93
N GLU A 62 -10.51 -6.31 -24.89
CA GLU A 62 -11.41 -6.64 -25.99
C GLU A 62 -12.72 -7.23 -25.46
N PRO A 63 -13.39 -6.51 -24.54
CA PRO A 63 -14.66 -6.97 -23.97
C PRO A 63 -15.82 -6.82 -24.94
N GLY A 64 -16.98 -7.35 -24.55
CA GLY A 64 -18.15 -7.27 -25.41
C GLY A 64 -19.24 -6.39 -24.81
N ALA A 65 -19.25 -6.27 -23.48
CA ALA A 65 -20.24 -5.46 -22.79
C ALA A 65 -19.57 -4.44 -21.87
N ALA A 66 -18.72 -3.60 -22.45
CA ALA A 66 -18.02 -2.58 -21.69
C ALA A 66 -17.14 -1.73 -22.60
N PRO A 67 -17.45 -0.44 -22.73
CA PRO A 67 -16.69 0.49 -23.57
C PRO A 67 -15.25 0.66 -23.08
N PRO A 68 -14.27 0.14 -23.83
CA PRO A 68 -12.85 0.23 -23.46
C PRO A 68 -12.35 1.67 -23.41
N GLN A 69 -11.15 1.86 -22.90
CA GLN A 69 -10.55 3.20 -22.80
C GLN A 69 -11.38 4.10 -21.89
N LEU A 70 -12.06 3.51 -20.92
CA LEU A 70 -12.88 4.27 -20.00
C LEU A 70 -12.78 3.74 -18.56
N PRO A 71 -13.25 2.50 -18.32
CA PRO A 71 -13.20 1.89 -16.98
C PRO A 71 -11.77 1.71 -16.48
N GLU A 72 -10.82 1.72 -17.40
CA GLU A 72 -9.42 1.55 -17.04
C GLU A 72 -8.79 2.88 -16.63
N ALA A 73 -8.65 3.78 -17.60
CA ALA A 73 -8.05 5.09 -17.34
C ALA A 73 -6.60 4.93 -16.89
N LEU A 74 -5.83 4.17 -17.67
CA LEU A 74 -4.44 3.92 -17.36
C LEU A 74 -4.27 3.24 -16.01
N LEU A 75 -5.34 2.64 -15.54
CA LEU A 75 -5.36 1.94 -14.26
C LEU A 75 -4.68 2.75 -13.17
N LEU A 76 -5.47 3.47 -12.41
CA LEU A 76 -4.96 4.30 -11.32
C LEU A 76 -4.84 3.48 -10.04
N GLN A 77 -5.94 3.33 -9.32
CA GLN A 77 -5.97 2.56 -8.09
C GLN A 77 -7.22 1.70 -8.02
N ARG A 78 -7.11 0.57 -7.30
CA ARG A 78 -8.22 -0.37 -7.15
C ARG A 78 -8.97 -0.58 -8.47
N ARG A 79 -10.12 -1.24 -8.41
CA ARG A 79 -10.91 -1.50 -9.60
C ARG A 79 -12.38 -1.13 -9.37
N ARG A 80 -12.99 -0.50 -10.36
CA ARG A 80 -14.39 -0.10 -10.27
C ARG A 80 -15.14 -0.48 -11.55
N VAL A 81 -15.51 -1.75 -11.64
CA VAL A 81 -16.22 -2.26 -12.80
C VAL A 81 -17.71 -1.88 -12.76
N THR A 82 -18.34 -1.84 -13.92
CA THR A 82 -19.75 -1.50 -14.02
C THR A 82 -20.47 -2.46 -14.97
N VAL A 83 -21.75 -2.68 -14.72
CA VAL A 83 -22.54 -3.57 -15.55
C VAL A 83 -23.93 -2.99 -15.80
N ARG A 84 -24.13 -2.43 -16.99
CA ARG A 84 -25.42 -1.85 -17.36
C ARG A 84 -26.42 -2.94 -17.74
N LYS A 85 -27.66 -2.76 -17.35
CA LYS A 85 -28.71 -3.73 -17.65
C LYS A 85 -28.92 -3.86 -19.15
N ALA A 86 -28.64 -2.79 -19.89
CA ALA A 86 -28.79 -2.78 -21.34
C ALA A 86 -28.04 -3.95 -21.97
N ASP A 87 -26.73 -4.00 -21.75
CA ASP A 87 -25.90 -5.07 -22.29
C ASP A 87 -25.28 -5.90 -21.18
N ALA A 88 -25.66 -7.17 -21.11
CA ALA A 88 -25.14 -8.07 -20.09
C ALA A 88 -25.50 -9.52 -20.40
N GLY A 89 -26.80 -9.79 -20.52
CA GLY A 89 -27.25 -11.13 -20.81
C GLY A 89 -27.73 -11.87 -19.58
N GLY A 90 -27.09 -11.60 -18.44
CA GLY A 90 -27.47 -12.26 -17.21
C GLY A 90 -26.28 -12.48 -16.29
N LEU A 91 -26.57 -12.77 -15.02
CA LEU A 91 -25.53 -13.00 -14.03
C LEU A 91 -25.71 -14.36 -13.37
N GLY A 92 -24.63 -15.14 -13.33
CA GLY A 92 -24.69 -16.46 -12.71
C GLY A 92 -23.36 -16.89 -12.12
N ILE A 93 -22.56 -15.91 -11.73
CA ILE A 93 -21.25 -16.19 -11.13
C ILE A 93 -21.40 -16.81 -9.75
N SER A 94 -20.31 -17.39 -9.25
CA SER A 94 -20.31 -18.01 -7.93
C SER A 94 -19.22 -17.41 -7.05
N ILE A 95 -19.60 -16.46 -6.22
CA ILE A 95 -18.66 -15.80 -5.32
C ILE A 95 -18.51 -16.55 -4.01
N LYS A 96 -17.54 -16.14 -3.21
CA LYS A 96 -17.28 -16.77 -1.92
C LYS A 96 -16.73 -15.77 -0.92
N GLY A 97 -17.33 -15.73 0.26
CA GLY A 97 -16.88 -14.80 1.29
C GLY A 97 -17.23 -15.27 2.69
N GLY A 98 -16.64 -14.64 3.69
CA GLY A 98 -16.91 -15.03 5.07
C GLY A 98 -16.32 -14.05 6.08
N ARG A 99 -17.00 -12.93 6.28
CA ARG A 99 -16.53 -11.93 7.23
C ARG A 99 -16.40 -12.52 8.63
N GLU A 100 -17.28 -13.46 8.95
CA GLU A 100 -17.25 -14.11 10.26
C GLU A 100 -15.88 -14.74 10.51
N ASN A 101 -15.18 -15.05 9.42
CA ASN A 101 -13.85 -15.65 9.52
C ASN A 101 -12.84 -14.85 8.69
N LYS A 102 -12.92 -13.53 8.80
CA LYS A 102 -12.03 -12.61 8.07
C LYS A 102 -11.74 -13.09 6.65
N MET A 103 -12.69 -13.82 6.10
CA MET A 103 -12.57 -14.34 4.74
C MET A 103 -13.06 -13.31 3.72
N PRO A 104 -12.15 -12.73 2.91
CA PRO A 104 -12.51 -11.72 1.92
C PRO A 104 -13.39 -12.29 0.81
N ILE A 105 -14.38 -11.49 0.38
CA ILE A 105 -15.29 -11.91 -0.68
C ILE A 105 -14.67 -11.67 -2.05
N LEU A 106 -14.47 -12.75 -2.80
CA LEU A 106 -13.87 -12.65 -4.12
C LEU A 106 -14.60 -13.54 -5.13
N ILE A 107 -14.26 -13.37 -6.40
CA ILE A 107 -14.87 -14.16 -7.46
C ILE A 107 -14.41 -15.60 -7.40
N SER A 108 -15.35 -16.50 -7.09
CA SER A 108 -15.04 -17.91 -6.99
C SER A 108 -15.40 -18.65 -8.28
N LYS A 109 -16.32 -18.08 -9.05
CA LYS A 109 -16.72 -18.71 -10.31
C LYS A 109 -17.35 -17.70 -11.27
N ILE A 110 -16.95 -17.78 -12.53
CA ILE A 110 -17.46 -16.89 -13.56
C ILE A 110 -17.93 -17.68 -14.77
N PHE A 111 -19.23 -18.00 -14.80
CA PHE A 111 -19.81 -18.77 -15.88
C PHE A 111 -19.53 -18.11 -17.24
N LYS A 112 -19.35 -18.94 -18.27
CA LYS A 112 -19.08 -18.43 -19.61
C LYS A 112 -20.35 -17.95 -20.30
N GLY A 113 -20.19 -17.14 -21.33
CA GLY A 113 -21.33 -16.62 -22.06
C GLY A 113 -22.31 -15.89 -21.16
N LEU A 114 -21.81 -14.93 -20.39
CA LEU A 114 -22.64 -14.15 -19.48
C LEU A 114 -22.07 -12.75 -19.27
N ALA A 115 -22.75 -11.96 -18.45
CA ALA A 115 -22.31 -10.60 -18.16
C ALA A 115 -20.91 -10.60 -17.55
N ALA A 116 -20.61 -11.63 -16.75
CA ALA A 116 -19.31 -11.73 -16.10
C ALA A 116 -18.20 -11.92 -17.13
N ASP A 117 -18.49 -12.69 -18.18
CA ASP A 117 -17.52 -12.95 -19.23
C ASP A 117 -17.31 -11.71 -20.08
N GLN A 118 -18.37 -10.94 -20.29
CA GLN A 118 -18.29 -9.73 -21.09
C GLN A 118 -17.51 -8.64 -20.36
N THR A 119 -17.57 -8.67 -19.03
CA THR A 119 -16.86 -7.68 -18.22
C THR A 119 -15.45 -8.16 -17.89
N GLU A 120 -14.57 -8.11 -18.88
CA GLU A 120 -13.18 -8.52 -18.68
C GLU A 120 -12.52 -7.71 -17.58
N ALA A 121 -13.10 -6.55 -17.28
CA ALA A 121 -12.58 -5.67 -16.24
C ALA A 121 -12.32 -6.43 -14.95
N LEU A 122 -13.12 -7.47 -14.71
CA LEU A 122 -12.96 -8.30 -13.51
C LEU A 122 -13.01 -9.78 -13.86
N PHE A 123 -12.29 -10.58 -13.09
CA PHE A 123 -12.24 -12.02 -13.33
C PHE A 123 -11.96 -12.77 -12.03
N VAL A 124 -11.89 -14.09 -12.11
CA VAL A 124 -11.62 -14.93 -10.95
C VAL A 124 -10.39 -14.44 -10.18
N GLY A 125 -10.61 -14.00 -8.95
CA GLY A 125 -9.52 -13.52 -8.13
C GLY A 125 -9.63 -12.04 -7.80
N ASP A 126 -10.87 -11.52 -7.81
CA ASP A 126 -11.12 -10.12 -7.51
C ASP A 126 -11.91 -9.98 -6.21
N ALA A 127 -11.29 -9.35 -5.22
CA ALA A 127 -11.94 -9.15 -3.92
C ALA A 127 -12.80 -7.89 -3.92
N ILE A 128 -14.11 -8.08 -3.79
CA ILE A 128 -15.03 -6.95 -3.77
C ILE A 128 -14.91 -6.16 -2.47
N LEU A 129 -15.37 -4.91 -2.50
CA LEU A 129 -15.31 -4.05 -1.32
C LEU A 129 -16.40 -2.99 -1.36
N SER A 130 -16.69 -2.48 -2.55
CA SER A 130 -17.73 -1.45 -2.70
C SER A 130 -18.58 -1.72 -3.95
N VAL A 131 -19.87 -1.97 -3.74
CA VAL A 131 -20.77 -2.24 -4.86
C VAL A 131 -21.83 -1.15 -4.97
N ASN A 132 -22.22 -0.83 -6.21
CA ASN A 132 -23.24 0.19 -6.48
C ASN A 132 -23.24 1.28 -5.41
N GLY A 133 -22.05 1.73 -5.01
CA GLY A 133 -21.95 2.75 -4.00
C GLY A 133 -22.35 2.23 -2.64
N GLU A 134 -21.69 1.17 -2.19
CA GLU A 134 -21.96 0.57 -0.90
C GLU A 134 -20.87 -0.41 -0.55
N ASP A 135 -20.12 -0.04 0.45
CA ASP A 135 -19.00 -0.84 0.92
C ASP A 135 -19.48 -2.13 1.58
N LEU A 136 -19.06 -3.26 1.03
CA LEU A 136 -19.43 -4.56 1.56
C LEU A 136 -18.47 -5.00 2.66
N SER A 137 -17.75 -4.04 3.22
CA SER A 137 -16.79 -4.31 4.29
C SER A 137 -17.52 -4.83 5.52
N SER A 138 -18.70 -4.28 5.77
CA SER A 138 -19.51 -4.69 6.90
C SER A 138 -20.75 -5.44 6.40
N ALA A 139 -20.52 -6.33 5.44
CA ALA A 139 -21.58 -7.12 4.85
C ALA A 139 -21.04 -8.47 4.40
N THR A 140 -21.17 -9.46 5.28
CA THR A 140 -20.69 -10.81 5.00
C THR A 140 -21.11 -11.31 3.62
N HIS A 141 -20.67 -12.52 3.30
CA HIS A 141 -20.97 -13.15 2.01
C HIS A 141 -22.41 -12.91 1.57
N ASP A 142 -23.36 -13.40 2.36
CA ASP A 142 -24.78 -13.25 2.04
C ASP A 142 -25.10 -11.82 1.62
N GLU A 143 -24.52 -10.85 2.32
CA GLU A 143 -24.76 -9.45 2.00
C GLU A 143 -24.16 -9.09 0.65
N ALA A 144 -23.10 -9.78 0.26
CA ALA A 144 -22.46 -9.53 -1.02
C ALA A 144 -23.30 -10.08 -2.17
N VAL A 145 -23.87 -11.27 -1.96
CA VAL A 145 -24.70 -11.90 -2.97
C VAL A 145 -25.98 -11.11 -3.22
N GLN A 146 -26.52 -10.50 -2.17
CA GLN A 146 -27.74 -9.72 -2.29
C GLN A 146 -27.44 -8.31 -2.79
N ALA A 147 -26.25 -7.81 -2.47
CA ALA A 147 -25.85 -6.46 -2.89
C ALA A 147 -25.67 -6.40 -4.40
N LEU A 148 -25.11 -7.46 -4.97
CA LEU A 148 -24.87 -7.52 -6.41
C LEU A 148 -26.07 -8.11 -7.15
N LYS A 149 -26.81 -8.99 -6.47
CA LYS A 149 -27.98 -9.62 -7.06
C LYS A 149 -29.13 -8.63 -7.22
N LYS A 150 -29.26 -7.75 -6.23
CA LYS A 150 -30.33 -6.74 -6.25
C LYS A 150 -30.07 -5.71 -7.35
N THR A 151 -28.81 -5.51 -7.69
CA THR A 151 -28.44 -4.56 -8.72
C THR A 151 -29.00 -4.97 -10.08
N GLY A 152 -28.81 -4.13 -11.09
CA GLY A 152 -29.31 -4.44 -12.42
C GLY A 152 -29.14 -3.29 -13.39
N LYS A 153 -29.93 -2.23 -13.20
CA LYS A 153 -29.87 -1.06 -14.07
C LYS A 153 -28.42 -0.56 -14.24
N GLU A 154 -27.60 -0.81 -13.23
CA GLU A 154 -26.21 -0.41 -13.25
C GLU A 154 -25.47 -1.04 -12.09
N VAL A 155 -24.68 -2.04 -12.39
CA VAL A 155 -23.90 -2.76 -11.38
C VAL A 155 -22.47 -2.25 -11.31
N VAL A 156 -22.26 -1.19 -10.55
CA VAL A 156 -20.93 -0.62 -10.38
C VAL A 156 -20.20 -1.29 -9.22
N LEU A 157 -19.49 -2.37 -9.51
CA LEU A 157 -18.78 -3.11 -8.47
C LEU A 157 -17.32 -2.66 -8.39
N GLU A 158 -16.82 -2.54 -7.16
CA GLU A 158 -15.45 -2.14 -6.93
C GLU A 158 -14.68 -3.23 -6.20
N VAL A 159 -13.70 -3.82 -6.89
CA VAL A 159 -12.91 -4.89 -6.31
C VAL A 159 -11.42 -4.55 -6.29
N LYS A 160 -10.64 -5.38 -5.60
CA LYS A 160 -9.20 -5.18 -5.51
C LYS A 160 -8.45 -6.44 -5.91
N TYR A 161 -7.48 -6.30 -6.81
CA TYR A 161 -6.70 -7.44 -7.28
C TYR A 161 -5.96 -8.11 -6.13
N MET A 162 -6.37 -9.33 -5.80
CA MET A 162 -5.75 -10.08 -4.72
C MET A 162 -5.01 -11.31 -5.26
N LYS A 163 -4.04 -11.79 -4.50
CA LYS A 163 -3.26 -12.95 -4.90
C LYS A 163 -2.73 -13.71 -3.69
N GLU A 164 -1.68 -13.19 -3.09
CA GLU A 164 -1.07 -13.81 -1.92
C GLU A 164 -1.81 -13.41 -0.65
N VAL A 165 -3.11 -13.69 -0.61
CA VAL A 165 -3.93 -13.35 0.55
C VAL A 165 -4.55 -14.61 1.16
N SER A 166 -4.95 -15.54 0.30
CA SER A 166 -5.55 -16.79 0.75
C SER A 166 -4.69 -17.99 0.35
N PRO A 167 -3.63 -18.28 1.11
CA PRO A 167 -2.74 -19.41 0.82
C PRO A 167 -3.49 -20.72 0.68
N TYR A 168 -3.21 -21.45 -0.39
CA TYR A 168 -3.86 -22.72 -0.66
C TYR A 168 -2.97 -23.63 -1.50
N PHE A 169 -2.69 -24.82 -0.99
CA PHE A 169 -1.85 -25.79 -1.70
C PHE A 169 -0.47 -25.20 -1.98
N LYS A 170 0.40 -25.22 -0.97
CA LYS A 170 1.74 -24.68 -1.11
C LYS A 170 2.71 -25.76 -1.57
N ASN A 171 2.94 -25.83 -2.88
CA ASN A 171 3.84 -26.82 -3.46
C ASN A 171 5.15 -26.18 -3.90
N SER A 172 6.24 -26.94 -3.82
CA SER A 172 7.55 -26.44 -4.21
C SER A 172 7.97 -25.28 -3.33
N ALA A 173 9.14 -25.41 -2.69
CA ALA A 173 9.66 -24.38 -1.82
C ALA A 173 11.04 -23.91 -2.28
N GLY A 174 11.28 -22.60 -2.18
CA GLY A 174 12.56 -22.05 -2.59
C GLY A 174 12.69 -20.58 -2.27
N GLY A 175 13.54 -20.26 -1.30
CA GLY A 175 13.74 -18.87 -0.92
C GLY A 175 15.21 -18.50 -0.80
N THR A 176 15.52 -17.26 -1.13
CA THR A 176 16.90 -16.78 -1.07
C THR A 176 16.97 -15.40 -0.40
N SER A 177 17.86 -15.28 0.59
CA SER A 177 18.02 -14.03 1.30
C SER A 177 18.91 -13.06 0.51
N VAL A 178 18.31 -12.35 -0.43
CA VAL A 178 19.04 -11.39 -1.25
C VAL A 178 18.19 -10.16 -1.56
N GLY A 179 18.82 -9.00 -1.58
CA GLY A 179 18.11 -7.77 -1.87
C GLY A 179 17.94 -6.90 -0.64
N TRP A 180 18.83 -7.06 0.33
CA TRP A 180 18.78 -6.28 1.55
C TRP A 180 19.90 -5.25 1.60
N ASP A 181 20.25 -4.73 0.43
CA ASP A 181 21.33 -3.73 0.33
C ASP A 181 22.66 -4.33 0.76
N SER A 182 23.72 -4.00 0.01
CA SER A 182 25.04 -4.51 0.31
C SER A 182 26.10 -3.40 0.19
N PRO A 183 26.53 -2.83 1.32
CA PRO A 183 27.53 -1.76 1.34
C PRO A 183 28.75 -2.08 0.47
N PRO A 184 28.85 -1.46 -0.72
CA PRO A 184 29.97 -1.70 -1.63
C PRO A 184 31.28 -1.14 -1.10
N ALA A 185 32.37 -1.37 -1.83
CA ALA A 185 33.69 -0.89 -1.44
C ALA A 185 33.71 0.63 -1.35
N SER A 186 34.11 1.15 -0.20
CA SER A 186 34.17 2.59 0.01
C SER A 186 35.62 3.08 -0.02
N PRO A 187 36.12 3.47 -1.20
CA PRO A 187 37.50 3.95 -1.35
C PRO A 187 37.73 5.26 -0.61
N LEU A 188 36.90 6.25 -0.89
CA LEU A 188 37.01 7.55 -0.26
C LEU A 188 35.63 8.14 0.05
N GLN A 189 35.61 9.30 0.69
CA GLN A 189 34.36 9.96 1.05
C GLN A 189 34.62 11.30 1.72
N ARG A 190 35.59 11.32 2.63
CA ARG A 190 35.94 12.54 3.35
C ARG A 190 36.51 13.59 2.40
N GLN A 191 36.31 14.86 2.74
CA GLN A 191 36.79 15.96 1.92
C GLN A 191 36.62 17.29 2.64
N PRO A 192 35.38 17.70 2.94
CA PRO A 192 35.10 18.96 3.63
C PRO A 192 35.42 18.88 5.12
N SER A 193 35.09 17.75 5.73
CA SER A 193 35.35 17.55 7.14
C SER A 193 34.98 16.13 7.57
N SER A 194 34.96 15.89 8.88
CA SER A 194 34.61 14.58 9.42
C SER A 194 33.74 14.71 10.66
N PRO A 195 32.41 14.75 10.48
CA PRO A 195 31.46 14.87 11.59
C PRO A 195 31.42 13.62 12.45
N GLY A 196 32.55 13.31 13.09
CA GLY A 196 32.62 12.12 13.94
C GLY A 196 32.83 10.85 13.14
N PRO A 197 34.09 10.40 12.98
CA PRO A 197 34.40 9.18 12.23
C PRO A 197 33.57 7.99 12.69
N GLN A 198 33.13 7.18 11.73
CA GLN A 198 32.31 6.01 12.03
C GLN A 198 31.06 6.40 12.82
N PRO A 199 30.28 7.36 12.30
CA PRO A 199 29.05 7.82 12.95
C PRO A 199 27.91 6.82 12.81
N ARG A 200 27.92 6.08 11.71
CA ARG A 200 26.88 5.09 11.46
C ARG A 200 25.51 5.76 11.34
N ASN A 201 25.20 6.27 10.16
CA ASN A 201 23.93 6.94 9.93
C ASN A 201 23.39 6.61 8.53
N LEU A 202 22.08 6.44 8.44
CA LEU A 202 21.44 6.12 7.16
C LEU A 202 21.55 7.30 6.19
N SER A 203 22.35 7.11 5.14
CA SER A 203 22.54 8.16 4.15
C SER A 203 21.64 7.93 2.93
N GLU A 204 21.66 6.71 2.40
CA GLU A 204 20.85 6.35 1.25
C GLU A 204 19.38 6.72 1.47
N ALA A 205 18.65 5.85 2.18
CA ALA A 205 17.25 6.09 2.45
C ALA A 205 16.66 4.96 3.28
N LYS A 206 15.35 5.02 3.53
CA LYS A 206 14.66 4.00 4.31
C LYS A 206 13.23 3.82 3.83
N HIS A 207 13.06 3.02 2.79
CA HIS A 207 11.75 2.76 2.22
C HIS A 207 11.05 1.60 2.95
N VAL A 208 9.98 1.92 3.67
CA VAL A 208 9.23 0.91 4.41
C VAL A 208 7.89 0.63 3.75
N SER A 209 7.48 -0.64 3.75
CA SER A 209 6.21 -1.04 3.16
C SER A 209 5.04 -0.67 4.07
N LEU A 210 4.11 0.12 3.54
CA LEU A 210 2.95 0.54 4.31
C LEU A 210 1.78 -0.42 4.09
N LYS A 211 2.05 -1.71 4.23
CA LYS A 211 1.02 -2.72 4.04
C LYS A 211 0.54 -3.27 5.38
N MET A 212 1.48 -3.45 6.30
CA MET A 212 1.16 -3.96 7.63
C MET A 212 1.87 -3.15 8.72
N ALA A 213 2.12 -1.88 8.43
CA ALA A 213 2.79 -1.00 9.37
C ALA A 213 1.82 -0.48 10.43
N TYR A 214 2.29 -0.37 11.67
CA TYR A 214 1.47 0.11 12.77
C TYR A 214 1.94 1.48 13.24
N VAL A 215 0.99 2.40 13.44
CA VAL A 215 1.32 3.74 13.90
C VAL A 215 1.04 3.90 15.39
N SER A 216 2.08 4.25 16.14
CA SER A 216 1.95 4.43 17.58
C SER A 216 2.15 5.90 17.96
N ARG A 217 1.77 6.24 19.19
CA ARG A 217 1.90 7.60 19.68
C ARG A 217 2.00 7.63 21.21
N ARG A 218 3.07 8.25 21.71
CA ARG A 218 3.28 8.34 23.16
C ARG A 218 4.06 9.60 23.50
N CYS A 219 3.90 10.06 24.74
CA CYS A 219 4.61 11.26 25.21
C CYS A 219 6.01 10.92 25.71
N THR A 220 6.82 11.94 25.91
CA THR A 220 8.18 11.74 26.40
C THR A 220 8.74 13.03 27.00
N PRO A 221 9.85 12.93 27.76
CA PRO A 221 10.47 14.09 28.39
C PRO A 221 10.84 15.18 27.38
N THR A 222 11.07 14.77 26.14
CA THR A 222 11.43 15.70 25.08
C THR A 222 10.23 16.04 24.20
N ASP A 223 9.04 16.08 24.81
CA ASP A 223 7.83 16.39 24.08
C ASP A 223 7.11 17.59 24.71
N PRO A 224 7.22 18.78 24.09
CA PRO A 224 6.58 19.99 24.60
C PRO A 224 5.06 19.94 24.49
N GLU A 225 4.55 19.00 23.69
CA GLU A 225 3.12 18.85 23.50
C GLU A 225 2.80 17.64 22.61
N PRO A 226 3.26 17.66 21.35
CA PRO A 226 3.02 16.55 20.42
C PRO A 226 3.77 15.28 20.80
N ARG A 227 3.05 14.17 20.84
CA ARG A 227 3.65 12.89 21.20
C ARG A 227 4.41 12.30 20.01
N TYR A 228 5.49 11.58 20.29
CA TYR A 228 6.29 10.96 19.24
C TYR A 228 5.53 9.83 18.57
N LEU A 229 5.74 9.69 17.26
CA LEU A 229 5.07 8.64 16.50
C LEU A 229 6.03 7.51 16.15
N GLU A 230 5.49 6.29 16.07
CA GLU A 230 6.29 5.12 15.75
C GLU A 230 5.64 4.33 14.61
N ILE A 231 6.47 3.87 13.67
CA ILE A 231 5.97 3.11 12.53
C ILE A 231 6.51 1.69 12.54
N CYS A 232 5.84 0.81 13.27
CA CYS A 232 6.23 -0.58 13.36
C CYS A 232 5.81 -1.35 12.12
N ALA A 233 6.74 -1.54 11.19
CA ALA A 233 6.45 -2.26 9.95
C ALA A 233 6.24 -3.75 10.22
N ALA A 234 5.00 -4.21 10.02
CA ALA A 234 4.65 -5.60 10.25
C ALA A 234 5.20 -6.12 11.57
N ASP A 235 5.40 -5.20 12.52
CA ASP A 235 5.92 -5.55 13.83
C ASP A 235 7.11 -6.50 13.75
N GLY A 236 7.96 -6.29 12.75
CA GLY A 236 9.12 -7.14 12.58
C GLY A 236 9.94 -6.82 11.35
N GLN A 237 9.27 -6.63 10.22
CA GLN A 237 9.97 -6.33 8.97
C GLN A 237 10.72 -5.01 9.07
N ASP A 238 10.19 -4.07 9.86
CA ASP A 238 10.83 -2.77 10.03
C ASP A 238 10.17 -2.00 11.17
N ALA A 239 10.79 -0.88 11.55
CA ALA A 239 10.27 -0.05 12.62
C ALA A 239 11.01 1.28 12.67
N VAL A 240 10.43 2.32 12.09
CA VAL A 240 11.03 3.64 12.08
C VAL A 240 10.29 4.60 12.99
N PHE A 241 11.04 5.27 13.86
CA PHE A 241 10.46 6.22 14.80
C PHE A 241 10.64 7.66 14.30
N LEU A 242 9.59 8.47 14.43
CA LEU A 242 9.65 9.86 14.00
C LEU A 242 8.76 10.74 14.88
N ARG A 243 9.01 12.04 14.86
CA ARG A 243 8.23 12.99 15.66
C ARG A 243 7.90 14.23 14.85
N ALA A 244 6.64 14.64 14.87
CA ALA A 244 6.20 15.81 14.14
C ALA A 244 6.46 17.09 14.94
N LYS A 245 6.40 18.23 14.26
CA LYS A 245 6.63 19.52 14.91
C LYS A 245 5.55 19.81 15.95
N ASP A 246 4.31 19.91 15.48
CA ASP A 246 3.18 20.19 16.35
C ASP A 246 2.28 18.97 16.46
N GLU A 247 1.31 19.02 17.38
CA GLU A 247 0.39 17.92 17.58
C GLU A 247 -0.43 17.66 16.33
N ALA A 248 -0.79 18.72 15.63
CA ALA A 248 -1.57 18.60 14.40
C ALA A 248 -0.75 17.92 13.32
N SER A 249 0.49 18.37 13.14
CA SER A 249 1.38 17.78 12.14
C SER A 249 1.47 16.28 12.37
N ALA A 250 1.44 15.89 13.63
CA ALA A 250 1.50 14.48 13.99
C ALA A 250 0.13 13.84 13.82
N ARG A 251 -0.91 14.63 14.04
CA ARG A 251 -2.27 14.13 13.87
C ARG A 251 -2.49 13.79 12.40
N SER A 252 -1.91 14.60 11.53
CA SER A 252 -2.02 14.38 10.09
C SER A 252 -1.06 13.28 9.66
N TRP A 253 0.06 13.16 10.36
CA TRP A 253 1.04 12.12 10.03
C TRP A 253 0.46 10.75 10.34
N ALA A 254 0.15 10.54 11.62
CA ALA A 254 -0.42 9.28 12.06
C ALA A 254 -1.74 9.02 11.33
N GLY A 255 -2.46 10.10 11.05
CA GLY A 255 -3.71 9.98 10.34
C GLY A 255 -3.50 9.69 8.86
N ALA A 256 -2.38 10.18 8.32
CA ALA A 256 -2.05 9.95 6.93
C ALA A 256 -1.54 8.54 6.71
N ILE A 257 -0.68 8.08 7.62
CA ILE A 257 -0.11 6.75 7.52
C ILE A 257 -1.19 5.70 7.75
N GLN A 258 -2.08 5.97 8.71
CA GLN A 258 -3.17 5.05 9.03
C GLN A 258 -4.14 4.97 7.86
N ALA A 259 -4.42 6.13 7.25
CA ALA A 259 -5.34 6.19 6.12
C ALA A 259 -4.75 5.49 4.89
N GLN A 260 -3.43 5.48 4.80
CA GLN A 260 -2.74 4.85 3.69
C GLN A 260 -2.60 3.35 3.90
N ILE A 261 -2.12 2.97 5.07
CA ILE A 261 -1.94 1.56 5.41
C ILE A 261 -3.29 0.86 5.53
N GLY A 262 -4.06 1.24 6.52
CA GLY A 262 -5.37 0.63 6.73
C GLY A 262 -5.33 -0.50 7.73
N THR A 263 -4.20 -1.19 7.80
CA THR A 263 -4.04 -2.31 8.72
C THR A 263 -3.76 -1.82 10.14
N ALA A 1 7.88 -20.14 10.84
CA ALA A 1 7.87 -18.73 10.38
C ALA A 1 7.77 -17.77 11.54
N SER A 2 6.65 -17.82 12.27
CA SER A 2 6.43 -16.95 13.40
C SER A 2 6.46 -15.48 13.00
N GLY A 3 5.28 -14.88 12.89
CA GLY A 3 5.18 -13.49 12.51
C GLY A 3 3.78 -12.93 12.66
N ARG A 4 3.07 -12.80 11.54
CA ARG A 4 1.70 -12.27 11.55
C ARG A 4 1.67 -10.85 12.11
N ARG A 5 0.62 -10.11 11.76
CA ARG A 5 0.47 -8.75 12.23
C ARG A 5 -0.01 -8.71 13.68
N ALA A 6 0.14 -7.56 14.32
CA ALA A 6 -0.28 -7.40 15.71
C ALA A 6 0.03 -6.01 16.24
N PRO A 7 1.32 -5.64 16.26
CA PRO A 7 1.78 -4.32 16.73
C PRO A 7 1.36 -3.19 15.79
N ARG A 8 1.32 -1.98 16.33
CA ARG A 8 0.94 -0.81 15.55
C ARG A 8 2.12 -0.33 14.69
N THR A 9 2.03 -0.57 13.39
CA THR A 9 3.08 -0.16 12.47
C THR A 9 2.64 1.04 11.64
N GLY A 10 3.61 1.89 11.28
CA GLY A 10 3.30 3.06 10.49
C GLY A 10 4.51 3.58 9.72
N LEU A 11 4.27 4.47 8.77
CA LEU A 11 5.34 5.04 7.96
C LEU A 11 5.60 6.49 8.35
N LEU A 12 6.60 6.68 9.20
CA LEU A 12 6.97 8.02 9.67
C LEU A 12 8.18 8.54 8.90
N GLU A 13 8.42 9.85 9.01
CA GLU A 13 9.55 10.48 8.34
C GLU A 13 10.70 10.75 9.30
N LEU A 14 11.88 10.27 8.96
CA LEU A 14 13.06 10.47 9.80
C LEU A 14 14.02 11.46 9.16
N ARG A 15 14.91 12.03 9.96
CA ARG A 15 15.88 13.00 9.48
C ARG A 15 17.30 12.45 9.58
N CYS A 16 18.18 12.97 8.74
CA CYS A 16 19.58 12.54 8.74
C CYS A 16 20.39 13.26 9.80
N GLY A 17 21.51 12.68 10.19
CA GLY A 17 22.35 13.30 11.20
C GLY A 17 23.09 14.51 10.69
N ALA A 18 22.70 15.69 11.18
CA ALA A 18 23.33 16.93 10.75
C ALA A 18 24.52 17.27 11.64
N GLY A 19 25.57 17.81 11.03
CA GLY A 19 26.76 18.17 11.77
C GLY A 19 28.01 18.12 10.92
N SER A 20 28.65 16.95 10.88
CA SER A 20 29.86 16.76 10.10
C SER A 20 29.58 15.94 8.84
N GLY A 21 29.70 16.58 7.68
CA GLY A 21 29.46 15.89 6.43
C GLY A 21 28.00 15.95 6.00
N ALA A 22 27.60 17.09 5.46
CA ALA A 22 26.22 17.27 5.02
C ALA A 22 26.06 18.57 4.23
N GLY A 23 24.99 18.64 3.44
CA GLY A 23 24.75 19.84 2.65
C GLY A 23 23.70 20.74 3.28
N GLY A 24 22.45 20.27 3.28
CA GLY A 24 21.38 21.07 3.86
C GLY A 24 20.42 20.23 4.69
N GLU A 25 19.89 19.17 4.08
CA GLU A 25 18.95 18.29 4.77
C GLU A 25 18.89 16.92 4.08
N ARG A 26 18.15 16.00 4.68
CA ARG A 26 18.00 14.66 4.13
C ARG A 26 17.07 13.82 4.99
N TRP A 27 15.84 13.65 4.52
CA TRP A 27 14.85 12.88 5.24
C TRP A 27 14.64 11.51 4.60
N GLN A 28 14.32 10.52 5.41
CA GLN A 28 14.09 9.16 4.92
C GLN A 28 12.79 8.60 5.45
N ARG A 29 12.16 7.71 4.68
CA ARG A 29 10.91 7.10 5.08
C ARG A 29 11.14 5.77 5.78
N VAL A 30 11.10 5.80 7.11
CA VAL A 30 11.32 4.59 7.90
C VAL A 30 10.03 4.15 8.60
N LEU A 31 9.74 2.86 8.52
CA LEU A 31 8.53 2.32 9.13
C LEU A 31 8.79 1.94 10.60
N LEU A 32 7.83 2.28 11.45
CA LEU A 32 7.95 1.99 12.87
C LEU A 32 7.04 0.83 13.26
N SER A 33 7.32 0.20 14.39
CA SER A 33 6.52 -0.92 14.87
C SER A 33 6.42 -0.91 16.39
N LEU A 34 5.34 -0.32 16.89
CA LEU A 34 5.11 -0.24 18.33
C LEU A 34 4.23 -1.39 18.81
N ALA A 35 4.82 -2.32 19.55
CA ALA A 35 4.10 -3.47 20.05
C ALA A 35 3.52 -3.19 21.44
N GLU A 36 4.34 -3.34 22.46
CA GLU A 36 3.92 -3.12 23.84
C GLU A 36 5.06 -2.55 24.67
N ASP A 37 6.02 -3.41 24.98
CA ASP A 37 7.17 -3.00 25.77
C ASP A 37 8.41 -2.89 24.89
N ALA A 38 8.19 -2.58 23.61
CA ALA A 38 9.28 -2.45 22.67
C ALA A 38 8.78 -1.95 21.32
N LEU A 39 9.57 -1.10 20.67
CA LEU A 39 9.21 -0.56 19.36
C LEU A 39 10.29 -0.87 18.32
N THR A 40 9.93 -1.63 17.30
CA THR A 40 10.86 -2.00 16.25
C THR A 40 10.79 -1.02 15.08
N VAL A 41 11.93 -0.41 14.75
CA VAL A 41 12.00 0.53 13.66
C VAL A 41 12.74 -0.08 12.48
N SER A 42 12.53 0.49 11.28
CA SER A 42 13.18 -0.01 10.08
C SER A 42 12.97 0.95 8.91
N PRO A 43 13.82 0.86 7.87
CA PRO A 43 13.73 1.72 6.69
C PRO A 43 12.74 1.20 5.66
N ALA A 44 11.56 0.81 6.11
CA ALA A 44 10.53 0.29 5.23
C ALA A 44 11.04 -0.90 4.43
N ASP A 45 10.22 -1.38 3.49
CA ASP A 45 10.59 -2.51 2.66
C ASP A 45 11.70 -2.14 1.69
N GLY A 46 12.41 -3.15 1.18
CA GLY A 46 13.49 -2.89 0.24
C GLY A 46 13.04 -3.02 -1.21
N GLU A 47 13.99 -2.93 -2.13
CA GLU A 47 13.69 -3.02 -3.55
C GLU A 47 13.55 -4.47 -3.98
N PRO A 48 14.56 -5.31 -3.68
CA PRO A 48 14.54 -6.73 -4.04
C PRO A 48 13.26 -7.43 -3.61
N GLY A 49 12.77 -8.34 -4.43
CA GLY A 49 11.55 -9.06 -4.11
C GLY A 49 11.56 -10.49 -4.64
N PRO A 50 12.28 -11.40 -3.96
CA PRO A 50 12.35 -12.80 -4.37
C PRO A 50 11.04 -13.54 -4.16
N GLU A 51 10.70 -14.42 -5.10
CA GLU A 51 9.46 -15.19 -5.02
C GLU A 51 9.55 -16.46 -5.88
N PRO A 52 10.25 -17.49 -5.38
CA PRO A 52 10.41 -18.76 -6.10
C PRO A 52 9.13 -19.57 -6.13
N GLU A 53 8.09 -19.01 -6.74
CA GLU A 53 6.79 -19.68 -6.84
C GLU A 53 6.37 -19.83 -8.30
N PRO A 54 6.75 -20.94 -8.95
CA PRO A 54 6.39 -21.19 -10.35
C PRO A 54 4.90 -21.04 -10.60
N ALA A 55 4.53 -20.99 -11.88
CA ALA A 55 3.13 -20.84 -12.27
C ALA A 55 2.37 -22.16 -12.11
N GLN A 56 1.24 -22.12 -11.43
CA GLN A 56 0.42 -23.31 -11.21
C GLN A 56 -0.54 -23.52 -12.37
N LEU A 57 -1.35 -24.57 -12.27
CA LEU A 57 -2.32 -24.88 -13.31
C LEU A 57 -3.29 -23.71 -13.52
N ASN A 58 -2.95 -22.83 -14.46
CA ASN A 58 -3.78 -21.67 -14.76
C ASN A 58 -5.16 -22.10 -15.22
N GLY A 59 -6.19 -21.43 -14.72
CA GLY A 59 -7.55 -21.76 -15.10
C GLY A 59 -7.93 -21.19 -16.46
N ALA A 60 -9.07 -21.63 -16.99
CA ALA A 60 -9.54 -21.16 -18.28
C ALA A 60 -11.06 -21.16 -18.34
N ALA A 61 -11.67 -22.27 -17.89
CA ALA A 61 -13.12 -22.39 -17.89
C ALA A 61 -13.69 -22.16 -16.50
N GLU A 62 -14.93 -21.67 -16.44
CA GLU A 62 -15.59 -21.43 -15.17
C GLU A 62 -17.02 -21.95 -15.18
N PRO A 63 -17.24 -23.17 -14.65
CA PRO A 63 -18.57 -23.78 -14.60
C PRO A 63 -19.52 -23.04 -13.67
N GLY A 64 -20.80 -23.02 -14.02
CA GLY A 64 -21.79 -22.34 -13.21
C GLY A 64 -22.86 -21.68 -14.03
N ALA A 65 -23.03 -20.37 -13.85
CA ALA A 65 -24.03 -19.62 -14.58
C ALA A 65 -23.63 -19.44 -16.05
N ALA A 66 -23.67 -20.54 -16.79
CA ALA A 66 -23.30 -20.51 -18.21
C ALA A 66 -21.82 -20.16 -18.39
N PRO A 67 -21.03 -21.06 -18.99
CA PRO A 67 -19.60 -20.83 -19.21
C PRO A 67 -19.35 -19.68 -20.19
N PRO A 68 -18.81 -18.55 -19.70
CA PRO A 68 -18.53 -17.38 -20.55
C PRO A 68 -17.61 -17.73 -21.71
N GLN A 69 -18.08 -17.49 -22.93
CA GLN A 69 -17.30 -17.78 -24.13
C GLN A 69 -17.20 -16.56 -25.03
N LEU A 70 -17.23 -15.37 -24.43
CA LEU A 70 -17.14 -14.13 -25.18
C LEU A 70 -15.70 -13.81 -25.56
N PRO A 71 -14.80 -13.80 -24.56
CA PRO A 71 -13.38 -13.50 -24.79
C PRO A 71 -12.60 -14.74 -25.23
N GLU A 72 -11.28 -14.61 -25.31
CA GLU A 72 -10.42 -15.72 -25.72
C GLU A 72 -8.97 -15.27 -25.87
N ALA A 73 -8.76 -14.20 -26.62
CA ALA A 73 -7.41 -13.68 -26.83
C ALA A 73 -6.82 -13.13 -25.55
N LEU A 74 -6.54 -14.01 -24.60
CA LEU A 74 -5.96 -13.61 -23.32
C LEU A 74 -6.75 -12.48 -22.68
N LEU A 75 -8.02 -12.39 -23.04
CA LEU A 75 -8.91 -11.38 -22.51
C LEU A 75 -8.28 -9.99 -22.59
N LEU A 76 -8.62 -9.27 -23.64
CA LEU A 76 -8.10 -7.92 -23.84
C LEU A 76 -8.88 -6.90 -23.04
N GLN A 77 -10.03 -6.50 -23.57
CA GLN A 77 -10.89 -5.51 -22.91
C GLN A 77 -11.19 -5.93 -21.47
N ARG A 78 -11.82 -5.02 -20.72
CA ARG A 78 -12.18 -5.29 -19.34
C ARG A 78 -13.07 -6.52 -19.22
N ARG A 79 -13.51 -6.82 -18.01
CA ARG A 79 -14.37 -7.97 -17.76
C ARG A 79 -15.84 -7.59 -17.92
N ARG A 80 -16.57 -8.41 -18.67
CA ARG A 80 -17.99 -8.17 -18.90
C ARG A 80 -18.81 -9.40 -18.52
N VAL A 81 -18.99 -9.59 -17.22
CA VAL A 81 -19.75 -10.73 -16.71
C VAL A 81 -21.25 -10.55 -16.96
N THR A 82 -21.97 -11.67 -16.95
CA THR A 82 -23.40 -11.66 -17.16
C THR A 82 -24.10 -12.66 -16.25
N VAL A 83 -25.35 -12.38 -15.91
CA VAL A 83 -26.13 -13.25 -15.05
C VAL A 83 -27.56 -13.37 -15.55
N ARG A 84 -28.27 -14.41 -15.08
CA ARG A 84 -29.65 -14.63 -15.47
C ARG A 84 -30.50 -14.99 -14.26
N LYS A 85 -31.69 -14.38 -14.19
CA LYS A 85 -32.61 -14.64 -13.08
C LYS A 85 -33.18 -16.04 -13.17
N ALA A 86 -33.54 -16.46 -14.37
CA ALA A 86 -34.11 -17.78 -14.58
C ALA A 86 -33.02 -18.80 -14.90
N ASP A 87 -31.98 -18.83 -14.07
CA ASP A 87 -30.88 -19.77 -14.26
C ASP A 87 -29.86 -19.64 -13.14
N ALA A 88 -29.33 -18.43 -12.96
CA ALA A 88 -28.35 -18.17 -11.92
C ALA A 88 -29.02 -17.76 -10.62
N GLY A 89 -29.89 -16.76 -10.70
CA GLY A 89 -30.59 -16.28 -9.51
C GLY A 89 -30.25 -14.84 -9.17
N GLY A 90 -30.41 -14.49 -7.90
CA GLY A 90 -30.10 -13.14 -7.47
C GLY A 90 -28.71 -13.02 -6.88
N LEU A 91 -28.23 -11.78 -6.76
CA LEU A 91 -26.90 -11.53 -6.21
C LEU A 91 -26.99 -10.65 -4.95
N GLY A 92 -26.58 -11.21 -3.82
CA GLY A 92 -26.62 -10.45 -2.58
C GLY A 92 -25.23 -10.06 -2.11
N ILE A 93 -24.34 -9.80 -3.05
CA ILE A 93 -22.98 -9.41 -2.74
C ILE A 93 -22.92 -8.02 -2.13
N SER A 94 -21.87 -7.75 -1.36
CA SER A 94 -21.70 -6.44 -0.72
C SER A 94 -20.71 -5.60 -1.51
N ILE A 95 -20.95 -4.30 -1.56
CA ILE A 95 -20.07 -3.40 -2.30
C ILE A 95 -19.72 -2.17 -1.48
N LYS A 96 -18.78 -1.38 -1.97
CA LYS A 96 -18.34 -0.17 -1.30
C LYS A 96 -18.00 0.93 -2.31
N GLY A 97 -18.44 2.14 -2.04
CA GLY A 97 -18.17 3.24 -2.94
C GLY A 97 -18.28 4.59 -2.25
N GLY A 98 -17.84 5.64 -2.95
CA GLY A 98 -17.90 6.98 -2.39
C GLY A 98 -17.58 8.05 -3.40
N ARG A 99 -18.50 8.30 -4.32
CA ARG A 99 -18.30 9.31 -5.36
C ARG A 99 -17.93 10.65 -4.74
N GLU A 100 -18.37 10.87 -3.49
CA GLU A 100 -18.06 12.11 -2.78
C GLU A 100 -16.55 12.33 -2.72
N ASN A 101 -15.81 11.23 -2.73
CA ASN A 101 -14.35 11.30 -2.68
C ASN A 101 -13.74 10.43 -3.78
N LYS A 102 -14.24 10.61 -5.00
CA LYS A 102 -13.77 9.87 -6.18
C LYS A 102 -13.47 8.41 -5.87
N MET A 103 -14.17 7.89 -4.87
CA MET A 103 -14.00 6.50 -4.47
C MET A 103 -14.76 5.57 -5.41
N PRO A 104 -14.04 4.76 -6.22
CA PRO A 104 -14.67 3.83 -7.17
C PRO A 104 -15.46 2.73 -6.47
N ILE A 105 -16.47 2.21 -7.17
CA ILE A 105 -17.30 1.14 -6.63
C ILE A 105 -16.66 -0.22 -6.90
N LEU A 106 -16.47 -1.00 -5.84
CA LEU A 106 -15.86 -2.32 -5.97
C LEU A 106 -16.55 -3.35 -5.08
N ILE A 107 -16.20 -4.61 -5.29
CA ILE A 107 -16.76 -5.72 -4.52
C ILE A 107 -16.28 -5.68 -3.09
N SER A 108 -17.21 -5.51 -2.16
CA SER A 108 -16.90 -5.46 -0.75
C SER A 108 -17.12 -6.82 -0.11
N LYS A 109 -18.03 -7.61 -0.69
CA LYS A 109 -18.31 -8.94 -0.16
C LYS A 109 -19.07 -9.80 -1.17
N ILE A 110 -18.84 -11.10 -1.10
CA ILE A 110 -19.49 -12.05 -1.99
C ILE A 110 -20.16 -13.16 -1.20
N PHE A 111 -21.43 -13.41 -1.49
CA PHE A 111 -22.18 -14.46 -0.80
C PHE A 111 -22.29 -15.71 -1.65
N LYS A 112 -22.05 -16.86 -1.04
CA LYS A 112 -22.12 -18.15 -1.74
C LYS A 112 -23.56 -18.59 -1.91
N GLY A 113 -23.77 -19.57 -2.79
CA GLY A 113 -25.11 -20.07 -3.03
C GLY A 113 -26.01 -19.04 -3.67
N LEU A 114 -25.42 -18.12 -4.42
CA LEU A 114 -26.17 -17.07 -5.09
C LEU A 114 -25.58 -16.77 -6.47
N ALA A 115 -26.09 -15.72 -7.11
CA ALA A 115 -25.60 -15.32 -8.42
C ALA A 115 -24.11 -15.04 -8.40
N ALA A 116 -23.61 -14.57 -7.25
CA ALA A 116 -22.19 -14.28 -7.11
C ALA A 116 -21.36 -15.55 -7.17
N ASP A 117 -21.90 -16.64 -6.65
CA ASP A 117 -21.20 -17.92 -6.66
C ASP A 117 -21.30 -18.59 -8.03
N GLN A 118 -22.48 -18.53 -8.63
CA GLN A 118 -22.71 -19.12 -9.94
C GLN A 118 -21.78 -18.51 -10.98
N THR A 119 -21.56 -17.20 -10.87
CA THR A 119 -20.69 -16.49 -11.79
C THR A 119 -19.23 -16.84 -11.55
N GLU A 120 -18.79 -16.73 -10.30
CA GLU A 120 -17.42 -17.04 -9.92
C GLU A 120 -16.44 -16.44 -10.94
N ALA A 121 -16.84 -15.31 -11.52
CA ALA A 121 -16.02 -14.63 -12.51
C ALA A 121 -15.31 -13.44 -11.89
N LEU A 122 -15.89 -12.88 -10.84
CA LEU A 122 -15.31 -11.73 -10.16
C LEU A 122 -14.97 -12.08 -8.70
N PHE A 123 -14.27 -11.16 -8.03
CA PHE A 123 -13.90 -11.38 -6.64
C PHE A 123 -13.66 -10.04 -5.92
N VAL A 124 -13.56 -10.09 -4.60
CA VAL A 124 -13.33 -8.89 -3.80
C VAL A 124 -12.20 -8.04 -4.39
N GLY A 125 -12.57 -6.97 -5.09
CA GLY A 125 -11.58 -6.11 -5.70
C GLY A 125 -12.00 -5.63 -7.09
N ASP A 126 -13.04 -6.24 -7.64
CA ASP A 126 -13.52 -5.87 -8.97
C ASP A 126 -14.29 -4.55 -8.91
N ALA A 127 -13.88 -3.60 -9.75
CA ALA A 127 -14.52 -2.30 -9.80
C ALA A 127 -15.48 -2.19 -10.99
N ILE A 128 -16.73 -1.84 -10.70
CA ILE A 128 -17.74 -1.70 -11.74
C ILE A 128 -17.53 -0.41 -12.52
N LEU A 129 -18.10 -0.37 -13.73
CA LEU A 129 -17.98 0.81 -14.59
C LEU A 129 -19.11 0.86 -15.60
N SER A 130 -19.48 -0.30 -16.14
CA SER A 130 -20.55 -0.38 -17.13
C SER A 130 -21.43 -1.61 -16.86
N VAL A 131 -22.63 -1.37 -16.35
CA VAL A 131 -23.56 -2.46 -16.06
C VAL A 131 -24.71 -2.50 -17.05
N ASN A 132 -25.20 -3.71 -17.31
CA ASN A 132 -26.31 -3.93 -18.26
C ASN A 132 -26.36 -2.85 -19.33
N GLY A 133 -25.21 -2.55 -19.91
CA GLY A 133 -25.14 -1.54 -20.94
C GLY A 133 -25.45 -0.15 -20.39
N GLU A 134 -24.67 0.27 -19.41
CA GLU A 134 -24.85 1.57 -18.79
C GLU A 134 -23.66 1.88 -17.91
N ASP A 135 -22.91 2.85 -18.35
CA ASP A 135 -21.71 3.29 -17.64
C ASP A 135 -22.08 3.98 -16.33
N LEU A 136 -21.65 3.38 -15.23
CA LEU A 136 -21.92 3.94 -13.91
C LEU A 136 -20.80 4.88 -13.48
N SER A 137 -20.08 5.41 -14.45
CA SER A 137 -18.99 6.34 -14.17
C SER A 137 -19.47 7.49 -13.30
N SER A 138 -20.76 7.77 -13.36
CA SER A 138 -21.36 8.84 -12.57
C SER A 138 -22.56 8.31 -11.80
N ALA A 139 -22.33 7.22 -11.06
CA ALA A 139 -23.37 6.59 -10.29
C ALA A 139 -22.86 6.22 -8.89
N THR A 140 -22.93 7.20 -7.99
CA THR A 140 -22.47 7.01 -6.61
C THR A 140 -22.91 5.66 -6.05
N HIS A 141 -22.34 5.30 -4.90
CA HIS A 141 -22.65 4.04 -4.23
C HIS A 141 -24.12 3.68 -4.34
N ASP A 142 -24.98 4.53 -3.79
CA ASP A 142 -26.42 4.29 -3.81
C ASP A 142 -26.89 3.91 -5.22
N GLU A 143 -26.40 4.64 -6.22
CA GLU A 143 -26.77 4.37 -7.60
C GLU A 143 -26.35 2.96 -8.02
N ALA A 144 -25.26 2.47 -7.44
CA ALA A 144 -24.76 1.14 -7.76
C ALA A 144 -25.71 0.07 -7.24
N VAL A 145 -26.15 0.22 -6.00
CA VAL A 145 -27.07 -0.74 -5.39
C VAL A 145 -28.40 -0.76 -6.12
N GLN A 146 -28.81 0.40 -6.65
CA GLN A 146 -30.07 0.50 -7.38
C GLN A 146 -29.93 -0.01 -8.80
N ALA A 147 -28.78 0.28 -9.41
CA ALA A 147 -28.51 -0.14 -10.78
C ALA A 147 -28.39 -1.67 -10.88
N LEU A 148 -27.99 -2.31 -9.79
CA LEU A 148 -27.82 -3.76 -9.79
C LEU A 148 -29.11 -4.46 -9.37
N LYS A 149 -29.80 -3.91 -8.38
CA LYS A 149 -31.04 -4.50 -7.89
C LYS A 149 -32.10 -4.56 -8.99
N LYS A 150 -32.31 -3.43 -9.65
CA LYS A 150 -33.30 -3.34 -10.72
C LYS A 150 -33.06 -4.43 -11.78
N THR A 151 -31.81 -4.86 -11.90
CA THR A 151 -31.45 -5.88 -12.87
C THR A 151 -32.12 -7.21 -12.53
N GLY A 152 -31.95 -8.20 -13.40
CA GLY A 152 -32.56 -9.50 -13.16
C GLY A 152 -32.60 -10.37 -14.41
N LYS A 153 -33.45 -9.99 -15.37
CA LYS A 153 -33.59 -10.75 -16.61
C LYS A 153 -32.24 -11.03 -17.24
N GLU A 154 -31.29 -10.14 -17.00
CA GLU A 154 -29.93 -10.27 -17.53
C GLU A 154 -29.01 -9.25 -16.89
N VAL A 155 -28.20 -9.74 -15.98
CA VAL A 155 -27.26 -8.88 -15.26
C VAL A 155 -25.89 -8.87 -15.92
N VAL A 156 -25.73 -8.02 -16.94
CA VAL A 156 -24.46 -7.90 -17.64
C VAL A 156 -23.57 -6.87 -16.98
N LEU A 157 -22.81 -7.29 -15.97
CA LEU A 157 -21.92 -6.39 -15.24
C LEU A 157 -20.55 -6.33 -15.88
N GLU A 158 -20.02 -5.12 -16.02
CA GLU A 158 -18.70 -4.90 -16.60
C GLU A 158 -17.79 -4.20 -15.61
N VAL A 159 -16.83 -4.95 -15.06
CA VAL A 159 -15.90 -4.40 -14.09
C VAL A 159 -14.45 -4.50 -14.57
N LYS A 160 -13.56 -3.84 -13.85
CA LYS A 160 -12.14 -3.84 -14.18
C LYS A 160 -11.30 -4.28 -12.98
N TYR A 161 -10.34 -5.15 -13.22
CA TYR A 161 -9.48 -5.65 -12.15
C TYR A 161 -8.70 -4.50 -11.50
N MET A 162 -9.17 -4.05 -10.36
CA MET A 162 -8.53 -2.96 -9.63
C MET A 162 -7.64 -3.50 -8.51
N LYS A 163 -7.10 -4.70 -8.72
CA LYS A 163 -6.23 -5.32 -7.72
C LYS A 163 -4.76 -5.18 -8.13
N GLU A 164 -4.35 -6.00 -9.10
CA GLU A 164 -2.98 -5.98 -9.58
C GLU A 164 -2.79 -4.90 -10.64
N VAL A 165 -3.10 -3.65 -10.29
CA VAL A 165 -2.98 -2.53 -11.20
C VAL A 165 -1.51 -2.25 -11.52
N SER A 166 -0.63 -2.57 -10.57
CA SER A 166 0.80 -2.35 -10.75
C SER A 166 1.51 -3.65 -11.08
N PRO A 167 1.67 -3.97 -12.38
CA PRO A 167 2.35 -5.20 -12.81
C PRO A 167 3.83 -5.21 -12.47
N TYR A 168 4.57 -6.16 -13.04
CA TYR A 168 5.99 -6.27 -12.79
C TYR A 168 6.74 -5.08 -13.37
N PHE A 169 7.69 -4.54 -12.61
CA PHE A 169 8.48 -3.40 -13.06
C PHE A 169 9.25 -3.74 -14.33
N LYS A 170 8.86 -3.10 -15.43
CA LYS A 170 9.52 -3.33 -16.71
C LYS A 170 10.97 -2.88 -16.67
N ASN A 171 11.84 -3.66 -17.32
CA ASN A 171 13.27 -3.34 -17.35
C ASN A 171 13.58 -2.38 -18.48
N SER A 172 13.09 -2.70 -19.67
CA SER A 172 13.33 -1.86 -20.85
C SER A 172 14.82 -1.73 -21.14
N ALA A 173 15.29 -2.52 -22.10
CA ALA A 173 16.70 -2.50 -22.48
C ALA A 173 16.86 -2.38 -23.99
N GLY A 174 16.01 -1.57 -24.62
CA GLY A 174 16.08 -1.39 -26.05
C GLY A 174 17.06 -0.31 -26.45
N GLY A 175 18.30 -0.43 -26.00
CA GLY A 175 19.32 0.55 -26.33
C GLY A 175 20.64 0.28 -25.63
N THR A 176 21.70 0.14 -26.42
CA THR A 176 23.03 -0.12 -25.88
C THR A 176 23.87 1.14 -25.87
N SER A 177 24.31 1.55 -24.70
CA SER A 177 25.14 2.75 -24.56
C SER A 177 26.54 2.51 -25.10
N VAL A 178 27.00 3.44 -25.95
CA VAL A 178 28.32 3.33 -26.55
C VAL A 178 29.28 4.38 -25.98
N GLY A 179 30.56 4.07 -25.97
CA GLY A 179 31.56 4.99 -25.45
C GLY A 179 32.59 4.30 -24.58
N TRP A 180 32.28 3.08 -24.13
CA TRP A 180 33.18 2.31 -23.29
C TRP A 180 33.86 3.19 -22.24
N ASP A 181 33.13 4.20 -21.77
CA ASP A 181 33.64 5.11 -20.75
C ASP A 181 32.60 5.36 -19.66
N SER A 182 32.80 6.42 -18.88
CA SER A 182 31.88 6.75 -17.81
C SER A 182 32.13 8.18 -17.30
N PRO A 183 33.31 8.43 -16.71
CA PRO A 183 33.66 9.76 -16.18
C PRO A 183 33.73 10.81 -17.29
N PRO A 184 32.77 11.75 -17.31
CA PRO A 184 32.73 12.81 -18.33
C PRO A 184 33.80 13.88 -18.09
N ALA A 185 33.93 14.30 -16.84
CA ALA A 185 34.92 15.31 -16.47
C ALA A 185 36.12 14.69 -15.76
N SER A 186 37.18 15.49 -15.62
CA SER A 186 38.39 15.02 -14.95
C SER A 186 38.58 15.73 -13.61
N PRO A 187 38.08 15.14 -12.51
CA PRO A 187 38.20 15.73 -11.18
C PRO A 187 39.65 15.75 -10.68
N LEU A 188 40.27 16.93 -10.72
CA LEU A 188 41.64 17.08 -10.27
C LEU A 188 41.70 17.61 -8.84
N GLN A 189 40.69 17.29 -8.05
CA GLN A 189 40.62 17.73 -6.67
C GLN A 189 40.89 16.58 -5.71
N ARG A 190 41.22 16.91 -4.47
CA ARG A 190 41.51 15.90 -3.45
C ARG A 190 41.16 16.41 -2.06
N GLN A 191 41.10 15.50 -1.10
CA GLN A 191 40.77 15.85 0.28
C GLN A 191 41.35 14.83 1.25
N PRO A 192 42.43 15.18 1.98
CA PRO A 192 43.06 14.28 2.95
C PRO A 192 42.16 13.98 4.14
N SER A 193 41.84 12.71 4.34
CA SER A 193 40.98 12.29 5.44
C SER A 193 41.51 11.01 6.08
N SER A 194 40.78 10.52 7.07
CA SER A 194 41.16 9.29 7.76
C SER A 194 40.04 8.26 7.72
N PRO A 195 40.14 7.25 6.84
CA PRO A 195 39.13 6.20 6.71
C PRO A 195 38.75 5.59 8.06
N GLY A 196 37.45 5.55 8.33
CA GLY A 196 36.97 4.98 9.59
C GLY A 196 35.51 4.60 9.53
N PRO A 197 34.70 5.00 10.53
CA PRO A 197 33.26 4.68 10.56
C PRO A 197 32.49 5.38 9.46
N GLN A 198 31.17 5.30 9.53
CA GLN A 198 30.31 5.94 8.53
C GLN A 198 29.00 6.41 9.16
N PRO A 199 28.49 7.57 8.72
CA PRO A 199 27.25 8.14 9.25
C PRO A 199 26.01 7.41 8.71
N ARG A 200 25.92 6.12 9.00
CA ARG A 200 24.80 5.30 8.56
C ARG A 200 23.55 5.59 9.39
N ASN A 201 22.55 6.18 8.76
CA ASN A 201 21.30 6.51 9.44
C ASN A 201 20.25 5.44 9.17
N LEU A 202 20.10 4.50 10.11
CA LEU A 202 19.12 3.43 9.97
C LEU A 202 19.41 2.59 8.73
N SER A 203 19.94 1.39 8.94
CA SER A 203 20.26 0.50 7.83
C SER A 203 19.60 -0.86 8.01
N GLU A 204 19.59 -1.35 9.25
CA GLU A 204 18.98 -2.65 9.54
C GLU A 204 17.65 -2.48 10.27
N ALA A 205 17.69 -1.82 11.42
CA ALA A 205 16.49 -1.60 12.22
C ALA A 205 16.82 -0.84 13.50
N LYS A 206 15.85 -0.78 14.41
CA LYS A 206 16.02 -0.10 15.69
C LYS A 206 14.95 -0.51 16.68
N HIS A 207 15.21 -1.58 17.41
CA HIS A 207 14.26 -2.08 18.40
C HIS A 207 14.58 -1.55 19.80
N VAL A 208 13.75 -0.62 20.28
CA VAL A 208 13.95 -0.04 21.60
C VAL A 208 13.21 -0.84 22.67
N SER A 209 13.88 -1.07 23.80
CA SER A 209 13.30 -1.82 24.91
C SER A 209 12.24 -1.00 25.63
N LEU A 210 12.36 0.33 25.56
CA LEU A 210 11.42 1.22 26.20
C LEU A 210 11.42 1.02 27.71
N LYS A 211 12.33 1.72 28.41
CA LYS A 211 12.44 1.61 29.86
C LYS A 211 12.47 3.00 30.50
N MET A 212 13.25 3.88 29.91
CA MET A 212 13.37 5.25 30.43
C MET A 212 13.35 6.26 29.28
N ALA A 213 12.63 5.93 28.22
CA ALA A 213 12.53 6.81 27.06
C ALA A 213 11.41 7.82 27.24
N TYR A 214 11.51 8.93 26.52
CA TYR A 214 10.50 9.99 26.59
C TYR A 214 10.11 10.48 25.20
N VAL A 215 9.05 11.29 25.14
CA VAL A 215 8.57 11.83 23.88
C VAL A 215 8.63 13.35 23.87
N SER A 216 8.65 13.93 22.67
CA SER A 216 8.70 15.38 22.54
C SER A 216 8.11 15.83 21.20
N ARG A 217 7.58 17.05 21.17
CA ARG A 217 6.98 17.60 19.96
C ARG A 217 7.69 18.87 19.53
N ARG A 218 7.80 19.09 18.22
CA ARG A 218 8.46 20.27 17.70
C ARG A 218 7.77 20.78 16.44
N CYS A 219 8.16 21.96 15.98
CA CYS A 219 7.59 22.56 14.79
C CYS A 219 8.52 23.62 14.20
N THR A 220 9.16 23.28 13.08
CA THR A 220 10.10 24.20 12.44
C THR A 220 9.41 25.11 11.41
N PRO A 221 8.38 24.63 10.69
CA PRO A 221 7.69 25.43 9.69
C PRO A 221 6.49 26.19 10.27
N THR A 222 5.30 25.59 10.20
CA THR A 222 4.09 26.22 10.73
C THR A 222 3.03 25.17 11.04
N ASP A 223 3.50 23.97 11.39
CA ASP A 223 2.60 22.87 11.72
C ASP A 223 1.78 23.19 12.98
N PRO A 224 0.47 23.42 12.84
CA PRO A 224 -0.40 23.72 13.98
C PRO A 224 -0.46 22.57 14.98
N GLU A 225 -1.04 21.45 14.56
CA GLU A 225 -1.17 20.28 15.42
C GLU A 225 -0.10 19.24 15.11
N PRO A 226 0.01 18.83 13.83
CA PRO A 226 1.00 17.82 13.41
C PRO A 226 2.43 18.26 13.71
N ARG A 227 2.86 18.04 14.95
CA ARG A 227 4.20 18.41 15.37
C ARG A 227 5.18 17.26 15.19
N TYR A 228 6.46 17.58 15.04
CA TYR A 228 7.49 16.57 14.86
C TYR A 228 7.70 15.77 16.14
N LEU A 229 7.55 14.45 16.05
CA LEU A 229 7.73 13.57 17.20
C LEU A 229 9.19 13.24 17.43
N GLU A 230 9.63 13.35 18.68
CA GLU A 230 11.02 13.06 19.03
C GLU A 230 11.08 12.10 20.20
N ILE A 231 11.87 11.03 20.05
CA ILE A 231 12.02 10.04 21.10
C ILE A 231 13.45 10.00 21.61
N CYS A 232 13.61 9.92 22.93
CA CYS A 232 14.92 9.87 23.54
C CYS A 232 15.00 8.75 24.58
N ALA A 233 15.68 7.67 24.22
CA ALA A 233 15.82 6.53 25.13
C ALA A 233 16.85 6.82 26.22
N ALA A 234 16.41 6.77 27.47
CA ALA A 234 17.28 7.03 28.60
C ALA A 234 18.06 8.33 28.42
N ASP A 235 17.51 9.22 27.61
CA ASP A 235 18.12 10.51 27.33
C ASP A 235 19.62 10.36 27.02
N GLY A 236 19.95 9.34 26.24
CA GLY A 236 21.34 9.12 25.88
C GLY A 236 21.57 7.82 25.14
N GLN A 237 21.01 6.74 25.65
CA GLN A 237 21.17 5.42 25.02
C GLN A 237 20.69 5.43 23.58
N ASP A 238 19.72 6.31 23.28
CA ASP A 238 19.18 6.40 21.93
C ASP A 238 18.37 7.69 21.76
N ALA A 239 18.03 8.00 20.51
CA ALA A 239 17.26 9.20 20.20
C ALA A 239 16.79 9.18 18.75
N VAL A 240 15.54 8.80 18.53
CA VAL A 240 14.98 8.73 17.20
C VAL A 240 13.86 9.76 17.01
N PHE A 241 13.90 10.46 15.87
CA PHE A 241 12.91 11.47 15.57
C PHE A 241 12.05 11.03 14.38
N LEU A 242 10.74 11.21 14.50
CA LEU A 242 9.82 10.84 13.43
C LEU A 242 8.70 11.86 13.28
N ARG A 243 7.92 11.72 12.21
CA ARG A 243 6.81 12.64 11.94
C ARG A 243 5.60 11.87 11.43
N ALA A 244 4.49 11.97 12.17
CA ALA A 244 3.25 11.29 11.79
C ALA A 244 2.67 11.88 10.51
N LYS A 245 1.72 11.16 9.91
CA LYS A 245 1.08 11.61 8.68
C LYS A 245 -0.06 12.58 8.99
N ASP A 246 -0.76 12.33 10.09
CA ASP A 246 -1.87 13.18 10.50
C ASP A 246 -1.71 13.61 11.96
N GLU A 247 -2.32 14.73 12.31
CA GLU A 247 -2.24 15.24 13.66
C GLU A 247 -2.69 14.19 14.67
N ALA A 248 -3.73 13.44 14.31
CA ALA A 248 -4.26 12.40 15.17
C ALA A 248 -3.32 11.20 15.17
N SER A 249 -2.73 10.92 14.02
CA SER A 249 -1.79 9.80 13.90
C SER A 249 -0.61 10.06 14.82
N ALA A 250 -0.23 11.32 14.94
CA ALA A 250 0.89 11.69 15.81
C ALA A 250 0.41 11.75 17.24
N ARG A 251 -0.86 12.12 17.44
CA ARG A 251 -1.41 12.18 18.77
C ARG A 251 -1.44 10.79 19.38
N SER A 252 -1.73 9.80 18.52
CA SER A 252 -1.77 8.42 18.95
C SER A 252 -0.36 7.86 19.05
N TRP A 253 0.54 8.36 18.22
CA TRP A 253 1.92 7.90 18.25
C TRP A 253 2.59 8.35 19.53
N ALA A 254 2.68 9.66 19.69
CA ALA A 254 3.27 10.24 20.89
C ALA A 254 2.51 9.78 22.13
N GLY A 255 1.21 9.60 21.96
CA GLY A 255 0.38 9.15 23.07
C GLY A 255 0.59 7.67 23.34
N ALA A 256 0.89 6.91 22.29
CA ALA A 256 1.12 5.48 22.43
C ALA A 256 2.47 5.22 23.07
N ILE A 257 3.48 5.97 22.66
CA ILE A 257 4.81 5.80 23.21
C ILE A 257 4.82 6.14 24.70
N GLN A 258 4.37 7.35 25.02
CA GLN A 258 4.33 7.80 26.41
C GLN A 258 3.40 6.90 27.24
N ALA A 259 2.38 6.36 26.60
CA ALA A 259 1.43 5.48 27.28
C ALA A 259 1.90 4.03 27.29
N GLN A 260 2.94 3.73 26.52
CA GLN A 260 3.47 2.37 26.45
C GLN A 260 4.77 2.23 27.23
N ILE A 261 5.63 3.24 27.15
CA ILE A 261 6.91 3.22 27.86
C ILE A 261 6.70 2.96 29.35
N GLY A 262 5.87 3.79 29.97
CA GLY A 262 5.59 3.64 31.39
C GLY A 262 6.77 4.07 32.25
N THR A 263 7.05 5.37 32.25
CA THR A 263 8.16 5.90 33.04
C THR A 263 7.87 5.80 34.54
N ALA A 1 2.91 35.11 4.80
CA ALA A 1 2.92 33.93 3.89
C ALA A 1 1.77 33.99 2.90
N SER A 2 1.83 33.14 1.88
CA SER A 2 0.77 33.10 0.86
C SER A 2 0.55 31.67 0.38
N GLY A 3 -0.72 31.28 0.29
CA GLY A 3 -1.06 29.94 -0.15
C GLY A 3 -1.31 29.00 1.00
N ARG A 4 -2.57 28.57 1.15
CA ARG A 4 -2.94 27.66 2.23
C ARG A 4 -2.27 26.30 2.05
N ARG A 5 -2.04 25.92 0.79
CA ARG A 5 -1.40 24.65 0.49
C ARG A 5 0.11 24.72 0.68
N ALA A 6 0.73 23.57 0.90
CA ALA A 6 2.17 23.50 1.10
C ALA A 6 2.58 24.23 2.38
N PRO A 7 3.40 23.59 3.23
CA PRO A 7 3.85 24.20 4.49
C PRO A 7 4.96 25.22 4.27
N ARG A 8 5.11 26.14 5.23
CA ARG A 8 6.14 27.17 5.13
C ARG A 8 7.53 26.57 5.30
N THR A 9 8.28 26.55 4.20
CA THR A 9 9.63 25.99 4.23
C THR A 9 10.69 27.09 4.14
N GLY A 10 11.87 26.81 4.69
CA GLY A 10 12.95 27.77 4.65
C GLY A 10 14.31 27.12 4.86
N LEU A 11 15.37 27.87 4.59
CA LEU A 11 16.73 27.35 4.74
C LEU A 11 17.30 27.70 6.11
N LEU A 12 17.84 26.69 6.80
CA LEU A 12 18.42 26.89 8.11
C LEU A 12 19.72 26.10 8.24
N GLU A 13 20.44 26.32 9.34
CA GLU A 13 21.70 25.62 9.57
C GLU A 13 21.61 24.74 10.82
N LEU A 14 21.84 23.44 10.64
CA LEU A 14 21.79 22.50 11.75
C LEU A 14 23.19 22.05 12.15
N ARG A 15 23.40 21.89 13.46
CA ARG A 15 24.70 21.48 13.98
C ARG A 15 24.79 19.95 14.02
N CYS A 16 26.01 19.45 14.16
CA CYS A 16 26.25 18.01 14.22
C CYS A 16 27.05 17.64 15.46
N GLY A 17 26.72 16.50 16.06
CA GLY A 17 27.42 16.05 17.25
C GLY A 17 26.63 16.32 18.52
N ALA A 18 26.17 15.27 19.17
CA ALA A 18 25.41 15.39 20.40
C ALA A 18 26.27 15.10 21.62
N GLY A 19 26.25 16.01 22.59
CA GLY A 19 27.03 15.84 23.80
C GLY A 19 28.52 15.73 23.51
N SER A 20 29.18 14.81 24.18
CA SER A 20 30.62 14.61 24.01
C SER A 20 31.40 15.86 24.39
N GLY A 21 30.89 16.57 25.40
CA GLY A 21 31.55 17.78 25.85
C GLY A 21 30.79 19.04 25.46
N ALA A 22 31.16 20.16 26.07
CA ALA A 22 30.51 21.43 25.79
C ALA A 22 31.16 22.14 24.60
N GLY A 23 31.22 21.43 23.47
CA GLY A 23 31.82 21.99 22.28
C GLY A 23 31.85 21.01 21.12
N GLY A 24 30.76 20.96 20.37
CA GLY A 24 30.68 20.04 19.24
C GLY A 24 30.88 20.75 17.91
N GLU A 25 30.23 21.90 17.75
CA GLU A 25 30.33 22.68 16.52
C GLU A 25 29.94 21.82 15.30
N ARG A 26 30.36 22.23 14.12
CA ARG A 26 30.05 21.51 12.89
C ARG A 26 28.63 21.83 12.44
N TRP A 27 28.52 22.66 11.40
CA TRP A 27 27.23 23.07 10.89
C TRP A 27 26.95 22.47 9.52
N GLN A 28 25.67 22.38 9.16
CA GLN A 28 25.28 21.83 7.87
C GLN A 28 23.99 22.49 7.38
N ARG A 29 23.94 22.78 6.08
CA ARG A 29 22.77 23.41 5.48
C ARG A 29 21.58 22.46 5.46
N VAL A 30 20.41 22.95 5.83
CA VAL A 30 19.20 22.15 5.85
C VAL A 30 17.96 23.00 5.60
N LEU A 31 16.83 22.34 5.39
CA LEU A 31 15.58 23.04 5.14
C LEU A 31 14.46 22.52 6.05
N LEU A 32 13.77 23.44 6.70
CA LEU A 32 12.69 23.08 7.61
C LEU A 32 11.33 23.34 6.96
N SER A 33 10.27 22.76 7.53
CA SER A 33 8.93 22.94 7.01
C SER A 33 7.89 22.90 8.12
N LEU A 34 6.89 23.77 8.02
CA LEU A 34 5.83 23.83 9.02
C LEU A 34 4.45 23.74 8.35
N ALA A 35 3.67 22.75 8.73
CA ALA A 35 2.34 22.57 8.15
C ALA A 35 1.25 23.05 9.11
N GLU A 36 0.85 22.18 10.03
CA GLU A 36 -0.18 22.53 10.99
C GLU A 36 0.13 21.91 12.36
N ASP A 37 -0.04 20.60 12.44
CA ASP A 37 0.23 19.88 13.68
C ASP A 37 1.47 19.00 13.52
N ALA A 38 2.38 19.44 12.67
CA ALA A 38 3.62 18.70 12.42
C ALA A 38 4.62 19.54 11.62
N LEU A 39 5.90 19.18 11.75
CA LEU A 39 6.96 19.89 11.04
C LEU A 39 7.89 18.90 10.33
N THR A 40 8.15 19.15 9.06
CA THR A 40 9.00 18.28 8.27
C THR A 40 10.31 18.98 7.90
N VAL A 41 11.41 18.22 7.96
CA VAL A 41 12.73 18.75 7.64
C VAL A 41 13.34 18.01 6.47
N SER A 42 14.29 18.65 5.80
CA SER A 42 14.96 18.05 4.65
C SER A 42 16.19 18.84 4.25
N PRO A 43 17.26 18.14 3.82
CA PRO A 43 18.51 18.79 3.41
C PRO A 43 18.40 19.44 2.04
N ALA A 44 18.91 20.67 1.92
CA ALA A 44 18.88 21.40 0.67
C ALA A 44 19.79 20.75 -0.37
N ASP A 45 19.51 21.03 -1.64
CA ASP A 45 20.31 20.47 -2.73
C ASP A 45 20.33 21.41 -3.93
N GLY A 46 20.96 20.97 -5.01
CA GLY A 46 21.04 21.78 -6.22
C GLY A 46 19.91 21.49 -7.18
N GLU A 47 19.38 20.27 -7.13
CA GLU A 47 18.29 19.87 -8.02
C GLU A 47 16.98 19.78 -7.25
N PRO A 48 16.31 20.93 -7.02
CA PRO A 48 15.04 20.98 -6.30
C PRO A 48 13.88 20.39 -7.12
N GLY A 49 13.04 19.60 -6.46
CA GLY A 49 11.91 18.99 -7.14
C GLY A 49 12.35 18.02 -8.23
N PRO A 50 12.48 16.73 -7.89
CA PRO A 50 12.89 15.70 -8.85
C PRO A 50 12.04 15.72 -10.12
N GLU A 51 12.43 14.91 -11.10
CA GLU A 51 11.70 14.83 -12.36
C GLU A 51 11.91 13.47 -13.02
N PRO A 52 10.87 12.62 -13.06
CA PRO A 52 10.97 11.29 -13.68
C PRO A 52 11.08 11.36 -15.19
N GLU A 53 10.93 10.21 -15.85
CA GLU A 53 11.02 10.15 -17.31
C GLU A 53 9.77 9.48 -17.90
N PRO A 54 8.88 10.27 -18.53
CA PRO A 54 7.66 9.74 -19.13
C PRO A 54 7.94 8.88 -20.35
N ALA A 55 6.89 8.58 -21.12
CA ALA A 55 7.03 7.75 -22.31
C ALA A 55 7.44 6.33 -21.96
N GLN A 56 7.06 5.38 -22.81
CA GLN A 56 7.39 3.98 -22.59
C GLN A 56 6.72 3.46 -21.31
N LEU A 57 6.34 2.18 -21.33
CA LEU A 57 5.69 1.58 -20.18
C LEU A 57 6.42 0.29 -19.77
N ASN A 58 6.41 0.00 -18.47
CA ASN A 58 7.06 -1.19 -17.95
C ASN A 58 6.74 -1.38 -16.47
N GLY A 59 6.70 -2.64 -16.03
CA GLY A 59 6.40 -2.93 -14.64
C GLY A 59 6.88 -4.31 -14.23
N ALA A 60 7.69 -4.36 -13.18
CA ALA A 60 8.22 -5.62 -12.68
C ALA A 60 7.25 -6.27 -11.69
N ALA A 61 6.65 -5.45 -10.84
CA ALA A 61 5.70 -5.94 -9.84
C ALA A 61 4.27 -5.57 -10.22
N GLU A 62 3.58 -6.46 -10.92
CA GLU A 62 2.21 -6.22 -11.34
C GLU A 62 1.23 -6.69 -10.27
N PRO A 63 0.08 -5.99 -10.13
CA PRO A 63 -0.94 -6.35 -9.14
C PRO A 63 -1.69 -7.62 -9.50
N GLY A 64 -2.79 -7.88 -8.80
CA GLY A 64 -3.58 -9.07 -9.07
C GLY A 64 -4.29 -9.58 -7.84
N ALA A 65 -5.58 -9.86 -7.97
CA ALA A 65 -6.38 -10.36 -6.86
C ALA A 65 -6.66 -11.85 -7.01
N ALA A 66 -5.61 -12.66 -6.89
CA ALA A 66 -5.75 -14.11 -7.01
C ALA A 66 -4.38 -14.78 -6.94
N PRO A 67 -4.14 -15.62 -5.91
CA PRO A 67 -2.86 -16.33 -5.75
C PRO A 67 -2.59 -17.30 -6.90
N PRO A 68 -1.59 -16.99 -7.75
CA PRO A 68 -1.23 -17.83 -8.89
C PRO A 68 -0.47 -19.09 -8.46
N GLN A 69 -0.93 -20.25 -8.90
CA GLN A 69 -0.30 -21.51 -8.56
C GLN A 69 -0.76 -22.62 -9.50
N LEU A 70 -0.50 -22.45 -10.79
CA LEU A 70 -0.89 -23.44 -11.79
C LEU A 70 -2.39 -23.70 -11.74
N PRO A 71 -3.15 -23.21 -12.74
CA PRO A 71 -4.61 -23.40 -12.79
C PRO A 71 -5.01 -24.86 -12.97
N GLU A 72 -4.07 -25.67 -13.43
CA GLU A 72 -4.33 -27.10 -13.65
C GLU A 72 -3.27 -27.96 -12.99
N ALA A 73 -2.08 -28.01 -13.59
CA ALA A 73 -1.00 -28.82 -13.05
C ALA A 73 -1.40 -30.29 -13.04
N LEU A 74 -1.85 -30.78 -14.19
CA LEU A 74 -2.28 -32.16 -14.32
C LEU A 74 -3.42 -32.48 -13.36
N LEU A 75 -4.10 -31.45 -12.94
CA LEU A 75 -5.23 -31.57 -12.03
C LEU A 75 -4.90 -32.47 -10.85
N LEU A 76 -4.51 -31.86 -9.75
CA LEU A 76 -4.16 -32.59 -8.54
C LEU A 76 -5.40 -32.86 -7.70
N GLN A 77 -5.81 -31.88 -6.91
CA GLN A 77 -6.98 -32.00 -6.06
C GLN A 77 -8.10 -31.09 -6.55
N ARG A 78 -9.22 -31.09 -5.85
CA ARG A 78 -10.35 -30.25 -6.21
C ARG A 78 -9.96 -28.78 -6.24
N ARG A 79 -10.55 -28.02 -7.17
CA ARG A 79 -10.25 -26.60 -7.29
C ARG A 79 -10.98 -25.81 -6.22
N ARG A 80 -10.47 -24.63 -5.90
CA ARG A 80 -11.09 -23.78 -4.89
C ARG A 80 -10.93 -22.30 -5.24
N VAL A 81 -11.87 -21.80 -6.01
CA VAL A 81 -11.85 -20.40 -6.43
C VAL A 81 -12.12 -19.49 -5.24
N THR A 82 -11.66 -18.25 -5.32
CA THR A 82 -11.86 -17.29 -4.25
C THR A 82 -12.75 -16.14 -4.69
N VAL A 83 -13.53 -15.61 -3.75
CA VAL A 83 -14.44 -14.50 -4.03
C VAL A 83 -14.21 -13.36 -3.04
N ARG A 84 -13.18 -12.55 -3.30
CA ARG A 84 -12.86 -11.42 -2.44
C ARG A 84 -13.79 -10.24 -2.73
N LYS A 85 -14.57 -9.85 -1.73
CA LYS A 85 -15.50 -8.74 -1.89
C LYS A 85 -14.77 -7.40 -1.75
N ALA A 86 -13.73 -7.40 -0.91
CA ALA A 86 -12.95 -6.19 -0.68
C ALA A 86 -12.01 -5.91 -1.85
N ASP A 87 -11.42 -6.98 -2.39
CA ASP A 87 -10.50 -6.85 -3.51
C ASP A 87 -11.23 -7.02 -4.84
N ALA A 88 -11.83 -8.18 -5.04
CA ALA A 88 -12.56 -8.47 -6.27
C ALA A 88 -13.92 -7.76 -6.27
N GLY A 89 -14.76 -8.13 -7.23
CA GLY A 89 -16.08 -7.52 -7.31
C GLY A 89 -17.10 -8.20 -6.42
N GLY A 90 -18.37 -8.12 -6.82
CA GLY A 90 -19.43 -8.75 -6.04
C GLY A 90 -20.10 -9.89 -6.77
N LEU A 91 -19.31 -10.90 -7.14
CA LEU A 91 -19.85 -12.06 -7.85
C LEU A 91 -20.53 -11.63 -9.16
N GLY A 92 -20.99 -12.62 -9.93
CA GLY A 92 -21.66 -12.34 -11.18
C GLY A 92 -21.62 -13.52 -12.13
N ILE A 93 -22.36 -14.57 -11.79
CA ILE A 93 -22.41 -15.76 -12.62
C ILE A 93 -23.80 -16.39 -12.61
N SER A 94 -24.11 -17.18 -13.63
CA SER A 94 -25.40 -17.84 -13.72
C SER A 94 -25.23 -19.35 -13.55
N ILE A 95 -25.58 -19.85 -12.38
CA ILE A 95 -25.45 -21.26 -12.08
C ILE A 95 -26.77 -22.00 -12.25
N LYS A 96 -26.70 -23.33 -12.19
CA LYS A 96 -27.88 -24.17 -12.34
C LYS A 96 -27.63 -25.55 -11.74
N GLY A 97 -28.61 -26.07 -11.01
CA GLY A 97 -28.46 -27.37 -10.39
C GLY A 97 -29.78 -27.99 -9.99
N GLY A 98 -29.74 -29.27 -9.61
CA GLY A 98 -30.94 -29.96 -9.19
C GLY A 98 -30.65 -31.32 -8.60
N ARG A 99 -30.05 -31.34 -7.41
CA ARG A 99 -29.72 -32.59 -6.74
C ARG A 99 -30.96 -33.30 -6.22
N GLU A 100 -32.11 -32.62 -6.29
CA GLU A 100 -33.37 -33.22 -5.83
C GLU A 100 -33.50 -34.64 -6.36
N ASN A 101 -32.93 -34.87 -7.54
CA ASN A 101 -32.95 -36.18 -8.17
C ASN A 101 -31.53 -36.67 -8.39
N LYS A 102 -30.79 -35.96 -9.23
CA LYS A 102 -29.41 -36.31 -9.53
C LYS A 102 -28.75 -35.27 -10.43
N MET A 103 -29.20 -34.02 -10.31
CA MET A 103 -28.65 -32.94 -11.12
C MET A 103 -27.65 -32.11 -10.30
N PRO A 104 -26.34 -32.27 -10.56
CA PRO A 104 -25.30 -31.53 -9.85
C PRO A 104 -25.24 -30.06 -10.25
N ILE A 105 -25.00 -29.19 -9.27
CA ILE A 105 -24.92 -27.76 -9.52
C ILE A 105 -23.60 -27.40 -10.20
N LEU A 106 -23.70 -26.68 -11.32
CA LEU A 106 -22.51 -26.28 -12.08
C LEU A 106 -22.63 -24.84 -12.57
N ILE A 107 -21.52 -24.31 -13.08
CA ILE A 107 -21.49 -22.95 -13.61
C ILE A 107 -22.11 -22.89 -15.00
N SER A 108 -23.31 -22.33 -15.07
CA SER A 108 -24.02 -22.20 -16.34
C SER A 108 -23.53 -20.98 -17.11
N LYS A 109 -23.06 -19.96 -16.40
CA LYS A 109 -22.57 -18.75 -17.04
C LYS A 109 -21.69 -17.93 -16.12
N ILE A 110 -20.73 -17.23 -16.72
CA ILE A 110 -19.81 -16.39 -15.96
C ILE A 110 -19.80 -14.97 -16.53
N PHE A 111 -20.73 -14.14 -16.06
CA PHE A 111 -20.81 -12.75 -16.53
C PHE A 111 -19.49 -12.03 -16.38
N LYS A 112 -19.27 -11.03 -17.21
CA LYS A 112 -18.03 -10.25 -17.17
C LYS A 112 -18.20 -8.98 -16.35
N GLY A 113 -17.15 -8.18 -16.28
CA GLY A 113 -17.19 -6.94 -15.52
C GLY A 113 -17.56 -7.16 -14.07
N LEU A 114 -17.35 -8.39 -13.58
CA LEU A 114 -17.66 -8.71 -12.20
C LEU A 114 -16.56 -9.57 -11.58
N ALA A 115 -16.78 -10.01 -10.35
CA ALA A 115 -15.80 -10.84 -9.65
C ALA A 115 -15.54 -12.13 -10.42
N ALA A 116 -16.58 -12.64 -11.08
CA ALA A 116 -16.46 -13.87 -11.85
C ALA A 116 -15.43 -13.71 -12.97
N ASP A 117 -15.39 -12.52 -13.55
CA ASP A 117 -14.45 -12.22 -14.64
C ASP A 117 -13.03 -12.10 -14.10
N GLN A 118 -12.88 -11.36 -13.00
CA GLN A 118 -11.57 -11.17 -12.38
C GLN A 118 -10.98 -12.50 -11.95
N THR A 119 -11.85 -13.45 -11.59
CA THR A 119 -11.41 -14.76 -11.16
C THR A 119 -11.10 -15.65 -12.35
N GLU A 120 -12.09 -15.84 -13.22
CA GLU A 120 -11.93 -16.67 -14.41
C GLU A 120 -11.20 -17.96 -14.08
N ALA A 121 -11.38 -18.45 -12.86
CA ALA A 121 -10.73 -19.67 -12.41
C ALA A 121 -11.69 -20.85 -12.44
N LEU A 122 -12.97 -20.57 -12.22
CA LEU A 122 -13.99 -21.61 -12.23
C LEU A 122 -14.34 -22.03 -13.65
N PHE A 123 -14.61 -21.05 -14.50
CA PHE A 123 -14.95 -21.30 -15.90
C PHE A 123 -16.25 -22.11 -16.00
N VAL A 124 -17.16 -21.66 -16.85
CA VAL A 124 -18.43 -22.34 -17.04
C VAL A 124 -18.23 -23.85 -17.24
N GLY A 125 -19.02 -24.64 -16.51
CA GLY A 125 -18.90 -26.07 -16.62
C GLY A 125 -18.23 -26.70 -15.40
N ASP A 126 -18.15 -25.93 -14.31
CA ASP A 126 -17.54 -26.42 -13.08
C ASP A 126 -18.61 -26.71 -12.02
N ALA A 127 -18.48 -27.86 -11.37
CA ALA A 127 -19.43 -28.26 -10.35
C ALA A 127 -18.91 -27.96 -8.94
N ILE A 128 -19.63 -27.12 -8.21
CA ILE A 128 -19.25 -26.76 -6.85
C ILE A 128 -19.52 -27.92 -5.89
N LEU A 129 -18.88 -27.90 -4.74
CA LEU A 129 -19.07 -28.95 -3.75
C LEU A 129 -18.77 -28.46 -2.33
N SER A 130 -17.75 -27.63 -2.19
CA SER A 130 -17.38 -27.11 -0.87
C SER A 130 -17.22 -25.59 -0.90
N VAL A 131 -18.18 -24.89 -0.32
CA VAL A 131 -18.14 -23.43 -0.26
C VAL A 131 -17.69 -22.94 1.10
N ASN A 132 -16.96 -21.82 1.11
CA ASN A 132 -16.46 -21.20 2.35
C ASN A 132 -16.24 -22.24 3.44
N GLY A 133 -15.60 -23.35 3.09
CA GLY A 133 -15.35 -24.39 4.06
C GLY A 133 -16.64 -25.06 4.52
N GLU A 134 -17.39 -25.59 3.57
CA GLU A 134 -18.65 -26.26 3.86
C GLU A 134 -19.14 -26.96 2.61
N ASP A 135 -19.15 -28.27 2.69
CA ASP A 135 -19.58 -29.12 1.59
C ASP A 135 -21.08 -28.98 1.36
N LEU A 136 -21.45 -28.51 0.18
CA LEU A 136 -22.85 -28.33 -0.16
C LEU A 136 -23.36 -29.54 -0.93
N SER A 137 -22.71 -30.68 -0.72
CA SER A 137 -23.11 -31.93 -1.39
C SER A 137 -24.59 -32.20 -1.19
N SER A 138 -25.13 -31.68 -0.09
CA SER A 138 -26.54 -31.86 0.23
C SER A 138 -27.23 -30.50 0.26
N ALA A 139 -26.98 -29.70 -0.76
CA ALA A 139 -27.56 -28.38 -0.87
C ALA A 139 -27.94 -28.07 -2.32
N THR A 140 -29.16 -28.44 -2.67
CA THR A 140 -29.68 -28.23 -4.03
C THR A 140 -29.37 -26.83 -4.54
N HIS A 141 -29.73 -26.58 -5.80
CA HIS A 141 -29.49 -25.29 -6.45
C HIS A 141 -29.79 -24.13 -5.51
N ASP A 142 -31.04 -24.01 -5.08
CA ASP A 142 -31.47 -22.94 -4.19
C ASP A 142 -30.48 -22.74 -3.05
N GLU A 143 -29.89 -23.84 -2.57
CA GLU A 143 -28.93 -23.77 -1.49
C GLU A 143 -27.63 -23.13 -1.97
N ALA A 144 -27.22 -23.42 -3.19
CA ALA A 144 -26.01 -22.86 -3.75
C ALA A 144 -26.13 -21.34 -3.86
N VAL A 145 -27.34 -20.88 -4.19
CA VAL A 145 -27.59 -19.45 -4.30
C VAL A 145 -27.45 -18.77 -2.95
N GLN A 146 -28.20 -19.25 -1.98
CA GLN A 146 -28.16 -18.68 -0.63
C GLN A 146 -26.76 -18.81 -0.03
N ALA A 147 -26.03 -19.82 -0.47
CA ALA A 147 -24.67 -20.05 0.03
C ALA A 147 -23.68 -19.06 -0.57
N LEU A 148 -23.95 -18.61 -1.79
CA LEU A 148 -23.06 -17.65 -2.46
C LEU A 148 -23.30 -16.23 -1.97
N LYS A 149 -24.54 -15.92 -1.59
CA LYS A 149 -24.88 -14.59 -1.12
C LYS A 149 -24.52 -14.43 0.36
N LYS A 150 -25.02 -15.35 1.17
CA LYS A 150 -24.79 -15.35 2.61
C LYS A 150 -23.37 -14.89 2.97
N THR A 151 -22.40 -15.75 2.73
CA THR A 151 -21.00 -15.45 3.03
C THR A 151 -20.58 -14.09 2.49
N GLY A 152 -19.31 -13.77 2.73
CA GLY A 152 -18.77 -12.50 2.27
C GLY A 152 -17.38 -12.24 2.81
N LYS A 153 -16.80 -11.10 2.44
CA LYS A 153 -15.45 -10.72 2.89
C LYS A 153 -14.39 -11.46 2.10
N GLU A 154 -14.48 -12.78 2.09
CA GLU A 154 -13.53 -13.62 1.36
C GLU A 154 -14.05 -15.05 1.31
N VAL A 155 -14.55 -15.41 0.16
CA VAL A 155 -15.10 -16.75 -0.06
C VAL A 155 -14.13 -17.64 -0.83
N VAL A 156 -14.35 -18.95 -0.75
CA VAL A 156 -13.53 -19.92 -1.45
C VAL A 156 -14.38 -21.10 -1.91
N LEU A 157 -14.94 -20.99 -3.11
CA LEU A 157 -15.78 -22.05 -3.66
C LEU A 157 -14.94 -23.20 -4.20
N GLU A 158 -15.25 -24.41 -3.76
CA GLU A 158 -14.54 -25.60 -4.21
C GLU A 158 -15.33 -26.32 -5.29
N VAL A 159 -14.80 -26.29 -6.51
CA VAL A 159 -15.47 -26.94 -7.64
C VAL A 159 -14.58 -28.00 -8.28
N LYS A 160 -15.16 -28.78 -9.18
CA LYS A 160 -14.44 -29.83 -9.88
C LYS A 160 -14.74 -29.78 -11.38
N TYR A 161 -13.69 -29.85 -12.19
CA TYR A 161 -13.84 -29.80 -13.64
C TYR A 161 -14.49 -31.09 -14.16
N MET A 162 -15.79 -31.02 -14.42
CA MET A 162 -16.53 -32.18 -14.92
C MET A 162 -16.51 -32.20 -16.45
N LYS A 163 -16.54 -33.40 -17.02
CA LYS A 163 -16.52 -33.55 -18.47
C LYS A 163 -17.61 -34.52 -18.93
N GLU A 164 -17.57 -35.73 -18.41
CA GLU A 164 -18.54 -36.76 -18.76
C GLU A 164 -19.69 -36.77 -17.77
N VAL A 165 -20.15 -35.59 -17.38
CA VAL A 165 -21.26 -35.47 -16.43
C VAL A 165 -22.44 -34.72 -17.05
N SER A 166 -22.16 -33.82 -17.98
CA SER A 166 -23.20 -33.04 -18.63
C SER A 166 -22.66 -32.31 -19.86
N PRO A 167 -21.71 -31.38 -19.67
CA PRO A 167 -21.12 -30.61 -20.77
C PRO A 167 -20.70 -31.50 -21.95
N TYR A 168 -20.95 -31.02 -23.16
CA TYR A 168 -20.61 -31.76 -24.37
C TYR A 168 -20.44 -30.81 -25.56
N PHE A 169 -20.19 -31.38 -26.73
CA PHE A 169 -20.00 -30.59 -27.95
C PHE A 169 -18.71 -29.78 -27.88
N LYS A 170 -18.04 -29.65 -29.02
CA LYS A 170 -16.80 -28.90 -29.09
C LYS A 170 -17.05 -27.40 -28.95
N ASN A 171 -18.25 -26.97 -29.33
CA ASN A 171 -18.61 -25.56 -29.24
C ASN A 171 -17.71 -24.71 -30.12
N SER A 172 -18.22 -24.33 -31.29
CA SER A 172 -17.46 -23.51 -32.23
C SER A 172 -16.19 -24.23 -32.67
N ALA A 173 -15.43 -23.58 -33.54
CA ALA A 173 -14.18 -24.15 -34.04
C ALA A 173 -12.97 -23.39 -33.52
N GLY A 174 -11.79 -23.76 -34.00
CA GLY A 174 -10.58 -23.11 -33.56
C GLY A 174 -9.76 -22.57 -34.72
N GLY A 175 -8.48 -22.93 -34.77
CA GLY A 175 -7.62 -22.48 -35.84
C GLY A 175 -6.60 -21.45 -35.36
N THR A 176 -5.87 -21.79 -34.32
CA THR A 176 -4.85 -20.90 -33.76
C THR A 176 -4.15 -21.55 -32.57
N SER A 177 -4.91 -22.27 -31.75
CA SER A 177 -4.36 -22.94 -30.58
C SER A 177 -3.88 -21.93 -29.56
N VAL A 178 -4.75 -21.55 -28.64
CA VAL A 178 -4.42 -20.58 -27.60
C VAL A 178 -4.48 -21.22 -26.21
N GLY A 179 -4.03 -20.48 -25.21
CA GLY A 179 -4.04 -20.99 -23.85
C GLY A 179 -2.69 -21.54 -23.41
N TRP A 180 -1.63 -21.02 -24.03
CA TRP A 180 -0.27 -21.47 -23.70
C TRP A 180 0.43 -20.46 -22.80
N ASP A 181 -0.35 -19.80 -21.93
CA ASP A 181 0.20 -18.81 -21.02
C ASP A 181 0.56 -19.45 -19.68
N SER A 182 1.78 -19.22 -19.22
CA SER A 182 2.24 -19.77 -17.96
C SER A 182 3.38 -18.92 -17.38
N PRO A 183 3.06 -17.68 -16.95
CA PRO A 183 4.06 -16.77 -16.38
C PRO A 183 4.81 -17.40 -15.21
N PRO A 184 6.17 -17.39 -15.24
CA PRO A 184 6.98 -17.97 -14.18
C PRO A 184 6.61 -17.43 -12.80
N ALA A 185 7.05 -18.12 -11.76
CA ALA A 185 6.77 -17.71 -10.39
C ALA A 185 7.98 -17.05 -9.75
N SER A 186 7.83 -15.81 -9.33
CA SER A 186 8.91 -15.07 -8.70
C SER A 186 8.95 -15.33 -7.19
N PRO A 187 9.96 -16.08 -6.71
CA PRO A 187 10.09 -16.40 -5.28
C PRO A 187 10.43 -15.17 -4.44
N LEU A 188 11.09 -14.20 -5.07
CA LEU A 188 11.47 -12.97 -4.38
C LEU A 188 10.28 -12.03 -4.24
N GLN A 189 10.25 -11.28 -3.14
CA GLN A 189 9.16 -10.35 -2.89
C GLN A 189 9.61 -8.91 -3.18
N ARG A 190 8.71 -7.96 -2.94
CA ARG A 190 9.01 -6.55 -3.18
C ARG A 190 9.43 -5.86 -1.88
N GLN A 191 10.12 -4.74 -2.02
CA GLN A 191 10.58 -3.98 -0.86
C GLN A 191 11.54 -4.81 -0.02
N PRO A 192 12.78 -5.02 -0.50
CA PRO A 192 13.79 -5.80 0.22
C PRO A 192 14.01 -5.30 1.64
N SER A 193 14.89 -5.98 2.37
CA SER A 193 15.19 -5.60 3.75
C SER A 193 16.28 -4.55 3.80
N SER A 194 16.24 -3.69 4.81
CA SER A 194 17.22 -2.63 4.98
C SER A 194 18.09 -2.88 6.21
N PRO A 195 19.24 -3.56 6.04
CA PRO A 195 20.15 -3.85 7.15
C PRO A 195 20.91 -2.62 7.63
N GLY A 196 20.75 -1.50 6.93
CA GLY A 196 21.44 -0.28 7.31
C GLY A 196 21.22 0.09 8.77
N PRO A 197 22.28 0.09 9.59
CA PRO A 197 22.18 0.43 11.01
C PRO A 197 21.90 1.91 11.24
N GLN A 198 22.06 2.36 12.48
CA GLN A 198 21.83 3.75 12.84
C GLN A 198 20.34 4.11 12.70
N PRO A 199 19.82 4.93 13.61
CA PRO A 199 18.41 5.34 13.59
C PRO A 199 18.13 6.44 12.58
N ARG A 200 18.48 6.19 11.32
CA ARG A 200 18.27 7.16 10.25
C ARG A 200 19.01 8.47 10.55
N ASN A 201 20.08 8.73 9.81
CA ASN A 201 20.87 9.93 9.99
C ASN A 201 20.70 10.88 8.80
N LEU A 202 19.53 11.51 8.72
CA LEU A 202 19.24 12.43 7.63
C LEU A 202 19.35 11.73 6.28
N SER A 203 18.49 10.74 6.06
CA SER A 203 18.48 9.99 4.81
C SER A 203 17.77 10.75 3.71
N GLU A 204 16.55 11.20 3.99
CA GLU A 204 15.76 11.94 3.02
C GLU A 204 15.13 13.18 3.66
N ALA A 205 14.56 13.00 4.84
CA ALA A 205 13.92 14.10 5.54
C ALA A 205 13.62 13.74 6.99
N LYS A 206 13.40 14.75 7.83
CA LYS A 206 13.11 14.54 9.24
C LYS A 206 11.74 15.11 9.59
N HIS A 207 10.75 14.23 9.73
CA HIS A 207 9.38 14.65 10.05
C HIS A 207 9.06 14.38 11.52
N VAL A 208 8.58 15.42 12.21
CA VAL A 208 8.22 15.30 13.61
C VAL A 208 6.71 15.47 13.79
N SER A 209 6.09 14.49 14.46
CA SER A 209 4.66 14.52 14.70
C SER A 209 4.25 15.84 15.37
N LEU A 210 5.16 16.41 16.14
CA LEU A 210 4.90 17.66 16.84
C LEU A 210 3.74 17.51 17.81
N LYS A 211 3.98 16.79 18.91
CA LYS A 211 2.95 16.56 19.93
C LYS A 211 3.29 17.31 21.21
N MET A 212 4.58 17.52 21.45
CA MET A 212 5.03 18.22 22.66
C MET A 212 6.29 19.03 22.37
N ALA A 213 6.48 19.40 21.11
CA ALA A 213 7.66 20.19 20.72
C ALA A 213 7.68 21.53 21.42
N TYR A 214 8.88 21.99 21.76
CA TYR A 214 9.06 23.27 22.43
C TYR A 214 10.18 24.07 21.78
N VAL A 215 10.20 25.38 22.06
CA VAL A 215 11.22 26.26 21.49
C VAL A 215 12.02 26.94 22.58
N SER A 216 13.34 26.96 22.41
CA SER A 216 14.24 27.58 23.38
C SER A 216 15.42 28.25 22.67
N ARG A 217 15.38 29.58 22.61
CA ARG A 217 16.45 30.33 21.96
C ARG A 217 17.62 30.54 22.90
N ARG A 218 18.81 30.73 22.32
CA ARG A 218 20.02 30.94 23.10
C ARG A 218 20.88 32.05 22.48
N CYS A 219 21.90 32.48 23.21
CA CYS A 219 22.79 33.54 22.73
C CYS A 219 24.11 32.97 22.24
N THR A 220 24.88 33.81 21.54
CA THR A 220 26.18 33.41 21.02
C THR A 220 27.08 34.64 20.86
N PRO A 221 28.40 34.48 21.12
CA PRO A 221 29.36 35.58 21.02
C PRO A 221 29.27 36.32 19.68
N THR A 222 28.77 35.61 18.66
CA THR A 222 28.64 36.21 17.34
C THR A 222 27.25 35.95 16.75
N ASP A 223 26.23 36.15 17.59
CA ASP A 223 24.85 35.94 17.16
C ASP A 223 23.87 36.43 18.24
N PRO A 224 23.99 37.70 18.65
CA PRO A 224 23.12 38.29 19.66
C PRO A 224 21.73 38.65 19.12
N GLU A 225 21.70 39.24 17.93
CA GLU A 225 20.44 39.63 17.31
C GLU A 225 19.67 38.41 16.84
N PRO A 226 20.25 37.61 15.91
CA PRO A 226 19.60 36.42 15.37
C PRO A 226 19.48 35.30 16.41
N ARG A 227 20.57 35.05 17.14
CA ARG A 227 20.58 34.01 18.15
C ARG A 227 20.30 32.64 17.52
N TYR A 228 20.24 31.61 18.36
CA TYR A 228 19.98 30.26 17.87
C TYR A 228 18.61 29.76 18.32
N LEU A 229 18.04 28.85 17.54
CA LEU A 229 16.72 28.30 17.86
C LEU A 229 16.84 26.82 18.23
N GLU A 230 16.49 26.50 19.46
CA GLU A 230 16.55 25.13 19.94
C GLU A 230 15.16 24.52 20.05
N ILE A 231 14.98 23.34 19.46
CA ILE A 231 13.69 22.66 19.48
C ILE A 231 13.82 21.32 20.19
N CYS A 232 12.94 21.08 21.15
CA CYS A 232 12.95 19.83 21.90
C CYS A 232 11.60 19.13 21.83
N ALA A 233 11.58 17.98 21.18
CA ALA A 233 10.34 17.20 21.04
C ALA A 233 10.13 16.32 22.26
N ALA A 234 8.95 16.41 22.86
CA ALA A 234 8.62 15.62 24.04
C ALA A 234 9.76 15.64 25.07
N ASP A 235 10.54 16.70 25.03
CA ASP A 235 11.67 16.87 25.94
C ASP A 235 12.51 15.59 26.04
N GLY A 236 12.74 14.95 24.91
CA GLY A 236 13.53 13.73 24.90
C GLY A 236 13.44 12.95 23.61
N GLN A 237 12.21 12.75 23.13
CA GLN A 237 12.00 11.99 21.90
C GLN A 237 12.74 12.61 20.71
N ASP A 238 13.08 13.90 20.83
CA ASP A 238 13.79 14.59 19.76
C ASP A 238 14.41 15.88 20.26
N ALA A 239 15.29 16.46 19.44
CA ALA A 239 15.96 17.71 19.79
C ALA A 239 16.72 18.26 18.58
N VAL A 240 16.11 19.22 17.89
CA VAL A 240 16.73 19.82 16.71
C VAL A 240 16.97 21.31 16.90
N PHE A 241 18.09 21.80 16.38
CA PHE A 241 18.45 23.21 16.48
C PHE A 241 18.76 23.78 15.09
N LEU A 242 18.33 25.01 14.84
CA LEU A 242 18.56 25.65 13.55
C LEU A 242 18.79 27.15 13.73
N ARG A 243 19.24 27.79 12.66
CA ARG A 243 19.51 29.22 12.68
C ARG A 243 18.93 29.91 11.45
N ALA A 244 18.34 31.09 11.64
CA ALA A 244 17.76 31.84 10.54
C ALA A 244 18.79 32.71 9.85
N LYS A 245 18.50 33.10 8.61
CA LYS A 245 19.41 33.94 7.84
C LYS A 245 19.53 35.32 8.49
N ASP A 246 18.45 35.79 9.08
CA ASP A 246 18.44 37.10 9.73
C ASP A 246 17.79 37.00 11.11
N GLU A 247 17.62 38.15 11.76
CA GLU A 247 17.00 38.20 13.08
C GLU A 247 15.49 38.04 12.98
N ALA A 248 14.91 38.59 11.93
CA ALA A 248 13.47 38.49 11.73
C ALA A 248 13.08 37.08 11.32
N SER A 249 13.93 36.45 10.52
CA SER A 249 13.68 35.08 10.08
C SER A 249 13.58 34.16 11.28
N ALA A 250 14.38 34.46 12.31
CA ALA A 250 14.36 33.68 13.53
C ALA A 250 13.19 34.10 14.40
N ARG A 251 12.84 35.39 14.34
CA ARG A 251 11.72 35.89 15.10
C ARG A 251 10.44 35.26 14.59
N SER A 252 10.39 35.04 13.28
CA SER A 252 9.24 34.42 12.66
C SER A 252 9.28 32.92 12.85
N TRP A 253 10.49 32.36 12.92
CA TRP A 253 10.65 30.93 13.12
C TRP A 253 10.17 30.55 14.52
N ALA A 254 10.78 31.16 15.51
CA ALA A 254 10.40 30.90 16.90
C ALA A 254 8.92 31.20 17.09
N GLY A 255 8.46 32.30 16.50
CA GLY A 255 7.06 32.66 16.61
C GLY A 255 6.19 31.71 15.84
N ALA A 256 6.74 31.15 14.76
CA ALA A 256 6.01 30.20 13.93
C ALA A 256 5.85 28.87 14.63
N ILE A 257 6.92 28.40 15.25
CA ILE A 257 6.89 27.13 15.97
C ILE A 257 5.86 27.18 17.10
N GLN A 258 5.87 28.27 17.85
CA GLN A 258 4.92 28.45 18.94
C GLN A 258 3.49 28.41 18.42
N ALA A 259 3.25 29.14 17.34
CA ALA A 259 1.92 29.18 16.72
C ALA A 259 1.64 27.88 15.98
N GLN A 260 2.70 27.12 15.67
CA GLN A 260 2.56 25.86 14.96
C GLN A 260 2.26 24.74 15.95
N ILE A 261 2.88 24.82 17.13
CA ILE A 261 2.68 23.80 18.16
C ILE A 261 1.55 24.20 19.11
N GLY A 262 1.80 25.25 19.89
CA GLY A 262 0.79 25.72 20.83
C GLY A 262 0.82 24.96 22.14
N THR A 263 2.03 24.66 22.62
CA THR A 263 2.20 23.93 23.87
C THR A 263 1.59 24.70 25.03
N ALA A 1 -15.44 -0.74 3.88
CA ALA A 1 -16.07 0.37 3.14
C ALA A 1 -15.16 0.86 2.01
N SER A 2 -13.92 1.20 2.38
CA SER A 2 -12.94 1.68 1.41
C SER A 2 -13.43 2.96 0.75
N GLY A 3 -12.53 3.61 0.01
CA GLY A 3 -12.89 4.85 -0.66
C GLY A 3 -11.71 5.47 -1.40
N ARG A 4 -11.89 6.70 -1.87
CA ARG A 4 -10.84 7.40 -2.59
C ARG A 4 -10.10 8.37 -1.67
N ARG A 5 -8.98 8.89 -2.15
CA ARG A 5 -8.17 9.83 -1.37
C ARG A 5 -6.98 10.32 -2.17
N ALA A 6 -6.39 11.43 -1.72
CA ALA A 6 -5.23 12.00 -2.38
C ALA A 6 -4.18 12.43 -1.36
N PRO A 7 -2.94 11.93 -1.49
CA PRO A 7 -1.86 12.27 -0.57
C PRO A 7 -1.65 13.78 -0.45
N ARG A 8 -1.82 14.31 0.76
CA ARG A 8 -1.67 15.73 1.01
C ARG A 8 -0.19 16.13 0.96
N THR A 9 0.17 16.91 -0.05
CA THR A 9 1.55 17.36 -0.21
C THR A 9 1.66 18.87 0.07
N GLY A 10 2.82 19.28 0.57
CA GLY A 10 3.04 20.68 0.85
C GLY A 10 4.51 21.01 1.02
N LEU A 11 4.81 22.31 1.09
CA LEU A 11 6.19 22.76 1.26
C LEU A 11 6.52 22.97 2.74
N LEU A 12 7.30 22.05 3.30
CA LEU A 12 7.69 22.14 4.70
C LEU A 12 9.20 22.35 4.84
N GLU A 13 9.61 22.92 5.96
CA GLU A 13 11.03 23.17 6.21
C GLU A 13 11.60 22.13 7.16
N LEU A 14 12.68 21.48 6.73
CA LEU A 14 13.33 20.45 7.54
C LEU A 14 14.74 20.88 7.94
N ARG A 15 15.26 20.30 9.02
CA ARG A 15 16.59 20.63 9.50
C ARG A 15 17.57 19.50 9.19
N CYS A 16 18.85 19.76 9.42
CA CYS A 16 19.89 18.77 9.16
C CYS A 16 20.82 18.65 10.36
N GLY A 17 20.53 17.70 11.23
CA GLY A 17 21.35 17.49 12.42
C GLY A 17 20.79 18.19 13.63
N ALA A 18 20.18 17.42 14.53
CA ALA A 18 19.61 17.98 15.75
C ALA A 18 19.94 17.11 16.96
N GLY A 19 21.12 17.32 17.53
CA GLY A 19 21.53 16.55 18.68
C GLY A 19 21.57 17.38 19.95
N SER A 20 22.65 18.14 20.13
CA SER A 20 22.80 18.98 21.31
C SER A 20 22.82 20.46 20.92
N GLY A 21 21.70 21.14 21.11
CA GLY A 21 21.61 22.55 20.78
C GLY A 21 21.71 22.79 19.28
N ALA A 22 22.45 23.84 18.92
CA ALA A 22 22.62 24.19 17.51
C ALA A 22 23.97 24.86 17.29
N GLY A 23 25.00 24.06 17.04
CA GLY A 23 26.33 24.60 16.82
C GLY A 23 26.60 24.85 15.35
N GLY A 24 25.93 24.10 14.48
CA GLY A 24 26.12 24.26 13.05
C GLY A 24 24.87 24.77 12.36
N GLU A 25 23.74 24.14 12.66
CA GLU A 25 22.46 24.52 12.05
C GLU A 25 22.51 24.32 10.54
N ARG A 26 21.36 23.91 9.97
CA ARG A 26 21.26 23.69 8.54
C ARG A 26 19.85 23.26 8.15
N TRP A 27 19.10 24.20 7.59
CA TRP A 27 17.72 23.93 7.18
C TRP A 27 17.64 23.74 5.67
N GLN A 28 16.63 23.01 5.22
CA GLN A 28 16.43 22.76 3.80
C GLN A 28 14.96 22.67 3.45
N ARG A 29 14.62 23.02 2.21
CA ARG A 29 13.24 22.99 1.75
C ARG A 29 12.88 21.61 1.22
N VAL A 30 11.94 20.95 1.88
CA VAL A 30 11.50 19.62 1.47
C VAL A 30 9.98 19.53 1.41
N LEU A 31 9.48 18.87 0.37
CA LEU A 31 8.05 18.70 0.18
C LEU A 31 7.54 17.46 0.90
N LEU A 32 6.65 17.67 1.87
CA LEU A 32 6.09 16.56 2.64
C LEU A 32 4.92 15.92 1.90
N SER A 33 4.67 14.64 2.17
CA SER A 33 3.59 13.92 1.53
C SER A 33 2.93 12.95 2.49
N LEU A 34 1.65 13.19 2.78
CA LEU A 34 0.90 12.34 3.70
C LEU A 34 -0.26 11.66 2.98
N ALA A 35 -0.21 10.33 2.90
CA ALA A 35 -1.25 9.57 2.23
C ALA A 35 -2.36 9.17 3.20
N GLU A 36 -2.11 8.11 3.96
CA GLU A 36 -3.07 7.61 4.93
C GLU A 36 -2.36 6.97 6.11
N ASP A 37 -1.79 5.80 5.87
CA ASP A 37 -1.06 5.08 6.91
C ASP A 37 0.44 5.14 6.65
N ALA A 38 0.87 6.22 6.01
CA ALA A 38 2.28 6.42 5.70
C ALA A 38 2.55 7.85 5.22
N LEU A 39 3.66 8.41 5.67
CA LEU A 39 4.04 9.77 5.29
C LEU A 39 5.46 9.79 4.73
N THR A 40 5.60 10.35 3.53
CA THR A 40 6.90 10.44 2.87
C THR A 40 7.34 11.88 2.72
N VAL A 41 8.64 12.12 2.88
CA VAL A 41 9.20 13.47 2.75
C VAL A 41 10.39 13.47 1.81
N SER A 42 10.47 14.46 0.94
CA SER A 42 11.56 14.57 -0.01
C SER A 42 11.77 16.02 -0.45
N PRO A 43 13.01 16.38 -0.83
CA PRO A 43 13.34 17.73 -1.28
C PRO A 43 12.39 18.23 -2.37
N ALA A 44 12.25 19.56 -2.46
CA ALA A 44 11.38 20.16 -3.45
C ALA A 44 12.11 20.36 -4.78
N ASP A 45 12.00 19.37 -5.67
CA ASP A 45 12.64 19.44 -6.96
C ASP A 45 11.75 18.85 -8.05
N GLY A 46 11.75 19.49 -9.22
CA GLY A 46 10.94 19.01 -10.32
C GLY A 46 11.27 17.60 -10.73
N GLU A 47 10.24 16.77 -10.93
CA GLU A 47 10.43 15.39 -11.32
C GLU A 47 10.67 15.27 -12.83
N PRO A 48 11.90 14.93 -13.26
CA PRO A 48 12.23 14.79 -14.68
C PRO A 48 11.54 13.60 -15.32
N GLY A 49 11.99 13.25 -16.52
CA GLY A 49 11.40 12.11 -17.22
C GLY A 49 12.00 10.79 -16.79
N PRO A 50 13.26 10.52 -17.17
CA PRO A 50 13.94 9.27 -16.81
C PRO A 50 14.29 9.21 -15.33
N GLU A 51 14.27 8.01 -14.77
CA GLU A 51 14.59 7.81 -13.36
C GLU A 51 15.36 6.51 -13.15
N PRO A 52 16.59 6.43 -13.68
CA PRO A 52 17.43 5.23 -13.54
C PRO A 52 17.88 5.00 -12.11
N GLU A 53 18.87 4.12 -11.94
CA GLU A 53 19.41 3.80 -10.61
C GLU A 53 18.40 2.99 -9.80
N PRO A 54 18.40 1.66 -9.97
CA PRO A 54 17.48 0.78 -9.26
C PRO A 54 17.60 0.91 -7.74
N ALA A 55 17.12 -0.10 -7.02
CA ALA A 55 17.18 -0.09 -5.56
C ALA A 55 16.87 -1.46 -4.99
N GLN A 56 17.16 -1.65 -3.71
CA GLN A 56 16.91 -2.92 -3.04
C GLN A 56 15.43 -3.27 -3.08
N LEU A 57 15.12 -4.57 -3.01
CA LEU A 57 13.75 -5.03 -3.05
C LEU A 57 12.99 -4.54 -1.82
N ASN A 58 11.72 -4.93 -1.73
CA ASN A 58 10.87 -4.52 -0.61
C ASN A 58 9.52 -5.24 -0.65
N GLY A 59 9.36 -6.22 0.23
CA GLY A 59 8.12 -6.98 0.28
C GLY A 59 7.03 -6.25 1.04
N ALA A 60 7.36 -5.79 2.25
CA ALA A 60 6.39 -5.08 3.07
C ALA A 60 5.21 -5.98 3.44
N ALA A 61 4.67 -5.77 4.64
CA ALA A 61 3.54 -6.57 5.10
C ALA A 61 2.97 -5.99 6.40
N GLU A 62 1.79 -5.40 6.31
CA GLU A 62 1.14 -4.81 7.47
C GLU A 62 0.13 -5.78 8.08
N PRO A 63 -0.04 -5.74 9.41
CA PRO A 63 -0.98 -6.62 10.11
C PRO A 63 -2.44 -6.23 9.86
N GLY A 64 -3.29 -7.23 9.71
CA GLY A 64 -4.71 -6.98 9.47
C GLY A 64 -5.37 -8.10 8.72
N ALA A 65 -6.66 -8.32 8.98
CA ALA A 65 -7.42 -9.37 8.32
C ALA A 65 -6.81 -10.74 8.58
N ALA A 66 -7.29 -11.75 7.87
CA ALA A 66 -6.79 -13.11 8.03
C ALA A 66 -7.56 -14.07 7.13
N PRO A 67 -6.84 -15.00 6.47
CA PRO A 67 -7.46 -15.99 5.57
C PRO A 67 -8.50 -16.85 6.29
N PRO A 68 -9.42 -17.47 5.53
CA PRO A 68 -10.46 -18.33 6.10
C PRO A 68 -9.91 -19.66 6.60
N GLN A 69 -10.63 -20.28 7.54
CA GLN A 69 -10.20 -21.56 8.09
C GLN A 69 -11.33 -22.59 8.01
N LEU A 70 -12.01 -22.61 6.87
CA LEU A 70 -13.11 -23.55 6.66
C LEU A 70 -12.60 -24.83 5.99
N PRO A 71 -13.42 -25.90 6.02
CA PRO A 71 -13.06 -27.19 5.41
C PRO A 71 -12.54 -27.04 3.99
N GLU A 72 -11.38 -27.61 3.73
CA GLU A 72 -10.77 -27.54 2.40
C GLU A 72 -10.78 -28.90 1.71
N ALA A 73 -10.60 -29.96 2.51
CA ALA A 73 -10.58 -31.32 1.96
C ALA A 73 -9.52 -31.44 0.87
N LEU A 74 -8.33 -30.94 1.16
CA LEU A 74 -7.24 -30.98 0.21
C LEU A 74 -7.58 -30.21 -1.06
N LEU A 75 -8.55 -29.33 -0.94
CA LEU A 75 -9.00 -28.51 -2.05
C LEU A 75 -9.17 -29.32 -3.32
N LEU A 76 -10.40 -29.73 -3.57
CA LEU A 76 -10.73 -30.53 -4.74
C LEU A 76 -11.04 -29.63 -5.94
N GLN A 77 -12.27 -29.15 -6.00
CA GLN A 77 -12.70 -28.28 -7.08
C GLN A 77 -13.70 -27.24 -6.59
N ARG A 78 -14.19 -26.41 -7.51
CA ARG A 78 -15.15 -25.37 -7.16
C ARG A 78 -14.58 -24.41 -6.13
N ARG A 79 -14.28 -23.20 -6.56
CA ARG A 79 -13.72 -22.19 -5.67
C ARG A 79 -14.81 -21.36 -5.02
N ARG A 80 -14.79 -21.27 -3.69
CA ARG A 80 -15.78 -20.51 -2.95
C ARG A 80 -15.10 -19.49 -2.03
N VAL A 81 -14.60 -18.41 -2.62
CA VAL A 81 -13.93 -17.37 -1.86
C VAL A 81 -14.90 -16.60 -0.98
N THR A 82 -14.37 -15.97 0.06
CA THR A 82 -15.18 -15.18 0.98
C THR A 82 -14.56 -13.81 1.22
N VAL A 83 -15.39 -12.85 1.59
CA VAL A 83 -14.92 -11.49 1.83
C VAL A 83 -15.54 -10.92 3.11
N ARG A 84 -14.87 -9.93 3.70
CA ARG A 84 -15.34 -9.29 4.92
C ARG A 84 -15.08 -7.79 4.88
N LYS A 85 -16.15 -7.01 4.87
CA LYS A 85 -16.04 -5.56 4.84
C LYS A 85 -15.56 -5.01 6.19
N ALA A 86 -16.02 -5.65 7.26
CA ALA A 86 -15.65 -5.23 8.61
C ALA A 86 -14.13 -5.21 8.78
N ASP A 87 -13.44 -6.07 8.03
CA ASP A 87 -11.99 -6.15 8.11
C ASP A 87 -11.36 -5.90 6.73
N ALA A 88 -11.55 -6.85 5.82
CA ALA A 88 -11.00 -6.74 4.48
C ALA A 88 -11.75 -5.69 3.67
N GLY A 89 -11.18 -4.49 3.59
CA GLY A 89 -11.82 -3.43 2.83
C GLY A 89 -11.08 -3.10 1.55
N GLY A 90 -11.83 -2.76 0.50
CA GLY A 90 -11.22 -2.44 -0.77
C GLY A 90 -11.98 -3.02 -1.95
N LEU A 91 -11.46 -4.11 -2.51
CA LEU A 91 -12.09 -4.76 -3.65
C LEU A 91 -12.14 -3.83 -4.85
N GLY A 92 -11.03 -3.72 -5.57
CA GLY A 92 -10.96 -2.86 -6.73
C GLY A 92 -10.40 -3.57 -7.94
N ILE A 93 -10.78 -4.84 -8.10
CA ILE A 93 -10.31 -5.64 -9.23
C ILE A 93 -10.92 -5.17 -10.54
N SER A 94 -10.25 -5.49 -11.65
CA SER A 94 -10.74 -5.10 -12.97
C SER A 94 -11.23 -6.34 -13.72
N ILE A 95 -12.52 -6.59 -13.66
CA ILE A 95 -13.11 -7.74 -14.33
C ILE A 95 -13.49 -7.42 -15.77
N LYS A 96 -13.84 -8.46 -16.52
CA LYS A 96 -14.23 -8.31 -17.91
C LYS A 96 -15.21 -9.42 -18.32
N GLY A 97 -16.39 -9.03 -18.79
CA GLY A 97 -17.39 -9.99 -19.19
C GLY A 97 -18.46 -9.39 -20.07
N GLY A 98 -19.35 -10.22 -20.60
CA GLY A 98 -20.41 -9.74 -21.45
C GLY A 98 -21.44 -10.82 -21.75
N ARG A 99 -22.22 -11.20 -20.74
CA ARG A 99 -23.25 -12.22 -20.91
C ARG A 99 -24.38 -11.73 -21.81
N GLU A 100 -24.40 -10.43 -22.10
CA GLU A 100 -25.44 -9.87 -22.96
C GLU A 100 -25.63 -10.73 -24.20
N ASN A 101 -24.56 -11.38 -24.62
CA ASN A 101 -24.59 -12.27 -25.78
C ASN A 101 -24.21 -13.68 -25.36
N LYS A 102 -22.97 -13.83 -24.92
CA LYS A 102 -22.46 -15.12 -24.48
C LYS A 102 -21.03 -15.02 -23.96
N MET A 103 -20.69 -13.87 -23.40
CA MET A 103 -19.36 -13.64 -22.86
C MET A 103 -19.35 -13.80 -21.34
N PRO A 104 -18.58 -14.79 -20.82
CA PRO A 104 -18.49 -15.04 -19.38
C PRO A 104 -17.64 -14.01 -18.65
N ILE A 105 -17.97 -13.76 -17.38
CA ILE A 105 -17.25 -12.80 -16.56
C ILE A 105 -16.07 -13.46 -15.86
N LEU A 106 -14.90 -12.83 -15.97
CA LEU A 106 -13.69 -13.36 -15.34
C LEU A 106 -12.82 -12.24 -14.80
N ILE A 107 -11.98 -12.57 -13.82
CA ILE A 107 -11.08 -11.60 -13.22
C ILE A 107 -9.98 -11.20 -14.21
N SER A 108 -10.02 -9.95 -14.63
CA SER A 108 -9.05 -9.44 -15.58
C SER A 108 -7.89 -8.75 -14.87
N LYS A 109 -8.14 -8.27 -13.65
CA LYS A 109 -7.09 -7.59 -12.89
C LYS A 109 -7.35 -7.64 -11.39
N ILE A 110 -6.31 -7.98 -10.63
CA ILE A 110 -6.40 -8.06 -9.19
C ILE A 110 -5.41 -7.11 -8.53
N PHE A 111 -5.85 -5.88 -8.27
CA PHE A 111 -4.99 -4.88 -7.64
C PHE A 111 -4.47 -5.37 -6.29
N LYS A 112 -3.25 -4.96 -5.96
CA LYS A 112 -2.64 -5.36 -4.68
C LYS A 112 -2.94 -4.33 -3.60
N GLY A 113 -2.54 -4.65 -2.37
CA GLY A 113 -2.77 -3.74 -1.26
C GLY A 113 -4.25 -3.43 -1.06
N LEU A 114 -5.10 -4.37 -1.46
CA LEU A 114 -6.54 -4.18 -1.32
C LEU A 114 -7.21 -5.48 -0.85
N ALA A 115 -8.53 -5.45 -0.75
CA ALA A 115 -9.29 -6.62 -0.32
C ALA A 115 -8.99 -7.83 -1.20
N ALA A 116 -8.75 -7.57 -2.48
CA ALA A 116 -8.45 -8.64 -3.42
C ALA A 116 -7.10 -9.29 -3.11
N ASP A 117 -6.17 -8.48 -2.62
CA ASP A 117 -4.84 -8.96 -2.28
C ASP A 117 -4.88 -9.81 -1.02
N GLN A 118 -5.68 -9.38 -0.04
CA GLN A 118 -5.82 -10.11 1.21
C GLN A 118 -6.41 -11.50 0.98
N THR A 119 -7.43 -11.55 0.13
CA THR A 119 -8.10 -12.81 -0.19
C THR A 119 -7.20 -13.71 -1.03
N GLU A 120 -6.70 -13.15 -2.13
CA GLU A 120 -5.82 -13.89 -3.04
C GLU A 120 -6.37 -15.30 -3.30
N ALA A 121 -7.69 -15.42 -3.25
CA ALA A 121 -8.35 -16.70 -3.48
C ALA A 121 -9.15 -16.70 -4.78
N LEU A 122 -8.91 -15.70 -5.63
CA LEU A 122 -9.61 -15.59 -6.90
C LEU A 122 -8.65 -15.88 -8.06
N PHE A 123 -7.51 -15.22 -8.05
CA PHE A 123 -6.50 -15.41 -9.09
C PHE A 123 -7.04 -14.97 -10.45
N VAL A 124 -6.31 -14.09 -11.12
CA VAL A 124 -6.72 -13.59 -12.42
C VAL A 124 -6.92 -14.73 -13.42
N GLY A 125 -8.16 -14.92 -13.86
CA GLY A 125 -8.47 -15.98 -14.79
C GLY A 125 -9.64 -16.83 -14.36
N ASP A 126 -10.12 -16.61 -13.13
CA ASP A 126 -11.25 -17.36 -12.61
C ASP A 126 -12.58 -16.76 -13.07
N ALA A 127 -13.55 -17.62 -13.35
CA ALA A 127 -14.86 -17.18 -13.80
C ALA A 127 -15.90 -17.32 -12.69
N ILE A 128 -16.60 -16.23 -12.39
CA ILE A 128 -17.62 -16.24 -11.36
C ILE A 128 -18.88 -16.95 -11.84
N LEU A 129 -19.67 -17.45 -10.89
CA LEU A 129 -20.90 -18.15 -11.22
C LEU A 129 -21.94 -17.97 -10.11
N SER A 130 -21.48 -18.02 -8.86
CA SER A 130 -22.36 -17.86 -7.70
C SER A 130 -21.77 -16.86 -6.72
N VAL A 131 -22.61 -16.00 -6.18
CA VAL A 131 -22.17 -15.00 -5.21
C VAL A 131 -23.05 -15.00 -3.97
N ASN A 132 -22.42 -15.07 -2.79
CA ASN A 132 -23.14 -15.08 -1.52
C ASN A 132 -24.47 -15.83 -1.63
N GLY A 133 -24.46 -16.89 -2.43
CA GLY A 133 -25.67 -17.67 -2.64
C GLY A 133 -26.56 -17.06 -3.70
N GLU A 134 -25.97 -16.72 -4.85
CA GLU A 134 -26.72 -16.14 -5.95
C GLU A 134 -25.97 -16.36 -7.24
N ASP A 135 -26.52 -17.24 -8.02
CA ASP A 135 -25.94 -17.60 -9.31
C ASP A 135 -26.05 -16.45 -10.30
N LEU A 136 -24.89 -15.97 -10.76
CA LEU A 136 -24.86 -14.87 -11.72
C LEU A 136 -24.88 -15.40 -13.15
N SER A 137 -25.36 -16.63 -13.30
CA SER A 137 -25.44 -17.26 -14.62
C SER A 137 -26.26 -16.39 -15.58
N SER A 138 -27.12 -15.55 -15.02
CA SER A 138 -27.96 -14.66 -15.81
C SER A 138 -27.79 -13.22 -15.33
N ALA A 139 -26.54 -12.78 -15.25
CA ALA A 139 -26.22 -11.43 -14.80
C ALA A 139 -24.96 -10.93 -15.50
N THR A 140 -25.17 -10.25 -16.62
CA THR A 140 -24.08 -9.68 -17.41
C THR A 140 -23.01 -9.02 -16.54
N HIS A 141 -21.91 -8.64 -17.17
CA HIS A 141 -20.80 -7.99 -16.47
C HIS A 141 -21.28 -6.93 -15.48
N ASP A 142 -21.97 -5.92 -15.99
CA ASP A 142 -22.47 -4.84 -15.16
C ASP A 142 -23.17 -5.38 -13.91
N GLU A 143 -23.80 -6.54 -14.06
CA GLU A 143 -24.50 -7.16 -12.94
C GLU A 143 -23.53 -7.84 -11.98
N ALA A 144 -22.38 -8.27 -12.50
CA ALA A 144 -21.38 -8.92 -11.67
C ALA A 144 -20.60 -7.89 -10.86
N VAL A 145 -20.37 -6.73 -11.48
CA VAL A 145 -19.63 -5.65 -10.82
C VAL A 145 -20.50 -4.98 -9.75
N GLN A 146 -21.78 -4.83 -10.06
CA GLN A 146 -22.72 -4.21 -9.13
C GLN A 146 -23.15 -5.19 -8.05
N ALA A 147 -23.18 -6.47 -8.39
CA ALA A 147 -23.58 -7.51 -7.45
C ALA A 147 -22.48 -7.80 -6.44
N LEU A 148 -21.23 -7.67 -6.87
CA LEU A 148 -20.09 -7.94 -5.98
C LEU A 148 -19.72 -6.70 -5.17
N LYS A 149 -19.91 -5.52 -5.75
CA LYS A 149 -19.58 -4.27 -5.06
C LYS A 149 -20.60 -3.94 -3.99
N LYS A 150 -21.88 -3.93 -4.38
CA LYS A 150 -22.96 -3.61 -3.44
C LYS A 150 -22.89 -4.50 -2.19
N THR A 151 -22.31 -5.68 -2.35
CA THR A 151 -22.20 -6.62 -1.24
C THR A 151 -21.48 -5.98 -0.06
N GLY A 152 -21.38 -6.72 1.04
CA GLY A 152 -20.72 -6.20 2.23
C GLY A 152 -21.02 -7.01 3.47
N LYS A 153 -20.29 -6.75 4.55
CA LYS A 153 -20.48 -7.45 5.82
C LYS A 153 -19.84 -8.83 5.77
N GLU A 154 -20.27 -9.63 4.78
CA GLU A 154 -19.76 -10.98 4.61
C GLU A 154 -20.16 -11.52 3.26
N VAL A 155 -19.22 -11.52 2.34
CA VAL A 155 -19.45 -11.99 0.99
C VAL A 155 -18.88 -13.40 0.79
N VAL A 156 -19.45 -14.11 -0.18
CA VAL A 156 -19.00 -15.46 -0.48
C VAL A 156 -19.01 -15.69 -2.00
N LEU A 157 -17.93 -15.29 -2.65
CA LEU A 157 -17.82 -15.45 -4.10
C LEU A 157 -17.52 -16.89 -4.49
N GLU A 158 -18.18 -17.36 -5.55
CA GLU A 158 -17.98 -18.72 -6.04
C GLU A 158 -17.55 -18.71 -7.49
N VAL A 159 -16.25 -18.90 -7.72
CA VAL A 159 -15.70 -18.90 -9.07
C VAL A 159 -15.17 -20.29 -9.45
N LYS A 160 -14.84 -20.45 -10.72
CA LYS A 160 -14.34 -21.72 -11.23
C LYS A 160 -13.06 -21.52 -12.04
N TYR A 161 -12.00 -22.22 -11.67
CA TYR A 161 -10.73 -22.10 -12.37
C TYR A 161 -10.88 -22.46 -13.85
N MET A 162 -10.97 -21.44 -14.69
CA MET A 162 -11.12 -21.63 -16.12
C MET A 162 -9.80 -21.40 -16.85
N LYS A 163 -9.39 -22.38 -17.65
CA LYS A 163 -8.15 -22.28 -18.40
C LYS A 163 -8.41 -22.12 -19.89
N GLU A 164 -9.51 -22.71 -20.36
CA GLU A 164 -9.88 -22.62 -21.77
C GLU A 164 -10.76 -21.41 -22.03
N VAL A 165 -10.30 -20.25 -21.59
CA VAL A 165 -11.04 -19.01 -21.78
C VAL A 165 -10.11 -17.83 -22.05
N SER A 166 -9.07 -17.74 -21.22
CA SER A 166 -8.10 -16.66 -21.35
C SER A 166 -6.80 -17.00 -20.61
N PRO A 167 -5.94 -17.83 -21.23
CA PRO A 167 -4.67 -18.24 -20.62
C PRO A 167 -3.80 -17.04 -20.22
N TYR A 168 -2.55 -17.29 -19.88
CA TYR A 168 -1.63 -16.23 -19.48
C TYR A 168 -1.17 -15.44 -20.70
N PHE A 169 -0.36 -14.42 -20.45
CA PHE A 169 0.16 -13.58 -21.53
C PHE A 169 1.42 -12.84 -21.08
N LYS A 170 2.21 -13.49 -20.23
CA LYS A 170 3.44 -12.90 -19.72
C LYS A 170 4.66 -13.74 -20.14
N ASN A 171 4.57 -14.34 -21.31
CA ASN A 171 5.66 -15.16 -21.83
C ASN A 171 5.58 -15.28 -23.35
N SER A 172 5.84 -14.18 -24.03
CA SER A 172 5.79 -14.16 -25.50
C SER A 172 7.20 -14.23 -26.08
N ALA A 173 8.14 -13.57 -25.42
CA ALA A 173 9.53 -13.55 -25.87
C ALA A 173 10.44 -14.21 -24.85
N GLY A 174 10.27 -13.85 -23.59
CA GLY A 174 11.10 -14.42 -22.53
C GLY A 174 10.88 -13.74 -21.20
N GLY A 175 10.33 -14.49 -20.24
CA GLY A 175 10.07 -13.94 -18.92
C GLY A 175 10.99 -14.52 -17.87
N THR A 176 12.18 -14.94 -18.28
CA THR A 176 13.15 -15.52 -17.36
C THR A 176 14.57 -15.22 -17.81
N SER A 177 15.37 -14.64 -16.91
CA SER A 177 16.75 -14.31 -17.21
C SER A 177 17.73 -15.22 -16.47
N VAL A 178 17.19 -16.08 -15.59
CA VAL A 178 18.00 -17.01 -14.81
C VAL A 178 19.24 -16.31 -14.22
N GLY A 179 20.14 -17.10 -13.64
CA GLY A 179 21.34 -16.55 -13.04
C GLY A 179 21.06 -15.85 -11.73
N TRP A 180 20.03 -16.31 -11.03
CA TRP A 180 19.67 -15.73 -9.74
C TRP A 180 19.42 -16.82 -8.70
N ASP A 181 20.24 -17.87 -8.74
CA ASP A 181 20.11 -18.97 -7.79
C ASP A 181 18.76 -19.66 -7.95
N SER A 182 18.40 -20.49 -6.97
CA SER A 182 17.13 -21.22 -7.02
C SER A 182 16.49 -21.29 -5.63
N PRO A 183 17.16 -21.94 -4.65
CA PRO A 183 16.63 -22.06 -3.29
C PRO A 183 16.20 -20.71 -2.72
N PRO A 184 14.88 -20.47 -2.59
CA PRO A 184 14.35 -19.22 -2.05
C PRO A 184 15.03 -18.81 -0.75
N ALA A 185 15.07 -19.73 0.21
CA ALA A 185 15.70 -19.46 1.50
C ALA A 185 17.20 -19.30 1.35
N SER A 186 17.79 -20.10 0.47
CA SER A 186 19.23 -20.06 0.23
C SER A 186 20.01 -20.43 1.50
N PRO A 187 21.19 -21.05 1.33
CA PRO A 187 22.02 -21.46 2.47
C PRO A 187 22.68 -20.26 3.16
N LEU A 188 23.65 -20.55 4.02
CA LEU A 188 24.36 -19.50 4.75
C LEU A 188 25.87 -19.66 4.58
N GLN A 189 26.28 -20.10 3.40
CA GLN A 189 27.70 -20.29 3.11
C GLN A 189 28.23 -19.16 2.24
N ARG A 190 27.72 -19.08 1.01
CA ARG A 190 28.15 -18.05 0.08
C ARG A 190 27.57 -16.69 0.46
N GLN A 191 28.40 -15.83 1.04
CA GLN A 191 27.97 -14.50 1.46
C GLN A 191 28.50 -13.44 0.51
N PRO A 192 27.68 -13.02 -0.49
CA PRO A 192 28.08 -12.01 -1.46
C PRO A 192 28.24 -10.63 -0.83
N SER A 193 27.28 -10.26 0.01
CA SER A 193 27.31 -8.96 0.68
C SER A 193 26.37 -8.95 1.88
N SER A 194 26.79 -8.30 2.95
CA SER A 194 25.99 -8.20 4.17
C SER A 194 25.61 -6.75 4.46
N PRO A 195 24.31 -6.44 4.51
CA PRO A 195 23.83 -5.08 4.78
C PRO A 195 24.05 -4.67 6.23
N GLY A 196 24.96 -3.73 6.45
CA GLY A 196 25.25 -3.26 7.79
C GLY A 196 24.05 -2.59 8.44
N PRO A 197 24.15 -2.24 9.73
CA PRO A 197 23.05 -1.59 10.46
C PRO A 197 22.80 -0.17 9.98
N GLN A 198 21.58 0.31 10.17
CA GLN A 198 21.22 1.66 9.76
C GLN A 198 20.29 2.32 10.78
N PRO A 199 20.84 2.69 11.96
CA PRO A 199 20.06 3.33 13.02
C PRO A 199 19.65 4.76 12.66
N ARG A 200 20.52 5.46 11.95
CA ARG A 200 20.26 6.83 11.53
C ARG A 200 20.89 7.13 10.18
N ASN A 201 20.10 7.70 9.28
CA ASN A 201 20.58 8.04 7.94
C ASN A 201 19.51 8.80 7.16
N LEU A 202 19.90 9.93 6.58
CA LEU A 202 18.99 10.75 5.80
C LEU A 202 19.03 10.35 4.32
N SER A 203 20.19 10.50 3.70
CA SER A 203 20.37 10.16 2.29
C SER A 203 19.79 11.25 1.38
N GLU A 204 18.52 11.56 1.57
CA GLU A 204 17.86 12.59 0.77
C GLU A 204 16.42 12.78 1.23
N ALA A 205 15.67 11.68 1.25
CA ALA A 205 14.27 11.73 1.66
C ALA A 205 14.01 10.76 2.81
N LYS A 206 12.85 10.92 3.45
CA LYS A 206 12.48 10.07 4.58
C LYS A 206 11.14 9.39 4.32
N HIS A 207 10.78 8.44 5.16
CA HIS A 207 9.51 7.72 5.03
C HIS A 207 9.15 6.99 6.32
N VAL A 208 7.97 7.29 6.84
CA VAL A 208 7.50 6.66 8.07
C VAL A 208 6.29 5.77 7.81
N SER A 209 6.42 4.49 8.12
CA SER A 209 5.33 3.54 7.92
C SER A 209 4.12 3.90 8.79
N LEU A 210 4.36 4.68 9.84
CA LEU A 210 3.29 5.09 10.74
C LEU A 210 2.79 3.91 11.57
N LYS A 211 3.53 3.56 12.60
CA LYS A 211 3.17 2.45 13.48
C LYS A 211 2.92 2.94 14.90
N MET A 212 3.76 3.85 15.34
CA MET A 212 3.65 4.43 16.69
C MET A 212 4.24 5.83 16.73
N ALA A 213 4.15 6.53 15.60
CA ALA A 213 4.70 7.88 15.50
C ALA A 213 3.84 8.89 16.26
N TYR A 214 4.48 9.92 16.78
CA TYR A 214 3.79 10.96 17.52
C TYR A 214 4.19 12.34 17.01
N VAL A 215 3.24 13.26 16.99
CA VAL A 215 3.50 14.61 16.51
C VAL A 215 3.33 15.64 17.62
N SER A 216 3.95 16.80 17.42
CA SER A 216 3.88 17.88 18.40
C SER A 216 4.20 19.22 17.75
N ARG A 217 3.55 20.29 18.23
CA ARG A 217 3.76 21.62 17.69
C ARG A 217 4.14 22.61 18.78
N ARG A 218 5.29 23.26 18.61
CA ARG A 218 5.77 24.23 19.59
C ARG A 218 6.46 25.40 18.89
N CYS A 219 6.76 26.45 19.66
CA CYS A 219 7.41 27.63 19.11
C CYS A 219 8.87 27.70 19.54
N THR A 220 9.78 27.82 18.57
CA THR A 220 11.20 27.89 18.86
C THR A 220 11.63 29.33 19.11
N PRO A 221 11.39 30.23 18.14
CA PRO A 221 11.75 31.63 18.23
C PRO A 221 10.55 32.51 18.57
N THR A 222 10.61 33.78 18.20
CA THR A 222 9.52 34.69 18.47
C THR A 222 8.82 35.10 17.18
N ASP A 223 8.89 34.24 16.17
CA ASP A 223 8.25 34.53 14.87
C ASP A 223 8.74 33.58 13.77
N PRO A 224 10.06 33.52 13.56
CA PRO A 224 10.66 32.66 12.52
C PRO A 224 10.01 31.28 12.41
N GLU A 225 9.38 30.82 13.49
CA GLU A 225 8.73 29.51 13.48
C GLU A 225 7.39 29.57 14.20
N PRO A 226 6.32 30.01 13.49
CA PRO A 226 4.98 30.10 14.06
C PRO A 226 4.49 28.76 14.59
N ARG A 227 5.00 27.68 14.00
CA ARG A 227 4.61 26.33 14.42
C ARG A 227 5.72 25.33 14.10
N TYR A 228 6.34 24.80 15.15
CA TYR A 228 7.41 23.83 14.99
C TYR A 228 6.86 22.41 15.04
N LEU A 229 6.68 21.80 13.87
CA LEU A 229 6.15 20.45 13.78
C LEU A 229 7.25 19.41 13.97
N GLU A 230 7.06 18.53 14.95
CA GLU A 230 8.04 17.49 15.25
C GLU A 230 7.37 16.12 15.28
N ILE A 231 7.96 15.16 14.58
CA ILE A 231 7.43 13.80 14.53
C ILE A 231 8.50 12.77 14.87
N CYS A 232 8.10 11.70 15.54
CA CYS A 232 9.03 10.65 15.92
C CYS A 232 8.33 9.30 16.04
N ALA A 233 8.89 8.29 15.37
CA ALA A 233 8.32 6.96 15.41
C ALA A 233 8.49 6.33 16.79
N ALA A 234 7.53 6.59 17.67
CA ALA A 234 7.57 6.06 19.02
C ALA A 234 8.83 6.52 19.75
N ASP A 235 9.35 7.66 19.31
CA ASP A 235 10.56 8.25 19.91
C ASP A 235 11.63 7.18 20.17
N GLY A 236 11.69 6.19 19.29
CA GLY A 236 12.67 5.12 19.46
C GLY A 236 13.53 4.89 18.24
N GLN A 237 13.04 5.30 17.07
CA GLN A 237 13.78 5.11 15.83
C GLN A 237 13.69 6.34 14.92
N ASP A 238 12.58 6.45 14.21
CA ASP A 238 12.38 7.57 13.28
C ASP A 238 12.19 8.88 14.03
N ALA A 239 12.42 9.99 13.32
CA ALA A 239 12.28 11.32 13.89
C ALA A 239 12.37 12.38 12.79
N VAL A 240 11.22 12.86 12.34
CA VAL A 240 11.18 13.87 11.29
C VAL A 240 10.61 15.19 11.80
N PHE A 241 11.28 16.29 11.45
CA PHE A 241 10.84 17.61 11.87
C PHE A 241 10.47 18.45 10.64
N LEU A 242 9.40 19.22 10.75
CA LEU A 242 8.95 20.06 9.65
C LEU A 242 8.43 21.40 10.16
N ARG A 243 8.33 22.37 9.25
CA ARG A 243 7.84 23.70 9.61
C ARG A 243 6.89 24.22 8.53
N ALA A 244 5.60 24.23 8.85
CA ALA A 244 4.58 24.71 7.92
C ALA A 244 4.83 26.17 7.54
N LYS A 245 4.49 26.51 6.30
CA LYS A 245 4.67 27.87 5.81
C LYS A 245 3.92 28.88 6.69
N ASP A 246 2.76 28.46 7.18
CA ASP A 246 1.94 29.31 8.04
C ASP A 246 1.46 28.53 9.26
N GLU A 247 1.09 29.25 10.31
CA GLU A 247 0.60 28.62 11.53
C GLU A 247 -0.59 27.72 11.25
N ALA A 248 -1.43 28.15 10.31
CA ALA A 248 -2.61 27.38 9.94
C ALA A 248 -2.20 26.13 9.17
N SER A 249 -1.25 26.29 8.25
CA SER A 249 -0.78 25.16 7.47
C SER A 249 -0.25 24.08 8.40
N ALA A 250 0.34 24.51 9.51
CA ALA A 250 0.87 23.59 10.50
C ALA A 250 -0.27 23.04 11.34
N ARG A 251 -1.31 23.85 11.55
CA ARG A 251 -2.45 23.41 12.31
C ARG A 251 -3.13 22.24 11.60
N SER A 252 -3.17 22.33 10.27
CA SER A 252 -3.76 21.28 9.46
C SER A 252 -2.80 20.10 9.34
N TRP A 253 -1.50 20.39 9.36
CA TRP A 253 -0.49 19.35 9.27
C TRP A 253 -0.51 18.51 10.54
N ALA A 254 -0.22 19.17 11.66
CA ALA A 254 -0.21 18.49 12.95
C ALA A 254 -1.58 17.85 13.20
N GLY A 255 -2.63 18.50 12.71
CA GLY A 255 -3.97 17.96 12.89
C GLY A 255 -4.20 16.74 12.01
N ALA A 256 -3.57 16.72 10.84
CA ALA A 256 -3.71 15.60 9.92
C ALA A 256 -2.94 14.38 10.42
N ILE A 257 -1.75 14.62 10.95
CA ILE A 257 -0.92 13.55 11.47
C ILE A 257 -1.62 12.83 12.62
N GLN A 258 -2.06 13.60 13.61
CA GLN A 258 -2.76 13.04 14.76
C GLN A 258 -4.05 12.34 14.33
N ALA A 259 -4.74 12.94 13.36
CA ALA A 259 -5.99 12.39 12.87
C ALA A 259 -5.75 11.11 12.05
N GLN A 260 -4.55 10.98 11.51
CA GLN A 260 -4.20 9.80 10.71
C GLN A 260 -3.61 8.70 11.58
N ILE A 261 -2.64 9.06 12.41
CA ILE A 261 -2.00 8.09 13.28
C ILE A 261 -3.00 7.50 14.27
N GLY A 262 -3.55 8.35 15.13
CA GLY A 262 -4.52 7.90 16.11
C GLY A 262 -4.00 6.75 16.96
N THR A 263 -2.74 6.85 17.36
CA THR A 263 -2.11 5.81 18.18
C THR A 263 -2.79 5.72 19.54
N ALA A 1 -2.37 -8.41 11.28
CA ALA A 1 -1.52 -9.20 10.35
C ALA A 1 -2.32 -9.65 9.14
N SER A 2 -3.31 -8.85 8.75
CA SER A 2 -4.15 -9.17 7.60
C SER A 2 -4.76 -7.91 7.01
N GLY A 3 -4.17 -7.41 5.94
CA GLY A 3 -4.67 -6.21 5.30
C GLY A 3 -3.64 -5.55 4.40
N ARG A 4 -3.76 -4.24 4.21
CA ARG A 4 -2.84 -3.50 3.37
C ARG A 4 -1.85 -2.70 4.21
N ARG A 5 -2.37 -2.01 5.23
CA ARG A 5 -1.54 -1.21 6.11
C ARG A 5 -0.92 -2.07 7.20
N ALA A 6 -0.03 -1.47 8.01
CA ALA A 6 0.63 -2.19 9.09
C ALA A 6 1.59 -1.26 9.85
N PRO A 7 2.60 -0.72 9.15
CA PRO A 7 3.59 0.17 9.75
C PRO A 7 3.00 1.55 10.07
N ARG A 8 3.48 2.14 11.15
CA ARG A 8 3.02 3.47 11.57
C ARG A 8 3.74 4.56 10.79
N THR A 9 3.03 5.20 9.87
CA THR A 9 3.62 6.26 9.07
C THR A 9 3.14 7.63 9.54
N GLY A 10 4.01 8.62 9.42
CA GLY A 10 3.67 9.97 9.84
C GLY A 10 4.62 11.01 9.29
N LEU A 11 4.25 12.28 9.40
CA LEU A 11 5.07 13.37 8.91
C LEU A 11 5.86 14.02 10.04
N LEU A 12 7.18 13.93 9.99
CA LEU A 12 8.03 14.50 11.01
C LEU A 12 9.03 15.49 10.39
N GLU A 13 9.63 16.32 11.24
CA GLU A 13 10.59 17.31 10.78
C GLU A 13 11.97 17.05 11.37
N LEU A 14 12.97 16.93 10.50
CA LEU A 14 14.34 16.69 10.95
C LEU A 14 15.18 17.96 10.83
N ARG A 15 16.38 17.92 11.39
CA ARG A 15 17.28 19.06 11.35
C ARG A 15 18.17 19.03 10.12
N CYS A 16 18.21 20.13 9.38
CA CYS A 16 19.03 20.21 8.18
C CYS A 16 20.51 20.17 8.52
N GLY A 17 21.01 18.98 8.84
CA GLY A 17 22.41 18.83 9.20
C GLY A 17 22.75 19.49 10.52
N ALA A 18 23.36 20.66 10.45
CA ALA A 18 23.74 21.40 11.65
C ALA A 18 24.06 22.86 11.33
N GLY A 19 24.01 23.71 12.34
CA GLY A 19 24.29 25.12 12.15
C GLY A 19 24.67 25.82 13.44
N SER A 20 25.48 25.14 14.25
CA SER A 20 25.91 25.71 15.53
C SER A 20 24.71 26.01 16.42
N GLY A 21 23.66 25.22 16.30
CA GLY A 21 22.47 25.44 17.10
C GLY A 21 21.66 26.63 16.63
N ALA A 22 21.66 27.69 17.43
CA ALA A 22 20.92 28.90 17.09
C ALA A 22 21.56 29.64 15.93
N GLY A 23 20.80 30.54 15.31
CA GLY A 23 21.33 31.30 14.19
C GLY A 23 21.56 30.44 12.96
N GLY A 24 20.49 29.87 12.42
CA GLY A 24 20.60 29.04 11.24
C GLY A 24 19.63 27.87 11.26
N GLU A 25 18.38 28.16 11.62
CA GLU A 25 17.35 27.13 11.68
C GLU A 25 17.01 26.61 10.29
N ARG A 26 16.66 25.33 10.21
CA ARG A 26 16.31 24.71 8.93
C ARG A 26 15.87 23.28 9.14
N TRP A 27 14.55 23.05 9.11
CA TRP A 27 13.99 21.73 9.30
C TRP A 27 13.39 21.21 7.98
N GLN A 28 13.42 19.88 7.82
CA GLN A 28 12.88 19.26 6.61
C GLN A 28 11.67 18.39 6.94
N ARG A 29 10.54 18.68 6.30
CA ARG A 29 9.32 17.93 6.53
C ARG A 29 9.31 16.64 5.69
N VAL A 30 9.70 15.54 6.31
CA VAL A 30 9.74 14.25 5.63
C VAL A 30 8.77 13.26 6.28
N LEU A 31 8.55 12.14 5.60
CA LEU A 31 7.65 11.10 6.11
C LEU A 31 8.42 9.93 6.68
N LEU A 32 7.90 9.36 7.77
CA LEU A 32 8.53 8.22 8.42
C LEU A 32 7.65 6.98 8.32
N SER A 33 8.27 5.80 8.38
CA SER A 33 7.54 4.54 8.30
C SER A 33 8.06 3.55 9.32
N LEU A 34 7.46 3.57 10.51
CA LEU A 34 7.86 2.66 11.59
C LEU A 34 7.20 1.30 11.42
N ALA A 35 7.97 0.33 10.93
CA ALA A 35 7.47 -1.02 10.72
C ALA A 35 7.66 -1.87 11.97
N GLU A 36 7.72 -3.19 11.80
CA GLU A 36 7.89 -4.10 12.93
C GLU A 36 9.31 -4.00 13.49
N ASP A 37 10.26 -4.52 12.74
CA ASP A 37 11.66 -4.49 13.15
C ASP A 37 12.50 -3.68 12.18
N ALA A 38 11.89 -2.70 11.54
CA ALA A 38 12.57 -1.85 10.58
C ALA A 38 11.80 -0.57 10.30
N LEU A 39 12.48 0.57 10.47
CA LEU A 39 11.85 1.87 10.23
C LEU A 39 12.42 2.51 8.97
N THR A 40 11.56 2.78 8.01
CA THR A 40 11.98 3.38 6.75
C THR A 40 11.54 4.85 6.67
N VAL A 41 12.42 5.69 6.13
CA VAL A 41 12.12 7.11 5.99
C VAL A 41 12.07 7.52 4.53
N SER A 42 11.40 8.63 4.25
CA SER A 42 11.29 9.13 2.89
C SER A 42 10.74 10.56 2.87
N PRO A 43 11.35 11.45 2.07
CA PRO A 43 10.91 12.85 1.97
C PRO A 43 9.43 12.97 1.65
N ALA A 44 8.86 14.14 1.96
CA ALA A 44 7.44 14.38 1.71
C ALA A 44 7.26 15.56 0.76
N ASP A 45 6.25 15.46 -0.11
CA ASP A 45 5.96 16.52 -1.07
C ASP A 45 4.72 17.32 -0.66
N GLY A 46 4.43 18.38 -1.41
CA GLY A 46 3.29 19.20 -1.11
C GLY A 46 3.05 20.26 -2.17
N GLU A 47 3.90 21.28 -2.18
CA GLU A 47 3.78 22.37 -3.15
C GLU A 47 2.40 23.02 -3.09
N PRO A 48 2.26 24.13 -2.36
CA PRO A 48 0.99 24.84 -2.23
C PRO A 48 0.56 25.49 -3.54
N GLY A 49 -0.59 26.16 -3.52
CA GLY A 49 -1.09 26.82 -4.70
C GLY A 49 -1.82 28.12 -4.40
N PRO A 50 -1.12 29.12 -3.83
CA PRO A 50 -1.72 30.41 -3.49
C PRO A 50 -2.42 31.06 -4.68
N GLU A 51 -1.86 30.84 -5.87
CA GLU A 51 -2.42 31.39 -7.10
C GLU A 51 -3.28 30.36 -7.82
N PRO A 52 -4.62 30.45 -7.68
CA PRO A 52 -5.55 29.52 -8.31
C PRO A 52 -5.58 29.69 -9.83
N GLU A 53 -5.04 28.70 -10.54
CA GLU A 53 -5.01 28.74 -11.99
C GLU A 53 -4.65 27.36 -12.57
N PRO A 54 -5.61 26.69 -13.23
CA PRO A 54 -5.38 25.36 -13.81
C PRO A 54 -4.14 25.34 -14.70
N ALA A 55 -3.83 24.15 -15.21
CA ALA A 55 -2.66 23.98 -16.08
C ALA A 55 -2.76 22.70 -16.89
N GLN A 56 -3.19 22.83 -18.14
CA GLN A 56 -3.33 21.67 -19.02
C GLN A 56 -2.05 21.43 -19.81
N LEU A 57 -1.89 20.21 -20.32
CA LEU A 57 -0.71 19.85 -21.09
C LEU A 57 -1.08 18.97 -22.28
N ASN A 58 -0.78 19.44 -23.48
CA ASN A 58 -1.08 18.69 -24.70
C ASN A 58 0.07 17.76 -25.05
N GLY A 59 -0.15 16.46 -24.86
CA GLY A 59 0.88 15.48 -25.17
C GLY A 59 0.61 14.75 -26.47
N ALA A 60 1.11 13.52 -26.58
CA ALA A 60 0.93 12.73 -27.78
C ALA A 60 0.97 11.23 -27.46
N ALA A 61 -0.19 10.68 -27.10
CA ALA A 61 -0.28 9.27 -26.76
C ALA A 61 -1.58 8.67 -27.29
N GLU A 62 -1.46 7.62 -28.09
CA GLU A 62 -2.62 6.94 -28.67
C GLU A 62 -3.39 6.17 -27.60
N PRO A 63 -4.61 6.62 -27.26
CA PRO A 63 -5.44 5.96 -26.24
C PRO A 63 -5.99 4.62 -26.73
N GLY A 64 -6.43 3.79 -25.80
CA GLY A 64 -6.98 2.50 -26.15
C GLY A 64 -8.21 2.13 -25.32
N ALA A 65 -8.87 3.14 -24.78
CA ALA A 65 -10.07 2.93 -23.97
C ALA A 65 -9.75 2.09 -22.73
N ALA A 66 -10.51 2.32 -21.66
CA ALA A 66 -10.31 1.60 -20.41
C ALA A 66 -11.21 2.16 -19.32
N PRO A 67 -11.82 1.29 -18.50
CA PRO A 67 -12.70 1.70 -17.41
C PRO A 67 -12.00 2.60 -16.41
N PRO A 68 -12.74 3.16 -15.44
CA PRO A 68 -12.18 4.05 -14.41
C PRO A 68 -11.06 3.37 -13.62
N GLN A 69 -10.78 3.90 -12.43
CA GLN A 69 -9.73 3.34 -11.58
C GLN A 69 -9.74 4.00 -10.20
N LEU A 70 -10.93 4.16 -9.64
CA LEU A 70 -11.06 4.77 -8.31
C LEU A 70 -11.90 3.89 -7.37
N PRO A 71 -11.60 2.57 -7.30
CA PRO A 71 -12.33 1.65 -6.44
C PRO A 71 -11.84 1.68 -5.01
N GLU A 72 -12.51 2.48 -4.17
CA GLU A 72 -12.13 2.59 -2.76
C GLU A 72 -13.18 3.36 -1.97
N ALA A 73 -13.14 4.68 -2.04
CA ALA A 73 -14.09 5.52 -1.32
C ALA A 73 -13.97 5.27 0.18
N LEU A 74 -12.75 5.45 0.71
CA LEU A 74 -12.49 5.24 2.12
C LEU A 74 -12.78 3.80 2.52
N LEU A 75 -12.79 2.93 1.54
CA LEU A 75 -13.03 1.51 1.75
C LEU A 75 -14.23 1.27 2.65
N LEU A 76 -15.37 1.02 2.03
CA LEU A 76 -16.61 0.77 2.77
C LEU A 76 -16.74 -0.72 3.09
N GLN A 77 -17.24 -1.49 2.13
CA GLN A 77 -17.43 -2.92 2.30
C GLN A 77 -18.02 -3.55 1.03
N ARG A 78 -17.82 -4.85 0.88
CA ARG A 78 -18.34 -5.56 -0.29
C ARG A 78 -17.71 -5.03 -1.57
N ARG A 79 -17.56 -5.92 -2.56
CA ARG A 79 -16.97 -5.53 -3.83
C ARG A 79 -18.06 -5.35 -4.89
N ARG A 80 -17.92 -4.31 -5.70
CA ARG A 80 -18.88 -4.02 -6.76
C ARG A 80 -18.18 -3.72 -8.08
N VAL A 81 -17.76 -4.79 -8.76
CA VAL A 81 -17.08 -4.66 -10.03
C VAL A 81 -18.04 -4.27 -11.14
N THR A 82 -17.51 -3.69 -12.21
CA THR A 82 -18.33 -3.26 -13.34
C THR A 82 -17.77 -3.83 -14.65
N VAL A 83 -18.65 -4.01 -15.63
CA VAL A 83 -18.24 -4.54 -16.93
C VAL A 83 -18.86 -3.73 -18.06
N ARG A 84 -18.27 -3.85 -19.25
CA ARG A 84 -18.75 -3.14 -20.43
C ARG A 84 -18.90 -4.10 -21.60
N LYS A 85 -20.14 -4.27 -22.06
CA LYS A 85 -20.42 -5.16 -23.17
C LYS A 85 -20.36 -4.41 -24.51
N ALA A 86 -21.06 -3.29 -24.57
CA ALA A 86 -21.10 -2.47 -25.78
C ALA A 86 -19.69 -2.24 -26.34
N ASP A 87 -18.97 -1.31 -25.71
CA ASP A 87 -17.62 -0.98 -26.15
C ASP A 87 -16.63 -1.04 -24.98
N ALA A 88 -15.37 -1.28 -25.28
CA ALA A 88 -14.34 -1.36 -24.26
C ALA A 88 -14.66 -2.44 -23.24
N GLY A 89 -14.46 -3.70 -23.63
CA GLY A 89 -14.74 -4.81 -22.74
C GLY A 89 -14.05 -6.09 -23.16
N GLY A 90 -14.74 -7.21 -23.01
CA GLY A 90 -14.17 -8.49 -23.38
C GLY A 90 -14.00 -9.42 -22.19
N LEU A 91 -15.10 -10.03 -21.76
CA LEU A 91 -15.06 -10.94 -20.63
C LEU A 91 -14.70 -12.35 -21.06
N GLY A 92 -13.72 -12.95 -20.37
CA GLY A 92 -13.29 -14.29 -20.70
C GLY A 92 -12.85 -15.06 -19.48
N ILE A 93 -13.49 -14.79 -18.35
CA ILE A 93 -13.17 -15.46 -17.09
C ILE A 93 -14.00 -16.72 -16.89
N SER A 94 -13.53 -17.59 -16.02
CA SER A 94 -14.24 -18.83 -15.71
C SER A 94 -14.67 -18.85 -14.26
N ILE A 95 -15.87 -19.36 -14.00
CA ILE A 95 -16.39 -19.41 -12.64
C ILE A 95 -16.79 -20.83 -12.25
N LYS A 96 -17.09 -21.00 -10.97
CA LYS A 96 -17.51 -22.30 -10.45
C LYS A 96 -18.30 -22.13 -9.16
N GLY A 97 -19.31 -22.98 -8.98
CA GLY A 97 -20.14 -22.89 -7.79
C GLY A 97 -21.08 -24.07 -7.64
N GLY A 98 -21.94 -24.01 -6.63
CA GLY A 98 -22.89 -25.09 -6.40
C GLY A 98 -23.92 -24.72 -5.35
N ARG A 99 -24.82 -23.81 -5.71
CA ARG A 99 -25.87 -23.37 -4.79
C ARG A 99 -26.95 -24.45 -4.61
N GLU A 100 -26.86 -25.52 -5.40
CA GLU A 100 -27.83 -26.61 -5.31
C GLU A 100 -28.06 -26.99 -3.85
N ASN A 101 -27.02 -26.82 -3.05
CA ASN A 101 -27.09 -27.11 -1.63
C ASN A 101 -26.82 -25.84 -0.82
N LYS A 102 -25.61 -25.33 -0.94
CA LYS A 102 -25.21 -24.13 -0.24
C LYS A 102 -23.80 -23.68 -0.63
N MET A 103 -23.41 -23.97 -1.87
CA MET A 103 -22.09 -23.61 -2.37
C MET A 103 -22.16 -22.41 -3.30
N PRO A 104 -21.79 -21.21 -2.82
CA PRO A 104 -21.83 -19.98 -3.62
C PRO A 104 -20.84 -20.03 -4.78
N ILE A 105 -21.07 -19.18 -5.78
CA ILE A 105 -20.20 -19.11 -6.95
C ILE A 105 -18.97 -18.27 -6.65
N LEU A 106 -17.83 -18.66 -7.24
CA LEU A 106 -16.59 -17.93 -7.04
C LEU A 106 -15.76 -17.87 -8.33
N ILE A 107 -14.71 -17.06 -8.30
CA ILE A 107 -13.83 -16.91 -9.45
C ILE A 107 -13.02 -18.17 -9.69
N SER A 108 -13.31 -18.86 -10.78
CA SER A 108 -12.61 -20.08 -11.13
C SER A 108 -11.39 -19.77 -11.97
N LYS A 109 -11.45 -18.69 -12.74
CA LYS A 109 -10.33 -18.30 -13.59
C LYS A 109 -10.49 -16.91 -14.18
N ILE A 110 -9.38 -16.20 -14.32
CA ILE A 110 -9.37 -14.87 -14.87
C ILE A 110 -8.38 -14.78 -16.03
N PHE A 111 -8.71 -13.98 -17.04
CA PHE A 111 -7.85 -13.83 -18.21
C PHE A 111 -7.21 -12.44 -18.23
N LYS A 112 -5.90 -12.41 -18.45
CA LYS A 112 -5.15 -11.16 -18.50
C LYS A 112 -5.23 -10.54 -19.89
N GLY A 113 -5.13 -9.22 -19.96
CA GLY A 113 -5.19 -8.53 -21.23
C GLY A 113 -6.61 -8.24 -21.68
N LEU A 114 -7.58 -8.77 -20.94
CA LEU A 114 -8.99 -8.56 -21.27
C LEU A 114 -9.67 -7.68 -20.23
N ALA A 115 -10.98 -7.52 -20.35
CA ALA A 115 -11.75 -6.70 -19.43
C ALA A 115 -11.52 -7.14 -17.99
N ALA A 116 -11.37 -8.44 -17.78
CA ALA A 116 -11.14 -8.97 -16.44
C ALA A 116 -9.87 -8.40 -15.83
N ASP A 117 -8.80 -8.34 -16.63
CA ASP A 117 -7.54 -7.80 -16.17
C ASP A 117 -7.66 -6.33 -15.80
N GLN A 118 -8.25 -5.55 -16.71
CA GLN A 118 -8.43 -4.12 -16.48
C GLN A 118 -9.27 -3.87 -15.23
N THR A 119 -10.18 -4.79 -14.95
CA THR A 119 -11.05 -4.68 -13.79
C THR A 119 -10.36 -5.23 -12.54
N GLU A 120 -9.38 -4.48 -12.03
CA GLU A 120 -8.66 -4.90 -10.83
C GLU A 120 -9.64 -5.23 -9.71
N ALA A 121 -10.83 -4.65 -9.78
CA ALA A 121 -11.87 -4.89 -8.79
C ALA A 121 -12.12 -6.37 -8.60
N LEU A 122 -11.92 -7.14 -9.67
CA LEU A 122 -12.13 -8.58 -9.63
C LEU A 122 -10.80 -9.31 -9.47
N PHE A 123 -10.84 -10.49 -8.87
CA PHE A 123 -9.64 -11.29 -8.65
C PHE A 123 -10.00 -12.72 -8.28
N VAL A 124 -9.15 -13.66 -8.67
CA VAL A 124 -9.38 -15.07 -8.37
C VAL A 124 -9.52 -15.31 -6.88
N GLY A 125 -10.74 -15.19 -6.37
CA GLY A 125 -10.99 -15.39 -4.96
C GLY A 125 -12.09 -14.50 -4.43
N ASP A 126 -13.17 -14.37 -5.18
CA ASP A 126 -14.30 -13.55 -4.78
C ASP A 126 -15.62 -14.25 -5.02
N ALA A 127 -16.45 -14.33 -3.98
CA ALA A 127 -17.74 -14.99 -4.06
C ALA A 127 -18.82 -14.00 -4.48
N ILE A 128 -19.62 -14.38 -5.47
CA ILE A 128 -20.70 -13.52 -5.97
C ILE A 128 -21.89 -13.55 -5.03
N LEU A 129 -22.74 -12.52 -5.14
CA LEU A 129 -23.93 -12.41 -4.31
C LEU A 129 -24.98 -11.55 -4.99
N SER A 130 -24.55 -10.48 -5.63
CA SER A 130 -25.45 -9.58 -6.34
C SER A 130 -24.85 -9.18 -7.68
N VAL A 131 -25.68 -9.16 -8.72
CA VAL A 131 -25.23 -8.81 -10.06
C VAL A 131 -26.16 -7.78 -10.69
N ASN A 132 -25.58 -6.69 -11.19
CA ASN A 132 -26.34 -5.62 -11.84
C ASN A 132 -27.69 -5.43 -11.17
N GLY A 133 -27.72 -5.59 -9.85
CA GLY A 133 -28.96 -5.46 -9.11
C GLY A 133 -29.76 -6.75 -9.12
N GLU A 134 -29.10 -7.86 -8.83
CA GLU A 134 -29.77 -9.15 -8.79
C GLU A 134 -28.99 -10.09 -7.90
N ASP A 135 -29.56 -10.33 -6.75
CA ASP A 135 -28.97 -11.20 -5.75
C ASP A 135 -29.00 -12.64 -6.21
N LEU A 136 -27.82 -13.22 -6.38
CA LEU A 136 -27.70 -14.61 -6.81
C LEU A 136 -27.65 -15.55 -5.62
N SER A 137 -28.16 -15.09 -4.48
CA SER A 137 -28.19 -15.89 -3.26
C SER A 137 -28.89 -17.22 -3.52
N SER A 138 -29.77 -17.23 -4.52
CA SER A 138 -30.51 -18.43 -4.89
C SER A 138 -30.46 -18.62 -6.40
N ALA A 139 -29.24 -18.66 -6.93
CA ALA A 139 -29.03 -18.83 -8.36
C ALA A 139 -27.80 -19.70 -8.61
N THR A 140 -28.03 -21.00 -8.70
CA THR A 140 -26.96 -21.96 -8.94
C THR A 140 -26.04 -21.52 -10.08
N HIS A 141 -25.01 -22.32 -10.33
CA HIS A 141 -24.03 -22.02 -11.38
C HIS A 141 -24.70 -21.51 -12.65
N ASP A 142 -25.54 -22.35 -13.24
CA ASP A 142 -26.24 -22.00 -14.48
C ASP A 142 -26.81 -20.59 -14.41
N GLU A 143 -27.29 -20.21 -13.24
CA GLU A 143 -27.87 -18.89 -13.05
C GLU A 143 -26.79 -17.81 -13.13
N ALA A 144 -25.62 -18.11 -12.58
CA ALA A 144 -24.51 -17.17 -12.60
C ALA A 144 -24.11 -16.86 -14.04
N VAL A 145 -24.17 -17.88 -14.89
CA VAL A 145 -23.82 -17.73 -16.29
C VAL A 145 -24.81 -16.80 -16.98
N GLN A 146 -26.09 -17.14 -16.92
CA GLN A 146 -27.14 -16.35 -17.54
C GLN A 146 -27.24 -14.98 -16.88
N ALA A 147 -26.88 -14.91 -15.61
CA ALA A 147 -26.93 -13.65 -14.86
C ALA A 147 -25.99 -12.61 -15.46
N LEU A 148 -24.74 -13.03 -15.68
CA LEU A 148 -23.73 -12.13 -16.23
C LEU A 148 -23.70 -12.20 -17.76
N LYS A 149 -24.32 -13.23 -18.33
CA LYS A 149 -24.36 -13.40 -19.77
C LYS A 149 -25.50 -12.58 -20.39
N LYS A 150 -26.65 -12.62 -19.74
CA LYS A 150 -27.82 -11.89 -20.23
C LYS A 150 -27.60 -10.38 -20.15
N THR A 151 -26.77 -9.96 -19.19
CA THR A 151 -26.47 -8.55 -19.00
C THR A 151 -25.92 -7.92 -20.27
N GLY A 152 -25.67 -6.62 -20.22
CA GLY A 152 -25.14 -5.92 -21.38
C GLY A 152 -25.12 -4.41 -21.19
N LYS A 153 -24.37 -3.71 -22.04
CA LYS A 153 -24.27 -2.25 -21.97
C LYS A 153 -23.33 -1.82 -20.85
N GLU A 154 -23.64 -2.26 -19.64
CA GLU A 154 -22.84 -1.94 -18.46
C GLU A 154 -23.28 -2.80 -17.29
N VAL A 155 -22.47 -3.80 -16.99
CA VAL A 155 -22.73 -4.71 -15.90
C VAL A 155 -22.09 -4.23 -14.60
N VAL A 156 -22.61 -4.70 -13.48
CA VAL A 156 -22.09 -4.33 -12.17
C VAL A 156 -22.10 -5.52 -11.23
N LEU A 157 -21.06 -6.35 -11.32
CA LEU A 157 -20.96 -7.53 -10.48
C LEU A 157 -20.70 -7.16 -9.02
N GLU A 158 -21.26 -7.94 -8.11
CA GLU A 158 -21.08 -7.69 -6.68
C GLU A 158 -20.63 -8.96 -5.97
N VAL A 159 -19.37 -8.98 -5.56
CA VAL A 159 -18.81 -10.14 -4.87
C VAL A 159 -18.21 -9.74 -3.53
N LYS A 160 -17.85 -10.74 -2.73
CA LYS A 160 -17.28 -10.50 -1.41
C LYS A 160 -16.16 -11.50 -1.12
N TYR A 161 -15.04 -11.00 -0.62
CA TYR A 161 -13.90 -11.85 -0.30
C TYR A 161 -14.28 -12.93 0.71
N MET A 162 -14.14 -14.19 0.30
CA MET A 162 -14.47 -15.31 1.17
C MET A 162 -13.29 -16.27 1.29
N LYS A 163 -12.37 -15.97 2.20
CA LYS A 163 -11.19 -16.80 2.41
C LYS A 163 -11.27 -17.51 3.75
N GLU A 164 -11.92 -16.88 4.73
CA GLU A 164 -12.06 -17.45 6.06
C GLU A 164 -13.26 -18.40 6.12
N VAL A 165 -13.26 -19.41 5.25
CA VAL A 165 -14.34 -20.37 5.20
C VAL A 165 -13.83 -21.79 5.48
N SER A 166 -12.64 -22.08 4.98
CA SER A 166 -12.04 -23.40 5.17
C SER A 166 -10.52 -23.30 5.33
N PRO A 167 -9.80 -22.90 4.28
CA PRO A 167 -8.33 -22.77 4.32
C PRO A 167 -7.87 -21.88 5.48
N TYR A 168 -6.95 -22.40 6.28
CA TYR A 168 -6.41 -21.68 7.42
C TYR A 168 -4.97 -22.08 7.69
N PHE A 169 -4.37 -21.47 8.72
CA PHE A 169 -2.99 -21.76 9.09
C PHE A 169 -2.04 -21.44 7.94
N LYS A 170 -1.37 -20.29 8.04
CA LYS A 170 -0.44 -19.87 7.00
C LYS A 170 0.82 -20.74 7.00
N ASN A 171 1.65 -20.56 8.02
CA ASN A 171 2.88 -21.34 8.14
C ASN A 171 3.76 -21.16 6.90
N SER A 172 4.42 -20.00 6.80
CA SER A 172 5.28 -19.72 5.67
C SER A 172 6.74 -19.93 6.03
N ALA A 173 7.18 -19.35 7.14
CA ALA A 173 8.55 -19.48 7.59
C ALA A 173 9.52 -18.94 6.56
N GLY A 174 10.82 -19.04 6.86
CA GLY A 174 11.84 -18.56 5.94
C GLY A 174 11.95 -17.05 5.94
N GLY A 175 13.03 -16.55 5.35
CA GLY A 175 13.23 -15.12 5.29
C GLY A 175 13.58 -14.63 3.89
N THR A 176 14.54 -15.30 3.26
CA THR A 176 14.97 -14.94 1.92
C THR A 176 15.10 -16.17 1.03
N SER A 177 14.39 -17.24 1.40
CA SER A 177 14.42 -18.48 0.63
C SER A 177 15.86 -18.97 0.45
N VAL A 178 16.28 -19.88 1.31
CA VAL A 178 17.62 -20.44 1.24
C VAL A 178 17.63 -21.92 1.58
N GLY A 179 18.75 -22.58 1.31
CA GLY A 179 18.86 -24.00 1.59
C GLY A 179 18.65 -24.87 0.36
N TRP A 180 17.82 -24.38 -0.56
CA TRP A 180 17.53 -25.10 -1.78
C TRP A 180 18.39 -24.60 -2.94
N ASP A 181 19.61 -24.19 -2.62
CA ASP A 181 20.53 -23.69 -3.64
C ASP A 181 21.23 -24.82 -4.36
N SER A 182 21.87 -24.50 -5.49
CA SER A 182 22.58 -25.50 -6.28
C SER A 182 23.20 -24.87 -7.53
N PRO A 183 22.40 -24.15 -8.33
CA PRO A 183 22.88 -23.49 -9.55
C PRO A 183 24.03 -22.52 -9.25
N PRO A 184 25.23 -22.80 -9.80
CA PRO A 184 26.41 -21.93 -9.59
C PRO A 184 26.10 -20.47 -9.89
N ALA A 185 26.41 -19.60 -8.93
CA ALA A 185 26.18 -18.18 -9.08
C ALA A 185 26.92 -17.61 -10.29
N SER A 186 26.56 -16.41 -10.71
CA SER A 186 27.20 -15.77 -11.85
C SER A 186 27.43 -14.28 -11.58
N PRO A 187 28.68 -13.80 -11.74
CA PRO A 187 29.02 -12.39 -11.51
C PRO A 187 28.14 -11.44 -12.34
N LEU A 188 28.53 -10.17 -12.38
CA LEU A 188 27.79 -9.17 -13.14
C LEU A 188 26.36 -9.06 -12.63
N GLN A 189 26.18 -9.31 -11.33
CA GLN A 189 24.85 -9.24 -10.73
C GLN A 189 24.69 -7.94 -9.93
N ARG A 190 23.48 -7.68 -9.47
CA ARG A 190 23.18 -6.48 -8.70
C ARG A 190 23.42 -5.22 -9.53
N GLN A 191 22.41 -4.36 -9.59
CA GLN A 191 22.51 -3.12 -10.34
C GLN A 191 21.30 -2.23 -10.09
N PRO A 192 21.14 -1.74 -8.85
CA PRO A 192 20.02 -0.86 -8.47
C PRO A 192 19.87 0.33 -9.41
N SER A 193 20.98 0.72 -10.04
CA SER A 193 20.97 1.85 -10.97
C SER A 193 20.60 3.14 -10.25
N SER A 194 21.19 4.25 -10.69
CA SER A 194 20.92 5.55 -10.08
C SER A 194 21.04 6.67 -11.12
N PRO A 195 20.27 7.75 -10.94
CA PRO A 195 20.30 8.90 -11.86
C PRO A 195 21.71 9.40 -12.12
N GLY A 196 22.37 9.86 -11.06
CA GLY A 196 23.72 10.37 -11.18
C GLY A 196 24.16 11.18 -9.98
N PRO A 197 24.13 12.52 -10.07
CA PRO A 197 24.53 13.39 -8.97
C PRO A 197 23.48 13.45 -7.86
N GLN A 198 23.86 12.97 -6.68
CA GLN A 198 22.95 12.96 -5.53
C GLN A 198 23.08 14.24 -4.73
N PRO A 199 21.97 14.74 -4.16
CA PRO A 199 21.97 15.96 -3.36
C PRO A 199 22.64 15.77 -2.00
N ARG A 200 22.56 16.79 -1.16
CA ARG A 200 23.15 16.74 0.17
C ARG A 200 22.07 16.64 1.25
N ASN A 201 21.00 15.93 0.94
CA ASN A 201 19.89 15.75 1.88
C ASN A 201 19.07 14.52 1.54
N LEU A 202 18.06 14.24 2.34
CA LEU A 202 17.20 13.08 2.12
C LEU A 202 16.39 13.25 0.84
N SER A 203 16.55 12.29 -0.07
CA SER A 203 15.84 12.33 -1.35
C SER A 203 15.19 11.00 -1.65
N GLU A 204 15.93 9.91 -1.44
CA GLU A 204 15.41 8.57 -1.68
C GLU A 204 14.62 8.05 -0.48
N ALA A 205 15.32 7.42 0.46
CA ALA A 205 14.66 6.89 1.66
C ALA A 205 15.68 6.21 2.57
N LYS A 206 15.47 6.33 3.88
CA LYS A 206 16.37 5.72 4.86
C LYS A 206 15.74 4.47 5.45
N HIS A 207 16.55 3.72 6.20
CA HIS A 207 16.08 2.48 6.83
C HIS A 207 16.96 2.10 8.01
N VAL A 208 16.38 2.11 9.21
CA VAL A 208 17.12 1.76 10.42
C VAL A 208 16.58 0.47 11.03
N SER A 209 17.40 -0.19 11.84
CA SER A 209 17.00 -1.43 12.48
C SER A 209 16.30 -1.15 13.81
N LEU A 210 15.23 -1.90 14.08
CA LEU A 210 14.47 -1.73 15.31
C LEU A 210 14.66 -2.92 16.24
N LYS A 211 15.92 -3.26 16.50
CA LYS A 211 16.24 -4.39 17.37
C LYS A 211 17.03 -3.92 18.59
N MET A 212 17.93 -2.98 18.38
CA MET A 212 18.77 -2.45 19.46
C MET A 212 19.12 -0.99 19.21
N ALA A 213 18.10 -0.15 19.10
CA ALA A 213 18.30 1.28 18.86
C ALA A 213 18.04 2.09 20.13
N TYR A 214 18.40 3.37 20.08
CA TYR A 214 18.21 4.25 21.24
C TYR A 214 17.32 5.44 20.87
N VAL A 215 16.41 5.80 21.77
CA VAL A 215 15.51 6.92 21.55
C VAL A 215 15.69 8.00 22.61
N SER A 216 15.51 9.25 22.22
CA SER A 216 15.67 10.36 23.15
C SER A 216 14.58 11.41 22.96
N ARG A 217 13.95 11.82 24.05
CA ARG A 217 12.89 12.83 23.99
C ARG A 217 13.39 14.17 24.53
N ARG A 218 13.07 15.25 23.81
CA ARG A 218 13.49 16.59 24.22
C ARG A 218 12.65 17.66 23.52
N CYS A 219 12.81 18.90 23.95
CA CYS A 219 12.08 20.02 23.36
C CYS A 219 12.88 21.31 23.42
N THR A 220 12.45 22.31 22.67
CA THR A 220 13.13 23.60 22.63
C THR A 220 12.24 24.68 22.02
N PRO A 221 11.73 24.47 20.79
CA PRO A 221 10.87 25.45 20.11
C PRO A 221 9.54 25.63 20.84
N THR A 222 9.11 24.60 21.56
CA THR A 222 7.85 24.65 22.29
C THR A 222 7.89 23.71 23.49
N ASP A 223 8.77 24.01 24.44
CA ASP A 223 8.93 23.20 25.66
C ASP A 223 7.59 22.65 26.16
N PRO A 224 6.59 23.54 26.36
CA PRO A 224 5.27 23.12 26.83
C PRO A 224 4.76 21.88 26.12
N GLU A 225 5.20 21.71 24.87
CA GLU A 225 4.82 20.56 24.07
C GLU A 225 6.06 19.94 23.42
N PRO A 226 6.62 18.88 24.03
CA PRO A 226 7.82 18.19 23.52
C PRO A 226 7.84 18.10 21.99
N ARG A 227 9.01 18.40 21.41
CA ARG A 227 9.16 18.35 19.96
C ARG A 227 10.63 18.26 19.56
N TYR A 228 11.33 17.29 20.13
CA TYR A 228 12.74 17.07 19.83
C TYR A 228 13.14 15.62 20.08
N LEU A 229 12.85 14.76 19.11
CA LEU A 229 13.16 13.34 19.23
C LEU A 229 14.42 12.99 18.45
N GLU A 230 15.12 11.96 18.91
CA GLU A 230 16.36 11.52 18.26
C GLU A 230 16.45 10.00 18.26
N ILE A 231 16.98 9.44 17.17
CA ILE A 231 17.14 8.00 17.04
C ILE A 231 18.56 7.64 16.66
N CYS A 232 19.07 6.55 17.23
CA CYS A 232 20.42 6.11 16.92
C CYS A 232 20.56 4.60 17.12
N ALA A 233 21.03 3.90 16.10
CA ALA A 233 21.21 2.46 16.17
C ALA A 233 22.36 2.12 17.09
N ALA A 234 22.50 0.83 17.40
CA ALA A 234 23.57 0.40 18.29
C ALA A 234 24.75 -0.18 17.52
N ASP A 235 24.83 0.17 16.25
CA ASP A 235 25.91 -0.28 15.41
C ASP A 235 26.77 0.91 15.02
N GLY A 236 26.70 1.96 15.84
CA GLY A 236 27.46 3.17 15.58
C GLY A 236 27.39 3.57 14.12
N GLN A 237 26.20 3.47 13.55
CA GLN A 237 25.99 3.79 12.14
C GLN A 237 24.76 4.66 11.93
N ASP A 238 23.59 4.06 12.11
CA ASP A 238 22.33 4.76 11.92
C ASP A 238 22.10 5.82 13.01
N ALA A 239 21.49 6.93 12.60
CA ALA A 239 21.20 8.02 13.53
C ALA A 239 20.31 9.06 12.85
N VAL A 240 19.00 8.97 13.11
CA VAL A 240 18.05 9.90 12.52
C VAL A 240 17.35 10.74 13.57
N PHE A 241 17.08 11.99 13.24
CA PHE A 241 16.41 12.91 14.15
C PHE A 241 15.07 13.34 13.57
N LEU A 242 14.14 13.73 14.45
CA LEU A 242 12.82 14.16 14.02
C LEU A 242 12.03 14.77 15.16
N ARG A 243 11.03 15.58 14.82
CA ARG A 243 10.19 16.23 15.81
C ARG A 243 8.72 15.92 15.56
N ALA A 244 8.03 15.45 16.59
CA ALA A 244 6.62 15.11 16.47
C ALA A 244 5.76 16.36 16.31
N LYS A 245 4.72 16.25 15.49
CA LYS A 245 3.82 17.38 15.26
C LYS A 245 3.19 17.86 16.56
N ASP A 246 2.93 16.92 17.46
CA ASP A 246 2.32 17.25 18.74
C ASP A 246 2.98 16.43 19.86
N GLU A 247 2.77 16.86 21.10
CA GLU A 247 3.34 16.16 22.25
C GLU A 247 2.86 14.72 22.29
N ALA A 248 1.60 14.51 21.96
CA ALA A 248 1.02 13.17 21.96
C ALA A 248 1.61 12.35 20.81
N SER A 249 1.76 12.97 19.65
CA SER A 249 2.31 12.29 18.49
C SER A 249 3.71 11.79 18.83
N ALA A 250 4.41 12.53 19.68
CA ALA A 250 5.74 12.14 20.10
C ALA A 250 5.66 11.08 21.18
N ARG A 251 4.60 11.14 21.99
CA ARG A 251 4.40 10.15 23.04
C ARG A 251 4.20 8.79 22.42
N SER A 252 3.49 8.77 21.29
CA SER A 252 3.23 7.54 20.57
C SER A 252 4.45 7.14 19.75
N TRP A 253 5.22 8.12 19.29
CA TRP A 253 6.41 7.85 18.52
C TRP A 253 7.46 7.19 19.40
N ALA A 254 7.87 7.91 20.43
CA ALA A 254 8.86 7.39 21.37
C ALA A 254 8.34 6.10 22.00
N GLY A 255 7.03 6.05 22.24
CA GLY A 255 6.44 4.87 22.83
C GLY A 255 6.37 3.74 21.82
N ALA A 256 6.27 4.09 20.54
CA ALA A 256 6.20 3.08 19.48
C ALA A 256 7.57 2.49 19.21
N ILE A 257 8.59 3.34 19.16
CA ILE A 257 9.95 2.87 18.92
C ILE A 257 10.44 2.00 20.07
N GLN A 258 10.23 2.48 21.29
CA GLN A 258 10.64 1.73 22.48
C GLN A 258 9.84 0.45 22.59
N ALA A 259 8.57 0.51 22.22
CA ALA A 259 7.70 -0.66 22.28
C ALA A 259 8.00 -1.64 21.15
N GLN A 260 8.47 -1.11 20.03
CA GLN A 260 8.80 -1.95 18.87
C GLN A 260 10.17 -2.59 19.04
N ILE A 261 11.18 -1.76 19.33
CA ILE A 261 12.53 -2.26 19.52
C ILE A 261 12.60 -3.22 20.70
N GLY A 262 12.28 -2.71 21.89
CA GLY A 262 12.30 -3.53 23.08
C GLY A 262 13.43 -3.16 24.03
N THR A 263 14.58 -2.83 23.47
CA THR A 263 15.74 -2.45 24.29
C THR A 263 15.45 -1.19 25.10
N ALA A 1 -3.41 16.05 0.38
CA ALA A 1 -3.70 15.07 -0.70
C ALA A 1 -5.14 14.58 -0.62
N SER A 2 -5.84 14.62 -1.75
CA SER A 2 -7.22 14.18 -1.82
C SER A 2 -7.31 12.71 -2.19
N GLY A 3 -7.32 11.84 -1.18
CA GLY A 3 -7.40 10.41 -1.43
C GLY A 3 -8.10 9.67 -0.32
N ARG A 4 -7.33 9.04 0.54
CA ARG A 4 -7.88 8.28 1.66
C ARG A 4 -7.50 8.92 3.00
N ARG A 5 -8.51 9.29 3.79
CA ARG A 5 -8.29 9.90 5.08
C ARG A 5 -8.00 8.85 6.15
N ALA A 6 -6.82 8.93 6.75
CA ALA A 6 -6.43 7.99 7.79
C ALA A 6 -5.02 8.29 8.31
N PRO A 7 -4.01 8.23 7.42
CA PRO A 7 -2.62 8.51 7.79
C PRO A 7 -2.36 10.00 7.98
N ARG A 8 -1.52 10.33 8.96
CA ARG A 8 -1.19 11.72 9.25
C ARG A 8 0.00 12.17 8.41
N THR A 9 -0.24 13.12 7.51
CA THR A 9 0.81 13.64 6.65
C THR A 9 1.06 15.12 6.92
N GLY A 10 2.33 15.51 6.95
CA GLY A 10 2.69 16.89 7.19
C GLY A 10 4.06 17.24 6.66
N LEU A 11 4.38 18.53 6.66
CA LEU A 11 5.67 19.00 6.17
C LEU A 11 6.70 19.05 7.30
N LEU A 12 7.88 18.51 7.03
CA LEU A 12 8.95 18.49 8.03
C LEU A 12 10.31 18.65 7.37
N GLU A 13 11.26 19.21 8.11
CA GLU A 13 12.61 19.42 7.59
C GLU A 13 13.60 18.47 8.25
N LEU A 14 14.44 17.85 7.43
CA LEU A 14 15.45 16.90 7.94
C LEU A 14 16.86 17.40 7.64
N ARG A 15 17.84 16.73 8.24
CA ARG A 15 19.24 17.12 8.04
C ARG A 15 19.91 16.20 7.01
N CYS A 16 20.71 16.80 6.14
CA CYS A 16 21.41 16.04 5.11
C CYS A 16 22.91 16.33 5.14
N GLY A 17 23.71 15.34 4.76
CA GLY A 17 25.15 15.50 4.75
C GLY A 17 25.86 14.46 5.58
N ALA A 18 26.70 13.65 4.93
CA ALA A 18 27.43 12.60 5.61
C ALA A 18 28.83 12.44 5.02
N GLY A 19 29.58 11.46 5.53
CA GLY A 19 30.92 11.21 5.04
C GLY A 19 31.97 11.92 5.86
N SER A 20 31.90 13.25 5.90
CA SER A 20 32.84 14.05 6.66
C SER A 20 32.46 14.12 8.13
N GLY A 21 33.32 14.73 8.93
CA GLY A 21 33.05 14.85 10.35
C GLY A 21 32.06 15.96 10.66
N ALA A 22 32.46 17.21 10.41
CA ALA A 22 31.59 18.35 10.65
C ALA A 22 32.13 19.60 9.97
N GLY A 23 31.38 20.10 8.99
CA GLY A 23 31.79 21.29 8.27
C GLY A 23 31.09 21.42 6.93
N GLY A 24 29.76 21.41 6.95
CA GLY A 24 29.00 21.53 5.72
C GLY A 24 27.57 21.04 5.88
N GLU A 25 26.80 21.73 6.72
CA GLU A 25 25.41 21.36 6.95
C GLU A 25 24.60 21.50 5.66
N ARG A 26 23.35 21.05 5.72
CA ARG A 26 22.45 21.12 4.56
C ARG A 26 21.11 20.48 4.89
N TRP A 27 20.10 21.32 5.08
CA TRP A 27 18.75 20.84 5.39
C TRP A 27 17.90 20.74 4.13
N GLN A 28 16.84 19.94 4.20
CA GLN A 28 15.95 19.74 3.07
C GLN A 28 14.52 19.52 3.54
N ARG A 29 13.58 20.26 2.95
CA ARG A 29 12.17 20.14 3.31
C ARG A 29 11.55 18.91 2.66
N VAL A 30 10.91 18.08 3.48
CA VAL A 30 10.27 16.86 2.98
C VAL A 30 8.98 16.57 3.73
N LEU A 31 8.08 15.83 3.10
CA LEU A 31 6.80 15.48 3.71
C LEU A 31 6.89 14.15 4.43
N LEU A 32 6.23 14.06 5.58
CA LEU A 32 6.22 12.83 6.37
C LEU A 32 4.85 12.18 6.35
N SER A 33 4.82 10.85 6.47
CA SER A 33 3.56 10.12 6.46
C SER A 33 3.52 9.10 7.60
N LEU A 34 2.38 9.03 8.27
CA LEU A 34 2.19 8.09 9.38
C LEU A 34 0.86 7.36 9.25
N ALA A 35 0.93 6.05 9.04
CA ALA A 35 -0.27 5.24 8.90
C ALA A 35 -0.68 4.61 10.22
N GLU A 36 -0.09 3.45 10.52
CA GLU A 36 -0.39 2.74 11.76
C GLU A 36 0.87 2.15 12.37
N ASP A 37 1.38 1.10 11.74
CA ASP A 37 2.59 0.44 12.20
C ASP A 37 3.74 0.70 11.25
N ALA A 38 3.70 1.85 10.58
CA ALA A 38 4.75 2.23 9.65
C ALA A 38 4.59 3.66 9.17
N LEU A 39 5.72 4.33 8.97
CA LEU A 39 5.72 5.73 8.51
C LEU A 39 6.50 5.86 7.20
N THR A 40 5.92 6.54 6.23
CA THR A 40 6.57 6.74 4.94
C THR A 40 6.94 8.20 4.74
N VAL A 41 8.18 8.45 4.36
CA VAL A 41 8.67 9.80 4.12
C VAL A 41 8.95 10.03 2.64
N SER A 42 8.85 11.29 2.22
CA SER A 42 9.10 11.65 0.83
C SER A 42 9.17 13.17 0.67
N PRO A 43 9.96 13.64 -0.31
CA PRO A 43 10.11 15.08 -0.57
C PRO A 43 8.83 15.71 -1.12
N ALA A 44 8.64 16.99 -0.84
CA ALA A 44 7.46 17.70 -1.31
C ALA A 44 7.37 17.68 -2.84
N ASP A 45 6.39 18.41 -3.38
CA ASP A 45 6.19 18.47 -4.82
C ASP A 45 5.83 17.09 -5.38
N GLY A 46 5.41 17.07 -6.64
CA GLY A 46 5.04 15.82 -7.28
C GLY A 46 3.56 15.74 -7.57
N GLU A 47 3.21 15.76 -8.86
CA GLU A 47 1.81 15.68 -9.27
C GLU A 47 1.29 14.24 -9.21
N PRO A 48 2.05 13.28 -9.77
CA PRO A 48 1.64 11.87 -9.78
C PRO A 48 1.94 11.17 -8.47
N GLY A 49 1.21 10.10 -8.18
CA GLY A 49 1.42 9.36 -6.95
C GLY A 49 2.14 8.04 -7.18
N PRO A 50 1.40 6.93 -7.33
CA PRO A 50 1.99 5.60 -7.56
C PRO A 50 2.54 5.46 -8.97
N GLU A 51 3.21 4.33 -9.23
CA GLU A 51 3.79 4.07 -10.54
C GLU A 51 2.75 3.44 -11.47
N PRO A 52 2.10 2.35 -11.03
CA PRO A 52 1.08 1.66 -11.85
C PRO A 52 -0.02 2.61 -12.30
N GLU A 53 -0.21 2.69 -13.62
CA GLU A 53 -1.24 3.55 -14.19
C GLU A 53 -0.95 5.02 -13.88
N PRO A 54 -0.91 5.88 -14.91
CA PRO A 54 -0.64 7.31 -14.73
C PRO A 54 -1.82 8.05 -14.10
N ALA A 55 -1.77 9.38 -14.11
CA ALA A 55 -2.83 10.19 -13.53
C ALA A 55 -2.75 11.62 -14.03
N GLN A 56 -2.43 11.78 -15.31
CA GLN A 56 -2.32 13.10 -15.92
C GLN A 56 -3.65 13.86 -15.83
N LEU A 57 -3.58 15.17 -15.90
CA LEU A 57 -4.77 16.02 -15.83
C LEU A 57 -4.81 17.02 -16.97
N ASN A 58 -4.25 16.63 -18.11
CA ASN A 58 -4.22 17.50 -19.28
C ASN A 58 -5.32 17.12 -20.26
N GLY A 59 -6.45 16.67 -19.72
CA GLY A 59 -7.57 16.29 -20.57
C GLY A 59 -7.36 14.96 -21.26
N ALA A 60 -7.76 14.88 -22.52
CA ALA A 60 -7.60 13.66 -23.29
C ALA A 60 -8.36 12.50 -22.64
N ALA A 61 -9.57 12.23 -23.14
CA ALA A 61 -10.38 11.15 -22.61
C ALA A 61 -10.02 9.82 -23.24
N GLU A 62 -9.66 8.84 -22.41
CA GLU A 62 -9.29 7.52 -22.90
C GLU A 62 -10.53 6.72 -23.28
N PRO A 63 -10.38 5.76 -24.21
CA PRO A 63 -11.49 4.91 -24.66
C PRO A 63 -12.23 4.26 -23.50
N GLY A 64 -13.52 4.55 -23.38
CA GLY A 64 -14.31 3.98 -22.32
C GLY A 64 -15.44 4.89 -21.87
N ALA A 65 -16.47 4.31 -21.26
CA ALA A 65 -17.60 5.08 -20.78
C ALA A 65 -17.36 5.62 -19.37
N ALA A 66 -17.48 6.93 -19.21
CA ALA A 66 -17.27 7.56 -17.92
C ALA A 66 -15.82 7.41 -17.46
N PRO A 67 -15.25 8.48 -16.86
CA PRO A 67 -13.85 8.45 -16.38
C PRO A 67 -13.61 7.31 -15.40
N PRO A 68 -12.83 6.29 -15.80
CA PRO A 68 -12.52 5.15 -14.94
C PRO A 68 -11.64 5.53 -13.75
N GLN A 69 -11.93 4.96 -12.60
CA GLN A 69 -11.15 5.26 -11.39
C GLN A 69 -11.11 4.03 -10.47
N LEU A 70 -11.14 2.85 -11.06
CA LEU A 70 -11.10 1.60 -10.31
C LEU A 70 -9.68 1.30 -9.83
N PRO A 71 -9.43 1.38 -8.51
CA PRO A 71 -8.10 1.11 -7.94
C PRO A 71 -7.75 -0.37 -7.98
N GLU A 72 -6.47 -0.68 -7.79
CA GLU A 72 -6.00 -2.06 -7.80
C GLU A 72 -6.36 -2.77 -6.49
N ALA A 73 -5.87 -2.22 -5.40
CA ALA A 73 -6.10 -2.82 -4.09
C ALA A 73 -5.37 -4.16 -3.98
N LEU A 74 -4.50 -4.42 -4.97
CA LEU A 74 -3.71 -5.66 -5.03
C LEU A 74 -4.46 -6.88 -4.56
N LEU A 75 -5.77 -6.82 -4.62
CA LEU A 75 -6.64 -7.92 -4.18
C LEU A 75 -6.01 -8.73 -3.05
N LEU A 76 -5.78 -8.07 -1.91
CA LEU A 76 -5.17 -8.75 -0.76
C LEU A 76 -6.23 -9.40 0.12
N GLN A 77 -6.85 -8.61 0.98
CA GLN A 77 -7.87 -9.12 1.89
C GLN A 77 -9.25 -8.63 1.50
N ARG A 78 -10.09 -9.56 1.03
CA ARG A 78 -11.46 -9.24 0.63
C ARG A 78 -11.49 -8.18 -0.46
N ARG A 79 -11.97 -8.58 -1.64
CA ARG A 79 -12.08 -7.66 -2.77
C ARG A 79 -13.38 -6.87 -2.70
N ARG A 80 -13.30 -5.56 -2.93
CA ARG A 80 -14.47 -4.71 -2.88
C ARG A 80 -14.86 -4.23 -4.28
N VAL A 81 -15.34 -5.16 -5.09
CA VAL A 81 -15.75 -4.83 -6.46
C VAL A 81 -17.08 -4.09 -6.47
N THR A 82 -17.37 -3.42 -7.58
CA THR A 82 -18.61 -2.67 -7.71
C THR A 82 -19.23 -2.90 -9.09
N VAL A 83 -20.55 -2.77 -9.16
CA VAL A 83 -21.26 -2.96 -10.42
C VAL A 83 -22.19 -1.78 -10.70
N ARG A 84 -21.76 -0.89 -11.59
CA ARG A 84 -22.57 0.28 -11.95
C ARG A 84 -23.49 -0.04 -13.12
N LYS A 85 -24.79 0.07 -12.89
CA LYS A 85 -25.78 -0.21 -13.93
C LYS A 85 -25.89 0.97 -14.90
N ALA A 86 -26.48 2.06 -14.43
CA ALA A 86 -26.66 3.25 -15.25
C ALA A 86 -25.32 3.74 -15.82
N ASP A 87 -25.39 4.72 -16.70
CA ASP A 87 -24.18 5.29 -17.32
C ASP A 87 -23.49 4.25 -18.21
N ALA A 88 -22.80 3.31 -17.58
CA ALA A 88 -22.10 2.27 -18.31
C ALA A 88 -22.27 0.92 -17.63
N GLY A 89 -21.91 -0.15 -18.34
CA GLY A 89 -22.03 -1.49 -17.79
C GLY A 89 -23.03 -2.34 -18.54
N GLY A 90 -23.63 -3.31 -17.84
CA GLY A 90 -24.61 -4.18 -18.47
C GLY A 90 -24.72 -5.51 -17.78
N LEU A 91 -23.61 -6.01 -17.24
CA LEU A 91 -23.58 -7.28 -16.55
C LEU A 91 -24.00 -8.41 -17.48
N GLY A 92 -23.02 -9.20 -17.91
CA GLY A 92 -23.30 -10.32 -18.80
C GLY A 92 -22.41 -11.51 -18.54
N ILE A 93 -21.91 -11.62 -17.31
CA ILE A 93 -21.04 -12.73 -16.94
C ILE A 93 -21.86 -13.98 -16.60
N SER A 94 -21.19 -15.13 -16.64
CA SER A 94 -21.85 -16.40 -16.32
C SER A 94 -21.28 -17.01 -15.05
N ILE A 95 -22.01 -16.86 -13.95
CA ILE A 95 -21.57 -17.38 -12.67
C ILE A 95 -22.17 -18.75 -12.39
N LYS A 96 -21.70 -19.39 -11.33
CA LYS A 96 -22.18 -20.71 -10.95
C LYS A 96 -21.95 -20.95 -9.46
N GLY A 97 -22.87 -21.68 -8.83
CA GLY A 97 -22.75 -21.96 -7.41
C GLY A 97 -23.64 -23.11 -6.96
N GLY A 98 -23.42 -23.59 -5.74
CA GLY A 98 -24.21 -24.68 -5.22
C GLY A 98 -23.97 -24.93 -3.75
N ARG A 99 -24.83 -24.36 -2.90
CA ARG A 99 -24.69 -24.52 -1.46
C ARG A 99 -24.96 -25.97 -1.05
N GLU A 100 -25.80 -26.65 -1.82
CA GLU A 100 -26.13 -28.04 -1.54
C GLU A 100 -24.87 -28.90 -1.43
N ASN A 101 -23.83 -28.50 -2.16
CA ASN A 101 -22.57 -29.22 -2.16
C ASN A 101 -21.43 -28.30 -1.70
N LYS A 102 -21.70 -27.47 -0.70
CA LYS A 102 -20.72 -26.53 -0.14
C LYS A 102 -19.91 -25.85 -1.24
N MET A 103 -20.47 -25.78 -2.43
CA MET A 103 -19.80 -25.18 -3.57
C MET A 103 -20.06 -23.66 -3.59
N PRO A 104 -19.03 -22.84 -3.32
CA PRO A 104 -19.16 -21.38 -3.32
C PRO A 104 -19.44 -20.81 -4.70
N ILE A 105 -20.15 -19.69 -4.75
CA ILE A 105 -20.47 -19.04 -6.01
C ILE A 105 -19.27 -18.28 -6.55
N LEU A 106 -18.88 -18.58 -7.78
CA LEU A 106 -17.73 -17.93 -8.40
C LEU A 106 -18.01 -17.57 -9.85
N ILE A 107 -17.10 -16.79 -10.44
CA ILE A 107 -17.23 -16.36 -11.83
C ILE A 107 -16.88 -17.52 -12.77
N SER A 108 -17.89 -18.02 -13.47
CA SER A 108 -17.70 -19.13 -14.39
C SER A 108 -17.42 -18.61 -15.80
N LYS A 109 -17.87 -17.39 -16.10
CA LYS A 109 -17.64 -16.82 -17.42
C LYS A 109 -17.74 -15.30 -17.42
N ILE A 110 -16.95 -14.67 -18.27
CA ILE A 110 -16.93 -13.23 -18.39
C ILE A 110 -17.11 -12.81 -19.85
N PHE A 111 -17.70 -11.64 -20.06
CA PHE A 111 -17.91 -11.14 -21.42
C PHE A 111 -17.35 -9.73 -21.59
N LYS A 112 -16.86 -9.44 -22.78
CA LYS A 112 -16.29 -8.14 -23.09
C LYS A 112 -17.37 -7.14 -23.46
N GLY A 113 -17.09 -5.86 -23.28
CA GLY A 113 -18.06 -4.83 -23.61
C GLY A 113 -19.18 -4.75 -22.60
N LEU A 114 -18.91 -5.17 -21.38
CA LEU A 114 -19.90 -5.14 -20.31
C LEU A 114 -19.31 -4.59 -19.02
N ALA A 115 -20.13 -4.48 -17.98
CA ALA A 115 -19.69 -3.97 -16.70
C ALA A 115 -18.55 -4.80 -16.13
N ALA A 116 -18.61 -6.11 -16.39
CA ALA A 116 -17.58 -7.03 -15.91
C ALA A 116 -16.23 -6.71 -16.53
N ASP A 117 -16.22 -6.51 -17.84
CA ASP A 117 -14.99 -6.18 -18.56
C ASP A 117 -14.38 -4.89 -18.04
N GLN A 118 -15.23 -3.90 -17.78
CA GLN A 118 -14.77 -2.62 -17.26
C GLN A 118 -14.23 -2.75 -15.85
N THR A 119 -14.79 -3.69 -15.09
CA THR A 119 -14.37 -3.93 -13.72
C THR A 119 -13.30 -5.01 -13.65
N GLU A 120 -12.08 -4.66 -14.06
CA GLU A 120 -10.96 -5.60 -14.03
C GLU A 120 -10.79 -6.17 -12.63
N ALA A 121 -11.27 -5.44 -11.63
CA ALA A 121 -11.18 -5.87 -10.24
C ALA A 121 -11.62 -7.32 -10.08
N LEU A 122 -12.58 -7.74 -10.91
CA LEU A 122 -13.09 -9.10 -10.87
C LEU A 122 -12.65 -9.89 -12.09
N PHE A 123 -12.55 -11.21 -11.95
CA PHE A 123 -12.14 -12.07 -13.05
C PHE A 123 -12.50 -13.52 -12.75
N VAL A 124 -12.53 -14.35 -13.80
CA VAL A 124 -12.85 -15.76 -13.66
C VAL A 124 -12.07 -16.39 -12.50
N GLY A 125 -12.79 -16.75 -11.44
CA GLY A 125 -12.16 -17.36 -10.29
C GLY A 125 -12.40 -16.60 -9.00
N ASP A 126 -13.28 -15.59 -9.05
CA ASP A 126 -13.60 -14.79 -7.89
C ASP A 126 -14.86 -15.30 -7.20
N ALA A 127 -14.78 -15.51 -5.89
CA ALA A 127 -15.91 -16.00 -5.12
C ALA A 127 -16.56 -14.89 -4.31
N ILE A 128 -17.84 -14.65 -4.57
CA ILE A 128 -18.57 -13.60 -3.85
C ILE A 128 -18.88 -14.05 -2.43
N LEU A 129 -19.08 -13.09 -1.54
CA LEU A 129 -19.39 -13.40 -0.15
C LEU A 129 -20.32 -12.36 0.46
N SER A 130 -20.14 -11.09 0.08
CA SER A 130 -20.97 -10.01 0.61
C SER A 130 -21.25 -8.98 -0.48
N VAL A 131 -22.52 -8.85 -0.85
CA VAL A 131 -22.92 -7.88 -1.87
C VAL A 131 -23.68 -6.72 -1.26
N ASN A 132 -23.50 -5.52 -1.84
CA ASN A 132 -24.16 -4.31 -1.37
C ASN A 132 -24.46 -4.36 0.13
N GLY A 133 -23.49 -4.82 0.91
CA GLY A 133 -23.68 -4.93 2.33
C GLY A 133 -24.64 -6.03 2.70
N GLU A 134 -24.33 -7.26 2.25
CA GLU A 134 -25.17 -8.40 2.53
C GLU A 134 -24.41 -9.67 2.20
N ASP A 135 -24.08 -10.39 3.24
CA ASP A 135 -23.33 -11.63 3.13
C ASP A 135 -24.18 -12.72 2.48
N LEU A 136 -23.69 -13.24 1.37
CA LEU A 136 -24.39 -14.29 0.65
C LEU A 136 -23.95 -15.67 1.14
N SER A 137 -23.41 -15.70 2.35
CA SER A 137 -22.96 -16.95 2.95
C SER A 137 -24.07 -17.98 2.96
N SER A 138 -25.32 -17.50 2.95
CA SER A 138 -26.49 -18.36 2.94
C SER A 138 -27.41 -17.97 1.79
N ALA A 139 -26.85 -17.92 0.59
CA ALA A 139 -27.60 -17.54 -0.59
C ALA A 139 -27.11 -18.32 -1.80
N THR A 140 -27.75 -19.46 -2.04
CA THR A 140 -27.40 -20.34 -3.15
C THR A 140 -27.17 -19.57 -4.45
N HIS A 141 -26.68 -20.28 -5.46
CA HIS A 141 -26.41 -19.69 -6.77
C HIS A 141 -27.51 -18.74 -7.22
N ASP A 142 -28.70 -19.28 -7.43
CA ASP A 142 -29.85 -18.48 -7.88
C ASP A 142 -30.03 -17.27 -6.99
N GLU A 143 -29.66 -17.40 -5.72
CA GLU A 143 -29.79 -16.29 -4.78
C GLU A 143 -28.75 -15.22 -5.08
N ALA A 144 -27.63 -15.64 -5.68
CA ALA A 144 -26.56 -14.71 -6.02
C ALA A 144 -26.92 -13.94 -7.28
N VAL A 145 -27.58 -14.62 -8.22
CA VAL A 145 -27.98 -13.99 -9.48
C VAL A 145 -29.07 -12.95 -9.23
N GLN A 146 -29.98 -13.26 -8.31
CA GLN A 146 -31.06 -12.34 -7.98
C GLN A 146 -30.59 -11.27 -7.02
N ALA A 147 -29.59 -11.59 -6.20
CA ALA A 147 -29.05 -10.63 -5.24
C ALA A 147 -28.36 -9.48 -5.96
N LEU A 148 -27.62 -9.81 -7.01
CA LEU A 148 -26.91 -8.80 -7.78
C LEU A 148 -27.79 -8.23 -8.89
N LYS A 149 -28.76 -9.01 -9.34
CA LYS A 149 -29.67 -8.59 -10.39
C LYS A 149 -30.68 -7.58 -9.87
N LYS A 150 -31.17 -7.81 -8.65
CA LYS A 150 -32.13 -6.92 -8.02
C LYS A 150 -31.50 -5.56 -7.72
N THR A 151 -30.20 -5.56 -7.50
CA THR A 151 -29.46 -4.34 -7.20
C THR A 151 -29.44 -3.41 -8.40
N GLY A 152 -28.86 -2.22 -8.22
CA GLY A 152 -28.79 -1.26 -9.30
C GLY A 152 -28.07 0.03 -8.89
N LYS A 153 -27.68 0.82 -9.88
CA LYS A 153 -26.98 2.09 -9.63
C LYS A 153 -25.52 1.85 -9.28
N GLU A 154 -25.30 1.02 -8.26
CA GLU A 154 -23.95 0.70 -7.83
C GLU A 154 -23.98 -0.48 -6.88
N VAL A 155 -23.59 -1.63 -7.41
CA VAL A 155 -23.57 -2.86 -6.63
C VAL A 155 -22.17 -3.19 -6.14
N VAL A 156 -21.88 -2.85 -4.89
CA VAL A 156 -20.58 -3.14 -4.32
C VAL A 156 -20.47 -4.60 -3.92
N LEU A 157 -19.96 -5.41 -4.84
CA LEU A 157 -19.80 -6.85 -4.58
C LEU A 157 -18.50 -7.15 -3.86
N GLU A 158 -18.59 -7.99 -2.82
CA GLU A 158 -17.41 -8.37 -2.04
C GLU A 158 -17.03 -9.80 -2.39
N VAL A 159 -15.94 -9.96 -3.13
CA VAL A 159 -15.47 -11.28 -3.54
C VAL A 159 -14.06 -11.56 -3.05
N LYS A 160 -13.64 -12.81 -3.19
CA LYS A 160 -12.30 -13.22 -2.77
C LYS A 160 -11.58 -13.92 -3.92
N TYR A 161 -10.48 -13.33 -4.37
CA TYR A 161 -9.70 -13.89 -5.46
C TYR A 161 -9.04 -15.20 -5.04
N MET A 162 -9.71 -16.31 -5.33
CA MET A 162 -9.19 -17.62 -4.98
C MET A 162 -8.00 -17.99 -5.87
N LYS A 163 -6.83 -18.13 -5.26
CA LYS A 163 -5.62 -18.48 -6.00
C LYS A 163 -4.49 -18.85 -5.05
N GLU A 164 -4.40 -18.13 -3.94
CA GLU A 164 -3.36 -18.38 -2.95
C GLU A 164 -3.83 -19.38 -1.90
N VAL A 165 -4.40 -20.49 -2.37
CA VAL A 165 -4.89 -21.53 -1.46
C VAL A 165 -3.86 -22.65 -1.31
N SER A 166 -3.06 -22.85 -2.35
CA SER A 166 -2.04 -23.89 -2.33
C SER A 166 -0.71 -23.35 -2.87
N PRO A 167 0.23 -23.00 -1.97
CA PRO A 167 1.54 -22.47 -2.37
C PRO A 167 2.37 -23.49 -3.14
N TYR A 168 2.84 -23.11 -4.32
CA TYR A 168 3.65 -23.99 -5.15
C TYR A 168 5.13 -23.88 -4.79
N PHE A 169 5.85 -24.98 -4.95
CA PHE A 169 7.27 -25.01 -4.64
C PHE A 169 8.11 -24.90 -5.91
N LYS A 170 9.03 -23.93 -5.92
CA LYS A 170 9.90 -23.72 -7.07
C LYS A 170 10.97 -24.79 -7.16
N ASN A 171 11.59 -24.92 -8.33
CA ASN A 171 12.63 -25.91 -8.53
C ASN A 171 13.84 -25.63 -7.63
N SER A 172 14.76 -26.60 -7.56
CA SER A 172 15.95 -26.46 -6.74
C SER A 172 17.16 -26.08 -7.60
N ALA A 173 17.58 -27.00 -8.46
CA ALA A 173 18.73 -26.76 -9.33
C ALA A 173 19.99 -26.47 -8.52
N GLY A 174 21.05 -26.07 -9.21
CA GLY A 174 22.30 -25.78 -8.53
C GLY A 174 23.31 -25.12 -9.46
N GLY A 175 24.10 -25.94 -10.15
CA GLY A 175 25.11 -25.42 -11.06
C GLY A 175 26.51 -25.81 -10.65
N THR A 176 27.43 -24.85 -10.72
CA THR A 176 28.82 -25.10 -10.36
C THR A 176 29.30 -24.11 -9.32
N SER A 177 29.17 -22.82 -9.62
CA SER A 177 29.59 -21.77 -8.70
C SER A 177 31.09 -21.87 -8.41
N VAL A 178 31.89 -21.84 -9.47
CA VAL A 178 33.34 -21.93 -9.31
C VAL A 178 34.03 -20.80 -10.07
N GLY A 179 35.33 -20.63 -9.80
CA GLY A 179 36.08 -19.59 -10.46
C GLY A 179 36.17 -18.32 -9.64
N TRP A 180 35.06 -17.96 -8.99
CA TRP A 180 35.02 -16.77 -8.16
C TRP A 180 35.19 -17.11 -6.69
N ASP A 181 35.98 -18.16 -6.43
CA ASP A 181 36.24 -18.60 -5.06
C ASP A 181 37.66 -19.12 -4.91
N SER A 182 38.14 -19.18 -3.68
CA SER A 182 39.49 -19.65 -3.40
C SER A 182 39.77 -19.66 -1.90
N PRO A 183 39.73 -18.49 -1.25
CA PRO A 183 39.97 -18.37 0.19
C PRO A 183 38.81 -18.89 1.02
N PRO A 184 39.11 -19.53 2.17
CA PRO A 184 38.08 -20.08 3.05
C PRO A 184 37.33 -18.98 3.81
N ALA A 185 36.35 -18.37 3.15
CA ALA A 185 35.55 -17.32 3.75
C ALA A 185 34.56 -17.89 4.76
N SER A 186 33.69 -17.02 5.28
CA SER A 186 32.69 -17.44 6.25
C SER A 186 31.81 -18.56 5.69
N PRO A 187 31.98 -19.79 6.19
CA PRO A 187 31.19 -20.95 5.72
C PRO A 187 29.69 -20.74 5.92
N LEU A 188 29.28 -20.61 7.18
CA LEU A 188 27.87 -20.41 7.50
C LEU A 188 27.68 -19.13 8.32
N GLN A 189 28.45 -18.11 7.99
CA GLN A 189 28.38 -16.83 8.70
C GLN A 189 27.93 -15.72 7.76
N ARG A 190 27.11 -16.07 6.77
CA ARG A 190 26.62 -15.11 5.80
C ARG A 190 25.72 -14.07 6.47
N GLN A 191 25.82 -12.83 6.02
CA GLN A 191 25.01 -11.75 6.57
C GLN A 191 24.15 -11.10 5.50
N PRO A 192 22.96 -11.64 5.24
CA PRO A 192 22.03 -11.11 4.24
C PRO A 192 21.45 -9.77 4.64
N SER A 193 20.53 -9.25 3.83
CA SER A 193 19.89 -7.97 4.11
C SER A 193 19.16 -8.01 5.44
N SER A 194 18.99 -6.84 6.05
CA SER A 194 18.29 -6.74 7.33
C SER A 194 18.17 -5.28 7.77
N PRO A 195 19.31 -4.60 7.99
CA PRO A 195 19.32 -3.19 8.41
C PRO A 195 18.78 -2.26 7.33
N GLY A 196 18.86 -2.71 6.08
CA GLY A 196 18.38 -1.90 4.97
C GLY A 196 19.45 -1.66 3.91
N PRO A 197 19.16 -0.81 2.92
CA PRO A 197 20.12 -0.50 1.86
C PRO A 197 21.36 0.23 2.38
N GLN A 198 22.49 -0.01 1.73
CA GLN A 198 23.75 0.61 2.13
C GLN A 198 23.61 2.13 2.24
N PRO A 199 23.12 2.78 1.16
CA PRO A 199 22.92 4.23 1.13
C PRO A 199 22.18 4.73 2.35
N ARG A 200 22.30 6.04 2.61
CA ARG A 200 21.63 6.65 3.76
C ARG A 200 21.59 8.17 3.61
N ASN A 201 20.67 8.65 2.79
CA ASN A 201 20.52 10.09 2.56
C ASN A 201 19.20 10.39 1.84
N LEU A 202 18.19 9.57 2.11
CA LEU A 202 16.88 9.76 1.49
C LEU A 202 16.99 9.75 -0.03
N SER A 203 16.63 8.63 -0.65
CA SER A 203 16.69 8.50 -2.09
C SER A 203 15.46 9.12 -2.76
N GLU A 204 14.30 8.51 -2.51
CA GLU A 204 13.05 9.00 -3.07
C GLU A 204 11.96 9.08 -2.01
N ALA A 205 11.86 8.03 -1.21
CA ALA A 205 10.86 7.96 -0.14
C ALA A 205 11.20 6.87 0.87
N LYS A 206 11.34 7.27 2.13
CA LYS A 206 11.66 6.33 3.20
C LYS A 206 10.41 5.62 3.71
N HIS A 207 10.61 4.49 4.36
CA HIS A 207 9.50 3.71 4.92
C HIS A 207 10.00 2.71 5.95
N VAL A 208 9.63 2.94 7.21
CA VAL A 208 10.04 2.06 8.28
C VAL A 208 8.83 1.49 9.03
N SER A 209 8.94 0.24 9.47
CA SER A 209 7.86 -0.42 10.19
C SER A 209 7.84 0.00 11.65
N LEU A 210 9.00 0.42 12.16
CA LEU A 210 9.12 0.86 13.54
C LEU A 210 8.92 -0.32 14.50
N LYS A 211 9.83 -1.29 14.44
CA LYS A 211 9.76 -2.46 15.31
C LYS A 211 10.23 -2.10 16.72
N MET A 212 11.15 -1.15 16.81
CA MET A 212 11.67 -0.71 18.10
C MET A 212 12.16 0.74 18.03
N ALA A 213 11.48 1.54 17.22
CA ALA A 213 11.83 2.94 17.06
C ALA A 213 11.39 3.77 18.27
N TYR A 214 12.13 4.85 18.53
CA TYR A 214 11.82 5.73 19.65
C TYR A 214 11.94 7.20 19.25
N VAL A 215 11.26 8.07 19.98
CA VAL A 215 11.29 9.50 19.70
C VAL A 215 12.21 10.24 20.66
N SER A 216 12.92 11.23 20.14
CA SER A 216 13.83 12.03 20.96
C SER A 216 13.48 13.51 20.87
N ARG A 217 13.31 14.14 22.04
CA ARG A 217 12.97 15.55 22.09
C ARG A 217 14.18 16.40 22.47
N ARG A 218 14.42 17.46 21.70
CA ARG A 218 15.53 18.36 21.96
C ARG A 218 15.19 19.78 21.54
N CYS A 219 16.04 20.73 21.91
CA CYS A 219 15.82 22.13 21.57
C CYS A 219 16.86 22.63 20.57
N THR A 220 16.43 23.50 19.67
CA THR A 220 17.32 24.06 18.66
C THR A 220 17.57 25.55 18.92
N PRO A 221 18.79 26.04 18.64
CA PRO A 221 19.15 27.45 18.85
C PRO A 221 18.24 28.41 18.08
N THR A 222 17.86 28.01 16.87
CA THR A 222 17.00 28.85 16.04
C THR A 222 15.62 28.23 15.87
N ASP A 223 15.08 27.66 16.96
CA ASP A 223 13.77 27.04 16.92
C ASP A 223 13.01 27.31 18.22
N PRO A 224 12.47 28.54 18.38
CA PRO A 224 11.72 28.92 19.59
C PRO A 224 10.43 28.11 19.73
N GLU A 225 9.58 28.17 18.71
CA GLU A 225 8.31 27.45 18.73
C GLU A 225 8.52 25.96 18.48
N PRO A 226 9.06 25.60 17.29
CA PRO A 226 9.30 24.20 16.94
C PRO A 226 10.40 23.56 17.79
N ARG A 227 10.40 22.24 17.86
CA ARG A 227 11.38 21.51 18.64
C ARG A 227 12.04 20.41 17.82
N TYR A 228 13.19 19.93 18.28
CA TYR A 228 13.91 18.88 17.59
C TYR A 228 13.27 17.52 17.83
N LEU A 229 13.03 16.78 16.75
CA LEU A 229 12.41 15.47 16.84
C LEU A 229 13.25 14.42 16.12
N GLU A 230 13.62 13.37 16.83
CA GLU A 230 14.44 12.30 16.25
C GLU A 230 13.76 10.94 16.44
N ILE A 231 13.74 10.15 15.39
CA ILE A 231 13.13 8.83 15.43
C ILE A 231 14.18 7.74 15.22
N CYS A 232 14.78 7.29 16.31
CA CYS A 232 15.80 6.24 16.25
C CYS A 232 15.16 4.85 16.10
N ALA A 233 15.10 4.36 14.87
CA ALA A 233 14.52 3.05 14.59
C ALA A 233 15.41 1.95 15.12
N ALA A 234 14.94 1.23 16.14
CA ALA A 234 15.69 0.14 16.75
C ALA A 234 17.14 0.54 17.01
N ASP A 235 17.35 1.84 17.20
CA ASP A 235 18.68 2.37 17.47
C ASP A 235 19.74 1.76 16.55
N GLY A 236 19.36 1.51 15.31
CA GLY A 236 20.31 0.93 14.36
C GLY A 236 19.69 0.62 13.01
N GLN A 237 18.50 0.03 13.02
CA GLN A 237 17.83 -0.32 11.77
C GLN A 237 17.51 0.92 10.94
N ASP A 238 17.24 2.03 11.63
CA ASP A 238 16.91 3.28 10.95
C ASP A 238 16.98 4.46 11.92
N ALA A 239 16.90 5.67 11.37
CA ALA A 239 16.95 6.88 12.18
C ALA A 239 16.60 8.10 11.35
N VAL A 240 15.34 8.54 11.45
CA VAL A 240 14.88 9.69 10.70
C VAL A 240 14.63 10.89 11.62
N PHE A 241 15.33 11.99 11.35
CA PHE A 241 15.18 13.20 12.15
C PHE A 241 14.33 14.23 11.42
N LEU A 242 13.52 14.97 12.17
CA LEU A 242 12.65 15.98 11.60
C LEU A 242 12.31 17.06 12.63
N ARG A 243 11.87 18.21 12.16
CA ARG A 243 11.50 19.32 13.04
C ARG A 243 10.22 19.99 12.57
N ALA A 244 9.26 20.13 13.49
CA ALA A 244 7.99 20.75 13.17
C ALA A 244 8.15 22.25 12.93
N LYS A 245 7.04 22.91 12.61
CA LYS A 245 7.05 24.35 12.36
C LYS A 245 6.70 25.12 13.64
N ASP A 246 5.82 24.55 14.44
CA ASP A 246 5.40 25.17 15.68
C ASP A 246 5.51 24.19 16.84
N GLU A 247 5.44 24.72 18.06
CA GLU A 247 5.54 23.88 19.25
C GLU A 247 4.44 22.83 19.27
N ALA A 248 3.24 23.23 18.87
CA ALA A 248 2.11 22.32 18.83
C ALA A 248 2.30 21.28 17.74
N SER A 249 2.77 21.71 16.59
CA SER A 249 3.01 20.81 15.47
C SER A 249 3.99 19.72 15.91
N ALA A 250 4.94 20.10 16.75
CA ALA A 250 5.91 19.15 17.26
C ALA A 250 5.30 18.34 18.40
N ARG A 251 4.40 18.97 19.15
CA ARG A 251 3.73 18.28 20.24
C ARG A 251 2.89 17.14 19.67
N SER A 252 2.27 17.41 18.51
CA SER A 252 1.45 16.42 17.84
C SER A 252 2.32 15.42 17.10
N TRP A 253 3.49 15.86 16.66
CA TRP A 253 4.40 14.98 15.96
C TRP A 253 4.96 13.94 16.91
N ALA A 254 5.58 14.40 17.98
CA ALA A 254 6.14 13.53 18.99
C ALA A 254 5.05 12.63 19.56
N GLY A 255 3.88 13.21 19.78
CA GLY A 255 2.76 12.44 20.30
C GLY A 255 2.22 11.49 19.25
N ALA A 256 2.34 11.88 17.99
CA ALA A 256 1.86 11.05 16.89
C ALA A 256 2.77 9.85 16.69
N ILE A 257 4.08 10.08 16.74
CA ILE A 257 5.05 9.00 16.57
C ILE A 257 4.88 7.96 17.67
N GLN A 258 4.70 8.43 18.90
CA GLN A 258 4.52 7.54 20.04
C GLN A 258 3.28 6.68 19.84
N ALA A 259 2.19 7.31 19.42
CA ALA A 259 0.95 6.59 19.18
C ALA A 259 1.04 5.79 17.88
N GLN A 260 1.98 6.16 17.02
CA GLN A 260 2.18 5.49 15.75
C GLN A 260 3.02 4.22 15.95
N ILE A 261 4.08 4.35 16.74
CA ILE A 261 4.96 3.23 17.02
C ILE A 261 4.39 2.34 18.12
N GLY A 262 4.36 2.87 19.34
CA GLY A 262 3.82 2.12 20.46
C GLY A 262 4.93 1.51 21.31
N THR A 263 6.03 1.13 20.67
CA THR A 263 7.16 0.53 21.38
C THR A 263 7.75 1.51 22.40
N ALA A 1 -3.80 -12.94 -0.77
CA ALA A 1 -2.88 -12.92 0.39
C ALA A 1 -1.59 -12.19 0.06
N SER A 2 -1.29 -11.16 0.84
CA SER A 2 -0.08 -10.36 0.63
C SER A 2 -0.08 -9.74 -0.77
N GLY A 3 0.77 -8.73 -0.96
CA GLY A 3 0.85 -8.07 -2.25
C GLY A 3 1.86 -8.75 -3.17
N ARG A 4 2.70 -7.94 -3.81
CA ARG A 4 3.71 -8.47 -4.72
C ARG A 4 5.12 -8.24 -4.17
N ARG A 5 5.65 -7.03 -4.37
CA ARG A 5 6.98 -6.70 -3.88
C ARG A 5 7.10 -5.21 -3.62
N ALA A 6 7.49 -4.86 -2.39
CA ALA A 6 7.64 -3.46 -2.00
C ALA A 6 8.18 -3.34 -0.58
N PRO A 7 9.14 -2.43 -0.35
CA PRO A 7 9.74 -2.23 0.97
C PRO A 7 8.81 -1.46 1.91
N ARG A 8 8.84 -1.82 3.19
CA ARG A 8 8.00 -1.17 4.19
C ARG A 8 8.48 0.26 4.45
N THR A 9 7.71 1.23 3.98
CA THR A 9 8.05 2.63 4.16
C THR A 9 7.08 3.32 5.13
N GLY A 10 7.55 4.40 5.75
CA GLY A 10 6.72 5.13 6.68
C GLY A 10 7.27 6.49 7.02
N LEU A 11 6.45 7.35 7.60
CA LEU A 11 6.86 8.69 7.96
C LEU A 11 7.28 8.76 9.43
N LEU A 12 8.50 8.33 9.71
CA LEU A 12 9.01 8.34 11.08
C LEU A 12 9.70 9.66 11.39
N GLU A 13 9.73 10.02 12.67
CA GLU A 13 10.35 11.27 13.10
C GLU A 13 11.79 11.04 13.56
N LEU A 14 12.73 11.77 12.97
CA LEU A 14 14.13 11.64 13.32
C LEU A 14 14.65 12.92 13.97
N ARG A 15 15.67 12.78 14.82
CA ARG A 15 16.24 13.94 15.51
C ARG A 15 17.34 14.58 14.67
N CYS A 16 17.52 15.88 14.84
CA CYS A 16 18.54 16.62 14.10
C CYS A 16 19.20 17.68 14.98
N GLY A 17 20.52 17.72 14.96
CA GLY A 17 21.25 18.69 15.76
C GLY A 17 20.96 18.54 17.24
N ALA A 18 21.22 17.35 17.77
CA ALA A 18 20.98 17.09 19.19
C ALA A 18 22.23 17.37 20.01
N GLY A 19 22.05 17.54 21.32
CA GLY A 19 23.17 17.82 22.19
C GLY A 19 22.76 18.53 23.47
N SER A 20 21.75 19.37 23.37
CA SER A 20 21.26 20.12 24.53
C SER A 20 19.96 19.50 25.05
N GLY A 21 19.54 19.95 26.23
CA GLY A 21 18.32 19.43 26.83
C GLY A 21 17.09 20.24 26.42
N ALA A 22 16.72 21.19 27.26
CA ALA A 22 15.55 22.03 26.99
C ALA A 22 15.97 23.35 26.34
N GLY A 23 16.94 23.28 25.44
CA GLY A 23 17.41 24.48 24.76
C GLY A 23 18.31 24.16 23.58
N GLY A 24 17.71 23.67 22.51
CA GLY A 24 18.47 23.34 21.32
C GLY A 24 18.00 22.05 20.66
N GLU A 25 16.70 21.98 20.37
CA GLU A 25 16.12 20.80 19.75
C GLU A 25 15.85 21.06 18.27
N ARG A 26 15.58 19.98 17.53
CA ARG A 26 15.29 20.08 16.11
C ARG A 26 15.02 18.71 15.50
N TRP A 27 13.75 18.41 15.28
CA TRP A 27 13.35 17.13 14.72
C TRP A 27 12.91 17.28 13.26
N GLN A 28 12.93 16.19 12.52
CA GLN A 28 12.54 16.20 11.11
C GLN A 28 11.77 14.93 10.74
N ARG A 29 10.75 15.08 9.92
CA ARG A 29 9.94 13.96 9.49
C ARG A 29 10.46 13.36 8.18
N VAL A 30 11.33 12.37 8.29
CA VAL A 30 11.90 11.73 7.13
C VAL A 30 11.16 10.43 6.79
N LEU A 31 11.25 10.01 5.54
CA LEU A 31 10.59 8.79 5.09
C LEU A 31 11.52 7.58 5.23
N LEU A 32 11.14 6.65 6.10
CA LEU A 32 11.95 5.45 6.34
C LEU A 32 11.57 4.35 5.35
N SER A 33 12.46 3.39 5.17
CA SER A 33 12.21 2.27 4.27
C SER A 33 12.92 1.01 4.74
N LEU A 34 12.27 -0.13 4.54
CA LEU A 34 12.84 -1.42 4.94
C LEU A 34 12.47 -2.51 3.95
N ALA A 35 13.47 -3.01 3.23
CA ALA A 35 13.25 -4.06 2.25
C ALA A 35 13.26 -5.43 2.89
N GLU A 36 14.46 -5.93 3.18
CA GLU A 36 14.62 -7.24 3.80
C GLU A 36 15.65 -7.18 4.91
N ASP A 37 16.91 -7.16 4.51
CA ASP A 37 18.01 -7.11 5.47
C ASP A 37 18.71 -5.75 5.42
N ALA A 38 17.95 -4.71 5.07
CA ALA A 38 18.49 -3.37 4.97
C ALA A 38 17.38 -2.33 4.96
N LEU A 39 17.55 -1.28 5.77
CA LEU A 39 16.56 -0.21 5.85
C LEU A 39 17.13 1.09 5.30
N THR A 40 16.42 1.69 4.36
CA THR A 40 16.85 2.94 3.74
C THR A 40 15.98 4.11 4.18
N VAL A 41 16.62 5.20 4.57
CA VAL A 41 15.90 6.40 4.99
C VAL A 41 16.22 7.58 4.09
N SER A 42 15.28 8.50 3.97
CA SER A 42 15.47 9.68 3.14
C SER A 42 14.34 10.69 3.36
N PRO A 43 14.52 11.94 2.90
CA PRO A 43 13.52 13.00 3.06
C PRO A 43 12.16 12.59 2.51
N ALA A 44 11.10 13.05 3.18
CA ALA A 44 9.74 12.72 2.76
C ALA A 44 9.23 13.73 1.73
N ASP A 45 9.95 13.85 0.62
CA ASP A 45 9.57 14.79 -0.43
C ASP A 45 8.61 14.13 -1.43
N GLY A 46 8.24 14.87 -2.47
CA GLY A 46 7.34 14.33 -3.47
C GLY A 46 7.57 14.93 -4.85
N GLU A 47 8.80 14.79 -5.35
CA GLU A 47 9.15 15.32 -6.66
C GLU A 47 8.79 14.34 -7.77
N PRO A 48 9.16 13.05 -7.61
CA PRO A 48 8.86 12.02 -8.60
C PRO A 48 7.36 11.76 -8.75
N GLY A 49 7.00 10.93 -9.73
CA GLY A 49 5.61 10.61 -9.96
C GLY A 49 4.80 11.81 -10.44
N PRO A 50 5.14 12.35 -11.63
CA PRO A 50 4.42 13.50 -12.19
C PRO A 50 2.95 13.21 -12.42
N GLU A 51 2.11 13.58 -11.46
CA GLU A 51 0.68 13.35 -11.56
C GLU A 51 0.37 11.86 -11.65
N PRO A 52 -0.90 11.47 -11.41
CA PRO A 52 -1.33 10.07 -11.46
C PRO A 52 -1.21 9.48 -12.86
N GLU A 53 -0.19 8.69 -13.10
CA GLU A 53 0.03 8.07 -14.39
C GLU A 53 -0.12 6.55 -14.30
N PRO A 54 -1.34 6.03 -14.49
CA PRO A 54 -1.60 4.58 -14.44
C PRO A 54 -0.64 3.78 -15.32
N ALA A 55 -0.58 2.47 -15.09
CA ALA A 55 0.29 1.60 -15.87
C ALA A 55 0.04 0.13 -15.52
N GLN A 56 -0.90 -0.48 -16.24
CA GLN A 56 -1.22 -1.88 -16.01
C GLN A 56 -0.11 -2.79 -16.51
N LEU A 57 -0.09 -4.02 -16.01
CA LEU A 57 0.93 -4.99 -16.40
C LEU A 57 0.31 -6.36 -16.67
N ASN A 58 0.21 -6.72 -17.94
CA ASN A 58 -0.36 -8.00 -18.33
C ASN A 58 0.68 -9.12 -18.25
N GLY A 59 0.23 -10.33 -17.95
CA GLY A 59 1.14 -11.46 -17.86
C GLY A 59 0.60 -12.56 -16.97
N ALA A 60 1.47 -13.46 -16.55
CA ALA A 60 1.08 -14.57 -15.70
C ALA A 60 0.06 -15.47 -16.39
N ALA A 61 0.02 -16.74 -16.00
CA ALA A 61 -0.91 -17.70 -16.59
C ALA A 61 -1.81 -18.30 -15.53
N GLU A 62 -3.11 -18.32 -15.80
CA GLU A 62 -4.07 -18.88 -14.86
C GLU A 62 -5.17 -19.65 -15.60
N PRO A 63 -4.93 -20.95 -15.88
CA PRO A 63 -5.90 -21.80 -16.58
C PRO A 63 -7.13 -22.11 -15.73
N GLY A 64 -7.93 -23.05 -16.18
CA GLY A 64 -9.13 -23.42 -15.46
C GLY A 64 -10.20 -22.35 -15.52
N ALA A 65 -10.94 -22.32 -16.63
CA ALA A 65 -12.00 -21.35 -16.81
C ALA A 65 -11.44 -19.93 -16.82
N ALA A 66 -11.66 -19.22 -17.92
CA ALA A 66 -11.20 -17.84 -18.06
C ALA A 66 -11.52 -17.29 -19.45
N PRO A 67 -11.97 -16.03 -19.52
CA PRO A 67 -12.32 -15.39 -20.79
C PRO A 67 -11.13 -15.35 -21.75
N PRO A 68 -11.41 -15.26 -23.07
CA PRO A 68 -10.36 -15.21 -24.09
C PRO A 68 -9.61 -13.88 -24.08
N GLN A 69 -8.74 -13.68 -25.06
CA GLN A 69 -7.97 -12.45 -25.17
C GLN A 69 -8.08 -11.85 -26.56
N LEU A 70 -9.20 -12.12 -27.22
CA LEU A 70 -9.44 -11.60 -28.56
C LEU A 70 -10.21 -10.27 -28.53
N PRO A 71 -11.30 -10.21 -27.77
CA PRO A 71 -12.12 -9.00 -27.65
C PRO A 71 -11.32 -7.80 -27.17
N GLU A 72 -11.52 -6.65 -27.82
CA GLU A 72 -10.81 -5.43 -27.45
C GLU A 72 -11.78 -4.36 -26.97
N ALA A 73 -13.06 -4.71 -26.85
CA ALA A 73 -14.08 -3.77 -26.41
C ALA A 73 -14.16 -3.74 -24.88
N LEU A 74 -13.33 -4.52 -24.21
CA LEU A 74 -13.33 -4.59 -22.76
C LEU A 74 -12.11 -3.86 -22.20
N LEU A 75 -11.84 -4.07 -20.90
CA LEU A 75 -10.72 -3.44 -20.23
C LEU A 75 -10.62 -1.95 -20.58
N LEU A 76 -11.77 -1.30 -20.69
CA LEU A 76 -11.80 0.12 -21.01
C LEU A 76 -13.17 0.75 -20.70
N GLN A 77 -14.23 -0.06 -20.79
CA GLN A 77 -15.59 0.44 -20.52
C GLN A 77 -16.37 -0.58 -19.68
N ARG A 78 -17.67 -0.36 -19.57
CA ARG A 78 -18.54 -1.25 -18.79
C ARG A 78 -18.24 -2.72 -19.09
N ARG A 79 -17.78 -3.43 -18.07
CA ARG A 79 -17.45 -4.84 -18.21
C ARG A 79 -18.71 -5.70 -18.23
N ARG A 80 -18.68 -6.78 -19.01
CA ARG A 80 -19.81 -7.69 -19.12
C ARG A 80 -19.38 -9.11 -18.77
N VAL A 81 -19.22 -9.38 -17.49
CA VAL A 81 -18.82 -10.70 -17.01
C VAL A 81 -19.93 -11.72 -17.22
N THR A 82 -19.56 -13.00 -17.20
CA THR A 82 -20.52 -14.08 -17.39
C THR A 82 -20.53 -15.00 -16.17
N VAL A 83 -21.67 -15.66 -15.94
CA VAL A 83 -21.80 -16.57 -14.82
C VAL A 83 -22.41 -17.90 -15.27
N ARG A 84 -21.62 -18.70 -15.96
CA ARG A 84 -22.07 -19.99 -16.45
C ARG A 84 -21.93 -21.06 -15.38
N LYS A 85 -22.97 -21.87 -15.21
CA LYS A 85 -22.97 -22.93 -14.21
C LYS A 85 -22.35 -24.21 -14.77
N ALA A 86 -22.42 -24.38 -16.09
CA ALA A 86 -21.87 -25.56 -16.73
C ALA A 86 -20.42 -25.32 -17.18
N ASP A 87 -19.64 -24.69 -16.31
CA ASP A 87 -18.24 -24.40 -16.62
C ASP A 87 -17.57 -23.67 -15.45
N ALA A 88 -18.26 -22.66 -14.93
CA ALA A 88 -17.74 -21.87 -13.82
C ALA A 88 -18.26 -22.39 -12.49
N GLY A 89 -19.55 -22.71 -12.46
CA GLY A 89 -20.15 -23.21 -11.23
C GLY A 89 -21.27 -22.31 -10.73
N GLY A 90 -21.66 -22.51 -9.47
CA GLY A 90 -22.72 -21.70 -8.89
C GLY A 90 -22.27 -20.28 -8.61
N LEU A 91 -22.42 -19.86 -7.35
CA LEU A 91 -22.03 -18.51 -6.94
C LEU A 91 -21.35 -18.53 -5.59
N GLY A 92 -20.45 -17.57 -5.36
CA GLY A 92 -19.74 -17.50 -4.10
C GLY A 92 -19.17 -16.12 -3.83
N ILE A 93 -20.05 -15.14 -3.66
CA ILE A 93 -19.62 -13.77 -3.40
C ILE A 93 -20.57 -13.08 -2.43
N SER A 94 -20.05 -12.08 -1.72
CA SER A 94 -20.85 -11.32 -0.76
C SER A 94 -20.92 -9.85 -1.19
N ILE A 95 -21.96 -9.51 -1.95
CA ILE A 95 -22.13 -8.16 -2.43
C ILE A 95 -22.68 -7.24 -1.35
N LYS A 96 -22.70 -5.94 -1.63
CA LYS A 96 -23.20 -4.95 -0.69
C LYS A 96 -23.75 -3.73 -1.42
N GLY A 97 -24.91 -3.26 -0.99
CA GLY A 97 -25.53 -2.11 -1.61
C GLY A 97 -26.96 -1.90 -1.17
N GLY A 98 -27.52 -0.73 -1.51
CA GLY A 98 -28.88 -0.44 -1.14
C GLY A 98 -29.41 0.81 -1.81
N ARG A 99 -30.13 0.64 -2.91
CA ARG A 99 -30.69 1.76 -3.66
C ARG A 99 -31.52 2.67 -2.74
N GLU A 100 -32.17 2.06 -1.75
CA GLU A 100 -33.00 2.81 -0.81
C GLU A 100 -32.19 3.94 -0.18
N ASN A 101 -30.87 3.75 -0.13
CA ASN A 101 -29.98 4.75 0.44
C ASN A 101 -28.91 5.13 -0.57
N LYS A 102 -29.32 5.33 -1.83
CA LYS A 102 -28.42 5.70 -2.92
C LYS A 102 -27.08 4.97 -2.83
N MET A 103 -27.10 3.79 -2.24
CA MET A 103 -25.91 2.97 -2.09
C MET A 103 -25.77 2.01 -3.27
N PRO A 104 -24.83 2.30 -4.20
CA PRO A 104 -24.62 1.44 -5.37
C PRO A 104 -24.11 0.05 -5.00
N ILE A 105 -24.59 -0.96 -5.72
CA ILE A 105 -24.18 -2.33 -5.46
C ILE A 105 -22.76 -2.58 -5.95
N LEU A 106 -21.95 -3.18 -5.09
CA LEU A 106 -20.56 -3.46 -5.44
C LEU A 106 -20.10 -4.81 -4.89
N ILE A 107 -19.02 -5.34 -5.48
CA ILE A 107 -18.45 -6.61 -5.04
C ILE A 107 -17.79 -6.48 -3.69
N SER A 108 -18.55 -6.75 -2.63
CA SER A 108 -18.04 -6.66 -1.27
C SER A 108 -17.18 -7.85 -0.91
N LYS A 109 -17.47 -9.02 -1.47
CA LYS A 109 -16.71 -10.21 -1.17
C LYS A 109 -16.73 -11.23 -2.31
N ILE A 110 -15.57 -11.84 -2.56
CA ILE A 110 -15.44 -12.83 -3.61
C ILE A 110 -14.78 -14.10 -3.06
N PHE A 111 -15.58 -14.93 -2.39
CA PHE A 111 -15.09 -16.17 -1.81
C PHE A 111 -14.27 -16.97 -2.82
N LYS A 112 -13.20 -17.61 -2.34
CA LYS A 112 -12.33 -18.40 -3.20
C LYS A 112 -12.80 -19.86 -3.24
N GLY A 113 -12.51 -20.53 -4.35
CA GLY A 113 -12.91 -21.91 -4.51
C GLY A 113 -14.25 -22.07 -5.21
N LEU A 114 -15.07 -21.03 -5.14
CA LEU A 114 -16.39 -21.05 -5.76
C LEU A 114 -16.33 -20.41 -7.15
N ALA A 115 -17.50 -20.27 -7.79
CA ALA A 115 -17.60 -19.68 -9.11
C ALA A 115 -16.93 -18.31 -9.16
N ALA A 116 -17.00 -17.59 -8.05
CA ALA A 116 -16.40 -16.25 -7.97
C ALA A 116 -14.91 -16.30 -8.26
N ASP A 117 -14.25 -17.37 -7.80
CA ASP A 117 -12.82 -17.54 -8.01
C ASP A 117 -12.53 -18.03 -9.43
N GLN A 118 -13.31 -19.00 -9.89
CA GLN A 118 -13.14 -19.56 -11.22
C GLN A 118 -13.27 -18.46 -12.29
N THR A 119 -14.36 -17.72 -12.24
CA THR A 119 -14.61 -16.65 -13.19
C THR A 119 -13.51 -15.60 -13.12
N GLU A 120 -13.15 -15.20 -11.90
CA GLU A 120 -12.10 -14.19 -11.70
C GLU A 120 -12.29 -13.02 -12.66
N ALA A 121 -13.55 -12.76 -13.01
CA ALA A 121 -13.88 -11.69 -13.93
C ALA A 121 -14.66 -10.57 -13.23
N LEU A 122 -15.00 -10.79 -11.96
CA LEU A 122 -15.74 -9.78 -11.20
C LEU A 122 -14.79 -8.75 -10.62
N PHE A 123 -13.80 -9.22 -9.89
CA PHE A 123 -12.81 -8.33 -9.27
C PHE A 123 -13.48 -7.36 -8.30
N VAL A 124 -13.16 -7.51 -7.02
CA VAL A 124 -13.72 -6.66 -5.98
C VAL A 124 -13.64 -5.18 -6.37
N GLY A 125 -14.71 -4.45 -6.10
CA GLY A 125 -14.74 -3.03 -6.43
C GLY A 125 -15.35 -2.77 -7.79
N ASP A 126 -16.39 -3.53 -8.13
CA ASP A 126 -17.06 -3.37 -9.41
C ASP A 126 -18.52 -2.95 -9.22
N ALA A 127 -18.84 -1.74 -9.65
CA ALA A 127 -20.20 -1.23 -9.52
C ALA A 127 -21.13 -1.82 -10.58
N ILE A 128 -22.05 -2.67 -10.14
CA ILE A 128 -23.00 -3.31 -11.04
C ILE A 128 -24.03 -2.31 -11.55
N LEU A 129 -24.66 -2.66 -12.67
CA LEU A 129 -25.69 -1.80 -13.27
C LEU A 129 -26.67 -2.61 -14.09
N SER A 130 -26.15 -3.57 -14.85
CA SER A 130 -26.97 -4.43 -15.69
C SER A 130 -26.63 -5.89 -15.46
N VAL A 131 -27.65 -6.73 -15.43
CA VAL A 131 -27.45 -8.16 -15.21
C VAL A 131 -28.24 -8.98 -16.22
N ASN A 132 -27.55 -9.91 -16.90
CA ASN A 132 -28.19 -10.76 -17.91
C ASN A 132 -29.27 -10.01 -18.66
N GLY A 133 -29.03 -8.73 -18.91
CA GLY A 133 -30.01 -7.91 -19.61
C GLY A 133 -31.07 -7.38 -18.67
N GLU A 134 -30.64 -6.81 -17.54
CA GLU A 134 -31.56 -6.26 -16.57
C GLU A 134 -30.84 -5.27 -15.69
N ASP A 135 -31.17 -4.03 -15.92
CA ASP A 135 -30.57 -2.92 -15.19
C ASP A 135 -31.02 -2.92 -13.74
N LEU A 136 -30.06 -3.07 -12.84
CA LEU A 136 -30.36 -3.07 -11.41
C LEU A 136 -30.23 -1.68 -10.81
N SER A 137 -30.34 -0.67 -11.67
CA SER A 137 -30.24 0.72 -11.25
C SER A 137 -31.33 1.03 -10.22
N SER A 138 -32.43 0.27 -10.29
CA SER A 138 -33.55 0.45 -9.37
C SER A 138 -33.91 -0.89 -8.75
N ALA A 139 -32.92 -1.55 -8.17
CA ALA A 139 -33.12 -2.85 -7.54
C ALA A 139 -32.22 -2.99 -6.32
N THR A 140 -32.74 -2.60 -5.17
CA THR A 140 -32.01 -2.67 -3.91
C THR A 140 -31.28 -4.00 -3.74
N HIS A 141 -30.53 -4.11 -2.65
CA HIS A 141 -29.76 -5.31 -2.34
C HIS A 141 -30.57 -6.58 -2.60
N ASP A 142 -31.69 -6.71 -1.90
CA ASP A 142 -32.55 -7.88 -2.04
C ASP A 142 -32.79 -8.20 -3.51
N GLU A 143 -32.99 -7.17 -4.32
CA GLU A 143 -33.23 -7.36 -5.74
C GLU A 143 -32.00 -7.96 -6.43
N ALA A 144 -30.81 -7.59 -5.96
CA ALA A 144 -29.58 -8.10 -6.53
C ALA A 144 -29.45 -9.60 -6.30
N VAL A 145 -29.80 -10.04 -5.09
CA VAL A 145 -29.74 -11.45 -4.74
C VAL A 145 -30.80 -12.25 -5.50
N GLN A 146 -31.98 -11.68 -5.61
CA GLN A 146 -33.08 -12.33 -6.31
C GLN A 146 -32.87 -12.29 -7.82
N ALA A 147 -32.25 -11.21 -8.29
CA ALA A 147 -31.98 -11.04 -9.71
C ALA A 147 -30.87 -11.96 -10.18
N LEU A 148 -29.95 -12.28 -9.27
CA LEU A 148 -28.82 -13.15 -9.62
C LEU A 148 -29.14 -14.63 -9.39
N LYS A 149 -30.11 -14.90 -8.51
CA LYS A 149 -30.49 -16.28 -8.21
C LYS A 149 -31.43 -16.84 -9.28
N LYS A 150 -32.48 -16.09 -9.59
CA LYS A 150 -33.47 -16.51 -10.57
C LYS A 150 -32.82 -17.05 -11.83
N THR A 151 -31.89 -16.29 -12.39
CA THR A 151 -31.19 -16.68 -13.61
C THR A 151 -30.57 -18.07 -13.47
N GLY A 152 -29.80 -18.43 -14.48
CA GLY A 152 -29.13 -19.73 -14.49
C GLY A 152 -28.67 -20.13 -15.87
N LYS A 153 -27.89 -21.22 -15.93
CA LYS A 153 -27.36 -21.73 -17.20
C LYS A 153 -26.18 -20.90 -17.68
N GLU A 154 -26.40 -19.60 -17.83
CA GLU A 154 -25.37 -18.69 -18.27
C GLU A 154 -25.82 -17.25 -18.13
N VAL A 155 -25.28 -16.60 -17.12
CA VAL A 155 -25.61 -15.21 -16.83
C VAL A 155 -24.56 -14.27 -17.40
N VAL A 156 -24.92 -12.98 -17.48
CA VAL A 156 -24.02 -11.97 -18.00
C VAL A 156 -24.08 -10.70 -17.17
N LEU A 157 -23.23 -10.61 -16.14
CA LEU A 157 -23.20 -9.45 -15.27
C LEU A 157 -22.54 -8.26 -15.95
N GLU A 158 -23.07 -7.08 -15.67
CA GLU A 158 -22.54 -5.85 -16.25
C GLU A 158 -22.17 -4.86 -15.14
N VAL A 159 -20.87 -4.73 -14.89
CA VAL A 159 -20.38 -3.83 -13.84
C VAL A 159 -19.37 -2.84 -14.39
N LYS A 160 -19.03 -1.85 -13.58
CA LYS A 160 -18.07 -0.83 -13.96
C LYS A 160 -16.91 -0.78 -12.97
N TYR A 161 -15.80 -0.17 -13.38
CA TYR A 161 -14.63 -0.06 -12.52
C TYR A 161 -14.54 1.33 -11.89
N MET A 162 -14.86 1.39 -10.60
CA MET A 162 -14.82 2.65 -9.86
C MET A 162 -13.70 2.64 -8.82
N LYS A 163 -12.53 3.12 -9.20
CA LYS A 163 -11.39 3.16 -8.31
C LYS A 163 -11.03 4.60 -7.92
N GLU A 164 -11.24 5.51 -8.86
CA GLU A 164 -10.95 6.92 -8.62
C GLU A 164 -12.20 7.78 -8.80
N VAL A 165 -13.36 7.21 -8.49
CA VAL A 165 -14.61 7.92 -8.63
C VAL A 165 -15.18 8.31 -7.26
N SER A 166 -15.57 7.31 -6.49
CA SER A 166 -16.14 7.54 -5.16
C SER A 166 -15.03 7.55 -4.10
N PRO A 167 -14.18 6.51 -4.06
CA PRO A 167 -13.09 6.41 -3.09
C PRO A 167 -12.18 7.64 -3.11
N TYR A 168 -11.07 7.56 -2.40
CA TYR A 168 -10.12 8.67 -2.33
C TYR A 168 -8.83 8.24 -1.65
N PHE A 169 -7.99 9.21 -1.31
CA PHE A 169 -6.72 8.93 -0.65
C PHE A 169 -5.83 8.06 -1.55
N LYS A 170 -4.73 8.65 -2.01
CA LYS A 170 -3.79 7.94 -2.88
C LYS A 170 -3.00 6.90 -2.08
N ASN A 171 -2.44 5.94 -2.79
CA ASN A 171 -1.65 4.88 -2.16
C ASN A 171 -0.30 4.72 -2.85
N SER A 172 0.23 5.80 -3.38
CA SER A 172 1.52 5.78 -4.06
C SER A 172 2.57 6.55 -3.27
N ALA A 173 3.21 5.85 -2.33
CA ALA A 173 4.25 6.46 -1.50
C ALA A 173 5.50 6.77 -2.33
N GLY A 174 6.19 5.72 -2.76
CA GLY A 174 7.39 5.90 -3.55
C GLY A 174 8.37 4.76 -3.39
N GLY A 175 8.97 4.34 -4.49
CA GLY A 175 9.94 3.25 -4.45
C GLY A 175 11.37 3.73 -4.52
N THR A 176 12.26 3.05 -3.83
CA THR A 176 13.68 3.40 -3.82
C THR A 176 13.87 4.85 -3.38
N SER A 177 14.29 5.04 -2.13
CA SER A 177 14.51 6.37 -1.59
C SER A 177 15.81 6.97 -2.15
N VAL A 178 15.78 7.34 -3.43
CA VAL A 178 16.94 7.92 -4.09
C VAL A 178 16.85 9.44 -4.13
N GLY A 179 17.86 10.10 -3.57
CA GLY A 179 17.87 11.56 -3.56
C GLY A 179 18.49 12.13 -4.83
N TRP A 180 18.71 11.28 -5.82
CA TRP A 180 19.28 11.70 -7.09
C TRP A 180 20.41 12.70 -6.91
N ASP A 181 21.14 12.55 -5.81
CA ASP A 181 22.27 13.43 -5.52
C ASP A 181 23.36 13.30 -6.57
N SER A 182 24.27 14.26 -6.60
CA SER A 182 25.37 14.24 -7.56
C SER A 182 26.32 15.41 -7.35
N PRO A 183 25.82 16.65 -7.52
CA PRO A 183 26.64 17.86 -7.35
C PRO A 183 27.20 17.98 -5.93
N PRO A 184 28.52 17.78 -5.76
CA PRO A 184 29.17 17.87 -4.45
C PRO A 184 28.98 19.24 -3.80
N ALA A 185 29.19 19.29 -2.49
CA ALA A 185 29.05 20.54 -1.75
C ALA A 185 29.91 20.54 -0.49
N SER A 186 30.84 21.49 -0.42
CA SER A 186 31.73 21.60 0.73
C SER A 186 30.98 22.13 1.95
N PRO A 187 30.41 23.34 1.86
CA PRO A 187 29.67 23.95 2.97
C PRO A 187 28.31 23.29 3.18
N LEU A 188 28.05 22.88 4.42
CA LEU A 188 26.78 22.23 4.76
C LEU A 188 25.90 23.15 5.59
N GLN A 189 26.53 24.06 6.35
CA GLN A 189 25.79 24.99 7.19
C GLN A 189 26.26 26.42 6.94
N ARG A 190 26.67 26.70 5.71
CA ARG A 190 27.14 28.03 5.35
C ARG A 190 28.32 28.45 6.21
N GLN A 191 29.11 27.47 6.64
CA GLN A 191 30.28 27.74 7.47
C GLN A 191 31.16 26.49 7.59
N PRO A 192 32.03 26.25 6.60
CA PRO A 192 32.92 25.08 6.61
C PRO A 192 33.72 24.97 7.91
N SER A 193 33.24 24.11 8.81
CA SER A 193 33.91 23.90 10.09
C SER A 193 35.11 22.98 9.93
N SER A 194 36.26 23.44 10.42
CA SER A 194 37.50 22.66 10.34
C SER A 194 37.42 21.43 11.25
N PRO A 195 37.27 21.64 12.56
CA PRO A 195 37.19 20.53 13.53
C PRO A 195 35.95 19.67 13.33
N GLY A 196 36.14 18.36 13.37
CA GLY A 196 35.03 17.44 13.20
C GLY A 196 35.29 16.42 12.11
N PRO A 197 34.92 15.14 12.33
CA PRO A 197 35.13 14.08 11.34
C PRO A 197 34.18 14.21 10.15
N GLN A 198 34.74 14.06 8.95
CA GLN A 198 33.95 14.16 7.73
C GLN A 198 32.87 13.09 7.69
N PRO A 199 33.29 11.81 7.74
CA PRO A 199 32.38 10.66 7.71
C PRO A 199 31.64 10.48 9.03
N ARG A 200 30.88 11.48 9.44
CA ARG A 200 30.12 11.42 10.68
C ARG A 200 29.10 12.56 10.75
N ASN A 201 28.45 12.84 9.63
CA ASN A 201 27.45 13.90 9.58
C ASN A 201 26.29 13.51 8.67
N LEU A 202 25.09 13.54 9.22
CA LEU A 202 23.88 13.18 8.47
C LEU A 202 23.64 14.17 7.33
N SER A 203 23.34 13.64 6.15
CA SER A 203 23.09 14.48 4.98
C SER A 203 21.60 14.50 4.65
N GLU A 204 21.13 13.45 3.99
CA GLU A 204 19.72 13.37 3.61
C GLU A 204 19.20 11.94 3.75
N ALA A 205 19.97 10.99 3.25
CA ALA A 205 19.60 9.58 3.32
C ALA A 205 20.23 8.90 4.53
N LYS A 206 19.95 7.61 4.68
CA LYS A 206 20.47 6.84 5.81
C LYS A 206 20.23 5.35 5.61
N HIS A 207 21.17 4.67 4.97
CA HIS A 207 21.06 3.24 4.71
C HIS A 207 21.72 2.44 5.83
N VAL A 208 21.03 1.41 6.30
CA VAL A 208 21.56 0.56 7.37
C VAL A 208 21.29 -0.91 7.08
N SER A 209 22.34 -1.72 7.11
CA SER A 209 22.22 -3.14 6.85
C SER A 209 21.90 -3.90 8.14
N LEU A 210 20.71 -4.49 8.19
CA LEU A 210 20.28 -5.24 9.36
C LEU A 210 21.21 -6.42 9.63
N LYS A 211 20.85 -7.60 9.12
CA LYS A 211 21.65 -8.81 9.32
C LYS A 211 21.55 -9.31 10.74
N MET A 212 21.90 -8.45 11.68
CA MET A 212 21.86 -8.79 13.10
C MET A 212 21.72 -7.53 13.95
N ALA A 213 21.07 -6.51 13.40
CA ALA A 213 20.87 -5.25 14.10
C ALA A 213 20.06 -5.45 15.38
N TYR A 214 19.98 -4.41 16.19
CA TYR A 214 19.24 -4.47 17.45
C TYR A 214 18.25 -3.31 17.54
N VAL A 215 17.11 -3.57 18.17
CA VAL A 215 16.09 -2.54 18.33
C VAL A 215 15.87 -2.22 19.81
N SER A 216 15.82 -0.93 20.12
CA SER A 216 15.62 -0.48 21.50
C SER A 216 14.47 0.52 21.59
N ARG A 217 13.47 0.20 22.38
CA ARG A 217 12.32 1.07 22.55
C ARG A 217 12.43 1.86 23.87
N ARG A 218 12.17 3.16 23.78
CA ARG A 218 12.24 4.03 24.95
C ARG A 218 11.03 4.96 25.01
N CYS A 219 10.87 5.63 26.14
CA CYS A 219 9.76 6.56 26.33
C CYS A 219 10.25 8.00 26.40
N THR A 220 9.35 8.94 26.15
CA THR A 220 9.69 10.36 26.19
C THR A 220 8.46 11.21 26.47
N PRO A 221 8.60 12.29 27.25
CA PRO A 221 7.48 13.18 27.58
C PRO A 221 6.74 13.66 26.34
N THR A 222 5.72 14.49 26.56
CA THR A 222 4.92 15.04 25.46
C THR A 222 4.57 13.97 24.42
N ASP A 223 4.34 12.74 24.89
CA ASP A 223 4.01 11.64 24.01
C ASP A 223 2.63 11.08 24.33
N PRO A 224 1.71 11.06 23.34
CA PRO A 224 0.35 10.55 23.54
C PRO A 224 0.29 9.03 23.61
N GLU A 225 1.24 8.38 22.96
CA GLU A 225 1.29 6.91 22.94
C GLU A 225 2.52 6.40 22.21
N PRO A 226 2.65 6.71 20.90
CA PRO A 226 3.77 6.28 20.09
C PRO A 226 5.12 6.50 20.78
N ARG A 227 5.73 5.40 21.23
CA ARG A 227 7.01 5.46 21.92
C ARG A 227 8.14 5.72 20.93
N TYR A 228 9.37 5.54 21.38
CA TYR A 228 10.54 5.76 20.54
C TYR A 228 11.16 4.43 20.10
N LEU A 229 11.68 4.40 18.89
CA LEU A 229 12.31 3.19 18.35
C LEU A 229 13.74 3.47 17.91
N GLU A 230 14.68 2.67 18.40
CA GLU A 230 16.08 2.83 18.06
C GLU A 230 16.58 1.66 17.20
N ILE A 231 17.48 1.95 16.28
CA ILE A 231 18.05 0.93 15.41
C ILE A 231 19.57 1.01 15.40
N CYS A 232 20.22 -0.12 15.57
CA CYS A 232 21.68 -0.18 15.58
C CYS A 232 22.20 -1.34 14.74
N ALA A 233 22.86 -1.02 13.64
CA ALA A 233 23.41 -2.05 12.77
C ALA A 233 24.58 -2.76 13.43
N ALA A 234 24.26 -3.55 14.45
CA ALA A 234 25.28 -4.28 15.20
C ALA A 234 26.20 -3.32 15.96
N ASP A 235 25.67 -2.15 16.28
CA ASP A 235 26.43 -1.13 17.00
C ASP A 235 27.86 -1.02 16.51
N GLY A 236 28.05 -1.28 15.21
CA GLY A 236 29.39 -1.22 14.64
C GLY A 236 29.47 -0.33 13.41
N GLN A 237 28.32 0.04 12.84
CA GLN A 237 28.31 0.89 11.65
C GLN A 237 27.24 1.99 11.76
N ASP A 238 26.01 1.65 11.39
CA ASP A 238 24.92 2.61 11.42
C ASP A 238 24.15 2.57 12.74
N ALA A 239 23.33 3.59 12.98
CA ALA A 239 22.53 3.68 14.18
C ALA A 239 21.51 4.81 14.07
N VAL A 240 20.27 4.46 13.73
CA VAL A 240 19.22 5.46 13.57
C VAL A 240 18.07 5.24 14.55
N PHE A 241 17.45 6.32 14.98
CA PHE A 241 16.33 6.25 15.91
C PHE A 241 15.19 7.17 15.46
N LEU A 242 13.95 6.76 15.71
CA LEU A 242 12.79 7.56 15.33
C LEU A 242 11.51 7.00 15.95
N ARG A 243 10.43 7.76 15.83
CA ARG A 243 9.14 7.35 16.38
C ARG A 243 8.10 7.24 15.28
N ALA A 244 7.10 6.39 15.48
CA ALA A 244 6.04 6.19 14.51
C ALA A 244 4.86 7.12 14.77
N LYS A 245 3.95 7.19 13.80
CA LYS A 245 2.77 8.05 13.93
C LYS A 245 1.89 7.60 15.09
N ASP A 246 1.77 6.29 15.25
CA ASP A 246 0.96 5.72 16.32
C ASP A 246 1.71 4.60 17.03
N GLU A 247 1.26 4.28 18.24
CA GLU A 247 1.90 3.21 19.03
C GLU A 247 1.90 1.89 18.27
N ALA A 248 0.84 1.66 17.50
CA ALA A 248 0.72 0.43 16.72
C ALA A 248 1.71 0.44 15.57
N SER A 249 1.81 1.59 14.89
CA SER A 249 2.75 1.72 13.77
C SER A 249 4.16 1.40 14.25
N ALA A 250 4.44 1.74 15.50
CA ALA A 250 5.74 1.48 16.08
C ALA A 250 5.82 0.02 16.52
N ARG A 251 4.68 -0.53 16.93
CA ARG A 251 4.63 -1.93 17.34
C ARG A 251 4.98 -2.81 16.15
N SER A 252 4.49 -2.41 14.98
CA SER A 252 4.76 -3.14 13.75
C SER A 252 6.16 -2.84 13.24
N TRP A 253 6.64 -1.63 13.52
CA TRP A 253 7.98 -1.24 13.10
C TRP A 253 9.02 -2.04 13.87
N ALA A 254 9.00 -1.88 15.17
CA ALA A 254 9.92 -2.60 16.04
C ALA A 254 9.76 -4.10 15.85
N GLY A 255 8.51 -4.53 15.64
CA GLY A 255 8.25 -5.93 15.42
C GLY A 255 8.69 -6.38 14.05
N ALA A 256 8.63 -5.47 13.09
CA ALA A 256 9.04 -5.77 11.72
C ALA A 256 10.56 -5.91 11.63
N ILE A 257 11.27 -5.04 12.35
CA ILE A 257 12.73 -5.08 12.36
C ILE A 257 13.22 -6.34 13.03
N GLN A 258 12.64 -6.67 14.18
CA GLN A 258 13.02 -7.86 14.92
C GLN A 258 12.74 -9.12 14.10
N ALA A 259 11.66 -9.09 13.34
CA ALA A 259 11.28 -10.22 12.50
C ALA A 259 12.17 -10.31 11.26
N GLN A 260 12.67 -9.17 10.82
CA GLN A 260 13.53 -9.11 9.64
C GLN A 260 14.98 -9.48 10.00
N ILE A 261 15.49 -8.83 11.04
CA ILE A 261 16.86 -9.08 11.49
C ILE A 261 17.04 -10.55 11.87
N GLY A 262 16.26 -11.00 12.86
CA GLY A 262 16.35 -12.38 13.30
C GLY A 262 17.69 -12.69 13.93
N THR A 263 18.02 -11.98 15.01
CA THR A 263 19.28 -12.19 15.72
C THR A 263 19.39 -13.63 16.21
N ALA A 1 5.16 -17.45 12.08
CA ALA A 1 5.66 -17.03 13.42
C ALA A 1 6.96 -16.25 13.30
N SER A 2 7.97 -16.87 12.69
CA SER A 2 9.27 -16.22 12.51
C SER A 2 9.47 -15.80 11.06
N GLY A 3 10.48 -14.99 10.83
CA GLY A 3 10.77 -14.52 9.48
C GLY A 3 9.89 -13.36 9.07
N ARG A 4 10.51 -12.31 8.52
CA ARG A 4 9.78 -11.13 8.09
C ARG A 4 10.32 -10.61 6.76
N ARG A 5 9.64 -9.61 6.21
CA ARG A 5 10.06 -9.03 4.93
C ARG A 5 9.43 -7.65 4.74
N ALA A 6 10.07 -6.81 3.92
CA ALA A 6 9.57 -5.47 3.65
C ALA A 6 9.56 -4.62 4.91
N PRO A 7 10.00 -3.34 4.81
CA PRO A 7 10.04 -2.44 5.96
C PRO A 7 8.67 -1.87 6.31
N ARG A 8 8.49 -1.47 7.56
CA ARG A 8 7.22 -0.90 8.01
C ARG A 8 7.12 0.58 7.63
N THR A 9 6.19 0.88 6.74
CA THR A 9 6.00 2.26 6.29
C THR A 9 4.72 2.85 6.87
N GLY A 10 4.69 4.17 6.99
CA GLY A 10 3.52 4.84 7.53
C GLY A 10 3.59 6.35 7.36
N LEU A 11 2.44 7.00 7.48
CA LEU A 11 2.37 8.45 7.35
C LEU A 11 2.46 9.13 8.71
N LEU A 12 3.59 9.78 8.97
CA LEU A 12 3.80 10.47 10.24
C LEU A 12 3.94 11.98 10.02
N GLU A 13 3.75 12.74 11.09
CA GLU A 13 3.86 14.19 11.01
C GLU A 13 5.23 14.66 11.50
N LEU A 14 5.99 15.27 10.59
CA LEU A 14 7.31 15.76 10.92
C LEU A 14 7.31 17.29 11.07
N ARG A 15 8.26 17.79 11.85
CA ARG A 15 8.38 19.23 12.08
C ARG A 15 9.61 19.80 11.39
N CYS A 16 9.53 21.06 10.99
CA CYS A 16 10.64 21.72 10.31
C CYS A 16 11.05 22.98 11.06
N GLY A 17 12.36 23.15 11.25
CA GLY A 17 12.88 24.31 11.94
C GLY A 17 13.28 24.01 13.37
N ALA A 18 14.47 23.44 13.53
CA ALA A 18 14.97 23.08 14.85
C ALA A 18 15.53 24.31 15.57
N GLY A 19 14.64 25.16 16.06
CA GLY A 19 15.08 26.36 16.76
C GLY A 19 14.13 27.53 16.54
N SER A 20 13.47 27.97 17.61
CA SER A 20 12.54 29.08 17.53
C SER A 20 11.36 28.74 16.61
N GLY A 21 11.58 28.88 15.31
CA GLY A 21 10.53 28.58 14.36
C GLY A 21 10.73 29.31 13.04
N ALA A 22 9.63 29.51 12.31
CA ALA A 22 9.69 30.20 11.03
C ALA A 22 8.30 30.63 10.58
N GLY A 23 7.75 31.65 11.24
CA GLY A 23 6.43 32.15 10.89
C GLY A 23 5.32 31.33 11.51
N GLY A 24 5.64 30.61 12.59
CA GLY A 24 4.65 29.79 13.25
C GLY A 24 4.85 28.31 13.00
N GLU A 25 6.07 27.84 13.21
CA GLU A 25 6.41 26.43 13.01
C GLU A 25 6.06 25.99 11.59
N ARG A 26 6.13 24.68 11.35
CA ARG A 26 5.81 24.14 10.04
C ARG A 26 5.83 22.61 10.07
N TRP A 27 4.64 22.03 10.12
CA TRP A 27 4.50 20.57 10.16
C TRP A 27 4.16 20.03 8.78
N GLN A 28 4.29 18.71 8.63
CA GLN A 28 3.99 18.06 7.35
C GLN A 28 3.83 16.56 7.52
N ARG A 29 2.90 15.97 6.78
CA ARG A 29 2.65 14.54 6.85
C ARG A 29 3.68 13.77 6.03
N VAL A 30 4.85 13.55 6.61
CA VAL A 30 5.92 12.83 5.93
C VAL A 30 5.70 11.32 6.02
N LEU A 31 6.35 10.58 5.12
CA LEU A 31 6.22 9.14 5.08
C LEU A 31 7.51 8.47 5.59
N LEU A 32 7.35 7.59 6.57
CA LEU A 32 8.50 6.88 7.15
C LEU A 32 8.59 5.46 6.63
N SER A 33 9.79 4.89 6.68
CA SER A 33 10.02 3.53 6.21
C SER A 33 11.00 2.81 7.12
N LEU A 34 10.52 2.37 8.28
CA LEU A 34 11.36 1.66 9.24
C LEU A 34 11.73 0.28 8.73
N ALA A 35 13.03 0.07 8.51
CA ALA A 35 13.54 -1.21 8.03
C ALA A 35 14.11 -2.04 9.18
N GLU A 36 15.04 -2.94 8.86
CA GLU A 36 15.65 -3.79 9.87
C GLU A 36 16.61 -2.98 10.73
N ASP A 37 17.74 -2.61 10.16
CA ASP A 37 18.74 -1.83 10.87
C ASP A 37 18.95 -0.47 10.19
N ALA A 38 17.90 0.04 9.56
CA ALA A 38 17.97 1.33 8.89
C ALA A 38 16.57 1.89 8.62
N LEU A 39 16.35 3.13 9.04
CA LEU A 39 15.07 3.78 8.84
C LEU A 39 15.19 4.92 7.82
N THR A 40 14.40 4.85 6.76
CA THR A 40 14.43 5.87 5.72
C THR A 40 13.16 6.71 5.74
N VAL A 41 13.33 8.02 5.61
CA VAL A 41 12.19 8.95 5.62
C VAL A 41 12.05 9.64 4.27
N SER A 42 10.84 10.07 3.95
CA SER A 42 10.57 10.75 2.69
C SER A 42 9.17 11.35 2.69
N PRO A 43 8.99 12.52 2.04
CA PRO A 43 7.69 13.20 1.97
C PRO A 43 6.71 12.45 1.08
N ALA A 44 5.41 12.62 1.36
CA ALA A 44 4.37 11.96 0.59
C ALA A 44 3.96 12.81 -0.61
N ASP A 45 4.94 13.20 -1.42
CA ASP A 45 4.68 14.02 -2.59
C ASP A 45 5.73 13.78 -3.67
N GLY A 46 5.37 14.07 -4.93
CA GLY A 46 6.30 13.87 -6.02
C GLY A 46 6.08 12.56 -6.74
N GLU A 47 5.04 12.49 -7.57
CA GLU A 47 4.72 11.28 -8.30
C GLU A 47 5.65 11.14 -9.52
N PRO A 48 6.17 9.92 -9.76
CA PRO A 48 7.07 9.66 -10.89
C PRO A 48 6.32 9.56 -12.21
N GLY A 49 7.02 9.12 -13.25
CA GLY A 49 6.41 8.99 -14.56
C GLY A 49 6.83 7.71 -15.27
N PRO A 50 6.47 6.54 -14.72
CA PRO A 50 6.82 5.25 -15.33
C PRO A 50 6.06 4.97 -16.61
N GLU A 51 6.44 3.90 -17.31
CA GLU A 51 5.79 3.53 -18.55
C GLU A 51 5.80 2.02 -18.75
N PRO A 52 4.69 1.43 -19.22
CA PRO A 52 4.60 -0.01 -19.45
C PRO A 52 5.35 -0.46 -20.70
N GLU A 53 6.51 -1.07 -20.50
CA GLU A 53 7.32 -1.54 -21.62
C GLU A 53 8.17 -2.73 -21.20
N PRO A 54 8.13 -3.84 -21.97
CA PRO A 54 8.91 -5.04 -21.66
C PRO A 54 10.39 -4.86 -21.94
N ALA A 55 11.15 -5.93 -21.79
CA ALA A 55 12.59 -5.90 -22.03
C ALA A 55 13.21 -7.29 -21.88
N GLN A 56 13.82 -7.78 -22.95
CA GLN A 56 14.45 -9.08 -22.95
C GLN A 56 13.43 -10.18 -22.62
N LEU A 57 13.92 -11.40 -22.47
CA LEU A 57 13.05 -12.53 -22.15
C LEU A 57 13.08 -12.83 -20.65
N ASN A 58 13.25 -11.79 -19.85
CA ASN A 58 13.28 -11.94 -18.40
C ASN A 58 11.97 -11.48 -17.77
N GLY A 59 11.57 -12.14 -16.69
CA GLY A 59 10.33 -11.79 -16.02
C GLY A 59 10.52 -11.58 -14.53
N ALA A 60 9.58 -10.90 -13.90
CA ALA A 60 9.65 -10.63 -12.47
C ALA A 60 8.28 -10.83 -11.82
N ALA A 61 7.95 -12.07 -11.52
CA ALA A 61 6.68 -12.39 -10.88
C ALA A 61 6.86 -13.42 -9.78
N GLU A 62 5.84 -13.56 -8.93
CA GLU A 62 5.89 -14.53 -7.84
C GLU A 62 5.31 -15.88 -8.26
N PRO A 63 5.73 -16.97 -7.61
CA PRO A 63 5.25 -18.32 -7.93
C PRO A 63 3.78 -18.50 -7.57
N GLY A 64 3.14 -19.51 -8.15
CA GLY A 64 1.75 -19.78 -7.87
C GLY A 64 1.49 -21.23 -7.52
N ALA A 65 0.58 -21.46 -6.58
CA ALA A 65 0.24 -22.82 -6.15
C ALA A 65 -0.45 -23.59 -7.28
N ALA A 66 -0.28 -24.90 -7.27
CA ALA A 66 -0.88 -25.75 -8.29
C ALA A 66 -0.33 -25.42 -9.67
N PRO A 67 0.34 -26.39 -10.33
CA PRO A 67 0.92 -26.17 -11.66
C PRO A 67 -0.14 -25.77 -12.69
N PRO A 68 -0.15 -24.50 -13.12
CA PRO A 68 -1.13 -24.00 -14.10
C PRO A 68 -0.96 -24.66 -15.46
N GLN A 69 -1.49 -24.02 -16.49
CA GLN A 69 -1.42 -24.54 -17.85
C GLN A 69 -1.87 -23.49 -18.86
N LEU A 70 -1.47 -22.25 -18.65
CA LEU A 70 -1.82 -21.16 -19.54
C LEU A 70 -3.35 -20.99 -19.61
N PRO A 71 -3.94 -20.32 -18.59
CA PRO A 71 -5.39 -20.10 -18.54
C PRO A 71 -5.93 -19.50 -19.83
N GLU A 72 -7.24 -19.60 -20.02
CA GLU A 72 -7.89 -19.06 -21.21
C GLU A 72 -9.26 -18.51 -20.89
N ALA A 73 -10.20 -19.42 -20.62
CA ALA A 73 -11.58 -19.03 -20.32
C ALA A 73 -12.23 -18.39 -21.55
N LEU A 74 -11.52 -18.47 -22.69
CA LEU A 74 -12.00 -17.91 -23.97
C LEU A 74 -12.78 -16.62 -23.80
N LEU A 75 -12.48 -15.90 -22.73
CA LEU A 75 -13.14 -14.63 -22.43
C LEU A 75 -14.58 -14.58 -22.97
N LEU A 76 -15.34 -15.64 -22.70
CA LEU A 76 -16.72 -15.70 -23.18
C LEU A 76 -17.59 -14.68 -22.44
N GLN A 77 -17.90 -15.00 -21.19
CA GLN A 77 -18.72 -14.11 -20.37
C GLN A 77 -17.98 -13.71 -19.09
N ARG A 78 -17.72 -12.41 -18.96
CA ARG A 78 -17.02 -11.87 -17.79
C ARG A 78 -15.84 -12.76 -17.37
N ARG A 79 -15.34 -12.53 -16.16
CA ARG A 79 -14.20 -13.30 -15.64
C ARG A 79 -14.66 -14.22 -14.52
N ARG A 80 -14.04 -15.39 -14.43
CA ARG A 80 -14.37 -16.37 -13.40
C ARG A 80 -13.13 -16.79 -12.62
N VAL A 81 -12.68 -15.93 -11.72
CA VAL A 81 -11.49 -16.20 -10.91
C VAL A 81 -11.77 -17.31 -9.90
N THR A 82 -10.70 -17.91 -9.38
CA THR A 82 -10.82 -18.97 -8.40
C THR A 82 -10.04 -18.64 -7.14
N VAL A 83 -10.50 -19.16 -6.00
CA VAL A 83 -9.83 -18.92 -4.73
C VAL A 83 -9.61 -20.22 -3.96
N ARG A 84 -8.39 -20.74 -4.04
CA ARG A 84 -8.05 -21.98 -3.35
C ARG A 84 -7.73 -21.72 -1.89
N LYS A 85 -8.48 -22.36 -1.00
CA LYS A 85 -8.28 -22.19 0.44
C LYS A 85 -7.57 -23.40 1.04
N ALA A 86 -7.68 -24.54 0.37
CA ALA A 86 -7.04 -25.77 0.84
C ALA A 86 -5.56 -25.56 1.12
N ASP A 87 -4.82 -25.19 0.07
CA ASP A 87 -3.38 -24.95 0.21
C ASP A 87 -2.96 -23.73 -0.60
N ALA A 88 -2.63 -22.65 0.10
CA ALA A 88 -2.21 -21.41 -0.53
C ALA A 88 -1.89 -20.34 0.50
N GLY A 89 -2.90 -19.97 1.28
CA GLY A 89 -2.71 -18.96 2.30
C GLY A 89 -4.02 -18.43 2.86
N GLY A 90 -5.05 -18.44 2.02
CA GLY A 90 -6.36 -17.96 2.45
C GLY A 90 -6.83 -16.76 1.66
N LEU A 91 -7.01 -15.63 2.34
CA LEU A 91 -7.47 -14.41 1.70
C LEU A 91 -6.77 -13.19 2.29
N GLY A 92 -7.01 -12.03 1.70
CA GLY A 92 -6.40 -10.80 2.18
C GLY A 92 -6.67 -9.61 1.28
N ILE A 93 -7.93 -9.42 0.92
CA ILE A 93 -8.33 -8.31 0.06
C ILE A 93 -9.32 -7.39 0.75
N SER A 94 -9.39 -6.15 0.30
CA SER A 94 -10.30 -5.17 0.87
C SER A 94 -11.19 -4.58 -0.24
N ILE A 95 -12.44 -5.03 -0.27
CA ILE A 95 -13.38 -4.56 -1.28
C ILE A 95 -14.17 -3.35 -0.79
N LYS A 96 -14.91 -2.74 -1.70
CA LYS A 96 -15.72 -1.57 -1.37
C LYS A 96 -17.00 -1.53 -2.20
N GLY A 97 -18.14 -1.49 -1.53
CA GLY A 97 -19.42 -1.46 -2.23
C GLY A 97 -20.58 -1.21 -1.30
N GLY A 98 -21.77 -1.05 -1.86
CA GLY A 98 -22.95 -0.80 -1.06
C GLY A 98 -24.24 -0.88 -1.87
N ARG A 99 -24.88 -2.04 -1.83
CA ARG A 99 -26.12 -2.25 -2.58
C ARG A 99 -27.20 -1.27 -2.12
N GLU A 100 -27.10 -0.81 -0.87
CA GLU A 100 -28.06 0.14 -0.33
C GLU A 100 -28.19 1.36 -1.22
N ASN A 101 -27.12 1.67 -1.95
CA ASN A 101 -27.11 2.80 -2.86
C ASN A 101 -26.69 2.38 -4.26
N LYS A 102 -27.25 1.25 -4.72
CA LYS A 102 -26.96 0.71 -6.05
C LYS A 102 -25.48 0.85 -6.42
N MET A 103 -24.64 0.88 -5.40
CA MET A 103 -23.20 1.01 -5.60
C MET A 103 -22.56 -0.36 -5.82
N PRO A 104 -22.06 -0.61 -7.05
CA PRO A 104 -21.43 -1.90 -7.38
C PRO A 104 -20.13 -2.13 -6.63
N ILE A 105 -20.00 -3.31 -6.03
CA ILE A 105 -18.80 -3.65 -5.27
C ILE A 105 -17.64 -3.98 -6.20
N LEU A 106 -16.46 -3.48 -5.86
CA LEU A 106 -15.27 -3.71 -6.67
C LEU A 106 -14.04 -3.94 -5.79
N ILE A 107 -12.95 -4.35 -6.43
CA ILE A 107 -11.70 -4.60 -5.72
C ILE A 107 -11.08 -3.30 -5.25
N SER A 108 -11.06 -3.10 -3.94
CA SER A 108 -10.50 -1.89 -3.35
C SER A 108 -9.07 -2.11 -2.89
N LYS A 109 -8.71 -3.37 -2.61
CA LYS A 109 -7.35 -3.67 -2.16
C LYS A 109 -7.03 -5.16 -2.31
N ILE A 110 -5.85 -5.43 -2.88
CA ILE A 110 -5.39 -6.80 -3.08
C ILE A 110 -3.98 -6.97 -2.50
N PHE A 111 -3.91 -7.22 -1.20
CA PHE A 111 -2.63 -7.41 -0.52
C PHE A 111 -1.76 -8.42 -1.27
N LYS A 112 -0.50 -8.05 -1.49
CA LYS A 112 0.45 -8.92 -2.20
C LYS A 112 1.00 -9.99 -1.25
N GLY A 113 1.57 -11.04 -1.83
CA GLY A 113 2.12 -12.12 -1.03
C GLY A 113 1.05 -12.98 -0.38
N LEU A 114 -0.06 -13.15 -1.09
CA LEU A 114 -1.17 -13.97 -0.58
C LEU A 114 -1.98 -14.55 -1.73
N ALA A 115 -3.09 -15.21 -1.38
CA ALA A 115 -3.95 -15.81 -2.39
C ALA A 115 -4.44 -14.79 -3.40
N ALA A 116 -4.74 -13.59 -2.91
CA ALA A 116 -5.21 -12.51 -3.77
C ALA A 116 -4.13 -12.08 -4.77
N ASP A 117 -2.87 -12.26 -4.36
CA ASP A 117 -1.75 -11.89 -5.21
C ASP A 117 -1.56 -12.92 -6.33
N GLN A 118 -1.56 -14.19 -5.96
CA GLN A 118 -1.38 -15.27 -6.93
C GLN A 118 -2.48 -15.22 -7.99
N THR A 119 -3.68 -14.84 -7.58
CA THR A 119 -4.82 -14.75 -8.49
C THR A 119 -4.71 -13.50 -9.36
N GLU A 120 -3.78 -13.54 -10.32
CA GLU A 120 -3.60 -12.41 -11.24
C GLU A 120 -4.91 -12.06 -11.92
N ALA A 121 -5.83 -13.02 -11.96
CA ALA A 121 -7.14 -12.81 -12.58
C ALA A 121 -7.82 -11.57 -12.02
N LEU A 122 -7.57 -11.30 -10.74
CA LEU A 122 -8.17 -10.15 -10.07
C LEU A 122 -7.25 -8.93 -10.17
N PHE A 123 -7.80 -7.75 -9.87
CA PHE A 123 -7.04 -6.52 -9.93
C PHE A 123 -7.88 -5.34 -9.46
N VAL A 124 -7.25 -4.41 -8.75
CA VAL A 124 -7.94 -3.24 -8.23
C VAL A 124 -8.71 -2.51 -9.33
N GLY A 125 -10.03 -2.63 -9.30
CA GLY A 125 -10.86 -1.99 -10.32
C GLY A 125 -11.92 -2.92 -10.89
N ASP A 126 -11.87 -4.19 -10.51
CA ASP A 126 -12.84 -5.17 -11.00
C ASP A 126 -14.08 -5.18 -10.11
N ALA A 127 -15.25 -5.38 -10.73
CA ALA A 127 -16.50 -5.42 -9.99
C ALA A 127 -17.06 -6.83 -9.93
N ILE A 128 -17.23 -7.35 -8.72
CA ILE A 128 -17.76 -8.70 -8.52
C ILE A 128 -19.26 -8.72 -8.80
N LEU A 129 -19.78 -9.92 -9.07
CA LEU A 129 -21.20 -10.08 -9.35
C LEU A 129 -21.69 -11.48 -8.95
N SER A 130 -20.88 -12.49 -9.25
CA SER A 130 -21.23 -13.86 -8.92
C SER A 130 -20.08 -14.57 -8.22
N VAL A 131 -20.32 -15.01 -6.99
CA VAL A 131 -19.30 -15.70 -6.21
C VAL A 131 -19.66 -17.17 -6.00
N ASN A 132 -18.66 -18.04 -6.11
CA ASN A 132 -18.83 -19.49 -5.93
C ASN A 132 -20.22 -19.94 -6.38
N GLY A 133 -20.70 -19.38 -7.49
CA GLY A 133 -22.00 -19.74 -8.00
C GLY A 133 -23.12 -19.09 -7.19
N GLU A 134 -23.05 -17.77 -7.04
CA GLU A 134 -24.04 -17.03 -6.31
C GLU A 134 -23.89 -15.55 -6.60
N ASP A 135 -24.86 -15.05 -7.33
CA ASP A 135 -24.89 -13.65 -7.72
C ASP A 135 -25.13 -12.74 -6.52
N LEU A 136 -24.17 -11.85 -6.27
CA LEU A 136 -24.28 -10.92 -5.16
C LEU A 136 -24.89 -9.60 -5.62
N SER A 137 -25.61 -9.65 -6.74
CA SER A 137 -26.26 -8.46 -7.28
C SER A 137 -27.16 -7.81 -6.23
N SER A 138 -27.64 -8.63 -5.29
CA SER A 138 -28.49 -8.15 -4.21
C SER A 138 -27.91 -8.58 -2.87
N ALA A 139 -26.65 -8.27 -2.66
CA ALA A 139 -25.95 -8.63 -1.44
C ALA A 139 -24.94 -7.56 -1.07
N THR A 140 -25.37 -6.60 -0.27
CA THR A 140 -24.52 -5.49 0.17
C THR A 140 -23.15 -5.98 0.65
N HIS A 141 -22.31 -5.03 1.03
CA HIS A 141 -20.96 -5.32 1.51
C HIS A 141 -20.94 -6.51 2.47
N ASP A 142 -21.64 -6.37 3.58
CA ASP A 142 -21.69 -7.42 4.59
C ASP A 142 -21.95 -8.78 3.95
N GLU A 143 -22.66 -8.78 2.83
CA GLU A 143 -22.96 -10.03 2.14
C GLU A 143 -21.74 -10.55 1.40
N ALA A 144 -21.00 -9.65 0.76
CA ALA A 144 -19.80 -10.05 0.04
C ALA A 144 -18.76 -10.60 1.00
N VAL A 145 -18.75 -10.05 2.22
CA VAL A 145 -17.82 -10.49 3.24
C VAL A 145 -18.13 -11.91 3.69
N GLN A 146 -19.38 -12.12 4.10
CA GLN A 146 -19.82 -13.44 4.55
C GLN A 146 -19.72 -14.44 3.41
N ALA A 147 -19.81 -13.95 2.18
CA ALA A 147 -19.74 -14.81 1.01
C ALA A 147 -18.36 -15.42 0.85
N LEU A 148 -17.33 -14.59 0.93
CA LEU A 148 -15.95 -15.06 0.78
C LEU A 148 -15.52 -15.95 1.94
N LYS A 149 -15.98 -15.64 3.15
CA LYS A 149 -15.63 -16.45 4.32
C LYS A 149 -16.33 -17.79 4.28
N LYS A 150 -17.66 -17.74 4.25
CA LYS A 150 -18.50 -18.94 4.21
C LYS A 150 -17.85 -20.08 3.41
N THR A 151 -17.89 -19.96 2.09
CA THR A 151 -17.32 -20.98 1.22
C THR A 151 -15.91 -21.38 1.64
N GLY A 152 -15.34 -22.31 0.88
CA GLY A 152 -14.00 -22.78 1.16
C GLY A 152 -13.57 -23.90 0.24
N LYS A 153 -12.34 -24.39 0.42
CA LYS A 153 -11.80 -25.47 -0.40
C LYS A 153 -11.35 -24.95 -1.76
N GLU A 154 -12.27 -24.34 -2.48
CA GLU A 154 -11.99 -23.78 -3.79
C GLU A 154 -13.17 -22.93 -4.27
N VAL A 155 -12.99 -21.63 -4.19
CA VAL A 155 -14.02 -20.69 -4.61
C VAL A 155 -13.86 -20.28 -6.07
N VAL A 156 -14.92 -19.73 -6.64
CA VAL A 156 -14.90 -19.29 -8.02
C VAL A 156 -15.56 -17.93 -8.17
N LEU A 157 -14.78 -16.87 -7.93
CA LEU A 157 -15.29 -15.50 -8.02
C LEU A 157 -15.56 -15.12 -9.46
N GLU A 158 -16.65 -14.39 -9.69
CA GLU A 158 -17.02 -13.95 -11.02
C GLU A 158 -17.09 -12.43 -11.07
N VAL A 159 -16.10 -11.82 -11.72
CA VAL A 159 -16.03 -10.37 -11.83
C VAL A 159 -15.95 -9.92 -13.28
N LYS A 160 -16.10 -8.62 -13.49
CA LYS A 160 -16.04 -8.05 -14.84
C LYS A 160 -15.46 -6.63 -14.79
N TYR A 161 -14.74 -6.26 -15.85
CA TYR A 161 -14.13 -4.94 -15.93
C TYR A 161 -15.20 -3.85 -15.90
N MET A 162 -15.32 -3.16 -14.78
CA MET A 162 -16.30 -2.10 -14.62
C MET A 162 -15.62 -0.73 -14.72
N LYS A 163 -15.82 -0.06 -15.86
CA LYS A 163 -15.24 1.26 -16.07
C LYS A 163 -16.01 2.02 -17.14
N GLU A 164 -15.75 1.68 -18.40
CA GLU A 164 -16.41 2.32 -19.52
C GLU A 164 -17.59 1.48 -20.00
N VAL A 165 -18.56 1.28 -19.12
CA VAL A 165 -19.75 0.49 -19.45
C VAL A 165 -20.59 1.18 -20.52
N SER A 166 -20.55 2.50 -20.53
CA SER A 166 -21.32 3.28 -21.49
C SER A 166 -20.44 4.35 -22.14
N PRO A 167 -19.47 3.94 -22.97
CA PRO A 167 -18.56 4.88 -23.66
C PRO A 167 -19.32 5.83 -24.59
N TYR A 168 -18.57 6.71 -25.26
CA TYR A 168 -19.17 7.67 -26.17
C TYR A 168 -19.49 7.01 -27.52
N PHE A 169 -19.92 7.82 -28.48
CA PHE A 169 -20.25 7.33 -29.80
C PHE A 169 -19.60 8.18 -30.89
N LYS A 170 -18.77 7.55 -31.71
CA LYS A 170 -18.09 8.24 -32.79
C LYS A 170 -17.47 9.55 -32.31
N ASN A 171 -16.40 9.45 -31.52
CA ASN A 171 -15.72 10.62 -30.98
C ASN A 171 -14.25 10.62 -31.39
N SER A 172 -13.69 11.81 -31.56
CA SER A 172 -12.29 11.95 -31.95
C SER A 172 -11.37 11.72 -30.76
N ALA A 173 -11.52 12.56 -29.73
CA ALA A 173 -10.71 12.45 -28.52
C ALA A 173 -9.23 12.60 -28.86
N GLY A 174 -8.79 13.84 -29.07
CA GLY A 174 -7.40 14.10 -29.39
C GLY A 174 -6.51 14.08 -28.17
N GLY A 175 -6.72 15.04 -27.27
CA GLY A 175 -5.92 15.11 -26.07
C GLY A 175 -6.37 14.13 -25.00
N THR A 176 -6.59 14.63 -23.79
CA THR A 176 -7.04 13.79 -22.69
C THR A 176 -7.58 14.64 -21.54
N SER A 177 -6.86 15.72 -21.22
CA SER A 177 -7.27 16.62 -20.14
C SER A 177 -7.22 15.89 -18.79
N VAL A 178 -6.14 15.17 -18.55
CA VAL A 178 -5.97 14.43 -17.30
C VAL A 178 -4.75 14.94 -16.53
N GLY A 179 -5.01 15.50 -15.35
CA GLY A 179 -3.94 16.01 -14.52
C GLY A 179 -4.25 15.90 -13.04
N TRP A 180 -5.20 15.03 -12.70
CA TRP A 180 -5.59 14.84 -11.30
C TRP A 180 -5.54 13.36 -10.92
N ASP A 181 -4.60 12.64 -11.52
CA ASP A 181 -4.44 11.22 -11.25
C ASP A 181 -2.99 10.89 -10.88
N SER A 182 -2.83 10.02 -9.90
CA SER A 182 -1.50 9.60 -9.46
C SER A 182 -1.59 8.36 -8.58
N PRO A 183 -1.97 7.21 -9.17
CA PRO A 183 -2.09 5.94 -8.43
C PRO A 183 -0.74 5.41 -7.97
N PRO A 184 -0.48 5.43 -6.65
CA PRO A 184 0.79 4.93 -6.10
C PRO A 184 0.83 3.42 -6.00
N ALA A 185 1.59 2.80 -6.89
CA ALA A 185 1.72 1.34 -6.90
C ALA A 185 3.08 0.91 -7.44
N SER A 186 4.09 1.75 -7.19
CA SER A 186 5.45 1.46 -7.65
C SER A 186 6.41 2.55 -7.20
N PRO A 187 7.30 2.25 -6.23
CA PRO A 187 8.27 3.22 -5.72
C PRO A 187 9.32 3.58 -6.77
N LEU A 188 9.50 4.86 -7.01
CA LEU A 188 10.47 5.34 -7.98
C LEU A 188 11.90 5.21 -7.45
N GLN A 189 12.67 4.31 -8.03
CA GLN A 189 14.05 4.09 -7.60
C GLN A 189 14.88 3.46 -8.74
N ARG A 190 15.59 4.31 -9.47
CA ARG A 190 16.42 3.85 -10.58
C ARG A 190 17.82 4.44 -10.49
N GLN A 191 18.67 3.82 -9.69
CA GLN A 191 20.05 4.28 -9.51
C GLN A 191 20.87 3.27 -8.71
N PRO A 192 21.45 2.27 -9.39
CA PRO A 192 22.27 1.25 -8.73
C PRO A 192 23.60 1.79 -8.24
N SER A 193 24.09 2.84 -8.89
CA SER A 193 25.35 3.45 -8.50
C SER A 193 25.14 4.86 -7.96
N SER A 194 25.65 5.12 -6.76
CA SER A 194 25.52 6.42 -6.13
C SER A 194 24.05 6.80 -5.95
N PRO A 195 23.37 6.17 -4.98
CA PRO A 195 21.95 6.44 -4.71
C PRO A 195 21.75 7.75 -3.97
N GLY A 196 21.19 8.74 -4.66
CA GLY A 196 20.93 10.03 -4.05
C GLY A 196 22.21 10.82 -3.83
N PRO A 197 22.49 11.84 -4.67
CA PRO A 197 23.69 12.66 -4.54
C PRO A 197 23.79 13.33 -3.17
N GLN A 198 24.61 14.37 -3.08
CA GLN A 198 24.81 15.09 -1.84
C GLN A 198 24.30 16.54 -1.95
N PRO A 199 22.98 16.74 -1.92
CA PRO A 199 22.38 18.07 -2.02
C PRO A 199 22.61 18.90 -0.77
N ARG A 200 22.57 20.22 -0.92
CA ARG A 200 22.76 21.14 0.20
C ARG A 200 21.42 21.46 0.88
N ASN A 201 20.97 20.56 1.73
CA ASN A 201 19.71 20.75 2.45
C ASN A 201 19.43 19.57 3.38
N LEU A 202 18.32 19.64 4.11
CA LEU A 202 17.94 18.58 5.04
C LEU A 202 17.74 17.26 4.30
N SER A 203 17.51 17.34 2.99
CA SER A 203 17.30 16.15 2.17
C SER A 203 15.97 15.49 2.49
N GLU A 204 14.99 15.69 1.60
CA GLU A 204 13.66 15.12 1.79
C GLU A 204 13.74 13.63 2.09
N ALA A 205 14.75 12.98 1.53
CA ALA A 205 14.93 11.55 1.73
C ALA A 205 16.04 11.28 2.73
N LYS A 206 15.66 11.03 3.98
CA LYS A 206 16.63 10.75 5.04
C LYS A 206 16.80 9.26 5.26
N HIS A 207 17.84 8.89 6.00
CA HIS A 207 18.12 7.48 6.28
C HIS A 207 19.03 7.34 7.50
N VAL A 208 18.41 7.16 8.66
CA VAL A 208 19.17 7.01 9.90
C VAL A 208 19.45 5.54 10.20
N SER A 209 20.66 5.25 10.66
CA SER A 209 21.05 3.87 10.99
C SER A 209 20.50 3.48 12.36
N LEU A 210 20.16 2.20 12.50
CA LEU A 210 19.63 1.68 13.75
C LEU A 210 20.70 0.95 14.53
N LYS A 211 21.90 1.53 14.60
CA LYS A 211 23.01 0.92 15.32
C LYS A 211 23.10 1.46 16.74
N MET A 212 22.71 2.72 16.91
CA MET A 212 22.76 3.36 18.23
C MET A 212 21.72 4.48 18.32
N ALA A 213 20.59 4.29 17.64
CA ALA A 213 19.52 5.28 17.65
C ALA A 213 18.65 5.14 18.89
N TYR A 214 18.49 6.22 19.63
CA TYR A 214 17.68 6.22 20.84
C TYR A 214 16.30 6.83 20.58
N VAL A 215 15.27 6.22 21.15
CA VAL A 215 13.91 6.70 20.98
C VAL A 215 13.42 7.42 22.24
N SER A 216 12.67 8.50 22.03
CA SER A 216 12.14 9.28 23.14
C SER A 216 10.74 9.80 22.84
N ARG A 217 9.91 9.90 23.87
CA ARG A 217 8.55 10.38 23.70
C ARG A 217 8.36 11.73 24.39
N ARG A 218 7.71 12.65 23.70
CA ARG A 218 7.46 13.99 24.25
C ARG A 218 5.98 14.35 24.14
N CYS A 219 5.53 15.23 25.04
CA CYS A 219 4.14 15.67 25.04
C CYS A 219 3.96 16.93 24.21
N THR A 220 2.73 17.44 24.17
CA THR A 220 2.43 18.65 23.40
C THR A 220 0.95 19.01 23.54
N PRO A 221 0.63 20.31 23.54
CA PRO A 221 -0.77 20.77 23.65
C PRO A 221 -1.60 20.37 22.43
N THR A 222 -1.85 19.07 22.32
CA THR A 222 -2.63 18.54 21.22
C THR A 222 -3.26 17.20 21.61
N ASP A 223 -4.20 17.26 22.54
CA ASP A 223 -4.90 16.08 23.06
C ASP A 223 -5.03 14.97 22.00
N PRO A 224 -5.64 15.26 20.85
CA PRO A 224 -5.82 14.27 19.77
C PRO A 224 -4.56 13.45 19.52
N GLU A 225 -3.41 14.06 19.78
CA GLU A 225 -2.12 13.38 19.59
C GLU A 225 -1.07 13.98 20.52
N PRO A 226 -0.96 13.43 21.75
CA PRO A 226 0.01 13.90 22.74
C PRO A 226 1.35 13.19 22.66
N ARG A 227 1.33 11.86 22.82
CA ARG A 227 2.54 11.07 22.77
C ARG A 227 3.25 11.23 21.42
N TYR A 228 4.25 12.10 21.39
CA TYR A 228 5.00 12.34 20.16
C TYR A 228 6.25 11.46 20.11
N LEU A 229 6.65 11.09 18.90
CA LEU A 229 7.82 10.24 18.72
C LEU A 229 9.03 11.06 18.26
N GLU A 230 10.16 10.85 18.92
CA GLU A 230 11.39 11.56 18.59
C GLU A 230 12.57 10.60 18.56
N ILE A 231 13.28 10.57 17.44
CA ILE A 231 14.43 9.68 17.28
C ILE A 231 15.72 10.48 17.25
N CYS A 232 16.78 9.91 17.83
CA CYS A 232 18.08 10.56 17.87
C CYS A 232 19.20 9.54 17.67
N ALA A 233 19.90 9.65 16.56
CA ALA A 233 21.00 8.73 16.26
C ALA A 233 22.24 9.07 17.08
N ALA A 234 22.52 8.25 18.08
CA ALA A 234 23.66 8.45 18.95
C ALA A 234 23.64 9.84 19.59
N ASP A 235 22.46 10.44 19.63
CA ASP A 235 22.26 11.76 20.22
C ASP A 235 23.42 12.70 19.90
N GLY A 236 24.01 12.53 18.72
CA GLY A 236 25.12 13.38 18.33
C GLY A 236 25.46 13.29 16.85
N GLN A 237 24.46 12.97 16.02
CA GLN A 237 24.67 12.87 14.59
C GLN A 237 23.38 13.06 13.81
N ASP A 238 22.27 12.57 14.37
CA ASP A 238 20.97 12.69 13.71
C ASP A 238 19.85 12.82 14.74
N ALA A 239 18.68 13.27 14.28
CA ALA A 239 17.53 13.45 15.15
C ALA A 239 16.28 13.71 14.33
N VAL A 240 15.46 12.67 14.14
CA VAL A 240 14.24 12.81 13.36
C VAL A 240 13.01 12.62 14.26
N PHE A 241 12.10 13.60 14.20
CA PHE A 241 10.89 13.55 14.99
C PHE A 241 9.66 13.28 14.10
N LEU A 242 8.78 12.40 14.56
CA LEU A 242 7.58 12.06 13.81
C LEU A 242 6.41 11.80 14.75
N ARG A 243 5.21 11.68 14.18
CA ARG A 243 4.01 11.43 14.96
C ARG A 243 3.17 10.33 14.31
N ALA A 244 2.71 9.38 15.12
CA ALA A 244 1.90 8.28 14.63
C ALA A 244 0.61 8.80 13.98
N LYS A 245 -0.29 7.89 13.65
CA LYS A 245 -1.56 8.25 13.02
C LYS A 245 -2.62 8.56 14.07
N ASP A 246 -2.57 7.84 15.20
CA ASP A 246 -3.52 8.06 16.28
C ASP A 246 -2.84 7.91 17.63
N GLU A 247 -2.62 6.68 18.05
CA GLU A 247 -1.98 6.40 19.33
C GLU A 247 -1.25 5.06 19.29
N ALA A 248 -1.98 4.01 18.98
CA ALA A 248 -1.41 2.67 18.89
C ALA A 248 -0.32 2.64 17.83
N SER A 249 -0.49 3.44 16.79
CA SER A 249 0.50 3.50 15.72
C SER A 249 1.84 3.96 16.28
N ALA A 250 1.78 4.81 17.30
CA ALA A 250 2.98 5.30 17.95
C ALA A 250 3.54 4.25 18.89
N ARG A 251 2.65 3.48 19.52
CA ARG A 251 3.07 2.42 20.42
C ARG A 251 3.86 1.39 19.63
N SER A 252 3.41 1.14 18.41
CA SER A 252 4.07 0.18 17.53
C SER A 252 5.32 0.80 16.91
N TRP A 253 5.30 2.12 16.72
CA TRP A 253 6.44 2.82 16.15
C TRP A 253 7.59 2.82 17.13
N ALA A 254 7.36 3.41 18.30
CA ALA A 254 8.36 3.46 19.35
C ALA A 254 8.77 2.04 19.75
N GLY A 255 7.80 1.13 19.71
CA GLY A 255 8.07 -0.25 20.05
C GLY A 255 8.82 -0.97 18.96
N ALA A 256 8.63 -0.52 17.72
CA ALA A 256 9.30 -1.12 16.57
C ALA A 256 10.75 -0.68 16.50
N ILE A 257 11.01 0.57 16.85
CA ILE A 257 12.36 1.11 16.84
C ILE A 257 13.20 0.50 17.94
N GLN A 258 12.59 0.27 19.10
CA GLN A 258 13.29 -0.32 20.24
C GLN A 258 13.55 -1.80 20.00
N ALA A 259 12.59 -2.48 19.40
CA ALA A 259 12.72 -3.91 19.11
C ALA A 259 13.81 -4.15 18.07
N GLN A 260 13.92 -3.24 17.12
CA GLN A 260 14.92 -3.35 16.07
C GLN A 260 16.31 -2.96 16.57
N ILE A 261 16.37 -1.83 17.27
CA ILE A 261 17.64 -1.34 17.82
C ILE A 261 17.98 -2.05 19.12
N GLY A 262 17.18 -1.82 20.15
CA GLY A 262 17.42 -2.44 21.44
C GLY A 262 18.74 -2.01 22.04
N THR A 263 19.14 -0.77 21.81
CA THR A 263 20.38 -0.24 22.34
C THR A 263 20.19 0.29 23.75
N ALA A 1 -3.91 32.83 21.22
CA ALA A 1 -3.89 34.30 21.00
C ALA A 1 -3.91 34.65 19.52
N SER A 2 -5.10 34.77 18.96
CA SER A 2 -5.26 35.09 17.54
C SER A 2 -4.62 34.02 16.67
N GLY A 3 -5.35 32.93 16.48
CA GLY A 3 -4.84 31.84 15.66
C GLY A 3 -5.94 31.00 15.05
N ARG A 4 -5.58 29.86 14.47
CA ARG A 4 -6.55 28.97 13.85
C ARG A 4 -5.99 27.56 13.71
N ARG A 5 -6.73 26.70 13.03
CA ARG A 5 -6.31 25.32 12.82
C ARG A 5 -5.25 25.23 11.73
N ALA A 6 -5.01 24.02 11.24
CA ALA A 6 -4.02 23.79 10.19
C ALA A 6 -2.61 24.06 10.70
N PRO A 7 -1.66 23.13 10.46
CA PRO A 7 -0.27 23.28 10.90
C PRO A 7 0.54 24.20 9.99
N ARG A 8 1.48 24.92 10.58
CA ARG A 8 2.33 25.84 9.83
C ARG A 8 3.69 25.22 9.55
N THR A 9 4.01 25.04 8.28
CA THR A 9 5.28 24.45 7.89
C THR A 9 6.19 25.49 7.24
N GLY A 10 7.50 25.26 7.33
CA GLY A 10 8.46 26.18 6.76
C GLY A 10 9.83 25.55 6.58
N LEU A 11 10.65 26.15 5.73
CA LEU A 11 12.00 25.64 5.47
C LEU A 11 13.02 26.35 6.36
N LEU A 12 13.90 25.57 6.98
CA LEU A 12 14.93 26.13 7.85
C LEU A 12 16.27 25.45 7.60
N GLU A 13 17.33 25.99 8.19
CA GLU A 13 18.67 25.44 8.03
C GLU A 13 19.09 24.66 9.27
N LEU A 14 19.39 23.38 9.08
CA LEU A 14 19.81 22.52 10.18
C LEU A 14 21.31 22.21 10.09
N ARG A 15 21.87 21.74 11.20
CA ARG A 15 23.29 21.39 11.24
C ARG A 15 23.48 19.89 11.34
N CYS A 16 24.61 19.40 10.85
CA CYS A 16 24.91 17.98 10.90
C CYS A 16 26.41 17.74 11.04
N GLY A 17 26.77 16.61 11.63
CA GLY A 17 28.17 16.27 11.81
C GLY A 17 28.51 15.98 13.27
N ALA A 18 27.95 14.90 13.79
CA ALA A 18 28.19 14.50 15.17
C ALA A 18 28.10 12.99 15.34
N GLY A 19 29.01 12.42 16.11
CA GLY A 19 29.02 10.98 16.33
C GLY A 19 30.35 10.35 16.00
N SER A 20 30.99 10.83 14.94
CA SER A 20 32.28 10.31 14.52
C SER A 20 32.98 11.27 13.57
N GLY A 21 32.73 12.56 13.75
CA GLY A 21 33.34 13.56 12.91
C GLY A 21 34.14 14.58 13.69
N ALA A 22 33.48 15.24 14.64
CA ALA A 22 34.14 16.24 15.47
C ALA A 22 34.69 17.39 14.62
N GLY A 23 33.93 18.47 14.55
CA GLY A 23 34.36 19.63 13.76
C GLY A 23 34.31 19.36 12.28
N GLY A 24 33.29 18.62 11.84
CA GLY A 24 33.15 18.31 10.43
C GLY A 24 32.32 19.34 9.69
N GLU A 25 31.33 19.90 10.38
CA GLU A 25 30.45 20.90 9.78
C GLU A 25 29.65 20.31 8.63
N ARG A 26 28.37 20.64 8.57
CA ARG A 26 27.49 20.14 7.51
C ARG A 26 26.08 20.71 7.67
N TRP A 27 25.76 21.70 6.84
CA TRP A 27 24.45 22.32 6.89
C TRP A 27 23.57 21.84 5.75
N GLN A 28 22.26 21.85 5.97
CA GLN A 28 21.30 21.40 4.96
C GLN A 28 19.90 21.93 5.25
N ARG A 29 19.24 22.44 4.22
CA ARG A 29 17.90 22.98 4.37
C ARG A 29 16.90 21.87 4.63
N VAL A 30 16.08 22.04 5.68
CA VAL A 30 15.07 21.05 6.03
C VAL A 30 13.70 21.68 6.19
N LEU A 31 12.67 20.85 6.30
CA LEU A 31 11.31 21.34 6.47
C LEU A 31 10.83 21.14 7.91
N LEU A 32 10.06 22.11 8.40
CA LEU A 32 9.54 22.05 9.77
C LEU A 32 8.01 22.05 9.74
N SER A 33 7.41 21.51 10.80
CA SER A 33 5.96 21.45 10.90
C SER A 33 5.49 21.74 12.32
N LEU A 34 4.51 22.62 12.45
CA LEU A 34 3.96 22.99 13.76
C LEU A 34 2.44 23.03 13.70
N ALA A 35 1.81 22.05 14.36
CA ALA A 35 0.35 21.99 14.39
C ALA A 35 -0.23 22.80 15.55
N GLU A 36 -0.23 22.21 16.74
CA GLU A 36 -0.74 22.88 17.92
C GLU A 36 0.09 22.51 19.15
N ASP A 37 -0.07 21.29 19.62
CA ASP A 37 0.67 20.81 20.78
C ASP A 37 1.73 19.81 20.36
N ALA A 38 2.23 19.97 19.14
CA ALA A 38 3.25 19.08 18.61
C ALA A 38 3.91 19.67 17.37
N LEU A 39 5.23 19.54 17.29
CA LEU A 39 5.98 20.06 16.15
C LEU A 39 6.83 18.97 15.51
N THR A 40 6.62 18.76 14.21
CA THR A 40 7.36 17.73 13.49
C THR A 40 8.42 18.37 12.59
N VAL A 41 9.39 17.56 12.16
CA VAL A 41 10.46 18.05 11.29
C VAL A 41 10.96 16.94 10.38
N SER A 42 11.48 17.32 9.22
CA SER A 42 12.00 16.35 8.26
C SER A 42 12.88 17.04 7.21
N PRO A 43 13.93 16.36 6.72
CA PRO A 43 14.83 16.91 5.72
C PRO A 43 14.18 17.03 4.35
N ALA A 44 14.54 18.07 3.61
CA ALA A 44 13.99 18.28 2.27
C ALA A 44 14.82 17.57 1.22
N ASP A 45 15.01 16.27 1.41
CA ASP A 45 15.78 15.46 0.46
C ASP A 45 15.38 13.99 0.54
N GLY A 46 16.00 13.17 -0.29
CA GLY A 46 15.70 11.75 -0.29
C GLY A 46 15.65 11.18 -1.69
N GLU A 47 14.47 11.21 -2.30
CA GLU A 47 14.29 10.69 -3.66
C GLU A 47 13.22 11.48 -4.41
N PRO A 48 13.64 12.53 -5.14
CA PRO A 48 12.70 13.37 -5.91
C PRO A 48 12.08 12.61 -7.08
N GLY A 49 10.76 12.57 -7.12
CA GLY A 49 10.07 11.88 -8.19
C GLY A 49 9.91 10.39 -7.92
N PRO A 50 9.08 10.01 -6.94
CA PRO A 50 8.85 8.60 -6.59
C PRO A 50 8.45 7.77 -7.80
N GLU A 51 8.53 6.45 -7.66
CA GLU A 51 8.16 5.54 -8.75
C GLU A 51 7.35 4.36 -8.22
N PRO A 52 6.34 3.91 -8.99
CA PRO A 52 5.49 2.78 -8.59
C PRO A 52 6.30 1.53 -8.26
N GLU A 53 5.60 0.42 -8.08
CA GLU A 53 6.26 -0.84 -7.76
C GLU A 53 5.58 -2.01 -8.49
N PRO A 54 6.34 -2.77 -9.30
CA PRO A 54 5.80 -3.92 -10.04
C PRO A 54 5.06 -4.90 -9.14
N ALA A 55 4.64 -6.02 -9.71
CA ALA A 55 3.93 -7.05 -8.95
C ALA A 55 3.69 -8.29 -9.81
N GLN A 56 3.07 -9.29 -9.22
CA GLN A 56 2.78 -10.54 -9.92
C GLN A 56 1.45 -10.44 -10.68
N LEU A 57 1.33 -11.21 -11.76
CA LEU A 57 0.12 -11.21 -12.57
C LEU A 57 -0.71 -12.45 -12.30
N ASN A 58 -1.91 -12.50 -12.87
CA ASN A 58 -2.80 -13.63 -12.70
C ASN A 58 -3.18 -13.81 -11.23
N GLY A 59 -4.37 -13.35 -10.87
CA GLY A 59 -4.82 -13.46 -9.49
C GLY A 59 -4.93 -14.90 -9.03
N ALA A 60 -5.18 -15.80 -9.98
CA ALA A 60 -5.31 -17.22 -9.67
C ALA A 60 -3.94 -17.88 -9.54
N ALA A 61 -3.79 -18.72 -8.53
CA ALA A 61 -2.53 -19.43 -8.28
C ALA A 61 -2.77 -20.86 -7.84
N GLU A 62 -1.70 -21.61 -7.66
CA GLU A 62 -1.79 -23.00 -7.24
C GLU A 62 -2.49 -23.11 -5.88
N PRO A 63 -1.92 -22.49 -4.84
CA PRO A 63 -2.49 -22.53 -3.49
C PRO A 63 -3.74 -21.66 -3.37
N GLY A 64 -4.46 -21.81 -2.27
CA GLY A 64 -5.66 -21.03 -2.05
C GLY A 64 -6.84 -21.87 -1.61
N ALA A 65 -7.73 -22.16 -2.56
CA ALA A 65 -8.91 -22.97 -2.26
C ALA A 65 -9.43 -23.66 -3.52
N ALA A 66 -9.76 -24.94 -3.40
CA ALA A 66 -10.27 -25.72 -4.51
C ALA A 66 -9.21 -25.88 -5.60
N PRO A 67 -8.83 -27.13 -5.91
CA PRO A 67 -7.80 -27.41 -6.94
C PRO A 67 -8.28 -27.01 -8.34
N PRO A 68 -7.65 -25.98 -8.94
CA PRO A 68 -8.03 -25.52 -10.29
C PRO A 68 -7.66 -26.53 -11.36
N GLN A 69 -8.47 -27.57 -11.50
CA GLN A 69 -8.23 -28.61 -12.51
C GLN A 69 -9.35 -29.64 -12.49
N LEU A 70 -10.58 -29.19 -12.30
CA LEU A 70 -11.73 -30.07 -12.27
C LEU A 70 -11.86 -30.85 -13.57
N PRO A 71 -11.81 -30.15 -14.71
CA PRO A 71 -11.92 -30.79 -16.04
C PRO A 71 -10.80 -31.81 -16.28
N GLU A 72 -11.13 -32.89 -16.98
CA GLU A 72 -10.15 -33.93 -17.27
C GLU A 72 -10.78 -35.05 -18.10
N ALA A 73 -11.82 -35.66 -17.57
CA ALA A 73 -12.51 -36.74 -18.27
C ALA A 73 -13.24 -36.22 -19.49
N LEU A 74 -12.49 -35.82 -20.51
CA LEU A 74 -13.06 -35.30 -21.74
C LEU A 74 -13.98 -34.11 -21.47
N LEU A 75 -13.76 -33.48 -20.33
CA LEU A 75 -14.54 -32.32 -19.92
C LEU A 75 -16.03 -32.56 -20.10
N LEU A 76 -16.68 -33.00 -19.03
CA LEU A 76 -18.12 -33.26 -19.07
C LEU A 76 -18.91 -31.97 -18.90
N GLN A 77 -19.03 -31.53 -17.65
CA GLN A 77 -19.75 -30.31 -17.34
C GLN A 77 -18.88 -29.07 -17.52
N ARG A 78 -19.38 -27.92 -17.11
CA ARG A 78 -18.65 -26.66 -17.22
C ARG A 78 -18.02 -26.30 -15.87
N ARG A 79 -17.69 -25.01 -15.69
CA ARG A 79 -17.09 -24.56 -14.45
C ARG A 79 -18.10 -24.62 -13.31
N ARG A 80 -17.77 -25.37 -12.26
CA ARG A 80 -18.65 -25.52 -11.11
C ARG A 80 -17.97 -25.03 -9.84
N VAL A 81 -17.85 -23.71 -9.72
CA VAL A 81 -17.22 -23.11 -8.55
C VAL A 81 -18.09 -23.27 -7.31
N THR A 82 -17.45 -23.25 -6.14
CA THR A 82 -18.17 -23.40 -4.88
C THR A 82 -17.77 -22.31 -3.90
N VAL A 83 -18.69 -21.98 -2.99
CA VAL A 83 -18.44 -20.95 -1.99
C VAL A 83 -18.94 -21.40 -0.62
N ARG A 84 -18.02 -21.88 0.22
CA ARG A 84 -18.37 -22.33 1.56
C ARG A 84 -17.96 -21.29 2.61
N LYS A 85 -18.92 -20.91 3.44
CA LYS A 85 -18.66 -19.92 4.49
C LYS A 85 -17.63 -20.45 5.49
N ALA A 86 -17.61 -21.76 5.68
CA ALA A 86 -16.68 -22.38 6.60
C ALA A 86 -15.24 -22.00 6.27
N ASP A 87 -14.90 -22.03 4.99
CA ASP A 87 -13.56 -21.67 4.54
C ASP A 87 -13.55 -21.41 3.04
N ALA A 88 -13.47 -20.12 2.69
CA ALA A 88 -13.45 -19.71 1.28
C ALA A 88 -13.64 -18.20 1.16
N GLY A 89 -14.60 -17.68 1.91
CA GLY A 89 -14.88 -16.25 1.87
C GLY A 89 -16.29 -15.95 1.42
N GLY A 90 -16.59 -14.67 1.22
CA GLY A 90 -17.91 -14.27 0.78
C GLY A 90 -17.93 -13.83 -0.67
N LEU A 91 -19.04 -13.22 -1.09
CA LEU A 91 -19.18 -12.74 -2.45
C LEU A 91 -19.14 -11.22 -2.50
N GLY A 92 -18.40 -10.68 -3.46
CA GLY A 92 -18.30 -9.23 -3.60
C GLY A 92 -17.94 -8.79 -5.00
N ILE A 93 -18.24 -9.64 -5.99
CA ILE A 93 -17.94 -9.32 -7.38
C ILE A 93 -19.03 -8.45 -7.98
N SER A 94 -18.74 -7.89 -9.15
CA SER A 94 -19.70 -7.03 -9.85
C SER A 94 -20.03 -7.62 -11.21
N ILE A 95 -21.19 -8.26 -11.30
CA ILE A 95 -21.62 -8.88 -12.55
C ILE A 95 -22.46 -7.93 -13.39
N LYS A 96 -22.74 -8.34 -14.62
CA LYS A 96 -23.53 -7.55 -15.55
C LYS A 96 -24.31 -8.47 -16.48
N GLY A 97 -25.58 -8.14 -16.71
CA GLY A 97 -26.41 -8.95 -17.58
C GLY A 97 -27.80 -8.39 -17.77
N GLY A 98 -28.57 -9.00 -18.65
CA GLY A 98 -29.93 -8.55 -18.92
C GLY A 98 -30.70 -9.53 -19.78
N ARG A 99 -31.29 -10.53 -19.15
CA ARG A 99 -32.06 -11.54 -19.87
C ARG A 99 -33.41 -10.98 -20.35
N GLU A 100 -33.72 -9.74 -19.96
CA GLU A 100 -34.97 -9.11 -20.38
C GLU A 100 -35.20 -9.32 -21.87
N ASN A 101 -34.09 -9.40 -22.61
CA ASN A 101 -34.13 -9.62 -24.05
C ASN A 101 -33.38 -10.89 -24.41
N LYS A 102 -32.07 -10.87 -24.16
CA LYS A 102 -31.22 -12.02 -24.45
C LYS A 102 -29.79 -11.77 -24.01
N MET A 103 -29.62 -10.98 -22.95
CA MET A 103 -28.30 -10.67 -22.42
C MET A 103 -27.96 -11.56 -21.23
N PRO A 104 -27.08 -12.55 -21.42
CA PRO A 104 -26.67 -13.48 -20.36
C PRO A 104 -25.84 -12.79 -19.28
N ILE A 105 -25.85 -13.36 -18.08
CA ILE A 105 -25.10 -12.82 -16.96
C ILE A 105 -23.65 -13.31 -16.98
N LEU A 106 -22.71 -12.40 -16.74
CA LEU A 106 -21.30 -12.75 -16.74
C LEU A 106 -20.53 -11.92 -15.72
N ILE A 107 -19.30 -12.34 -15.43
CA ILE A 107 -18.44 -11.64 -14.48
C ILE A 107 -17.99 -10.30 -15.05
N SER A 108 -18.37 -9.23 -14.37
CA SER A 108 -18.02 -7.90 -14.80
C SER A 108 -16.92 -7.30 -13.92
N LYS A 109 -16.76 -7.83 -12.70
CA LYS A 109 -15.73 -7.32 -11.81
C LYS A 109 -15.39 -8.29 -10.68
N ILE A 110 -14.09 -8.58 -10.55
CA ILE A 110 -13.59 -9.46 -9.51
C ILE A 110 -12.40 -8.81 -8.80
N PHE A 111 -12.68 -8.07 -7.74
CA PHE A 111 -11.62 -7.40 -6.99
C PHE A 111 -11.76 -7.65 -5.49
N LYS A 112 -10.97 -6.92 -4.70
CA LYS A 112 -10.99 -7.06 -3.24
C LYS A 112 -10.26 -8.32 -2.79
N GLY A 113 -10.76 -9.47 -3.22
CA GLY A 113 -10.14 -10.74 -2.85
C GLY A 113 -11.12 -11.71 -2.23
N LEU A 114 -12.41 -11.35 -2.24
CA LEU A 114 -13.45 -12.20 -1.67
C LEU A 114 -13.39 -13.61 -2.24
N ALA A 115 -14.37 -14.44 -1.88
CA ALA A 115 -14.44 -15.83 -2.34
C ALA A 115 -14.13 -15.94 -3.83
N ALA A 116 -14.52 -14.93 -4.60
CA ALA A 116 -14.28 -14.91 -6.04
C ALA A 116 -12.79 -15.03 -6.34
N ASP A 117 -11.97 -14.53 -5.43
CA ASP A 117 -10.51 -14.58 -5.59
C ASP A 117 -9.95 -15.86 -4.99
N GLN A 118 -10.35 -16.15 -3.76
CA GLN A 118 -9.88 -17.36 -3.07
C GLN A 118 -10.22 -18.61 -3.87
N THR A 119 -11.41 -18.61 -4.48
CA THR A 119 -11.86 -19.73 -5.28
C THR A 119 -10.88 -20.04 -6.40
N GLU A 120 -10.18 -19.01 -6.89
CA GLU A 120 -9.23 -19.17 -7.98
C GLU A 120 -9.80 -20.09 -9.05
N ALA A 121 -11.13 -20.03 -9.19
CA ALA A 121 -11.84 -20.86 -10.14
C ALA A 121 -12.64 -20.00 -11.11
N LEU A 122 -13.18 -18.89 -10.61
CA LEU A 122 -13.97 -17.98 -11.42
C LEU A 122 -13.17 -16.72 -11.74
N PHE A 123 -13.25 -16.26 -12.99
CA PHE A 123 -12.52 -15.07 -13.40
C PHE A 123 -13.35 -14.25 -14.39
N VAL A 124 -12.97 -12.98 -14.56
CA VAL A 124 -13.68 -12.08 -15.47
C VAL A 124 -13.77 -12.66 -16.86
N GLY A 125 -14.99 -12.77 -17.38
CA GLY A 125 -15.19 -13.31 -18.71
C GLY A 125 -15.90 -14.65 -18.69
N ASP A 126 -16.68 -14.89 -17.64
CA ASP A 126 -17.42 -16.14 -17.51
C ASP A 126 -18.91 -15.88 -17.30
N ALA A 127 -19.75 -16.65 -17.99
CA ALA A 127 -21.19 -16.50 -17.87
C ALA A 127 -21.82 -17.61 -17.03
N ILE A 128 -22.55 -17.22 -16.00
CA ILE A 128 -23.21 -18.17 -15.12
C ILE A 128 -24.42 -18.79 -15.81
N LEU A 129 -24.85 -19.94 -15.31
CA LEU A 129 -26.00 -20.63 -15.89
C LEU A 129 -26.76 -21.44 -14.84
N SER A 130 -26.03 -22.06 -13.92
CA SER A 130 -26.65 -22.87 -12.88
C SER A 130 -25.98 -22.64 -11.53
N VAL A 131 -26.72 -22.06 -10.58
CA VAL A 131 -26.20 -21.79 -9.25
C VAL A 131 -26.86 -22.69 -8.21
N ASN A 132 -26.10 -23.04 -7.17
CA ASN A 132 -26.59 -23.89 -6.08
C ASN A 132 -27.65 -24.88 -6.57
N GLY A 133 -27.40 -25.46 -7.74
CA GLY A 133 -28.34 -26.40 -8.31
C GLY A 133 -29.61 -25.73 -8.77
N GLU A 134 -29.48 -24.76 -9.65
CA GLU A 134 -30.61 -24.03 -10.19
C GLU A 134 -30.19 -23.22 -11.39
N ASP A 135 -30.67 -23.65 -12.52
CA ASP A 135 -30.37 -23.01 -13.79
C ASP A 135 -31.03 -21.64 -13.88
N LEU A 136 -30.21 -20.60 -14.02
CA LEU A 136 -30.71 -19.24 -14.13
C LEU A 136 -30.94 -18.87 -15.58
N SER A 137 -31.13 -19.88 -16.43
CA SER A 137 -31.38 -19.66 -17.85
C SER A 137 -32.45 -18.60 -18.05
N SER A 138 -33.36 -18.51 -17.08
CA SER A 138 -34.44 -17.53 -17.12
C SER A 138 -34.43 -16.71 -15.84
N ALA A 139 -33.27 -16.16 -15.51
CA ALA A 139 -33.10 -15.37 -14.31
C ALA A 139 -32.25 -14.12 -14.60
N THR A 140 -32.93 -13.07 -15.03
CA THR A 140 -32.28 -11.80 -15.36
C THR A 140 -31.27 -11.37 -14.30
N HIS A 141 -30.61 -10.25 -14.55
CA HIS A 141 -29.61 -9.70 -13.64
C HIS A 141 -30.07 -9.77 -12.19
N ASP A 142 -31.17 -9.09 -11.90
CA ASP A 142 -31.71 -9.04 -10.54
C ASP A 142 -31.78 -10.44 -9.94
N GLU A 143 -32.17 -11.42 -10.74
CA GLU A 143 -32.27 -12.80 -10.28
C GLU A 143 -30.89 -13.34 -9.89
N ALA A 144 -29.86 -12.90 -10.61
CA ALA A 144 -28.50 -13.35 -10.33
C ALA A 144 -28.04 -12.85 -8.96
N VAL A 145 -28.30 -11.58 -8.68
CA VAL A 145 -27.92 -10.98 -7.41
C VAL A 145 -28.64 -11.63 -6.25
N GLN A 146 -29.90 -12.02 -6.48
CA GLN A 146 -30.70 -12.66 -5.44
C GLN A 146 -30.33 -14.13 -5.30
N ALA A 147 -30.12 -14.80 -6.42
CA ALA A 147 -29.77 -16.22 -6.42
C ALA A 147 -28.46 -16.47 -5.67
N LEU A 148 -27.54 -15.51 -5.75
CA LEU A 148 -26.25 -15.65 -5.09
C LEU A 148 -26.28 -15.10 -3.67
N LYS A 149 -26.87 -13.92 -3.49
CA LYS A 149 -26.94 -13.31 -2.16
C LYS A 149 -27.69 -14.22 -1.17
N LYS A 150 -28.86 -14.67 -1.56
CA LYS A 150 -29.67 -15.54 -0.71
C LYS A 150 -28.87 -16.74 -0.24
N THR A 151 -27.88 -17.14 -1.04
CA THR A 151 -27.04 -18.28 -0.71
C THR A 151 -26.10 -17.92 0.45
N GLY A 152 -25.37 -18.92 0.96
CA GLY A 152 -24.47 -18.67 2.06
C GLY A 152 -23.81 -19.94 2.58
N LYS A 153 -24.57 -20.76 3.29
CA LYS A 153 -24.07 -22.00 3.88
C LYS A 153 -23.06 -22.69 2.96
N GLU A 154 -23.42 -22.81 1.69
CA GLU A 154 -22.56 -23.43 0.71
C GLU A 154 -23.12 -23.22 -0.70
N VAL A 155 -22.47 -22.33 -1.41
CA VAL A 155 -22.87 -22.01 -2.78
C VAL A 155 -22.13 -22.86 -3.80
N VAL A 156 -22.76 -23.08 -4.94
CA VAL A 156 -22.16 -23.86 -6.01
C VAL A 156 -22.52 -23.27 -7.36
N LEU A 157 -21.74 -22.29 -7.80
CA LEU A 157 -22.00 -21.63 -9.07
C LEU A 157 -21.49 -22.45 -10.26
N GLU A 158 -22.31 -22.53 -11.30
CA GLU A 158 -21.96 -23.26 -12.51
C GLU A 158 -21.82 -22.27 -13.66
N VAL A 159 -20.57 -21.93 -14.00
CA VAL A 159 -20.29 -20.98 -15.07
C VAL A 159 -19.84 -21.67 -16.35
N LYS A 160 -19.86 -20.93 -17.44
CA LYS A 160 -19.46 -21.44 -18.74
C LYS A 160 -18.59 -20.42 -19.47
N TYR A 161 -17.41 -20.85 -19.92
CA TYR A 161 -16.50 -19.96 -20.63
C TYR A 161 -17.10 -19.49 -21.95
N MET A 162 -17.37 -18.20 -22.05
CA MET A 162 -17.95 -17.62 -23.25
C MET A 162 -16.91 -16.81 -24.03
N LYS A 163 -15.65 -17.20 -23.92
CA LYS A 163 -14.57 -16.50 -24.61
C LYS A 163 -13.55 -17.49 -25.16
N GLU A 164 -13.16 -18.44 -24.32
CA GLU A 164 -12.18 -19.45 -24.71
C GLU A 164 -12.88 -20.75 -25.12
N VAL A 165 -14.05 -20.61 -25.73
CA VAL A 165 -14.82 -21.76 -26.17
C VAL A 165 -14.13 -22.46 -27.34
N SER A 166 -13.66 -21.67 -28.30
CA SER A 166 -12.98 -22.19 -29.48
C SER A 166 -11.91 -23.21 -29.09
N PRO A 167 -12.19 -24.51 -29.25
CA PRO A 167 -11.24 -25.59 -28.92
C PRO A 167 -10.00 -25.56 -29.81
N TYR A 168 -8.87 -25.94 -29.24
CA TYR A 168 -7.62 -25.96 -29.99
C TYR A 168 -6.62 -26.93 -29.35
N PHE A 169 -5.58 -27.28 -30.11
CA PHE A 169 -4.56 -28.20 -29.62
C PHE A 169 -3.71 -27.54 -28.54
N LYS A 170 -3.24 -28.34 -27.60
CA LYS A 170 -2.41 -27.84 -26.50
C LYS A 170 -1.25 -28.79 -26.22
N ASN A 171 -0.05 -28.24 -26.17
CA ASN A 171 1.15 -29.03 -25.91
C ASN A 171 1.77 -28.66 -24.57
N SER A 172 1.82 -29.62 -23.66
CA SER A 172 2.39 -29.39 -22.33
C SER A 172 2.79 -30.71 -21.68
N ALA A 173 3.35 -31.61 -22.47
CA ALA A 173 3.78 -32.91 -21.97
C ALA A 173 5.19 -33.26 -22.47
N GLY A 174 5.92 -34.03 -21.66
CA GLY A 174 7.27 -34.42 -22.04
C GLY A 174 8.32 -33.76 -21.17
N GLY A 175 8.98 -34.57 -20.34
CA GLY A 175 10.01 -34.04 -19.47
C GLY A 175 10.63 -35.10 -18.59
N THR A 176 11.80 -34.81 -18.03
CA THR A 176 12.50 -35.75 -17.16
C THR A 176 11.97 -35.66 -15.73
N SER A 177 10.83 -36.30 -15.49
CA SER A 177 10.22 -36.29 -14.16
C SER A 177 9.82 -34.88 -13.74
N VAL A 178 10.79 -34.12 -13.24
CA VAL A 178 10.56 -32.75 -12.80
C VAL A 178 9.27 -32.63 -11.98
N GLY A 179 8.86 -31.40 -11.69
CA GLY A 179 7.65 -31.19 -10.91
C GLY A 179 7.90 -30.36 -9.67
N TRP A 180 9.13 -30.41 -9.16
CA TRP A 180 9.49 -29.66 -7.97
C TRP A 180 10.84 -28.97 -8.15
N ASP A 181 10.99 -28.27 -9.27
CA ASP A 181 12.24 -27.57 -9.56
C ASP A 181 11.95 -26.14 -10.04
N SER A 182 12.93 -25.26 -9.88
CA SER A 182 12.79 -23.87 -10.29
C SER A 182 14.09 -23.11 -10.10
N PRO A 183 14.56 -22.98 -8.84
CA PRO A 183 15.80 -22.27 -8.54
C PRO A 183 17.04 -23.06 -8.92
N PRO A 184 17.79 -22.61 -9.95
CA PRO A 184 18.99 -23.29 -10.41
C PRO A 184 20.08 -23.33 -9.34
N ALA A 185 20.44 -22.16 -8.83
CA ALA A 185 21.47 -22.06 -7.80
C ALA A 185 20.86 -22.20 -6.40
N SER A 186 21.61 -21.78 -5.39
CA SER A 186 21.14 -21.86 -4.01
C SER A 186 21.67 -20.68 -3.19
N PRO A 187 22.98 -20.62 -2.93
CA PRO A 187 23.58 -19.52 -2.15
C PRO A 187 23.50 -18.18 -2.88
N LEU A 188 23.72 -17.10 -2.14
CA LEU A 188 23.66 -15.76 -2.70
C LEU A 188 24.85 -15.52 -3.63
N GLN A 189 24.71 -14.51 -4.49
CA GLN A 189 25.77 -14.17 -5.43
C GLN A 189 25.51 -12.81 -6.08
N ARG A 190 25.46 -11.77 -5.24
CA ARG A 190 25.22 -10.41 -5.73
C ARG A 190 26.05 -9.40 -4.96
N GLN A 191 26.00 -9.49 -3.63
CA GLN A 191 26.76 -8.57 -2.78
C GLN A 191 27.91 -9.30 -2.08
N PRO A 192 29.01 -9.54 -2.82
CA PRO A 192 30.19 -10.23 -2.27
C PRO A 192 30.95 -9.36 -1.25
N SER A 193 30.98 -8.06 -1.51
CA SER A 193 31.67 -7.13 -0.63
C SER A 193 31.08 -5.73 -0.76
N SER A 194 31.49 -4.83 0.13
CA SER A 194 31.02 -3.46 0.11
C SER A 194 29.50 -3.41 0.29
N PRO A 195 29.02 -3.05 1.51
CA PRO A 195 27.58 -2.97 1.79
C PRO A 195 26.89 -1.84 1.03
N GLY A 196 27.52 -0.67 1.01
CA GLY A 196 26.96 0.45 0.31
C GLY A 196 26.99 1.73 1.14
N PRO A 197 25.88 2.47 1.22
CA PRO A 197 25.80 3.71 2.01
C PRO A 197 25.92 3.46 3.50
N GLN A 198 26.61 4.36 4.19
CA GLN A 198 26.79 4.24 5.64
C GLN A 198 25.46 4.41 6.37
N PRO A 199 25.20 3.56 7.39
CA PRO A 199 23.96 3.62 8.16
C PRO A 199 23.95 4.77 9.14
N ARG A 200 22.81 4.98 9.81
CA ARG A 200 22.67 6.06 10.78
C ARG A 200 22.92 7.42 10.12
N ASN A 201 21.84 8.15 9.86
CA ASN A 201 21.94 9.46 9.24
C ASN A 201 20.57 10.12 9.12
N LEU A 202 20.52 11.42 9.40
CA LEU A 202 19.26 12.16 9.32
C LEU A 202 18.67 12.10 7.92
N SER A 203 17.76 11.16 7.71
CA SER A 203 17.12 11.00 6.41
C SER A 203 15.76 10.32 6.55
N GLU A 204 15.03 10.68 7.60
CA GLU A 204 13.71 10.11 7.84
C GLU A 204 12.75 11.17 8.37
N ALA A 205 12.83 11.46 9.66
CA ALA A 205 11.97 12.46 10.27
C ALA A 205 12.23 12.58 11.77
N LYS A 206 11.47 13.44 12.44
CA LYS A 206 11.62 13.63 13.88
C LYS A 206 10.47 14.47 14.43
N HIS A 207 9.76 13.91 15.41
CA HIS A 207 8.63 14.60 16.03
C HIS A 207 8.93 14.94 17.48
N VAL A 208 8.63 16.18 17.86
CA VAL A 208 8.86 16.64 19.23
C VAL A 208 7.55 17.07 19.89
N SER A 209 7.10 16.27 20.86
CA SER A 209 5.86 16.57 21.57
C SER A 209 6.01 17.80 22.45
N LEU A 210 4.96 18.13 23.19
CA LEU A 210 4.97 19.28 24.08
C LEU A 210 5.22 18.86 25.52
N LYS A 211 6.40 18.30 25.77
CA LYS A 211 6.76 17.83 27.09
C LYS A 211 7.95 18.62 27.63
N MET A 212 7.71 19.89 27.97
CA MET A 212 8.77 20.76 28.50
C MET A 212 9.75 21.15 27.40
N ALA A 213 9.23 21.40 26.21
CA ALA A 213 10.07 21.79 25.08
C ALA A 213 10.36 23.29 25.10
N TYR A 214 11.59 23.63 25.47
CA TYR A 214 11.99 25.03 25.54
C TYR A 214 12.63 25.48 24.22
N VAL A 215 12.78 26.79 24.06
CA VAL A 215 13.37 27.34 22.85
C VAL A 215 14.62 28.16 23.17
N SER A 216 15.49 28.34 22.17
CA SER A 216 16.71 29.10 22.35
C SER A 216 16.99 29.99 21.15
N ARG A 217 17.50 31.19 21.41
CA ARG A 217 17.81 32.14 20.35
C ARG A 217 19.31 32.38 20.24
N ARG A 218 19.94 31.72 19.29
CA ARG A 218 21.38 31.86 19.08
C ARG A 218 21.68 32.97 18.08
N CYS A 219 22.95 33.32 17.96
CA CYS A 219 23.37 34.37 17.04
C CYS A 219 24.23 33.79 15.91
N THR A 220 25.46 33.42 16.25
CA THR A 220 26.39 32.86 15.27
C THR A 220 26.67 33.85 14.15
N PRO A 221 27.92 34.31 14.02
CA PRO A 221 28.31 35.27 12.98
C PRO A 221 28.36 34.63 11.60
N THR A 222 27.23 34.10 11.16
CA THR A 222 27.13 33.46 9.85
C THR A 222 25.72 33.55 9.29
N ASP A 223 25.13 34.74 9.39
CA ASP A 223 23.77 34.96 8.90
C ASP A 223 23.64 36.35 8.28
N PRO A 224 22.83 36.49 7.22
CA PRO A 224 22.61 37.77 6.56
C PRO A 224 21.71 38.71 7.34
N GLU A 225 20.98 38.16 8.31
CA GLU A 225 20.07 38.95 9.13
C GLU A 225 19.42 38.10 10.22
N PRO A 226 18.64 37.07 9.83
CA PRO A 226 17.96 36.19 10.77
C PRO A 226 18.93 35.53 11.76
N ARG A 227 18.44 35.27 12.97
CA ARG A 227 19.26 34.64 14.00
C ARG A 227 19.10 33.12 13.95
N TYR A 228 19.57 32.45 15.00
CA TYR A 228 19.48 31.00 15.07
C TYR A 228 18.49 30.56 16.16
N LEU A 229 17.73 29.51 15.86
CA LEU A 229 16.74 29.00 16.80
C LEU A 229 17.10 27.59 17.26
N GLU A 230 16.76 27.27 18.51
CA GLU A 230 17.06 25.96 19.07
C GLU A 230 15.88 25.45 19.91
N ILE A 231 15.53 24.18 19.73
CA ILE A 231 14.43 23.58 20.47
C ILE A 231 14.85 22.27 21.12
N CYS A 232 14.60 22.14 22.42
CA CYS A 232 14.95 20.94 23.16
C CYS A 232 13.78 20.44 24.00
N ALA A 233 13.41 19.18 23.80
CA ALA A 233 12.30 18.59 24.53
C ALA A 233 12.72 18.14 25.93
N ALA A 234 12.41 18.97 26.92
CA ALA A 234 12.77 18.68 28.30
C ALA A 234 14.24 18.32 28.44
N ASP A 235 15.05 18.82 27.52
CA ASP A 235 16.49 18.58 27.52
C ASP A 235 16.80 17.12 27.84
N GLY A 236 15.91 16.22 27.42
CA GLY A 236 16.13 14.81 27.67
C GLY A 236 15.24 13.91 26.84
N GLN A 237 14.87 14.40 25.65
CA GLN A 237 14.02 13.64 24.74
C GLN A 237 14.35 13.94 23.30
N ASP A 238 14.26 15.21 22.93
CA ASP A 238 14.56 15.64 21.58
C ASP A 238 15.36 16.94 21.59
N ALA A 239 15.86 17.32 20.41
CA ALA A 239 16.64 18.55 20.28
C ALA A 239 16.77 18.94 18.81
N VAL A 240 15.91 19.85 18.37
CA VAL A 240 15.92 20.31 16.99
C VAL A 240 16.48 21.73 16.88
N PHE A 241 17.49 21.90 16.03
CA PHE A 241 18.10 23.20 15.83
C PHE A 241 17.92 23.65 14.38
N LEU A 242 17.36 24.84 14.21
CA LEU A 242 17.12 25.39 12.87
C LEU A 242 17.05 26.92 12.90
N ARG A 243 17.05 27.52 11.71
CA ARG A 243 16.98 28.96 11.59
C ARG A 243 15.96 29.38 10.53
N ALA A 244 15.31 30.51 10.75
CA ALA A 244 14.31 31.01 9.81
C ALA A 244 14.96 31.71 8.62
N LYS A 245 14.21 31.81 7.53
CA LYS A 245 14.71 32.46 6.32
C LYS A 245 14.94 33.95 6.57
N ASP A 246 14.02 34.57 7.29
CA ASP A 246 14.11 35.98 7.62
C ASP A 246 14.02 36.20 9.12
N GLU A 247 14.55 37.33 9.59
CA GLU A 247 14.52 37.64 11.02
C GLU A 247 13.11 37.58 11.57
N ALA A 248 12.15 38.03 10.78
CA ALA A 248 10.75 38.02 11.20
C ALA A 248 10.22 36.60 11.24
N SER A 249 10.58 35.80 10.23
CA SER A 249 10.14 34.41 10.18
C SER A 249 10.62 33.69 11.43
N ALA A 250 11.79 34.09 11.94
CA ALA A 250 12.34 33.50 13.14
C ALA A 250 11.65 34.07 14.37
N ARG A 251 11.25 35.33 14.29
CA ARG A 251 10.55 35.97 15.40
C ARG A 251 9.21 35.26 15.61
N SER A 252 8.59 34.87 14.50
CA SER A 252 7.32 34.19 14.55
C SER A 252 7.53 32.71 14.91
N TRP A 253 8.68 32.17 14.51
CA TRP A 253 8.99 30.78 14.82
C TRP A 253 9.21 30.61 16.31
N ALA A 254 10.20 31.33 16.82
CA ALA A 254 10.50 31.27 18.25
C ALA A 254 9.28 31.69 19.06
N GLY A 255 8.53 32.65 18.53
CA GLY A 255 7.33 33.11 19.21
C GLY A 255 6.21 32.10 19.10
N ALA A 256 6.25 31.27 18.07
CA ALA A 256 5.23 30.25 17.86
C ALA A 256 5.48 29.03 18.73
N ILE A 257 6.74 28.63 18.85
CA ILE A 257 7.12 27.48 19.66
C ILE A 257 6.87 27.76 21.15
N GLN A 258 7.11 29.00 21.55
CA GLN A 258 6.91 29.41 22.93
C GLN A 258 5.43 29.62 23.23
N ALA A 259 4.74 30.27 22.31
CA ALA A 259 3.31 30.55 22.46
C ALA A 259 2.49 29.26 22.38
N GLN A 260 2.95 28.33 21.54
CA GLN A 260 2.26 27.06 21.36
C GLN A 260 2.53 26.13 22.54
N ILE A 261 3.79 26.09 22.97
CA ILE A 261 4.19 25.25 24.10
C ILE A 261 3.89 25.93 25.42
N GLY A 262 4.67 26.95 25.74
CA GLY A 262 4.49 27.68 26.98
C GLY A 262 5.40 27.18 28.09
N THR A 263 5.73 25.90 28.06
CA THR A 263 6.59 25.30 29.07
C THR A 263 8.06 25.58 28.76
N ALA A 1 11.73 40.45 -14.68
CA ALA A 1 11.80 39.60 -13.47
C ALA A 1 12.36 40.38 -12.28
N SER A 2 12.53 39.69 -11.16
CA SER A 2 13.06 40.32 -9.95
C SER A 2 13.71 39.28 -9.05
N GLY A 3 12.99 38.21 -8.76
CA GLY A 3 13.51 37.16 -7.90
C GLY A 3 13.00 35.78 -8.27
N ARG A 4 13.74 34.75 -7.93
CA ARG A 4 13.36 33.38 -8.23
C ARG A 4 13.11 32.59 -6.94
N ARG A 5 13.94 32.83 -5.94
CA ARG A 5 13.82 32.13 -4.66
C ARG A 5 13.98 30.63 -4.84
N ALA A 6 14.37 29.95 -3.76
CA ALA A 6 14.56 28.51 -3.80
C ALA A 6 14.59 27.93 -2.38
N PRO A 7 13.83 26.84 -2.14
CA PRO A 7 13.77 26.20 -0.82
C PRO A 7 15.07 25.46 -0.49
N ARG A 8 15.57 25.66 0.73
CA ARG A 8 16.79 25.00 1.17
C ARG A 8 16.56 23.52 1.41
N THR A 9 17.04 22.69 0.49
CA THR A 9 16.88 21.25 0.59
C THR A 9 18.21 20.59 0.97
N GLY A 10 18.13 19.61 1.88
CA GLY A 10 19.33 18.91 2.31
C GLY A 10 19.01 17.69 3.15
N LEU A 11 19.92 16.71 3.14
CA LEU A 11 19.73 15.49 3.90
C LEU A 11 20.21 15.67 5.34
N LEU A 12 19.40 15.19 6.29
CA LEU A 12 19.73 15.30 7.70
C LEU A 12 19.51 13.97 8.41
N GLU A 13 20.03 13.86 9.64
CA GLU A 13 19.90 12.64 10.42
C GLU A 13 19.19 12.93 11.74
N LEU A 14 17.99 12.36 11.90
CA LEU A 14 17.21 12.55 13.12
C LEU A 14 17.31 11.33 14.02
N ARG A 15 16.93 11.49 15.28
CA ARG A 15 16.97 10.39 16.24
C ARG A 15 15.62 9.71 16.34
N CYS A 16 15.62 8.47 16.81
CA CYS A 16 14.40 7.70 16.96
C CYS A 16 14.10 7.41 18.43
N GLY A 17 12.96 7.90 18.91
CA GLY A 17 12.58 7.69 20.30
C GLY A 17 11.14 7.23 20.45
N ALA A 18 10.89 6.44 21.47
CA ALA A 18 9.54 5.93 21.73
C ALA A 18 9.32 5.67 23.21
N GLY A 19 9.97 6.48 24.06
CA GLY A 19 9.83 6.31 25.49
C GLY A 19 10.32 7.52 26.26
N SER A 20 11.07 7.28 27.33
CA SER A 20 11.60 8.36 28.15
C SER A 20 13.10 8.20 28.38
N GLY A 21 13.51 6.97 28.70
CA GLY A 21 14.91 6.69 28.94
C GLY A 21 15.61 6.14 27.71
N ALA A 22 16.87 6.51 27.54
CA ALA A 22 17.66 6.05 26.40
C ALA A 22 17.93 4.55 26.49
N GLY A 23 18.22 3.93 25.35
CA GLY A 23 18.50 2.51 25.33
C GLY A 23 19.19 2.08 24.05
N GLY A 24 20.14 2.88 23.59
CA GLY A 24 20.87 2.55 22.38
C GLY A 24 20.65 3.56 21.27
N GLU A 25 19.64 4.42 21.43
CA GLU A 25 19.33 5.44 20.44
C GLU A 25 19.13 4.81 19.05
N ARG A 26 18.96 5.66 18.05
CA ARG A 26 18.77 5.20 16.68
C ARG A 26 18.57 6.38 15.73
N TRP A 27 19.61 6.67 14.96
CA TRP A 27 19.57 7.78 14.01
C TRP A 27 19.18 7.29 12.61
N GLN A 28 18.35 8.07 11.93
CA GLN A 28 17.91 7.72 10.58
C GLN A 28 18.15 8.86 9.61
N ARG A 29 18.36 8.52 8.34
CA ARG A 29 18.61 9.53 7.31
C ARG A 29 17.31 10.00 6.69
N VAL A 30 17.23 11.30 6.39
CA VAL A 30 16.04 11.87 5.79
C VAL A 30 16.36 13.20 5.10
N LEU A 31 15.42 13.68 4.29
CA LEU A 31 15.60 14.93 3.57
C LEU A 31 14.79 16.05 4.20
N LEU A 32 15.31 17.27 4.15
CA LEU A 32 14.64 18.43 4.71
C LEU A 32 14.38 19.49 3.64
N SER A 33 13.36 20.30 3.85
CA SER A 33 13.02 21.35 2.89
C SER A 33 12.53 22.62 3.61
N LEU A 34 13.16 23.75 3.30
CA LEU A 34 12.80 25.02 3.90
C LEU A 34 12.47 26.05 2.82
N ALA A 35 11.19 26.36 2.66
CA ALA A 35 10.75 27.31 1.65
C ALA A 35 10.96 28.75 2.13
N GLU A 36 10.00 29.26 2.89
CA GLU A 36 10.07 30.62 3.40
C GLU A 36 9.62 30.66 4.86
N ASP A 37 8.31 30.55 5.06
CA ASP A 37 7.73 30.56 6.39
C ASP A 37 7.21 29.17 6.75
N ALA A 38 7.86 28.15 6.22
CA ALA A 38 7.46 26.78 6.49
C ALA A 38 8.55 25.79 6.05
N LEU A 39 8.74 24.74 6.86
CA LEU A 39 9.74 23.73 6.56
C LEU A 39 9.09 22.35 6.43
N THR A 40 9.31 21.70 5.30
CA THR A 40 8.76 20.38 5.05
C THR A 40 9.83 19.30 5.07
N VAL A 41 9.51 18.17 5.71
CA VAL A 41 10.45 17.07 5.81
C VAL A 41 9.95 15.88 4.99
N SER A 42 10.87 15.00 4.59
CA SER A 42 10.51 13.83 3.82
C SER A 42 11.65 12.82 3.79
N PRO A 43 11.33 11.52 3.69
CA PRO A 43 12.33 10.45 3.65
C PRO A 43 13.12 10.45 2.35
N ALA A 44 14.03 9.49 2.22
CA ALA A 44 14.86 9.37 1.02
C ALA A 44 14.77 7.98 0.42
N ASP A 45 13.75 7.75 -0.39
CA ASP A 45 13.54 6.46 -1.04
C ASP A 45 12.75 6.60 -2.33
N GLY A 46 12.81 5.58 -3.17
CA GLY A 46 12.09 5.61 -4.43
C GLY A 46 12.94 5.16 -5.60
N GLU A 47 13.69 4.08 -5.41
CA GLU A 47 14.54 3.54 -6.45
C GLU A 47 13.81 2.48 -7.27
N PRO A 48 13.84 2.59 -8.61
CA PRO A 48 13.18 1.63 -9.50
C PRO A 48 13.62 0.20 -9.25
N GLY A 49 13.27 -0.70 -10.17
CA GLY A 49 13.65 -2.09 -10.02
C GLY A 49 13.50 -2.87 -11.32
N PRO A 50 12.27 -3.30 -11.64
CA PRO A 50 12.00 -4.07 -12.87
C PRO A 50 12.10 -3.21 -14.12
N GLU A 51 12.88 -3.68 -15.09
CA GLU A 51 13.06 -2.96 -16.34
C GLU A 51 12.06 -3.41 -17.41
N PRO A 52 12.05 -4.72 -17.73
CA PRO A 52 11.14 -5.27 -18.74
C PRO A 52 9.76 -5.62 -18.17
N GLU A 53 9.15 -4.65 -17.51
CA GLU A 53 7.83 -4.85 -16.92
C GLU A 53 7.06 -3.53 -16.83
N PRO A 54 6.17 -3.26 -17.80
CA PRO A 54 5.38 -2.02 -17.81
C PRO A 54 4.36 -1.97 -16.68
N ALA A 55 3.87 -0.77 -16.39
CA ALA A 55 2.90 -0.58 -15.32
C ALA A 55 1.48 -0.90 -15.81
N GLN A 56 0.98 -2.06 -15.41
CA GLN A 56 -0.37 -2.49 -15.80
C GLN A 56 -0.48 -2.58 -17.31
N LEU A 57 -1.52 -3.28 -17.78
CA LEU A 57 -1.74 -3.45 -19.21
C LEU A 57 -2.95 -2.63 -19.66
N ASN A 58 -3.14 -2.55 -20.98
CA ASN A 58 -4.26 -1.79 -21.54
C ASN A 58 -5.59 -2.44 -21.18
N GLY A 59 -6.68 -1.83 -21.62
CA GLY A 59 -7.99 -2.36 -21.34
C GLY A 59 -8.65 -2.99 -22.57
N ALA A 60 -8.64 -2.26 -23.67
CA ALA A 60 -9.24 -2.75 -24.91
C ALA A 60 -10.72 -3.05 -24.73
N ALA A 61 -11.41 -3.32 -25.84
CA ALA A 61 -12.83 -3.62 -25.80
C ALA A 61 -13.19 -4.68 -26.84
N GLU A 62 -13.63 -5.84 -26.37
CA GLU A 62 -14.02 -6.93 -27.26
C GLU A 62 -15.49 -7.29 -27.07
N PRO A 63 -16.21 -7.54 -28.19
CA PRO A 63 -17.63 -7.89 -28.13
C PRO A 63 -17.90 -9.08 -27.20
N GLY A 64 -19.18 -9.38 -26.99
CA GLY A 64 -19.54 -10.49 -26.13
C GLY A 64 -20.95 -10.35 -25.57
N ALA A 65 -21.23 -11.08 -24.49
CA ALA A 65 -22.54 -11.04 -23.87
C ALA A 65 -22.62 -9.91 -22.84
N ALA A 66 -22.94 -8.71 -23.32
CA ALA A 66 -23.05 -7.55 -22.45
C ALA A 66 -21.70 -7.20 -21.82
N PRO A 67 -21.18 -6.00 -22.09
CA PRO A 67 -19.89 -5.55 -21.53
C PRO A 67 -19.92 -5.46 -20.02
N PRO A 68 -18.75 -5.20 -19.40
CA PRO A 68 -18.65 -5.10 -17.93
C PRO A 68 -19.56 -4.02 -17.37
N GLN A 69 -19.49 -2.82 -17.95
CA GLN A 69 -20.32 -1.71 -17.50
C GLN A 69 -20.06 -1.39 -16.03
N LEU A 70 -18.81 -1.49 -15.61
CA LEU A 70 -18.44 -1.22 -14.23
C LEU A 70 -18.44 0.29 -13.96
N PRO A 71 -19.27 0.75 -13.00
CA PRO A 71 -19.35 2.18 -12.67
C PRO A 71 -18.04 2.72 -12.13
N GLU A 72 -17.57 2.12 -11.03
CA GLU A 72 -16.31 2.54 -10.42
C GLU A 72 -15.99 1.69 -9.19
N ALA A 73 -16.73 1.92 -8.12
CA ALA A 73 -16.52 1.20 -6.88
C ALA A 73 -15.16 1.57 -6.28
N LEU A 74 -14.51 2.57 -6.89
CA LEU A 74 -13.19 3.06 -6.45
C LEU A 74 -12.29 1.95 -5.93
N LEU A 75 -12.54 0.75 -6.40
CA LEU A 75 -11.78 -0.43 -6.01
C LEU A 75 -11.25 -0.34 -4.58
N LEU A 76 -12.15 -0.02 -3.64
CA LEU A 76 -11.75 0.09 -2.24
C LEU A 76 -11.50 -1.29 -1.64
N GLN A 77 -12.57 -2.00 -1.35
CA GLN A 77 -12.47 -3.33 -0.77
C GLN A 77 -13.81 -4.07 -0.88
N ARG A 78 -14.55 -3.77 -1.93
CA ARG A 78 -15.84 -4.40 -2.16
C ARG A 78 -16.23 -4.35 -3.63
N ARG A 79 -16.83 -5.44 -4.11
CA ARG A 79 -17.25 -5.53 -5.51
C ARG A 79 -18.68 -6.05 -5.61
N ARG A 80 -19.41 -5.60 -6.63
CA ARG A 80 -20.79 -6.01 -6.83
C ARG A 80 -20.98 -6.61 -8.22
N VAL A 81 -20.52 -7.84 -8.40
CA VAL A 81 -20.64 -8.53 -9.68
C VAL A 81 -22.04 -9.06 -9.88
N THR A 82 -22.42 -9.30 -11.14
CA THR A 82 -23.74 -9.80 -11.46
C THR A 82 -23.66 -10.85 -12.57
N VAL A 83 -24.64 -11.76 -12.58
CA VAL A 83 -24.68 -12.81 -13.58
C VAL A 83 -26.09 -12.97 -14.14
N ARG A 84 -26.32 -12.42 -15.33
CA ARG A 84 -27.63 -12.50 -15.95
C ARG A 84 -27.74 -13.77 -16.81
N LYS A 85 -28.73 -14.61 -16.48
CA LYS A 85 -28.94 -15.85 -17.21
C LYS A 85 -29.65 -15.59 -18.53
N ALA A 86 -30.51 -14.58 -18.54
CA ALA A 86 -31.26 -14.23 -19.74
C ALA A 86 -30.48 -13.25 -20.62
N ASP A 87 -29.24 -13.60 -20.93
CA ASP A 87 -28.39 -12.76 -21.76
C ASP A 87 -27.06 -13.43 -22.04
N ALA A 88 -26.50 -14.09 -21.03
CA ALA A 88 -25.22 -14.77 -21.17
C ALA A 88 -25.39 -16.28 -21.00
N GLY A 89 -25.70 -16.71 -19.78
CA GLY A 89 -25.88 -18.12 -19.52
C GLY A 89 -25.77 -18.46 -18.04
N GLY A 90 -25.16 -19.60 -17.74
CA GLY A 90 -25.00 -20.01 -16.36
C GLY A 90 -23.71 -19.49 -15.75
N LEU A 91 -22.96 -20.39 -15.12
CA LEU A 91 -21.69 -20.01 -14.48
C LEU A 91 -20.63 -21.07 -14.71
N GLY A 92 -20.98 -22.32 -14.45
CA GLY A 92 -20.04 -23.41 -14.63
C GLY A 92 -18.73 -23.19 -13.89
N ILE A 93 -18.78 -22.40 -12.83
CA ILE A 93 -17.59 -22.11 -12.03
C ILE A 93 -17.54 -23.00 -10.79
N SER A 94 -16.35 -23.09 -10.20
CA SER A 94 -16.16 -23.90 -8.99
C SER A 94 -15.66 -23.03 -7.85
N ILE A 95 -16.35 -23.09 -6.72
CA ILE A 95 -15.97 -22.29 -5.57
C ILE A 95 -15.44 -23.16 -4.43
N LYS A 96 -14.88 -22.50 -3.42
CA LYS A 96 -14.34 -23.20 -2.27
C LYS A 96 -14.49 -22.36 -1.01
N GLY A 97 -14.89 -23.00 0.09
CA GLY A 97 -15.06 -22.29 1.35
C GLY A 97 -15.56 -23.19 2.45
N GLY A 98 -15.49 -22.71 3.68
CA GLY A 98 -15.94 -23.51 4.82
C GLY A 98 -16.00 -22.70 6.10
N ARG A 99 -17.19 -22.18 6.43
CA ARG A 99 -17.37 -21.40 7.64
C ARG A 99 -17.01 -22.22 8.88
N GLU A 100 -17.19 -23.53 8.79
CA GLU A 100 -16.87 -24.42 9.90
C GLU A 100 -15.44 -24.20 10.40
N ASN A 101 -14.58 -23.74 9.49
CA ASN A 101 -13.19 -23.49 9.82
C ASN A 101 -12.79 -22.08 9.37
N LYS A 102 -13.63 -21.10 9.68
CA LYS A 102 -13.40 -19.69 9.31
C LYS A 102 -12.76 -19.55 7.94
N MET A 103 -13.04 -20.52 7.08
CA MET A 103 -12.51 -20.50 5.72
C MET A 103 -13.37 -19.64 4.80
N PRO A 104 -12.84 -18.49 4.34
CA PRO A 104 -13.57 -17.58 3.45
C PRO A 104 -13.88 -18.21 2.10
N ILE A 105 -15.12 -18.03 1.64
CA ILE A 105 -15.54 -18.57 0.37
C ILE A 105 -15.14 -17.64 -0.77
N LEU A 106 -14.74 -18.23 -1.91
CA LEU A 106 -14.33 -17.45 -3.06
C LEU A 106 -14.33 -18.28 -4.34
N ILE A 107 -14.20 -17.61 -5.48
CA ILE A 107 -14.16 -18.29 -6.77
C ILE A 107 -12.87 -19.07 -6.91
N SER A 108 -12.99 -20.39 -6.88
CA SER A 108 -11.83 -21.26 -6.99
C SER A 108 -11.58 -21.65 -8.44
N LYS A 109 -12.61 -21.61 -9.29
CA LYS A 109 -12.43 -21.99 -10.69
C LYS A 109 -13.48 -21.36 -11.59
N ILE A 110 -13.04 -20.98 -12.80
CA ILE A 110 -13.92 -20.40 -13.80
C ILE A 110 -13.79 -21.15 -15.11
N PHE A 111 -14.28 -22.39 -15.13
CA PHE A 111 -14.21 -23.23 -16.32
C PHE A 111 -14.87 -22.58 -17.53
N LYS A 112 -14.31 -22.84 -18.71
CA LYS A 112 -14.83 -22.29 -19.95
C LYS A 112 -14.91 -20.77 -19.90
N GLY A 113 -15.09 -20.16 -21.06
CA GLY A 113 -15.18 -18.72 -21.14
C GLY A 113 -16.61 -18.23 -21.13
N LEU A 114 -17.51 -19.07 -20.63
CA LEU A 114 -18.93 -18.74 -20.57
C LEU A 114 -19.16 -17.47 -19.73
N ALA A 115 -20.39 -17.28 -19.27
CA ALA A 115 -20.74 -16.11 -18.47
C ALA A 115 -19.70 -15.85 -17.37
N ALA A 116 -19.07 -16.92 -16.90
CA ALA A 116 -18.06 -16.81 -15.85
C ALA A 116 -16.92 -15.90 -16.29
N ASP A 117 -16.38 -16.14 -17.48
CA ASP A 117 -15.29 -15.35 -18.01
C ASP A 117 -15.80 -13.99 -18.50
N GLN A 118 -17.00 -13.98 -19.06
CA GLN A 118 -17.59 -12.75 -19.56
C GLN A 118 -17.68 -11.70 -18.46
N THR A 119 -17.87 -12.16 -17.23
CA THR A 119 -17.97 -11.26 -16.08
C THR A 119 -16.62 -11.13 -15.39
N GLU A 120 -15.70 -10.43 -16.03
CA GLU A 120 -14.36 -10.22 -15.46
C GLU A 120 -14.47 -9.72 -14.02
N ALA A 121 -15.60 -9.07 -13.71
CA ALA A 121 -15.84 -8.54 -12.38
C ALA A 121 -15.55 -9.59 -11.31
N LEU A 122 -15.76 -10.85 -11.65
CA LEU A 122 -15.53 -11.95 -10.73
C LEU A 122 -14.04 -12.20 -10.57
N PHE A 123 -13.41 -12.72 -11.63
CA PHE A 123 -11.99 -13.01 -11.60
C PHE A 123 -11.65 -14.03 -10.53
N VAL A 124 -11.21 -15.21 -10.96
CA VAL A 124 -10.86 -16.28 -10.02
C VAL A 124 -9.92 -15.78 -8.94
N GLY A 125 -10.46 -15.60 -7.74
CA GLY A 125 -9.65 -15.13 -6.63
C GLY A 125 -10.32 -13.97 -5.89
N ASP A 126 -11.63 -14.06 -5.71
CA ASP A 126 -12.38 -13.02 -5.02
C ASP A 126 -13.24 -13.63 -3.90
N ALA A 127 -13.15 -13.05 -2.71
CA ALA A 127 -13.91 -13.53 -1.57
C ALA A 127 -15.32 -12.95 -1.56
N ILE A 128 -16.31 -13.83 -1.69
CA ILE A 128 -17.71 -13.41 -1.71
C ILE A 128 -18.15 -12.96 -0.32
N LEU A 129 -19.22 -12.17 -0.27
CA LEU A 129 -19.73 -11.67 0.99
C LEU A 129 -21.25 -11.51 0.95
N SER A 130 -21.77 -11.07 -0.20
CA SER A 130 -23.21 -10.88 -0.35
C SER A 130 -23.68 -11.31 -1.75
N VAL A 131 -24.50 -12.35 -1.80
CA VAL A 131 -25.03 -12.84 -3.06
C VAL A 131 -26.52 -12.61 -3.16
N ASN A 132 -27.00 -12.36 -4.39
CA ASN A 132 -28.42 -12.11 -4.65
C ASN A 132 -29.11 -11.47 -3.45
N GLY A 133 -28.45 -10.48 -2.85
CA GLY A 133 -29.02 -9.83 -1.69
C GLY A 133 -29.09 -10.75 -0.50
N GLU A 134 -27.94 -11.28 -0.10
CA GLU A 134 -27.85 -12.18 1.03
C GLU A 134 -26.40 -12.42 1.38
N ASP A 135 -26.04 -11.93 2.54
CA ASP A 135 -24.67 -12.05 3.03
C ASP A 135 -24.33 -13.49 3.36
N LEU A 136 -23.30 -14.01 2.69
CA LEU A 136 -22.86 -15.37 2.91
C LEU A 136 -21.80 -15.44 4.01
N SER A 137 -21.79 -14.41 4.85
CA SER A 137 -20.85 -14.35 5.96
C SER A 137 -21.11 -15.48 6.96
N SER A 138 -22.37 -15.92 7.00
CA SER A 138 -22.77 -16.99 7.89
C SER A 138 -23.50 -18.07 7.09
N ALA A 139 -22.85 -18.53 6.02
CA ALA A 139 -23.40 -19.56 5.15
C ALA A 139 -22.30 -20.41 4.55
N THR A 140 -22.00 -21.51 5.23
CA THR A 140 -20.95 -22.43 4.78
C THR A 140 -21.03 -22.71 3.28
N HIS A 141 -20.06 -23.48 2.79
CA HIS A 141 -20.00 -23.83 1.36
C HIS A 141 -21.37 -24.19 0.80
N ASP A 142 -21.97 -25.24 1.34
CA ASP A 142 -23.28 -25.70 0.88
C ASP A 142 -24.25 -24.53 0.71
N GLU A 143 -24.18 -23.57 1.61
CA GLU A 143 -25.05 -22.40 1.55
C GLU A 143 -24.72 -21.55 0.33
N ALA A 144 -23.44 -21.45 0.00
CA ALA A 144 -23.01 -20.67 -1.15
C ALA A 144 -23.60 -21.25 -2.44
N VAL A 145 -23.61 -22.58 -2.52
CA VAL A 145 -24.15 -23.26 -3.68
C VAL A 145 -25.65 -23.06 -3.78
N GLN A 146 -26.32 -23.03 -2.63
CA GLN A 146 -27.76 -22.84 -2.58
C GLN A 146 -28.14 -21.41 -2.94
N ALA A 147 -27.35 -20.46 -2.46
CA ALA A 147 -27.60 -19.05 -2.72
C ALA A 147 -27.34 -18.70 -4.20
N LEU A 148 -26.43 -19.44 -4.83
CA LEU A 148 -26.10 -19.20 -6.22
C LEU A 148 -26.98 -20.00 -7.17
N LYS A 149 -27.53 -21.11 -6.69
CA LYS A 149 -28.38 -21.95 -7.53
C LYS A 149 -29.85 -21.53 -7.42
N LYS A 150 -30.29 -21.21 -6.21
CA LYS A 150 -31.68 -20.82 -5.97
C LYS A 150 -32.07 -19.58 -6.78
N THR A 151 -31.12 -18.67 -6.98
CA THR A 151 -31.38 -17.44 -7.72
C THR A 151 -32.09 -17.71 -9.05
N GLY A 152 -32.35 -16.63 -9.77
CA GLY A 152 -33.04 -16.74 -11.05
C GLY A 152 -32.15 -16.30 -12.21
N LYS A 153 -32.64 -15.35 -13.00
CA LYS A 153 -31.89 -14.86 -14.15
C LYS A 153 -31.12 -13.59 -13.81
N GLU A 154 -30.55 -13.57 -12.60
CA GLU A 154 -29.78 -12.43 -12.12
C GLU A 154 -29.07 -12.78 -10.83
N VAL A 155 -27.79 -13.02 -10.94
CA VAL A 155 -26.97 -13.38 -9.78
C VAL A 155 -26.04 -12.25 -9.38
N VAL A 156 -26.54 -11.33 -8.56
CA VAL A 156 -25.74 -10.21 -8.09
C VAL A 156 -24.81 -10.64 -6.96
N LEU A 157 -23.61 -11.09 -7.33
CA LEU A 157 -22.63 -11.55 -6.35
C LEU A 157 -21.71 -10.43 -5.91
N GLU A 158 -21.55 -10.29 -4.59
CA GLU A 158 -20.69 -9.26 -4.04
C GLU A 158 -19.45 -9.90 -3.42
N VAL A 159 -18.29 -9.53 -3.94
CA VAL A 159 -17.02 -10.08 -3.45
C VAL A 159 -16.01 -8.98 -3.14
N LYS A 160 -14.92 -9.37 -2.50
CA LYS A 160 -13.86 -8.43 -2.14
C LYS A 160 -12.49 -9.07 -2.31
N TYR A 161 -11.55 -8.31 -2.88
CA TYR A 161 -10.20 -8.81 -3.10
C TYR A 161 -9.57 -9.30 -1.80
N MET A 162 -9.24 -10.58 -1.75
CA MET A 162 -8.63 -11.17 -0.56
C MET A 162 -7.14 -10.88 -0.52
N LYS A 163 -6.55 -10.55 -1.67
CA LYS A 163 -5.13 -10.25 -1.76
C LYS A 163 -4.31 -11.51 -1.56
N GLU A 164 -3.72 -11.97 -2.65
CA GLU A 164 -2.89 -13.16 -2.62
C GLU A 164 -3.67 -14.37 -2.13
N VAL A 165 -4.28 -15.09 -3.07
CA VAL A 165 -5.07 -16.27 -2.74
C VAL A 165 -4.43 -17.54 -3.29
N SER A 166 -3.83 -17.42 -4.47
CA SER A 166 -3.17 -18.55 -5.11
C SER A 166 -2.41 -18.11 -6.37
N PRO A 167 -1.10 -18.42 -6.45
CA PRO A 167 -0.28 -18.04 -7.61
C PRO A 167 -0.88 -18.51 -8.93
N TYR A 168 -0.11 -18.38 -10.00
CA TYR A 168 -0.57 -18.79 -11.33
C TYR A 168 0.60 -18.86 -12.30
N PHE A 169 0.34 -19.43 -13.48
CA PHE A 169 1.37 -19.57 -14.50
C PHE A 169 1.11 -18.60 -15.65
N LYS A 170 2.06 -18.53 -16.59
CA LYS A 170 1.94 -17.65 -17.74
C LYS A 170 0.80 -18.09 -18.65
N ASN A 171 0.54 -19.40 -18.69
CA ASN A 171 -0.53 -19.95 -19.51
C ASN A 171 -1.42 -20.88 -18.69
N SER A 172 -2.45 -21.42 -19.33
CA SER A 172 -3.38 -22.32 -18.66
C SER A 172 -2.81 -23.73 -18.56
N ALA A 173 -2.30 -24.08 -17.38
CA ALA A 173 -1.72 -25.40 -17.16
C ALA A 173 -2.63 -26.25 -16.28
N GLY A 174 -3.54 -26.98 -16.92
CA GLY A 174 -4.45 -27.83 -16.18
C GLY A 174 -3.94 -29.25 -16.04
N GLY A 175 -4.16 -29.84 -14.86
CA GLY A 175 -3.71 -31.20 -14.62
C GLY A 175 -2.70 -31.29 -13.50
N THR A 176 -2.06 -32.45 -13.37
CA THR A 176 -1.06 -32.66 -12.32
C THR A 176 0.02 -33.62 -12.79
N SER A 177 1.27 -33.31 -12.45
CA SER A 177 2.40 -34.16 -12.83
C SER A 177 2.91 -34.95 -11.64
N VAL A 178 2.49 -36.22 -11.54
CA VAL A 178 2.91 -37.08 -10.45
C VAL A 178 3.78 -38.22 -10.96
N GLY A 179 4.40 -38.94 -10.03
CA GLY A 179 5.26 -40.05 -10.40
C GLY A 179 6.73 -39.68 -10.39
N TRP A 180 7.03 -38.40 -10.59
CA TRP A 180 8.40 -37.92 -10.60
C TRP A 180 8.77 -37.30 -9.25
N ASP A 181 8.22 -37.87 -8.18
CA ASP A 181 8.49 -37.38 -6.83
C ASP A 181 8.00 -35.94 -6.66
N SER A 182 8.30 -35.35 -5.51
CA SER A 182 7.90 -33.99 -5.23
C SER A 182 8.61 -33.00 -6.14
N PRO A 183 7.96 -31.87 -6.48
CA PRO A 183 8.53 -30.84 -7.35
C PRO A 183 9.62 -30.04 -6.64
N PRO A 184 10.88 -30.13 -7.11
CA PRO A 184 12.00 -29.40 -6.52
C PRO A 184 11.70 -27.91 -6.36
N ALA A 185 11.78 -27.43 -5.12
CA ALA A 185 11.51 -26.02 -4.83
C ALA A 185 12.72 -25.36 -4.18
N SER A 186 12.74 -24.03 -4.19
CA SER A 186 13.84 -23.28 -3.59
C SER A 186 13.45 -21.82 -3.40
N PRO A 187 12.32 -21.56 -2.72
CA PRO A 187 11.85 -20.19 -2.47
C PRO A 187 12.72 -19.44 -1.47
N LEU A 188 13.74 -18.75 -1.98
CA LEU A 188 14.64 -17.99 -1.14
C LEU A 188 14.10 -16.59 -0.88
N GLN A 189 14.00 -16.21 0.39
CA GLN A 189 13.50 -14.89 0.77
C GLN A 189 14.65 -13.93 1.05
N ARG A 190 14.45 -12.67 0.67
CA ARG A 190 15.47 -11.65 0.89
C ARG A 190 15.17 -10.84 2.15
N GLN A 191 14.08 -10.09 2.11
CA GLN A 191 13.68 -9.27 3.25
C GLN A 191 12.16 -9.34 3.46
N PRO A 192 11.71 -9.73 4.66
CA PRO A 192 10.28 -9.83 4.98
C PRO A 192 9.53 -8.54 4.66
N SER A 193 9.92 -7.46 5.32
CA SER A 193 9.28 -6.16 5.11
C SER A 193 9.78 -5.51 3.82
N SER A 194 9.31 -4.29 3.56
CA SER A 194 9.72 -3.56 2.37
C SER A 194 9.08 -2.17 2.34
N PRO A 195 7.73 -2.12 2.29
CA PRO A 195 7.00 -0.85 2.25
C PRO A 195 7.08 -0.09 3.58
N GLY A 196 7.28 -0.83 4.66
CA GLY A 196 7.37 -0.22 5.97
C GLY A 196 8.62 -0.63 6.72
N PRO A 197 9.81 -0.17 6.26
CA PRO A 197 11.08 -0.50 6.90
C PRO A 197 11.08 -0.20 8.39
N GLN A 198 11.26 -1.25 9.20
CA GLN A 198 11.27 -1.09 10.65
C GLN A 198 9.93 -0.58 11.17
N PRO A 199 9.25 -1.34 12.03
CA PRO A 199 7.95 -0.95 12.59
C PRO A 199 7.98 0.44 13.21
N ARG A 200 9.10 0.77 13.85
CA ARG A 200 9.27 2.06 14.49
C ARG A 200 9.71 3.12 13.48
N ASN A 201 8.96 4.21 13.41
CA ASN A 201 9.27 5.30 12.49
C ASN A 201 9.03 6.65 13.13
N LEU A 202 9.68 7.68 12.60
CA LEU A 202 9.53 9.03 13.13
C LEU A 202 8.37 9.75 12.45
N SER A 203 8.53 10.08 11.18
CA SER A 203 7.50 10.77 10.41
C SER A 203 8.00 11.13 9.02
N GLU A 204 7.56 10.36 8.02
CA GLU A 204 7.95 10.59 6.64
C GLU A 204 7.79 12.07 6.25
N ALA A 205 6.57 12.46 5.94
CA ALA A 205 6.29 13.84 5.56
C ALA A 205 5.96 14.69 6.79
N LYS A 206 6.90 15.53 7.19
CA LYS A 206 6.71 16.39 8.35
C LYS A 206 6.75 17.86 7.95
N HIS A 207 5.57 18.49 7.91
CA HIS A 207 5.47 19.89 7.56
C HIS A 207 5.02 20.74 8.74
N VAL A 208 5.77 21.80 9.02
CA VAL A 208 5.45 22.68 10.14
C VAL A 208 5.67 24.15 9.76
N SER A 209 4.63 24.96 9.91
CA SER A 209 4.70 26.38 9.60
C SER A 209 5.58 27.10 10.61
N LEU A 210 5.47 28.42 10.65
CA LEU A 210 6.26 29.22 11.58
C LEU A 210 5.42 29.64 12.79
N LYS A 211 4.86 30.85 12.75
CA LYS A 211 4.04 31.35 13.85
C LYS A 211 4.84 31.47 15.15
N MET A 212 6.14 31.19 15.08
CA MET A 212 7.03 31.26 16.25
C MET A 212 8.28 30.42 16.02
N ALA A 213 8.14 29.11 16.22
CA ALA A 213 9.25 28.18 16.03
C ALA A 213 10.46 28.58 16.88
N TYR A 214 11.43 27.67 16.96
CA TYR A 214 12.63 27.93 17.75
C TYR A 214 13.72 26.93 17.39
N VAL A 215 14.95 27.43 17.25
CA VAL A 215 16.09 26.58 16.92
C VAL A 215 17.04 26.45 18.10
N SER A 216 17.59 25.26 18.28
CA SER A 216 18.51 25.00 19.38
C SER A 216 19.77 24.29 18.89
N ARG A 217 20.88 25.03 18.83
CA ARG A 217 22.15 24.48 18.38
C ARG A 217 23.13 24.40 19.55
N ARG A 218 23.40 23.19 20.01
CA ARG A 218 24.32 22.99 21.13
C ARG A 218 25.33 21.88 20.82
N CYS A 219 26.33 21.76 21.68
CA CYS A 219 27.37 20.75 21.51
C CYS A 219 26.81 19.35 21.75
N THR A 220 27.41 18.37 21.08
CA THR A 220 26.99 16.98 21.21
C THR A 220 28.17 16.08 21.53
N PRO A 221 27.98 15.08 22.42
CA PRO A 221 29.05 14.16 22.80
C PRO A 221 29.70 13.50 21.59
N THR A 222 31.02 13.30 21.67
CA THR A 222 31.77 12.68 20.58
C THR A 222 31.38 13.27 19.23
N ASP A 223 31.00 14.54 19.23
CA ASP A 223 30.61 15.22 18.01
C ASP A 223 30.36 16.72 18.27
N PRO A 224 31.38 17.42 18.79
CA PRO A 224 31.27 18.85 19.10
C PRO A 224 31.52 19.74 17.88
N GLU A 225 31.64 19.13 16.70
CA GLU A 225 31.88 19.88 15.48
C GLU A 225 30.58 20.33 14.83
N PRO A 226 29.70 19.39 14.42
CA PRO A 226 28.43 19.72 13.78
C PRO A 226 27.37 20.16 14.78
N ARG A 227 27.48 19.69 16.01
CA ARG A 227 26.51 20.04 17.04
C ARG A 227 25.11 19.57 16.65
N TYR A 228 24.22 19.47 17.65
CA TYR A 228 22.85 19.03 17.38
C TYR A 228 21.91 20.22 17.26
N LEU A 229 21.02 20.16 16.27
CA LEU A 229 20.07 21.23 16.03
C LEU A 229 18.64 20.79 16.35
N GLU A 230 17.98 21.52 17.24
CA GLU A 230 16.61 21.21 17.64
C GLU A 230 15.65 22.27 17.11
N ILE A 231 14.56 21.81 16.50
CA ILE A 231 13.56 22.71 15.95
C ILE A 231 12.22 22.57 16.67
N CYS A 232 11.97 23.45 17.63
CA CYS A 232 10.73 23.42 18.39
C CYS A 232 9.70 24.36 17.78
N ALA A 233 8.54 23.82 17.41
CA ALA A 233 7.48 24.61 16.82
C ALA A 233 6.59 25.23 17.90
N ALA A 234 6.72 26.53 18.09
CA ALA A 234 5.95 27.26 19.09
C ALA A 234 6.01 26.56 20.44
N ASP A 235 7.09 25.83 20.67
CA ASP A 235 7.29 25.09 21.93
C ASP A 235 6.02 24.40 22.39
N GLY A 236 5.19 23.98 21.44
CA GLY A 236 3.96 23.30 21.77
C GLY A 236 3.17 22.86 20.55
N GLN A 237 3.88 22.54 19.47
CA GLN A 237 3.24 22.09 18.24
C GLN A 237 4.01 20.95 17.60
N ASP A 238 5.31 21.15 17.47
CA ASP A 238 6.18 20.15 16.87
C ASP A 238 7.60 20.25 17.43
N ALA A 239 8.43 19.26 17.11
CA ALA A 239 9.82 19.25 17.56
C ALA A 239 10.63 18.24 16.75
N VAL A 240 11.30 18.73 15.70
CA VAL A 240 12.11 17.86 14.86
C VAL A 240 13.60 18.12 15.07
N PHE A 241 14.34 17.07 15.38
CA PHE A 241 15.77 17.15 15.60
C PHE A 241 16.53 16.65 14.39
N LEU A 242 17.67 17.28 14.09
CA LEU A 242 18.49 16.89 12.95
C LEU A 242 19.96 17.18 13.21
N ARG A 243 20.82 16.49 12.47
CA ARG A 243 22.27 16.66 12.61
C ARG A 243 22.91 16.92 11.26
N ALA A 244 23.74 17.96 11.18
CA ALA A 244 24.41 18.32 9.95
C ALA A 244 25.25 17.16 9.41
N LYS A 245 25.85 17.35 8.25
CA LYS A 245 26.67 16.32 7.64
C LYS A 245 28.15 16.52 7.97
N ASP A 246 28.57 17.78 7.99
CA ASP A 246 29.96 18.11 8.31
C ASP A 246 30.03 19.11 9.45
N GLU A 247 29.55 20.32 9.19
CA GLU A 247 29.54 21.38 10.19
C GLU A 247 28.90 22.64 9.62
N ALA A 248 29.36 23.02 8.43
CA ALA A 248 28.82 24.20 7.77
C ALA A 248 27.37 23.97 7.37
N SER A 249 27.01 22.72 7.15
CA SER A 249 25.64 22.37 6.79
C SER A 249 24.71 22.74 7.93
N ALA A 250 25.21 22.60 9.16
CA ALA A 250 24.42 22.94 10.33
C ALA A 250 24.43 24.44 10.54
N ARG A 251 25.55 25.08 10.21
CA ARG A 251 25.65 26.53 10.34
C ARG A 251 24.64 27.18 9.41
N SER A 252 24.48 26.58 8.23
CA SER A 252 23.55 27.09 7.25
C SER A 252 22.13 26.69 7.62
N TRP A 253 21.99 25.55 8.30
CA TRP A 253 20.68 25.07 8.71
C TRP A 253 20.11 25.97 9.80
N ALA A 254 20.84 26.06 10.90
CA ALA A 254 20.42 26.89 12.01
C ALA A 254 20.35 28.35 11.57
N GLY A 255 21.23 28.72 10.64
CA GLY A 255 21.25 30.07 10.13
C GLY A 255 20.11 30.32 9.15
N ALA A 256 19.71 29.27 8.44
CA ALA A 256 18.63 29.39 7.46
C ALA A 256 17.27 29.34 8.15
N ILE A 257 17.17 28.50 9.19
CA ILE A 257 15.92 28.38 9.93
C ILE A 257 15.72 29.57 10.84
N GLN A 258 16.81 30.04 11.43
CA GLN A 258 16.76 31.19 12.33
C GLN A 258 16.59 32.48 11.54
N ALA A 259 17.15 32.51 10.34
CA ALA A 259 17.05 33.69 9.48
C ALA A 259 15.68 33.77 8.81
N GLN A 260 15.08 32.60 8.58
CA GLN A 260 13.76 32.54 7.95
C GLN A 260 12.65 32.78 8.97
N ILE A 261 12.75 32.10 10.11
CA ILE A 261 11.76 32.24 11.17
C ILE A 261 11.87 33.60 11.86
N GLY A 262 12.96 33.80 12.59
CA GLY A 262 13.17 35.05 13.29
C GLY A 262 12.29 35.19 14.52
N THR A 263 12.30 34.15 15.35
CA THR A 263 11.50 34.16 16.58
C THR A 263 11.88 35.33 17.48
N ALA A 1 12.75 -3.63 30.77
CA ALA A 1 11.65 -4.62 30.97
C ALA A 1 11.32 -5.35 29.67
N SER A 2 10.72 -4.62 28.73
CA SER A 2 10.36 -5.20 27.44
C SER A 2 11.20 -4.61 26.33
N GLY A 3 10.98 -5.09 25.10
CA GLY A 3 11.74 -4.60 23.96
C GLY A 3 11.12 -5.01 22.64
N ARG A 4 11.06 -4.08 21.70
CA ARG A 4 10.50 -4.34 20.38
C ARG A 4 11.51 -4.04 19.28
N ARG A 5 11.52 -4.86 18.24
CA ARG A 5 12.44 -4.67 17.13
C ARG A 5 11.75 -3.93 15.98
N ALA A 6 12.17 -2.68 15.76
CA ALA A 6 11.60 -1.86 14.70
C ALA A 6 12.29 -0.51 14.61
N PRO A 7 12.72 -0.09 13.40
CA PRO A 7 13.40 1.18 13.20
C PRO A 7 12.43 2.37 13.15
N ARG A 8 12.67 3.35 14.00
CA ARG A 8 11.82 4.54 14.05
C ARG A 8 12.18 5.49 12.92
N THR A 9 11.21 5.76 12.04
CA THR A 9 11.43 6.64 10.90
C THR A 9 10.54 7.88 10.99
N GLY A 10 11.06 9.01 10.52
CA GLY A 10 10.29 10.25 10.55
C GLY A 10 10.92 11.32 9.69
N LEU A 11 10.07 12.17 9.09
CA LEU A 11 10.54 13.24 8.23
C LEU A 11 11.03 14.42 9.05
N LEU A 12 12.29 14.80 8.84
CA LEU A 12 12.88 15.93 9.56
C LEU A 12 13.46 16.96 8.58
N GLU A 13 13.68 18.17 9.07
CA GLU A 13 14.22 19.24 8.23
C GLU A 13 15.70 19.45 8.52
N LEU A 14 16.50 19.56 7.46
CA LEU A 14 17.94 19.77 7.60
C LEU A 14 18.39 20.99 6.81
N ARG A 15 19.64 21.41 7.03
CA ARG A 15 20.18 22.57 6.34
C ARG A 15 21.07 22.13 5.18
N CYS A 16 21.18 23.00 4.17
CA CYS A 16 22.01 22.71 3.00
C CYS A 16 23.49 22.85 3.33
N GLY A 17 23.98 22.01 4.23
CA GLY A 17 25.38 22.07 4.62
C GLY A 17 25.67 23.21 5.58
N ALA A 18 26.88 23.74 5.51
CA ALA A 18 27.28 24.84 6.39
C ALA A 18 28.48 25.58 5.81
N GLY A 19 28.24 26.76 5.24
CA GLY A 19 29.32 27.55 4.67
C GLY A 19 28.82 28.53 3.62
N SER A 20 29.74 29.31 3.06
CA SER A 20 29.39 30.29 2.04
C SER A 20 28.82 29.61 0.81
N GLY A 21 28.22 30.41 -0.07
CA GLY A 21 27.62 29.86 -1.28
C GLY A 21 26.33 30.56 -1.66
N ALA A 22 25.22 30.06 -1.12
CA ALA A 22 23.91 30.64 -1.41
C ALA A 22 23.85 32.10 -0.97
N GLY A 23 22.69 32.72 -1.17
CA GLY A 23 22.52 34.11 -0.79
C GLY A 23 21.98 34.27 0.61
N GLY A 24 21.22 33.28 1.07
CA GLY A 24 20.65 33.33 2.40
C GLY A 24 20.67 31.98 3.10
N GLU A 25 19.77 31.09 2.67
CA GLU A 25 19.68 29.76 3.25
C GLU A 25 19.05 28.78 2.27
N ARG A 26 18.82 27.55 2.74
CA ARG A 26 18.21 26.52 1.90
C ARG A 26 18.09 25.22 2.68
N TRP A 27 16.88 24.91 3.10
CA TRP A 27 16.62 23.68 3.86
C TRP A 27 15.87 22.66 3.01
N GLN A 28 15.98 21.40 3.39
CA GLN A 28 15.30 20.32 2.66
C GLN A 28 14.72 19.31 3.64
N ARG A 29 13.79 18.49 3.15
CA ARG A 29 13.14 17.48 3.97
C ARG A 29 13.91 16.17 3.94
N VAL A 30 14.42 15.76 5.09
CA VAL A 30 15.19 14.52 5.18
C VAL A 30 14.58 13.58 6.22
N LEU A 31 14.47 12.30 5.85
CA LEU A 31 13.89 11.30 6.74
C LEU A 31 14.98 10.69 7.62
N LEU A 32 14.70 10.64 8.93
CA LEU A 32 15.65 10.08 9.88
C LEU A 32 15.25 8.66 10.28
N SER A 33 16.24 7.83 10.58
CA SER A 33 15.99 6.45 10.97
C SER A 33 16.81 6.07 12.21
N LEU A 34 16.16 5.37 13.14
CA LEU A 34 16.82 4.95 14.37
C LEU A 34 16.34 3.56 14.80
N ALA A 35 17.22 2.57 14.69
CA ALA A 35 16.88 1.21 15.07
C ALA A 35 17.24 0.93 16.53
N GLU A 36 18.52 0.68 16.77
CA GLU A 36 19.00 0.41 18.12
C GLU A 36 20.36 1.06 18.34
N ASP A 37 21.40 0.45 17.77
CA ASP A 37 22.75 0.97 17.90
C ASP A 37 23.22 1.58 16.58
N ALA A 38 22.26 2.11 15.83
CA ALA A 38 22.57 2.72 14.54
C ALA A 38 21.41 3.56 14.02
N LEU A 39 21.71 4.80 13.63
CA LEU A 39 20.70 5.71 13.11
C LEU A 39 21.11 6.21 11.73
N THR A 40 20.27 5.97 10.73
CA THR A 40 20.56 6.40 9.38
C THR A 40 19.69 7.57 8.95
N VAL A 41 20.21 8.38 8.04
CA VAL A 41 19.48 9.53 7.53
C VAL A 41 19.33 9.44 6.02
N SER A 42 18.27 10.04 5.50
CA SER A 42 18.01 10.02 4.06
C SER A 42 17.24 11.26 3.63
N PRO A 43 17.33 11.63 2.33
CA PRO A 43 16.64 12.79 1.78
C PRO A 43 15.18 12.52 1.42
N ALA A 44 14.48 11.78 2.28
CA ALA A 44 13.09 11.45 2.03
C ALA A 44 12.92 10.72 0.70
N ASP A 45 12.91 9.39 0.76
CA ASP A 45 12.76 8.58 -0.45
C ASP A 45 12.10 7.24 -0.11
N GLY A 46 11.05 6.91 -0.85
CA GLY A 46 10.35 5.66 -0.61
C GLY A 46 8.90 5.87 -0.24
N GLU A 47 8.04 4.97 -0.72
CA GLU A 47 6.61 5.05 -0.44
C GLU A 47 6.28 4.47 0.93
N PRO A 48 6.82 3.28 1.26
CA PRO A 48 6.57 2.63 2.55
C PRO A 48 6.79 3.57 3.73
N GLY A 49 5.92 3.47 4.73
CA GLY A 49 6.05 4.32 5.91
C GLY A 49 5.43 5.69 5.71
N PRO A 50 4.19 5.76 5.21
CA PRO A 50 3.50 7.04 4.98
C PRO A 50 2.96 7.64 6.27
N GLU A 51 2.99 8.96 6.38
CA GLU A 51 2.50 9.65 7.55
C GLU A 51 2.39 11.16 7.31
N PRO A 52 3.54 11.83 7.07
CA PRO A 52 3.56 13.27 6.82
C PRO A 52 3.08 13.62 5.42
N GLU A 53 1.76 13.73 5.26
CA GLU A 53 1.17 14.06 3.97
C GLU A 53 1.45 15.51 3.59
N PRO A 54 2.28 15.74 2.56
CA PRO A 54 2.62 17.11 2.13
C PRO A 54 1.48 17.77 1.36
N ALA A 55 0.94 18.85 1.93
CA ALA A 55 -0.15 19.58 1.31
C ALA A 55 -1.35 18.66 1.05
N GLN A 56 -2.37 19.20 0.39
CA GLN A 56 -3.57 18.44 0.09
C GLN A 56 -3.37 17.56 -1.15
N LEU A 57 -4.38 16.77 -1.48
CA LEU A 57 -4.32 15.88 -2.63
C LEU A 57 -5.19 16.41 -3.77
N ASN A 58 -5.04 15.81 -4.95
CA ASN A 58 -5.80 16.22 -6.12
C ASN A 58 -7.15 15.48 -6.17
N GLY A 59 -8.21 16.18 -5.77
CA GLY A 59 -9.53 15.58 -5.79
C GLY A 59 -10.28 15.87 -7.07
N ALA A 60 -11.16 14.94 -7.46
CA ALA A 60 -11.94 15.09 -8.68
C ALA A 60 -12.89 13.91 -8.87
N ALA A 61 -12.42 12.71 -8.54
CA ALA A 61 -13.23 11.52 -8.68
C ALA A 61 -13.56 11.24 -10.14
N GLU A 62 -13.40 9.98 -10.55
CA GLU A 62 -13.68 9.58 -11.93
C GLU A 62 -15.07 8.97 -12.05
N PRO A 63 -16.06 9.75 -12.53
CA PRO A 63 -17.43 9.27 -12.70
C PRO A 63 -17.56 8.23 -13.80
N GLY A 64 -18.78 7.92 -14.19
CA GLY A 64 -19.02 6.93 -15.23
C GLY A 64 -19.05 5.51 -14.70
N ALA A 65 -18.33 4.62 -15.37
CA ALA A 65 -18.28 3.22 -14.96
C ALA A 65 -17.04 2.94 -14.12
N ALA A 66 -17.25 2.35 -12.94
CA ALA A 66 -16.15 2.02 -12.05
C ALA A 66 -16.68 1.47 -10.73
N PRO A 67 -16.36 0.21 -10.41
CA PRO A 67 -16.80 -0.44 -9.16
C PRO A 67 -16.20 0.23 -7.92
N PRO A 68 -16.83 0.03 -6.74
CA PRO A 68 -16.34 0.61 -5.49
C PRO A 68 -14.88 0.25 -5.21
N GLN A 69 -14.41 0.59 -4.01
CA GLN A 69 -13.03 0.30 -3.63
C GLN A 69 -12.98 -0.47 -2.31
N LEU A 70 -14.00 -1.30 -2.07
CA LEU A 70 -14.06 -2.09 -0.85
C LEU A 70 -14.55 -3.51 -1.14
N PRO A 71 -13.77 -4.29 -1.90
CA PRO A 71 -14.12 -5.67 -2.26
C PRO A 71 -14.04 -6.61 -1.06
N GLU A 72 -14.87 -6.35 -0.04
CA GLU A 72 -14.89 -7.18 1.15
C GLU A 72 -16.10 -8.10 1.17
N ALA A 73 -17.21 -7.63 0.63
CA ALA A 73 -18.43 -8.41 0.62
C ALA A 73 -18.81 -8.81 2.04
N LEU A 74 -18.22 -8.11 3.03
CA LEU A 74 -18.45 -8.37 4.46
C LEU A 74 -18.73 -9.84 4.77
N LEU A 75 -18.18 -10.71 3.94
CA LEU A 75 -18.35 -12.15 4.09
C LEU A 75 -19.70 -12.52 4.69
N LEU A 76 -20.77 -11.88 4.19
CA LEU A 76 -22.10 -12.15 4.70
C LEU A 76 -22.55 -13.56 4.31
N GLN A 77 -22.86 -13.73 3.04
CA GLN A 77 -23.29 -15.02 2.52
C GLN A 77 -22.61 -15.33 1.19
N ARG A 78 -21.41 -15.90 1.26
CA ARG A 78 -20.65 -16.24 0.06
C ARG A 78 -20.35 -15.00 -0.77
N ARG A 79 -19.66 -15.18 -1.88
CA ARG A 79 -19.31 -14.06 -2.75
C ARG A 79 -20.56 -13.53 -3.47
N ARG A 80 -20.60 -12.22 -3.66
CA ARG A 80 -21.73 -11.58 -4.32
C ARG A 80 -21.27 -10.68 -5.46
N VAL A 81 -20.90 -11.31 -6.58
CA VAL A 81 -20.44 -10.56 -7.74
C VAL A 81 -21.59 -9.84 -8.43
N THR A 82 -21.25 -8.82 -9.21
CA THR A 82 -22.25 -8.04 -9.93
C THR A 82 -21.96 -8.01 -11.43
N VAL A 83 -23.01 -7.86 -12.22
CA VAL A 83 -22.85 -7.82 -13.68
C VAL A 83 -23.63 -6.65 -14.28
N ARG A 84 -22.95 -5.54 -14.48
CA ARG A 84 -23.59 -4.35 -15.05
C ARG A 84 -23.55 -4.40 -16.57
N LYS A 85 -24.72 -4.43 -17.19
CA LYS A 85 -24.82 -4.47 -18.65
C LYS A 85 -24.51 -3.11 -19.26
N ALA A 86 -25.45 -2.19 -19.11
CA ALA A 86 -25.28 -0.84 -19.64
C ALA A 86 -24.46 0.03 -18.70
N ASP A 87 -23.19 -0.32 -18.55
CA ASP A 87 -22.29 0.42 -17.67
C ASP A 87 -20.84 0.28 -18.12
N ALA A 88 -20.31 -0.94 -17.98
CA ALA A 88 -18.93 -1.21 -18.38
C ALA A 88 -18.86 -1.79 -19.78
N GLY A 89 -19.44 -2.97 -19.96
CA GLY A 89 -19.44 -3.61 -21.26
C GLY A 89 -20.45 -4.75 -21.35
N GLY A 90 -19.96 -5.95 -21.60
CA GLY A 90 -20.84 -7.10 -21.70
C GLY A 90 -20.22 -8.36 -21.13
N LEU A 91 -21.01 -9.41 -21.01
CA LEU A 91 -20.54 -10.68 -20.46
C LEU A 91 -20.27 -11.69 -21.58
N GLY A 92 -19.27 -12.53 -21.37
CA GLY A 92 -18.93 -13.53 -22.37
C GLY A 92 -18.02 -14.61 -21.81
N ILE A 93 -18.16 -14.90 -20.53
CA ILE A 93 -17.34 -15.92 -19.87
C ILE A 93 -17.78 -17.32 -20.27
N SER A 94 -16.95 -18.31 -19.97
CA SER A 94 -17.25 -19.70 -20.29
C SER A 94 -17.25 -20.55 -19.02
N ILE A 95 -18.44 -20.82 -18.51
CA ILE A 95 -18.59 -21.61 -17.30
C ILE A 95 -18.64 -23.11 -17.60
N LYS A 96 -18.58 -23.90 -16.54
CA LYS A 96 -18.62 -25.36 -16.66
C LYS A 96 -19.22 -25.98 -15.41
N GLY A 97 -20.17 -26.88 -15.61
CA GLY A 97 -20.83 -27.53 -14.47
C GLY A 97 -21.78 -28.64 -14.90
N GLY A 98 -22.36 -29.32 -13.92
CA GLY A 98 -23.28 -30.40 -14.21
C GLY A 98 -24.00 -30.89 -12.97
N ARG A 99 -24.98 -30.11 -12.51
CA ARG A 99 -25.76 -30.47 -11.33
C ARG A 99 -26.62 -31.71 -11.58
N GLU A 100 -26.72 -32.13 -12.84
CA GLU A 100 -27.51 -33.31 -13.18
C GLU A 100 -27.21 -34.45 -12.20
N ASN A 101 -25.97 -34.47 -11.72
CA ASN A 101 -25.55 -35.47 -10.77
C ASN A 101 -25.17 -34.80 -9.45
N LYS A 102 -24.10 -34.02 -9.49
CA LYS A 102 -23.62 -33.31 -8.31
C LYS A 102 -22.45 -32.40 -8.64
N MET A 103 -22.42 -31.89 -9.87
CA MET A 103 -21.35 -31.00 -10.30
C MET A 103 -21.81 -29.54 -10.31
N PRO A 104 -21.37 -28.75 -9.33
CA PRO A 104 -21.74 -27.33 -9.23
C PRO A 104 -21.17 -26.50 -10.38
N ILE A 105 -21.87 -25.41 -10.71
CA ILE A 105 -21.44 -24.53 -11.79
C ILE A 105 -20.38 -23.55 -11.30
N LEU A 106 -19.29 -23.43 -12.06
CA LEU A 106 -18.20 -22.53 -11.69
C LEU A 106 -17.62 -21.84 -12.92
N ILE A 107 -16.87 -20.77 -12.69
CA ILE A 107 -16.23 -20.03 -13.78
C ILE A 107 -15.11 -20.84 -14.40
N SER A 108 -15.27 -21.15 -15.68
CA SER A 108 -14.29 -21.93 -16.41
C SER A 108 -13.43 -21.04 -17.31
N LYS A 109 -13.97 -19.87 -17.66
CA LYS A 109 -13.24 -18.96 -18.53
C LYS A 109 -13.71 -17.51 -18.37
N ILE A 110 -12.77 -16.62 -18.12
CA ILE A 110 -13.08 -15.21 -17.95
C ILE A 110 -12.34 -14.38 -19.00
N PHE A 111 -12.86 -14.38 -20.22
CA PHE A 111 -12.25 -13.63 -21.32
C PHE A 111 -11.96 -12.19 -20.92
N LYS A 112 -10.78 -11.70 -21.30
CA LYS A 112 -10.38 -10.34 -20.99
C LYS A 112 -11.00 -9.34 -21.97
N GLY A 113 -11.28 -8.14 -21.49
CA GLY A 113 -11.87 -7.12 -22.34
C GLY A 113 -13.39 -7.15 -22.29
N LEU A 114 -13.94 -7.62 -21.18
CA LEU A 114 -15.38 -7.69 -21.02
C LEU A 114 -15.79 -7.35 -19.59
N ALA A 115 -17.09 -7.47 -19.31
CA ALA A 115 -17.60 -7.19 -17.97
C ALA A 115 -16.93 -8.07 -16.93
N ALA A 116 -16.53 -9.27 -17.33
CA ALA A 116 -15.86 -10.20 -16.42
C ALA A 116 -14.51 -9.65 -15.97
N ASP A 117 -13.89 -8.83 -16.82
CA ASP A 117 -12.60 -8.24 -16.50
C ASP A 117 -12.76 -7.01 -15.61
N GLN A 118 -13.64 -6.11 -16.03
CA GLN A 118 -13.90 -4.90 -15.26
C GLN A 118 -14.41 -5.23 -13.85
N THR A 119 -15.14 -6.32 -13.76
CA THR A 119 -15.69 -6.77 -12.48
C THR A 119 -14.58 -6.98 -11.46
N GLU A 120 -13.50 -7.63 -11.89
CA GLU A 120 -12.36 -7.91 -11.02
C GLU A 120 -12.85 -8.42 -9.66
N ALA A 121 -13.99 -9.12 -9.69
CA ALA A 121 -14.58 -9.66 -8.48
C ALA A 121 -14.71 -11.18 -8.55
N LEU A 122 -13.81 -11.80 -9.32
CA LEU A 122 -13.82 -13.25 -9.49
C LEU A 122 -12.40 -13.79 -9.59
N PHE A 123 -12.28 -15.10 -9.79
CA PHE A 123 -10.97 -15.74 -9.91
C PHE A 123 -11.05 -16.98 -10.78
N VAL A 124 -11.91 -16.94 -11.79
CA VAL A 124 -12.09 -18.06 -12.70
C VAL A 124 -12.14 -19.40 -11.96
N GLY A 125 -12.83 -19.42 -10.82
CA GLY A 125 -12.94 -20.63 -10.04
C GLY A 125 -13.93 -20.50 -8.90
N ASP A 126 -15.04 -19.81 -9.16
CA ASP A 126 -16.07 -19.60 -8.14
C ASP A 126 -17.33 -20.40 -8.48
N ALA A 127 -17.79 -21.19 -7.52
CA ALA A 127 -18.99 -22.00 -7.71
C ALA A 127 -20.26 -21.18 -7.47
N ILE A 128 -21.10 -21.07 -8.49
CA ILE A 128 -22.34 -20.31 -8.40
C ILE A 128 -23.39 -21.07 -7.58
N LEU A 129 -24.37 -20.34 -7.08
CA LEU A 129 -25.44 -20.94 -6.28
C LEU A 129 -26.69 -20.05 -6.30
N SER A 130 -26.49 -18.75 -6.22
CA SER A 130 -27.61 -17.80 -6.24
C SER A 130 -27.36 -16.71 -7.28
N VAL A 131 -28.38 -16.40 -8.06
CA VAL A 131 -28.27 -15.38 -9.10
C VAL A 131 -29.38 -14.35 -8.98
N ASN A 132 -29.01 -13.08 -8.98
CA ASN A 132 -29.97 -11.97 -8.87
C ASN A 132 -31.13 -12.34 -7.96
N GLY A 133 -30.83 -13.10 -6.91
CA GLY A 133 -31.86 -13.54 -5.99
C GLY A 133 -32.58 -14.77 -6.48
N GLU A 134 -31.83 -15.77 -6.91
CA GLU A 134 -32.40 -17.01 -7.41
C GLU A 134 -31.38 -18.12 -7.30
N ASP A 135 -31.63 -18.97 -6.35
CA ASP A 135 -30.76 -20.11 -6.08
C ASP A 135 -30.84 -21.14 -7.19
N LEU A 136 -29.71 -21.35 -7.87
CA LEU A 136 -29.65 -22.31 -8.96
C LEU A 136 -29.18 -23.67 -8.46
N SER A 137 -29.38 -23.91 -7.17
CA SER A 137 -28.98 -25.17 -6.55
C SER A 137 -29.53 -26.35 -7.34
N SER A 138 -30.65 -26.12 -8.04
CA SER A 138 -31.28 -27.16 -8.84
C SER A 138 -31.42 -26.66 -10.28
N ALA A 139 -30.31 -26.17 -10.83
CA ALA A 139 -30.28 -25.67 -12.19
C ALA A 139 -28.97 -26.02 -12.87
N THR A 140 -28.95 -27.18 -13.50
CA THR A 140 -27.75 -27.66 -14.20
C THR A 140 -27.14 -26.59 -15.09
N HIS A 141 -26.06 -26.96 -15.77
CA HIS A 141 -25.34 -26.05 -16.66
C HIS A 141 -26.29 -25.24 -17.53
N ASP A 142 -27.06 -25.94 -18.36
CA ASP A 142 -28.00 -25.29 -19.28
C ASP A 142 -28.85 -24.25 -18.55
N GLU A 143 -29.12 -24.49 -17.28
CA GLU A 143 -29.92 -23.56 -16.49
C GLU A 143 -29.14 -22.29 -16.19
N ALA A 144 -27.85 -22.43 -15.88
CA ALA A 144 -27.02 -21.28 -15.59
C ALA A 144 -26.94 -20.37 -16.82
N VAL A 145 -26.88 -20.99 -17.99
CA VAL A 145 -26.80 -20.25 -19.23
C VAL A 145 -28.04 -19.41 -19.44
N GLN A 146 -29.20 -20.07 -19.41
CA GLN A 146 -30.47 -19.38 -19.59
C GLN A 146 -30.70 -18.36 -18.48
N ALA A 147 -30.24 -18.68 -17.28
CA ALA A 147 -30.40 -17.81 -16.12
C ALA A 147 -29.55 -16.55 -16.25
N LEU A 148 -28.45 -16.62 -16.99
CA LEU A 148 -27.57 -15.46 -17.15
C LEU A 148 -28.04 -14.55 -18.28
N LYS A 149 -28.55 -15.13 -19.37
CA LYS A 149 -29.02 -14.34 -20.50
C LYS A 149 -30.28 -13.55 -20.14
N LYS A 150 -31.28 -14.27 -19.65
CA LYS A 150 -32.54 -13.64 -19.27
C LYS A 150 -32.30 -12.41 -18.40
N THR A 151 -31.18 -12.41 -17.69
CA THR A 151 -30.82 -11.29 -16.82
C THR A 151 -30.48 -10.06 -17.63
N GLY A 152 -30.05 -9.00 -16.96
CA GLY A 152 -29.68 -7.77 -17.64
C GLY A 152 -29.88 -6.53 -16.79
N LYS A 153 -29.30 -5.41 -17.23
CA LYS A 153 -29.41 -4.14 -16.51
C LYS A 153 -28.45 -4.09 -15.34
N GLU A 154 -28.57 -5.05 -14.44
CA GLU A 154 -27.72 -5.15 -13.27
C GLU A 154 -27.93 -6.47 -12.56
N VAL A 155 -26.98 -7.35 -12.72
CA VAL A 155 -27.04 -8.68 -12.11
C VAL A 155 -26.17 -8.75 -10.86
N VAL A 156 -26.48 -9.70 -10.00
CA VAL A 156 -25.74 -9.90 -8.76
C VAL A 156 -25.51 -11.38 -8.52
N LEU A 157 -24.47 -11.93 -9.14
CA LEU A 157 -24.15 -13.34 -9.01
C LEU A 157 -23.64 -13.68 -7.62
N GLU A 158 -24.07 -14.83 -7.11
CA GLU A 158 -23.66 -15.29 -5.79
C GLU A 158 -22.89 -16.61 -5.91
N VAL A 159 -21.58 -16.54 -5.73
CA VAL A 159 -20.74 -17.73 -5.84
C VAL A 159 -19.94 -17.99 -4.57
N LYS A 160 -19.32 -19.14 -4.51
CA LYS A 160 -18.51 -19.53 -3.35
C LYS A 160 -17.12 -19.96 -3.79
N TYR A 161 -16.15 -19.81 -2.89
CA TYR A 161 -14.78 -20.20 -3.19
C TYR A 161 -14.53 -21.65 -2.82
N MET A 162 -14.83 -22.55 -3.76
CA MET A 162 -14.63 -23.98 -3.54
C MET A 162 -13.15 -24.32 -3.42
N LYS A 163 -12.84 -25.35 -2.65
CA LYS A 163 -11.46 -25.78 -2.45
C LYS A 163 -11.20 -27.12 -3.15
N GLU A 164 -12.25 -27.93 -3.27
CA GLU A 164 -12.13 -29.24 -3.91
C GLU A 164 -12.28 -29.11 -5.42
N VAL A 165 -11.43 -28.30 -6.03
CA VAL A 165 -11.47 -28.10 -7.47
C VAL A 165 -10.07 -28.06 -8.06
N SER A 166 -9.18 -27.32 -7.40
CA SER A 166 -7.80 -27.20 -7.87
C SER A 166 -6.86 -26.89 -6.70
N PRO A 167 -6.54 -27.90 -5.88
CA PRO A 167 -5.65 -27.74 -4.72
C PRO A 167 -4.19 -27.53 -5.14
N TYR A 168 -3.37 -27.10 -4.18
CA TYR A 168 -1.96 -26.86 -4.45
C TYR A 168 -1.79 -25.78 -5.52
N PHE A 169 -0.58 -25.67 -6.06
CA PHE A 169 -0.28 -24.67 -7.09
C PHE A 169 -0.17 -23.27 -6.47
N LYS A 170 0.52 -23.18 -5.34
CA LYS A 170 0.70 -21.91 -4.66
C LYS A 170 1.99 -21.23 -5.09
N ASN A 171 2.28 -20.08 -4.50
CA ASN A 171 3.50 -19.33 -4.82
C ASN A 171 4.72 -19.98 -4.19
N SER A 172 5.82 -19.99 -4.92
CA SER A 172 7.07 -20.59 -4.43
C SER A 172 7.57 -19.84 -3.20
N ALA A 173 8.39 -20.52 -2.40
CA ALA A 173 8.94 -19.93 -1.19
C ALA A 173 10.34 -19.38 -1.44
N GLY A 174 10.93 -18.80 -0.41
CA GLY A 174 12.27 -18.24 -0.53
C GLY A 174 12.62 -17.32 0.61
N GLY A 175 11.70 -16.41 0.94
CA GLY A 175 11.95 -15.47 2.02
C GLY A 175 13.06 -14.50 1.71
N THR A 176 12.73 -13.47 0.93
CA THR A 176 13.72 -12.46 0.55
C THR A 176 13.04 -11.24 -0.07
N SER A 177 12.21 -11.47 -1.08
CA SER A 177 11.49 -10.40 -1.75
C SER A 177 9.99 -10.55 -1.52
N VAL A 178 9.52 -11.79 -1.65
CA VAL A 178 8.10 -12.13 -1.46
C VAL A 178 7.16 -11.09 -2.07
N GLY A 179 6.43 -11.53 -3.10
CA GLY A 179 5.50 -10.64 -3.77
C GLY A 179 4.10 -11.24 -3.86
N TRP A 180 3.81 -12.21 -3.00
CA TRP A 180 2.51 -12.85 -2.99
C TRP A 180 1.70 -12.45 -1.75
N ASP A 181 1.85 -11.20 -1.34
CA ASP A 181 1.14 -10.68 -0.17
C ASP A 181 0.09 -9.65 -0.58
N SER A 182 -0.31 -9.71 -1.82
CA SER A 182 -1.30 -8.78 -2.36
C SER A 182 -0.81 -7.35 -2.25
N PRO A 183 0.21 -6.97 -3.04
CA PRO A 183 0.78 -5.62 -3.03
C PRO A 183 -0.17 -4.59 -3.65
N PRO A 184 -0.73 -3.67 -2.85
CA PRO A 184 -1.65 -2.64 -3.34
C PRO A 184 -1.04 -1.80 -4.45
N ALA A 185 -1.87 -1.36 -5.38
CA ALA A 185 -1.41 -0.55 -6.50
C ALA A 185 -1.63 0.94 -6.23
N SER A 186 -1.01 1.78 -7.05
CA SER A 186 -1.13 3.23 -6.89
C SER A 186 -1.02 3.94 -8.24
N PRO A 187 0.18 3.91 -8.86
CA PRO A 187 0.40 4.55 -10.17
C PRO A 187 -0.25 3.79 -11.31
N LEU A 188 -0.27 4.39 -12.49
CA LEU A 188 -0.87 3.76 -13.66
C LEU A 188 -0.19 2.42 -13.95
N GLN A 189 -0.90 1.55 -14.68
CA GLN A 189 -0.36 0.25 -15.03
C GLN A 189 0.26 0.26 -16.42
N ARG A 190 0.90 1.37 -16.77
CA ARG A 190 1.55 1.51 -18.07
C ARG A 190 3.05 1.30 -17.96
N GLN A 191 3.62 1.68 -16.82
CA GLN A 191 5.05 1.53 -16.59
C GLN A 191 5.36 1.49 -15.09
N PRO A 192 6.42 0.76 -14.69
CA PRO A 192 6.81 0.66 -13.28
C PRO A 192 7.39 1.95 -12.74
N SER A 193 8.11 2.68 -13.60
CA SER A 193 8.72 3.95 -13.21
C SER A 193 9.19 4.72 -14.44
N SER A 194 8.74 5.96 -14.55
CA SER A 194 9.12 6.81 -15.68
C SER A 194 10.57 7.26 -15.55
N PRO A 195 11.29 7.37 -16.69
CA PRO A 195 12.69 7.79 -16.70
C PRO A 195 12.84 9.29 -16.45
N GLY A 196 12.95 9.66 -15.17
CA GLY A 196 13.10 11.05 -14.82
C GLY A 196 13.99 11.26 -13.60
N PRO A 197 15.32 11.16 -13.77
CA PRO A 197 16.27 11.33 -12.67
C PRO A 197 16.05 12.64 -11.92
N GLN A 198 16.28 12.62 -10.61
CA GLN A 198 16.11 13.81 -9.77
C GLN A 198 17.40 14.62 -9.71
N PRO A 199 17.34 15.94 -9.96
CA PRO A 199 18.51 16.81 -9.92
C PRO A 199 18.92 17.16 -8.49
N ARG A 200 17.94 17.47 -7.66
CA ARG A 200 18.20 17.83 -6.27
C ARG A 200 17.91 16.66 -5.34
N ASN A 201 18.97 16.12 -4.75
CA ASN A 201 18.84 14.99 -3.82
C ASN A 201 20.19 14.57 -3.28
N LEU A 202 20.22 14.16 -2.02
CA LEU A 202 21.45 13.72 -1.37
C LEU A 202 22.07 12.55 -2.12
N SER A 203 23.10 11.95 -1.53
CA SER A 203 23.78 10.81 -2.14
C SER A 203 22.96 9.53 -1.98
N GLU A 204 22.87 9.05 -0.75
CA GLU A 204 22.11 7.83 -0.45
C GLU A 204 21.53 7.88 0.95
N ALA A 205 22.38 8.16 1.93
CA ALA A 205 21.95 8.24 3.31
C ALA A 205 23.13 8.57 4.23
N LYS A 206 22.86 8.67 5.53
CA LYS A 206 23.90 8.98 6.51
C LYS A 206 23.70 8.15 7.77
N HIS A 207 24.52 7.10 7.91
CA HIS A 207 24.44 6.22 9.06
C HIS A 207 25.48 6.58 10.11
N VAL A 208 25.14 6.41 11.39
CA VAL A 208 26.04 6.71 12.48
C VAL A 208 25.92 5.68 13.60
N SER A 209 27.05 5.18 14.06
CA SER A 209 27.07 4.19 15.13
C SER A 209 26.54 4.78 16.43
N LEU A 210 26.54 6.11 16.53
CA LEU A 210 26.06 6.82 17.72
C LEU A 210 26.55 6.14 19.00
N LYS A 211 27.75 5.57 18.96
CA LYS A 211 28.31 4.89 20.13
C LYS A 211 28.50 5.88 21.27
N MET A 212 28.78 7.13 20.92
CA MET A 212 28.99 8.19 21.92
C MET A 212 28.42 9.51 21.42
N ALA A 213 27.38 9.42 20.58
CA ALA A 213 26.75 10.61 20.02
C ALA A 213 26.11 11.46 21.12
N TYR A 214 25.95 12.75 20.84
CA TYR A 214 25.35 13.67 21.79
C TYR A 214 24.19 14.43 21.15
N VAL A 215 23.12 14.62 21.91
CA VAL A 215 21.94 15.33 21.41
C VAL A 215 21.84 16.73 22.03
N SER A 216 21.70 17.74 21.19
CA SER A 216 21.58 19.12 21.65
C SER A 216 20.34 19.79 21.07
N ARG A 217 19.49 20.30 21.96
CA ARG A 217 18.27 20.97 21.54
C ARG A 217 18.47 22.48 21.47
N ARG A 218 18.65 22.98 20.25
CA ARG A 218 18.85 24.42 20.04
C ARG A 218 17.52 25.11 19.73
N CYS A 219 17.55 26.44 19.72
CA CYS A 219 16.35 27.21 19.43
C CYS A 219 16.56 28.11 18.21
N THR A 220 15.46 28.42 17.52
CA THR A 220 15.53 29.26 16.33
C THR A 220 14.23 30.07 16.18
N PRO A 221 14.34 31.33 15.69
CA PRO A 221 13.17 32.19 15.50
C PRO A 221 12.06 31.50 14.72
N THR A 222 12.41 30.49 13.95
CA THR A 222 11.42 29.76 13.15
C THR A 222 10.97 28.50 13.88
N ASP A 223 10.93 28.57 15.21
CA ASP A 223 10.50 27.43 16.02
C ASP A 223 9.25 27.78 16.82
N PRO A 224 8.06 27.60 16.22
CA PRO A 224 6.79 27.89 16.89
C PRO A 224 6.63 27.17 18.22
N GLU A 225 7.40 26.08 18.38
CA GLU A 225 7.35 25.30 19.62
C GLU A 225 8.45 24.25 19.64
N PRO A 226 8.41 23.28 18.70
CA PRO A 226 9.42 22.22 18.63
C PRO A 226 10.84 22.76 18.57
N ARG A 227 11.76 22.06 19.22
CA ARG A 227 13.16 22.47 19.24
C ARG A 227 13.96 21.76 18.15
N TYR A 228 15.13 22.29 17.85
CA TYR A 228 15.99 21.70 16.82
C TYR A 228 16.95 20.68 17.43
N LEU A 229 16.83 19.44 17.00
CA LEU A 229 17.68 18.36 17.51
C LEU A 229 19.04 18.39 16.83
N GLU A 230 20.10 18.43 17.64
CA GLU A 230 21.46 18.47 17.12
C GLU A 230 22.21 17.19 17.52
N ILE A 231 22.59 16.40 16.53
CA ILE A 231 23.32 15.16 16.79
C ILE A 231 24.80 15.32 16.45
N CYS A 232 25.66 14.78 17.32
CA CYS A 232 27.10 14.86 17.11
C CYS A 232 27.79 13.55 17.52
N ALA A 233 28.26 12.80 16.54
CA ALA A 233 28.93 11.53 16.80
C ALA A 233 30.28 11.76 17.47
N ALA A 234 30.30 11.69 18.79
CA ALA A 234 31.52 11.89 19.56
C ALA A 234 32.24 13.18 19.16
N ASP A 235 31.48 14.14 18.65
CA ASP A 235 32.01 15.42 18.22
C ASP A 235 33.33 15.26 17.45
N GLY A 236 33.44 14.16 16.71
CA GLY A 236 34.64 13.92 15.93
C GLY A 236 34.43 12.89 14.83
N GLN A 237 33.20 12.77 14.35
CA GLN A 237 32.88 11.82 13.29
C GLN A 237 31.78 12.36 12.39
N ASP A 238 30.63 12.64 13.00
CA ASP A 238 29.49 13.17 12.26
C ASP A 238 28.80 14.28 13.05
N ALA A 239 27.86 14.95 12.40
CA ALA A 239 27.12 16.05 13.03
C ALA A 239 25.90 16.41 12.20
N VAL A 240 24.75 15.87 12.58
CA VAL A 240 23.51 16.14 11.87
C VAL A 240 22.46 16.79 12.78
N PHE A 241 21.90 17.90 12.33
CA PHE A 241 20.89 18.62 13.10
C PHE A 241 19.62 18.80 12.26
N LEU A 242 18.47 18.57 12.88
CA LEU A 242 17.20 18.71 12.20
C LEU A 242 16.05 18.92 13.18
N ARG A 243 14.88 19.26 12.64
CA ARG A 243 13.69 19.49 13.47
C ARG A 243 12.55 18.58 13.03
N ALA A 244 11.77 18.10 13.99
CA ALA A 244 10.64 17.23 13.70
C ALA A 244 9.39 18.05 13.36
N LYS A 245 8.31 17.35 13.03
CA LYS A 245 7.05 18.00 12.68
C LYS A 245 6.53 18.85 13.85
N ASP A 246 6.27 18.18 14.97
CA ASP A 246 5.77 18.85 16.15
C ASP A 246 6.79 18.78 17.29
N GLU A 247 6.43 19.33 18.44
CA GLU A 247 7.31 19.33 19.59
C GLU A 247 7.42 17.93 20.19
N ALA A 248 6.33 17.17 20.10
CA ALA A 248 6.32 15.81 20.63
C ALA A 248 7.19 14.90 19.77
N SER A 249 7.08 15.03 18.45
CA SER A 249 7.88 14.23 17.54
C SER A 249 9.35 14.40 17.86
N ALA A 250 9.72 15.61 18.25
CA ALA A 250 11.09 15.91 18.61
C ALA A 250 11.38 15.44 20.03
N ARG A 251 10.35 15.48 20.87
CA ARG A 251 10.49 15.02 22.25
C ARG A 251 10.78 13.52 22.24
N SER A 252 10.14 12.82 21.29
CA SER A 252 10.33 11.39 21.15
C SER A 252 11.64 11.10 20.45
N TRP A 253 12.04 12.02 19.55
CA TRP A 253 13.28 11.86 18.82
C TRP A 253 14.47 12.01 19.76
N ALA A 254 14.55 13.17 20.40
CA ALA A 254 15.61 13.45 21.35
C ALA A 254 15.60 12.41 22.47
N GLY A 255 14.38 12.00 22.86
CA GLY A 255 14.25 11.00 23.90
C GLY A 255 14.67 9.64 23.42
N ALA A 256 14.53 9.40 22.11
CA ALA A 256 14.91 8.12 21.51
C ALA A 256 16.43 8.02 21.40
N ILE A 257 17.06 9.07 20.91
CA ILE A 257 18.51 9.09 20.76
C ILE A 257 19.20 8.93 22.11
N GLN A 258 18.62 9.56 23.13
CA GLN A 258 19.16 9.50 24.48
C GLN A 258 18.99 8.11 25.07
N ALA A 259 17.83 7.50 24.82
CA ALA A 259 17.53 6.17 25.33
C ALA A 259 18.53 5.14 24.81
N GLN A 260 18.90 5.28 23.54
CA GLN A 260 19.85 4.36 22.93
C GLN A 260 21.27 4.66 23.38
N ILE A 261 21.65 5.93 23.28
CA ILE A 261 23.00 6.36 23.68
C ILE A 261 23.13 6.37 25.20
N GLY A 262 22.44 7.30 25.85
CA GLY A 262 22.50 7.40 27.29
C GLY A 262 23.92 7.56 27.81
N THR A 263 24.80 8.08 26.96
CA THR A 263 26.19 8.28 27.34
C THR A 263 26.38 9.61 28.06
#